data_8ZAR
#
_entry.id   8ZAR
#
_cell.length_a   1.00
_cell.length_b   1.00
_cell.length_c   1.00
_cell.angle_alpha   90.00
_cell.angle_beta   90.00
_cell.angle_gamma   90.00
#
_symmetry.space_group_name_H-M   'P 1'
#
loop_
_entity.id
_entity.type
_entity.pdbx_description
1 polymer 'Multidrug export protein EmrA'
2 polymer 'Multidrug export protein EmrB'
3 polymer 'Outer membrane protein TolC'
#
loop_
_entity_poly.entity_id
_entity_poly.type
_entity_poly.pdbx_seq_one_letter_code
_entity_poly.pdbx_strand_id
1 'polypeptide(L)'
;MSANAETQTPQQPVKKSGKRKRLLLLLTLLFIIIAVAIGIYWFLVLRHFEETDDAYVAGNQIQIMSQVSGSVTKVWADNT
DFVKEGDVLVTLDPTDARQAFEKAKTALASSVRQTHQLMINSKQLQANIEVQKIALAKAQSDYNRRVPLGNANLIGREEL
QHARDAVTSAQAQLDVAIQQYNANQAMILGTKLEDQPAVQQAATEVRNAWLALERTRIISPMTGYVSRRAVQPGAQISPT
TPLMAVVPATNMWVDANFKETQIANMRIGQPVTITTDIYGDDVKYTGKVVGLDMGTGSAFSLLPAQNATGNWIKVVQRLP
VRIELDQKQLEQYPLRIGLSTLVSVNTTNRDGQVLANKVRSTPVAVSTAREISLAPVNKLIDDIVKANAGGGSDYKDDDD
K
;
A,B,C,D,E,F
2 'polypeptide(L)'
;MGMTPLADLEDNWETLNDNLKVIEKADNAAQVKDALTKMRAAALDAQKATPPKLEDKSPDSPEMKDFRHGFDILVGQIDD
ALKLANEGKVKEAQAAAEQLKTTRNAYIQKYLERARSTLMAQLVIMTIALSLATFMQVLDSTIANVAIPTIAGNLGSSLS
QGTWVITSFGVANAISIPLTGWLAKRVGEVKLFLWSTIAFAIASWACGVSSSLNMLIFFRVIQGIVAGPLIPLSQSLLLN
NYPPAKRSIALALWSMTVIVAPICGPILGGYISDNYHWGWIFFINVPIGVAVVLMTLQTLRGRETRTERRRIDAVGLALL
VIGIGSLQIMLDRGKELDWFSSQEIIILTVVAVVAICFLIVWELTDDNPIVDLSLFKSRNFTIGCLCISLAYMLYFGAIV
LLPQLLQEVYGYTATWAGLASAPVGIIPVILSPIIGRFAHKLDMRRLVTFSFIMYAVCFYWRAYTFEPGMDFGASAWPQF
IQGFAVACFFMPLTTITLSGLPPERLAAASSLSNFTRTLAGSIGTSITTTMWTNRESMHHAQLTESVNPFNPNAQAMYSQ
LEGLGMTQQQASGWIAQQITNQGLIISANEIFWMSAGIFLVLLGLVWFAKPPFG
;
J
3 'polypeptide(L)'
;MKKLLPILIGLSLSGFSSLSQAENLMQVYQQARLSNPELRKSAADRDAAFEKINEARSPLLPQLGLGADYTYSNGYRDAN
GINSNATSASLQLTQSIFDMSKWRALTLQEKAAGIQDVTYQTDQQTLILNTATAYFNVLNAIDVLSYTQAQKEAIYRQLD
QTTQRFNVGLVAITDVQNARAQYDTVLANELTARNNLDNAVEQLRQITGNYYPELAALNVENFKTDKPQPVNALLKEAEK
RNLSLLQARLSQDLAREQIRQAQDGHLPTLDLTASTGISDTSYSGSKTRGAAGTQYDDSNMGQNKVGLSFSLPIYQGGMV
NSQVKQAQYNFVGASEQLESAHRSVVQTVRSSFNNINASISSINAYKQAVVSAQSSLDAMEAGYSVGTRTIVDVLDATTT
LYNAKQELANARYNYLINQLNIKSALGTLNEQDLLALNNALSKPVSTNPENVAPQTPEQNAIADGYAPDSPAPVVQQTSA
RTTTSNGHNPFRNDYKDDDDK
;
G,H,I
#
# COMPACT_ATOMS: atom_id res chain seq x y z
N ARG A 47 -13.01 -92.98 19.67
CA ARG A 47 -12.24 -92.45 20.83
C ARG A 47 -11.17 -91.47 20.36
N HIS A 48 -10.47 -91.83 19.28
CA HIS A 48 -9.44 -90.98 18.73
C HIS A 48 -9.99 -89.91 17.78
N PHE A 49 -11.28 -89.94 17.50
CA PHE A 49 -11.88 -89.08 16.49
C PHE A 49 -12.93 -88.17 17.10
N GLU A 50 -13.10 -86.99 16.50
CA GLU A 50 -14.10 -86.02 16.91
C GLU A 50 -14.83 -85.54 15.66
N GLU A 51 -16.15 -85.50 15.73
CA GLU A 51 -16.97 -85.17 14.57
C GLU A 51 -18.02 -84.13 14.94
N THR A 52 -18.44 -83.37 13.93
CA THR A 52 -19.48 -82.36 14.10
C THR A 52 -20.16 -82.15 12.77
N ASP A 53 -21.48 -82.02 12.81
CA ASP A 53 -22.28 -81.70 11.63
C ASP A 53 -22.62 -80.22 11.55
N ASP A 54 -21.87 -79.38 12.26
CA ASP A 54 -22.12 -77.95 12.33
C ASP A 54 -21.05 -77.15 11.60
N ALA A 55 -20.38 -77.79 10.63
CA ALA A 55 -19.42 -77.08 9.81
C ALA A 55 -20.13 -76.26 8.73
N TYR A 56 -19.44 -75.24 8.25
CA TYR A 56 -20.04 -74.32 7.29
C TYR A 56 -18.93 -73.64 6.51
N VAL A 57 -18.99 -73.74 5.18
CA VAL A 57 -17.96 -73.16 4.34
C VAL A 57 -18.01 -71.64 4.46
N ALA A 58 -16.87 -71.03 4.70
CA ALA A 58 -16.76 -69.58 4.83
C ALA A 58 -15.60 -69.06 3.99
N GLY A 59 -15.77 -67.85 3.46
CA GLY A 59 -14.74 -67.23 2.65
C GLY A 59 -14.78 -65.72 2.79
N ASN A 60 -13.80 -65.08 2.17
CA ASN A 60 -13.72 -63.63 2.19
C ASN A 60 -14.81 -63.02 1.30
N GLN A 61 -14.98 -61.71 1.44
CA GLN A 61 -15.82 -60.96 0.53
C GLN A 61 -15.56 -59.48 0.76
N ILE A 62 -15.42 -58.73 -0.33
CA ILE A 62 -15.02 -57.34 -0.30
C ILE A 62 -16.20 -56.49 -0.75
N GLN A 63 -16.68 -55.62 0.13
CA GLN A 63 -17.63 -54.60 -0.28
C GLN A 63 -16.91 -53.54 -1.11
N ILE A 64 -17.64 -52.96 -2.06
CA ILE A 64 -17.09 -51.97 -2.98
C ILE A 64 -17.62 -50.60 -2.61
N MET A 65 -16.71 -49.65 -2.40
CA MET A 65 -17.07 -48.29 -2.04
C MET A 65 -16.26 -47.31 -2.88
N SER A 66 -16.90 -46.23 -3.28
CA SER A 66 -16.23 -45.17 -4.01
C SER A 66 -15.48 -44.25 -3.05
N GLN A 67 -14.42 -43.64 -3.55
CA GLN A 67 -13.63 -42.70 -2.75
C GLN A 67 -14.10 -41.25 -2.90
N VAL A 68 -15.03 -40.97 -3.80
CA VAL A 68 -15.56 -39.64 -4.04
C VAL A 68 -17.08 -39.72 -4.02
N SER A 69 -17.72 -38.60 -4.28
CA SER A 69 -19.17 -38.50 -4.38
C SER A 69 -19.57 -38.23 -5.82
N GLY A 70 -20.87 -38.13 -6.04
CA GLY A 70 -21.41 -37.82 -7.34
C GLY A 70 -22.61 -38.68 -7.65
N SER A 71 -22.98 -38.73 -8.93
CA SER A 71 -24.13 -39.49 -9.40
C SER A 71 -23.68 -40.53 -10.41
N VAL A 72 -24.21 -41.75 -10.27
CA VAL A 72 -23.80 -42.85 -11.15
C VAL A 72 -24.36 -42.63 -12.54
N THR A 73 -23.61 -43.10 -13.54
CA THR A 73 -24.03 -43.01 -14.94
C THR A 73 -23.84 -44.31 -15.71
N LYS A 74 -23.09 -45.26 -15.19
CA LYS A 74 -22.90 -46.55 -15.86
C LYS A 74 -22.61 -47.59 -14.79
N VAL A 75 -23.07 -48.82 -15.05
CA VAL A 75 -22.82 -49.96 -14.19
C VAL A 75 -22.42 -51.13 -15.06
N TRP A 76 -21.30 -51.76 -14.74
CA TRP A 76 -20.66 -52.72 -15.62
C TRP A 76 -20.80 -54.17 -15.19
N ALA A 77 -21.40 -54.45 -14.03
CA ALA A 77 -21.53 -55.81 -13.53
C ALA A 77 -22.98 -56.10 -13.17
N ASP A 78 -23.36 -57.37 -13.26
CA ASP A 78 -24.77 -57.75 -13.23
C ASP A 78 -25.03 -58.97 -12.33
N ASN A 79 -24.47 -58.95 -11.13
CA ASN A 79 -24.88 -59.75 -9.97
C ASN A 79 -24.46 -61.21 -10.05
N THR A 80 -23.89 -61.69 -11.15
CA THR A 80 -23.22 -62.98 -11.15
C THR A 80 -21.97 -62.99 -12.02
N ASP A 81 -21.59 -61.85 -12.59
CA ASP A 81 -20.55 -61.80 -13.60
C ASP A 81 -19.17 -61.98 -12.96
N PHE A 82 -18.18 -62.20 -13.82
CA PHE A 82 -16.80 -62.36 -13.40
C PHE A 82 -16.02 -61.08 -13.71
N VAL A 83 -15.28 -60.59 -12.72
CA VAL A 83 -14.49 -59.38 -12.86
C VAL A 83 -13.08 -59.65 -12.35
N LYS A 84 -12.15 -58.80 -12.77
CA LYS A 84 -10.73 -58.95 -12.47
C LYS A 84 -10.21 -57.70 -11.78
N GLU A 85 -8.99 -57.77 -11.28
CA GLU A 85 -8.34 -56.61 -10.70
C GLU A 85 -8.15 -55.54 -11.77
N GLY A 86 -8.53 -54.31 -11.44
CA GLY A 86 -8.44 -53.21 -12.37
C GLY A 86 -9.66 -52.99 -13.22
N ASP A 87 -10.62 -53.92 -13.21
CA ASP A 87 -11.83 -53.73 -13.99
C ASP A 87 -12.64 -52.56 -13.44
N VAL A 88 -13.40 -51.92 -14.32
CA VAL A 88 -14.18 -50.75 -13.96
C VAL A 88 -15.61 -51.20 -13.69
N LEU A 89 -16.14 -50.82 -12.53
CA LEU A 89 -17.46 -51.27 -12.09
C LEU A 89 -18.51 -50.18 -12.09
N VAL A 90 -18.13 -48.91 -11.94
CA VAL A 90 -19.08 -47.81 -11.90
C VAL A 90 -18.37 -46.55 -12.39
N THR A 91 -19.17 -45.62 -12.92
CA THR A 91 -18.68 -44.31 -13.32
C THR A 91 -19.62 -43.24 -12.80
N LEU A 92 -19.04 -42.09 -12.43
CA LEU A 92 -19.81 -40.94 -11.98
C LEU A 92 -19.68 -39.80 -12.98
N ASP A 93 -20.57 -38.83 -12.86
CA ASP A 93 -20.53 -37.66 -13.74
C ASP A 93 -19.31 -36.81 -13.36
N PRO A 94 -18.44 -36.48 -14.30
CA PRO A 94 -17.18 -35.78 -13.97
C PRO A 94 -17.25 -34.25 -14.01
N THR A 95 -18.42 -33.64 -14.06
CA THR A 95 -18.50 -32.19 -14.27
C THR A 95 -17.85 -31.41 -13.12
N ASP A 96 -18.26 -31.70 -11.89
CA ASP A 96 -17.76 -30.95 -10.74
C ASP A 96 -16.26 -31.13 -10.57
N ALA A 97 -15.77 -32.36 -10.74
CA ALA A 97 -14.33 -32.60 -10.67
C ALA A 97 -13.61 -31.81 -11.75
N ARG A 98 -14.21 -31.73 -12.94
CA ARG A 98 -13.61 -30.95 -14.02
C ARG A 98 -13.48 -29.49 -13.62
N GLN A 99 -14.53 -28.92 -13.01
CA GLN A 99 -14.46 -27.52 -12.62
C GLN A 99 -13.39 -27.29 -11.55
N ALA A 100 -13.29 -28.21 -10.59
CA ALA A 100 -12.24 -28.10 -9.59
C ALA A 100 -10.86 -28.12 -10.24
N PHE A 101 -10.66 -29.01 -11.21
CA PHE A 101 -9.38 -29.10 -11.88
C PHE A 101 -9.05 -27.81 -12.61
N GLU A 102 -10.05 -27.21 -13.27
CA GLU A 102 -9.83 -25.94 -13.96
C GLU A 102 -9.42 -24.85 -12.98
N LYS A 103 -10.09 -24.77 -11.84
CA LYS A 103 -9.71 -23.77 -10.84
C LYS A 103 -8.26 -23.96 -10.41
N ALA A 104 -7.86 -25.21 -10.17
CA ALA A 104 -6.49 -25.46 -9.73
C ALA A 104 -5.48 -25.01 -10.79
N LYS A 105 -5.76 -25.33 -12.05
CA LYS A 105 -4.83 -24.95 -13.12
C LYS A 105 -4.68 -23.43 -13.20
N THR A 106 -5.80 -22.71 -13.07
CA THR A 106 -5.73 -21.26 -13.10
C THR A 106 -4.90 -20.71 -11.96
N ALA A 107 -5.07 -21.28 -10.76
CA ALA A 107 -4.26 -20.84 -9.63
C ALA A 107 -2.77 -21.05 -9.90
N LEU A 108 -2.43 -22.18 -10.50
CA LEU A 108 -1.02 -22.44 -10.82
C LEU A 108 -0.47 -21.39 -11.77
N ALA A 109 -1.24 -21.05 -12.80
CA ALA A 109 -0.78 -20.04 -13.75
C ALA A 109 -0.51 -18.72 -13.05
N SER A 110 -1.43 -18.29 -12.19
CA SER A 110 -1.26 -17.03 -11.49
C SER A 110 0.01 -17.03 -10.64
N SER A 111 0.25 -18.13 -9.92
CA SER A 111 1.45 -18.19 -9.09
C SER A 111 2.71 -18.06 -9.93
N VAL A 112 2.75 -18.75 -11.07
CA VAL A 112 3.93 -18.66 -11.94
C VAL A 112 4.17 -17.21 -12.35
N ARG A 113 3.12 -16.52 -12.76
CA ARG A 113 3.30 -15.14 -13.22
C ARG A 113 3.85 -14.26 -12.10
N GLN A 114 3.31 -14.38 -10.88
CA GLN A 114 3.80 -13.55 -9.79
C GLN A 114 5.28 -13.81 -9.51
N THR A 115 5.68 -15.08 -9.55
CA THR A 115 7.09 -15.40 -9.29
C THR A 115 7.99 -14.73 -10.34
N HIS A 116 7.60 -14.83 -11.62
CA HIS A 116 8.40 -14.18 -12.65
C HIS A 116 8.47 -12.68 -12.42
N GLN A 117 7.39 -12.09 -11.92
CA GLN A 117 7.40 -10.65 -11.63
C GLN A 117 8.47 -10.30 -10.61
N LEU A 118 8.55 -11.09 -9.52
CA LEU A 118 9.62 -10.85 -8.55
C LEU A 118 10.99 -10.94 -9.22
N MET A 119 11.17 -11.95 -10.08
CA MET A 119 12.46 -12.11 -10.72
C MET A 119 12.85 -10.87 -11.52
N ILE A 120 11.89 -10.23 -12.18
CA ILE A 120 12.20 -9.01 -12.94
C ILE A 120 12.51 -7.85 -12.00
N ASN A 121 11.78 -7.75 -10.88
CA ASN A 121 12.09 -6.70 -9.91
C ASN A 121 13.55 -6.73 -9.51
N SER A 122 14.13 -7.94 -9.45
CA SER A 122 15.56 -8.04 -9.13
C SER A 122 16.42 -7.19 -10.09
N LYS A 123 16.19 -7.34 -11.40
CA LYS A 123 16.97 -6.58 -12.38
C LYS A 123 16.73 -5.09 -12.24
N GLN A 124 15.49 -4.70 -11.94
CA GLN A 124 15.23 -3.29 -11.71
C GLN A 124 16.14 -2.74 -10.61
N LEU A 125 16.22 -3.47 -9.50
CA LEU A 125 17.07 -3.00 -8.40
C LEU A 125 18.54 -2.98 -8.81
N GLN A 126 18.96 -3.91 -9.66
CA GLN A 126 20.34 -3.87 -10.13
C GLN A 126 20.63 -2.57 -10.88
N ALA A 127 19.70 -2.15 -11.73
CA ALA A 127 19.90 -0.88 -12.45
C ALA A 127 20.00 0.29 -11.47
N ASN A 128 19.17 0.27 -10.42
CA ASN A 128 19.26 1.32 -9.42
C ASN A 128 20.65 1.35 -8.79
N ILE A 129 21.21 0.17 -8.50
CA ILE A 129 22.56 0.06 -7.89
C ILE A 129 23.57 0.67 -8.86
N GLU A 130 23.38 0.52 -10.17
CA GLU A 130 24.30 1.12 -11.15
C GLU A 130 24.24 2.65 -11.08
N VAL A 131 23.03 3.21 -10.99
CA VAL A 131 22.90 4.67 -10.87
C VAL A 131 23.69 5.17 -9.67
N GLN A 132 23.52 4.51 -8.53
CA GLN A 132 24.21 4.97 -7.32
C GLN A 132 25.72 4.89 -7.49
N LYS A 133 26.20 3.85 -8.19
CA LYS A 133 27.64 3.73 -8.46
C LYS A 133 28.13 4.92 -9.26
N ILE A 134 27.36 5.34 -10.27
CA ILE A 134 27.78 6.49 -11.07
C ILE A 134 27.91 7.72 -10.17
N ALA A 135 26.94 7.94 -9.29
CA ALA A 135 27.00 9.11 -8.41
C ALA A 135 28.26 9.06 -7.54
N LEU A 136 28.55 7.90 -6.96
CA LEU A 136 29.74 7.78 -6.12
C LEU A 136 31.01 8.07 -6.91
N ALA A 137 31.08 7.56 -8.14
CA ALA A 137 32.28 7.79 -8.94
C ALA A 137 32.49 9.27 -9.19
N LYS A 138 31.40 9.99 -9.51
CA LYS A 138 31.52 11.44 -9.71
C LYS A 138 32.07 12.12 -8.46
N ALA A 139 31.50 11.79 -7.29
CA ALA A 139 31.95 12.45 -6.07
C ALA A 139 33.42 12.17 -5.78
N GLN A 140 33.84 10.91 -5.94
CA GLN A 140 35.22 10.56 -5.67
C GLN A 140 36.17 11.29 -6.62
N SER A 141 35.80 11.39 -7.90
CA SER A 141 36.64 12.10 -8.85
C SER A 141 36.78 13.56 -8.45
N ASP A 142 35.68 14.19 -8.04
CA ASP A 142 35.74 15.59 -7.63
C ASP A 142 36.71 15.77 -6.46
N TYR A 143 36.57 14.94 -5.42
CA TYR A 143 37.44 15.11 -4.26
C TYR A 143 38.91 14.86 -4.61
N ASN A 144 39.18 13.83 -5.40
CA ASN A 144 40.56 13.55 -5.79
C ASN A 144 41.14 14.73 -6.57
N ARG A 145 40.32 15.32 -7.43
CA ARG A 145 40.74 16.48 -8.25
C ARG A 145 41.04 17.67 -7.35
N ARG A 146 40.28 17.85 -6.26
CA ARG A 146 40.43 19.05 -5.43
C ARG A 146 41.55 18.93 -4.39
N VAL A 147 41.92 17.71 -4.00
CA VAL A 147 42.90 17.56 -2.91
C VAL A 147 44.21 18.30 -3.17
N PRO A 148 44.86 18.17 -4.33
CA PRO A 148 46.18 18.79 -4.49
C PRO A 148 46.18 20.30 -4.29
N LEU A 149 45.09 20.95 -4.71
CA LEU A 149 44.92 22.42 -4.53
C LEU A 149 45.11 22.68 -3.04
N GLY A 150 44.37 21.98 -2.19
CA GLY A 150 44.41 22.17 -0.74
C GLY A 150 45.78 21.84 -0.16
N ASN A 151 46.45 20.82 -0.71
CA ASN A 151 47.79 20.51 -0.23
C ASN A 151 48.69 21.73 -0.27
N ALA A 152 48.56 22.55 -1.30
CA ALA A 152 49.35 23.77 -1.44
C ALA A 152 48.66 25.01 -0.85
N ASN A 153 47.46 24.85 -0.28
CA ASN A 153 46.71 25.93 0.43
C ASN A 153 46.08 26.90 -0.56
N LEU A 154 45.67 26.45 -1.75
CA LEU A 154 45.11 27.28 -2.81
C LEU A 154 43.59 27.25 -2.84
N ILE A 155 42.94 26.59 -1.87
CA ILE A 155 41.49 26.65 -1.72
C ILE A 155 41.17 26.65 -0.23
N GLY A 156 39.96 27.09 0.08
CA GLY A 156 39.51 27.07 1.46
C GLY A 156 39.35 25.65 1.97
N ARG A 157 39.50 25.48 3.28
CA ARG A 157 39.39 24.16 3.87
C ARG A 157 37.95 23.68 3.92
N GLU A 158 36.97 24.61 3.90
CA GLU A 158 35.52 24.25 3.88
C GLU A 158 35.20 23.56 2.56
N GLU A 159 35.94 23.85 1.48
CA GLU A 159 35.73 23.22 0.15
C GLU A 159 36.19 21.77 0.21
N LEU A 160 37.32 21.48 0.87
CA LEU A 160 37.79 20.11 1.06
C LEU A 160 36.85 19.33 1.97
N GLN A 161 36.39 19.95 3.05
CA GLN A 161 35.45 19.28 3.94
C GLN A 161 34.18 18.88 3.19
N HIS A 162 33.64 19.80 2.39
CA HIS A 162 32.42 19.50 1.64
C HIS A 162 32.63 18.37 0.65
N ALA A 163 33.76 18.37 -0.07
CA ALA A 163 34.01 17.30 -1.02
C ALA A 163 34.15 15.95 -0.34
N ARG A 164 34.88 15.89 0.77
CA ARG A 164 35.03 14.64 1.50
C ARG A 164 33.70 14.14 2.03
N ASP A 165 32.89 15.05 2.59
CA ASP A 165 31.57 14.67 3.09
C ASP A 165 30.69 14.17 1.94
N ALA A 166 30.83 14.76 0.76
CA ALA A 166 30.08 14.30 -0.39
C ALA A 166 30.46 12.87 -0.75
N VAL A 167 31.75 12.56 -0.72
CA VAL A 167 32.19 11.19 -1.01
C VAL A 167 31.57 10.22 -0.01
N THR A 168 31.62 10.59 1.28
CA THR A 168 31.07 9.71 2.31
C THR A 168 29.57 9.51 2.11
N SER A 169 28.83 10.58 1.82
CA SER A 169 27.38 10.47 1.64
C SER A 169 27.04 9.60 0.44
N ALA A 170 27.79 9.75 -0.66
CA ALA A 170 27.56 8.89 -1.82
C ALA A 170 27.79 7.43 -1.46
N GLN A 171 28.85 7.16 -0.69
CA GLN A 171 29.11 5.79 -0.26
C GLN A 171 27.94 5.23 0.54
N ALA A 172 27.39 6.04 1.45
CA ALA A 172 26.27 5.58 2.25
C ALA A 172 25.04 5.28 1.39
N GLN A 173 24.76 6.16 0.43
CA GLN A 173 23.63 5.92 -0.46
C GLN A 173 23.80 4.63 -1.25
N LEU A 174 25.03 4.39 -1.74
CA LEU A 174 25.29 3.14 -2.44
C LEU A 174 25.05 1.94 -1.54
N ASP A 175 25.44 2.05 -0.27
CA ASP A 175 25.20 0.96 0.66
C ASP A 175 23.70 0.69 0.81
N VAL A 176 22.90 1.76 0.91
CA VAL A 176 21.46 1.58 1.02
C VAL A 176 20.93 0.83 -0.19
N ALA A 177 21.35 1.23 -1.38
CA ALA A 177 20.86 0.58 -2.59
C ALA A 177 21.27 -0.90 -2.62
N ILE A 178 22.52 -1.20 -2.26
CA ILE A 178 22.99 -2.57 -2.30
C ILE A 178 22.20 -3.43 -1.33
N GLN A 179 21.95 -2.92 -0.12
CA GLN A 179 21.20 -3.71 0.84
C GLN A 179 19.76 -3.91 0.40
N GLN A 180 19.15 -2.91 -0.24
CA GLN A 180 17.81 -3.10 -0.79
C GLN A 180 17.80 -4.25 -1.80
N TYR A 181 18.76 -4.23 -2.73
CA TYR A 181 18.82 -5.28 -3.73
C TYR A 181 19.02 -6.65 -3.07
N ASN A 182 19.91 -6.72 -2.08
CA ASN A 182 20.12 -7.99 -1.38
C ASN A 182 18.84 -8.46 -0.71
N ALA A 183 18.09 -7.54 -0.11
CA ALA A 183 16.82 -7.91 0.51
C ALA A 183 15.89 -8.52 -0.53
N ASN A 184 15.83 -7.94 -1.72
CA ASN A 184 14.95 -8.51 -2.74
C ASN A 184 15.38 -9.92 -3.11
N GLN A 185 16.68 -10.17 -3.20
CA GLN A 185 17.19 -11.46 -3.62
C GLN A 185 17.00 -12.56 -2.57
N ALA A 186 16.59 -12.21 -1.36
CA ALA A 186 16.34 -13.22 -0.34
C ALA A 186 15.14 -14.09 -0.67
N MET A 187 14.25 -13.63 -1.55
CA MET A 187 13.04 -14.36 -1.87
C MET A 187 13.19 -15.28 -3.07
N ILE A 188 14.35 -15.29 -3.72
CA ILE A 188 14.61 -16.12 -4.89
C ILE A 188 15.65 -17.20 -4.58
N LEU A 189 16.80 -16.81 -4.05
CA LEU A 189 17.89 -17.73 -3.74
C LEU A 189 18.37 -18.48 -4.98
N GLY A 190 18.21 -17.87 -6.15
CA GLY A 190 18.76 -18.42 -7.37
C GLY A 190 18.29 -19.82 -7.71
N THR A 191 16.98 -20.06 -7.61
CA THR A 191 16.39 -21.34 -7.98
C THR A 191 15.54 -21.17 -9.24
N LYS A 192 15.37 -22.27 -9.97
CA LYS A 192 14.59 -22.25 -11.20
C LYS A 192 13.14 -21.85 -10.89
N LEU A 193 12.39 -21.56 -11.95
CA LEU A 193 11.03 -21.07 -11.79
C LEU A 193 10.13 -22.12 -11.17
N GLU A 194 10.28 -23.38 -11.55
CA GLU A 194 9.42 -24.43 -11.03
C GLU A 194 9.81 -24.85 -9.62
N ASP A 195 11.00 -24.46 -9.15
CA ASP A 195 11.43 -24.80 -7.80
C ASP A 195 10.98 -23.79 -6.75
N GLN A 196 10.40 -22.67 -7.17
CA GLN A 196 9.98 -21.66 -6.21
C GLN A 196 8.81 -22.18 -5.38
N PRO A 197 8.76 -21.89 -4.07
CA PRO A 197 7.74 -22.51 -3.23
C PRO A 197 6.31 -22.29 -3.69
N ALA A 198 5.96 -21.09 -4.17
CA ALA A 198 4.58 -20.82 -4.53
C ALA A 198 4.11 -21.72 -5.66
N VAL A 199 4.95 -21.88 -6.68
CA VAL A 199 4.58 -22.73 -7.81
C VAL A 199 4.39 -24.17 -7.35
N GLN A 200 5.25 -24.64 -6.45
CA GLN A 200 5.12 -26.02 -5.98
C GLN A 200 3.85 -26.20 -5.14
N GLN A 201 3.48 -25.20 -4.35
CA GLN A 201 2.22 -25.28 -3.60
C GLN A 201 1.04 -25.38 -4.57
N ALA A 202 1.03 -24.52 -5.59
CA ALA A 202 -0.06 -24.59 -6.57
C ALA A 202 -0.07 -25.93 -7.28
N ALA A 203 1.12 -26.48 -7.55
CA ALA A 203 1.21 -27.78 -8.18
C ALA A 203 0.60 -28.85 -7.29
N THR A 204 0.84 -28.78 -5.99
CA THR A 204 0.22 -29.73 -5.07
C THR A 204 -1.30 -29.64 -5.15
N GLU A 205 -1.84 -28.43 -5.17
CA GLU A 205 -3.29 -28.29 -5.30
C GLU A 205 -3.79 -28.93 -6.60
N VAL A 206 -3.07 -28.69 -7.70
CA VAL A 206 -3.46 -29.26 -8.97
C VAL A 206 -3.43 -30.78 -8.92
N ARG A 207 -2.41 -31.34 -8.26
CA ARG A 207 -2.33 -32.79 -8.14
C ARG A 207 -3.53 -33.34 -7.38
N ASN A 208 -3.92 -32.68 -6.29
CA ASN A 208 -5.09 -33.14 -5.55
C ASN A 208 -6.32 -33.13 -6.44
N ALA A 209 -6.53 -32.03 -7.18
CA ALA A 209 -7.71 -31.96 -8.04
C ALA A 209 -7.68 -33.05 -9.10
N TRP A 210 -6.52 -33.28 -9.72
CA TRP A 210 -6.42 -34.31 -10.75
C TRP A 210 -6.70 -35.69 -10.17
N LEU A 211 -6.22 -35.96 -8.96
CA LEU A 211 -6.54 -37.22 -8.31
C LEU A 211 -8.03 -37.37 -8.13
N ALA A 212 -8.70 -36.30 -7.70
CA ALA A 212 -10.15 -36.37 -7.53
C ALA A 212 -10.84 -36.67 -8.86
N LEU A 213 -10.35 -36.07 -9.95
CA LEU A 213 -11.00 -36.29 -11.24
C LEU A 213 -10.93 -37.74 -11.67
N GLU A 214 -9.82 -38.41 -11.38
CA GLU A 214 -9.64 -39.79 -11.83
C GLU A 214 -10.47 -40.78 -11.02
N ARG A 215 -10.72 -40.51 -9.75
CA ARG A 215 -11.52 -41.40 -8.93
C ARG A 215 -12.99 -41.37 -9.30
N THR A 216 -13.36 -40.63 -10.35
CA THR A 216 -14.70 -40.72 -10.90
C THR A 216 -14.99 -42.08 -11.51
N ARG A 217 -13.95 -42.86 -11.80
CA ARG A 217 -14.08 -44.23 -12.24
C ARG A 217 -13.68 -45.16 -11.11
N ILE A 218 -14.58 -46.08 -10.75
CA ILE A 218 -14.41 -46.92 -9.57
C ILE A 218 -13.85 -48.26 -10.01
N ILE A 219 -12.81 -48.72 -9.33
CA ILE A 219 -12.03 -49.88 -9.73
C ILE A 219 -12.24 -51.00 -8.73
N SER A 220 -12.13 -52.23 -9.20
CA SER A 220 -12.32 -53.42 -8.39
C SER A 220 -10.99 -53.87 -7.80
N PRO A 221 -10.88 -54.02 -6.48
CA PRO A 221 -9.60 -54.42 -5.86
C PRO A 221 -9.38 -55.92 -5.73
N MET A 222 -10.15 -56.77 -6.41
CA MET A 222 -9.95 -58.21 -6.29
C MET A 222 -10.72 -58.92 -7.38
N THR A 223 -10.14 -60.01 -7.90
CA THR A 223 -10.85 -60.86 -8.83
C THR A 223 -11.88 -61.70 -8.10
N GLY A 224 -13.06 -61.86 -8.71
CA GLY A 224 -14.12 -62.60 -8.06
C GLY A 224 -15.39 -62.54 -8.88
N TYR A 225 -16.51 -62.73 -8.20
CA TYR A 225 -17.82 -62.79 -8.84
C TYR A 225 -18.76 -61.84 -8.13
N VAL A 226 -19.32 -60.89 -8.88
CA VAL A 226 -20.24 -59.92 -8.30
C VAL A 226 -21.47 -60.63 -7.78
N SER A 227 -21.87 -60.31 -6.55
CA SER A 227 -22.92 -61.06 -5.85
C SER A 227 -24.18 -60.23 -5.60
N ARG A 228 -24.07 -59.10 -4.93
CA ARG A 228 -25.22 -58.35 -4.43
C ARG A 228 -25.13 -56.90 -4.90
N ARG A 229 -25.66 -56.62 -6.07
CA ARG A 229 -25.57 -55.30 -6.69
C ARG A 229 -26.76 -54.47 -6.25
N ALA A 230 -26.49 -53.39 -5.50
CA ALA A 230 -27.51 -52.46 -5.06
C ALA A 230 -27.49 -51.15 -5.84
N VAL A 231 -26.32 -50.74 -6.34
CA VAL A 231 -26.24 -49.53 -7.13
C VAL A 231 -27.10 -49.65 -8.37
N GLN A 232 -27.70 -48.54 -8.76
CA GLN A 232 -28.47 -48.45 -10.00
C GLN A 232 -28.09 -47.17 -10.69
N PRO A 233 -28.26 -47.09 -12.01
CA PRO A 233 -27.91 -45.85 -12.73
C PRO A 233 -28.71 -44.67 -12.19
N GLY A 234 -28.05 -43.52 -12.13
CA GLY A 234 -28.68 -42.30 -11.67
C GLY A 234 -28.74 -42.14 -10.17
N ALA A 235 -28.19 -43.08 -9.42
CA ALA A 235 -28.23 -43.00 -7.96
C ALA A 235 -27.15 -42.06 -7.44
N GLN A 236 -27.48 -41.38 -6.34
CA GLN A 236 -26.51 -40.55 -5.64
C GLN A 236 -25.69 -41.40 -4.69
N ILE A 237 -24.39 -41.15 -4.65
CA ILE A 237 -23.43 -41.99 -3.93
C ILE A 237 -22.54 -41.12 -3.06
N SER A 238 -22.27 -41.60 -1.85
CA SER A 238 -21.24 -41.03 -1.00
C SER A 238 -20.20 -42.11 -0.73
N PRO A 239 -19.04 -41.77 -0.17
CA PRO A 239 -18.01 -42.80 0.08
C PRO A 239 -18.47 -43.89 1.02
N THR A 240 -19.50 -43.66 1.83
CA THR A 240 -19.99 -44.65 2.78
C THR A 240 -21.20 -45.41 2.28
N THR A 241 -21.53 -45.28 1.00
CA THR A 241 -22.68 -45.97 0.43
C THR A 241 -22.24 -47.30 -0.16
N PRO A 242 -22.78 -48.44 0.29
CA PRO A 242 -22.42 -49.71 -0.35
C PRO A 242 -22.92 -49.78 -1.78
N LEU A 243 -22.16 -50.49 -2.60
CA LEU A 243 -22.46 -50.62 -4.01
C LEU A 243 -22.55 -52.05 -4.48
N MET A 244 -21.72 -52.95 -3.95
CA MET A 244 -21.52 -54.24 -4.58
C MET A 244 -20.71 -55.10 -3.63
N ALA A 245 -20.52 -56.36 -4.02
CA ALA A 245 -19.63 -57.27 -3.29
C ALA A 245 -19.03 -58.26 -4.28
N VAL A 246 -17.71 -58.32 -4.34
CA VAL A 246 -16.99 -59.24 -5.20
C VAL A 246 -16.43 -60.34 -4.30
N VAL A 247 -16.95 -61.55 -4.44
CA VAL A 247 -16.59 -62.69 -3.61
C VAL A 247 -15.78 -63.65 -4.46
N PRO A 248 -14.49 -63.86 -4.17
CA PRO A 248 -13.69 -64.78 -4.99
C PRO A 248 -14.02 -66.23 -4.69
N ALA A 249 -13.58 -67.10 -5.60
CA ALA A 249 -13.78 -68.53 -5.48
C ALA A 249 -12.50 -69.26 -5.09
N THR A 250 -11.68 -68.64 -4.25
CA THR A 250 -10.39 -69.21 -3.88
C THR A 250 -10.12 -68.96 -2.40
N ASN A 251 -9.24 -69.77 -1.84
CA ASN A 251 -8.80 -69.63 -0.45
C ASN A 251 -9.99 -69.60 0.50
N MET A 252 -10.92 -70.53 0.29
CA MET A 252 -12.05 -70.72 1.18
C MET A 252 -11.68 -71.72 2.27
N TRP A 253 -12.27 -71.54 3.44
CA TRP A 253 -12.04 -72.43 4.57
C TRP A 253 -13.37 -72.80 5.20
N VAL A 254 -13.37 -73.94 5.89
CA VAL A 254 -14.55 -74.44 6.58
C VAL A 254 -14.35 -74.20 8.07
N ASP A 255 -15.37 -73.65 8.73
CA ASP A 255 -15.34 -73.39 10.17
C ASP A 255 -16.25 -74.41 10.86
N ALA A 256 -15.68 -75.17 11.79
CA ALA A 256 -16.40 -76.21 12.51
C ALA A 256 -16.62 -75.77 13.95
N ASN A 257 -17.86 -75.87 14.42
CA ASN A 257 -18.23 -75.43 15.75
C ASN A 257 -18.40 -76.64 16.67
N PHE A 258 -17.27 -77.13 17.17
CA PHE A 258 -17.30 -78.26 18.09
C PHE A 258 -17.81 -77.80 19.45
N LYS A 259 -18.48 -78.72 20.14
CA LYS A 259 -18.94 -78.42 21.49
C LYS A 259 -17.76 -78.25 22.43
N GLU A 260 -17.95 -77.43 23.46
CA GLU A 260 -16.87 -77.18 24.41
C GLU A 260 -16.40 -78.46 25.08
N THR A 261 -17.23 -79.50 25.10
CA THR A 261 -16.83 -80.79 25.63
C THR A 261 -15.94 -81.57 24.67
N GLN A 262 -15.77 -81.09 23.43
CA GLN A 262 -14.95 -81.78 22.45
C GLN A 262 -13.62 -81.10 22.16
N ILE A 263 -13.54 -79.79 22.37
CA ILE A 263 -12.31 -79.04 22.05
C ILE A 263 -11.44 -79.11 23.29
N ALA A 264 -10.69 -80.19 23.41
CA ALA A 264 -9.73 -80.37 24.50
C ALA A 264 -8.46 -81.06 24.07
N ASN A 265 -8.50 -81.84 22.98
CA ASN A 265 -7.31 -82.49 22.43
C ASN A 265 -6.94 -81.94 21.06
N MET A 266 -7.68 -80.95 20.55
CA MET A 266 -7.33 -80.35 19.28
C MET A 266 -5.97 -79.66 19.40
N ARG A 267 -5.12 -79.86 18.40
CA ARG A 267 -3.88 -79.12 18.30
C ARG A 267 -3.80 -78.48 16.91
N ILE A 268 -2.67 -77.89 16.57
CA ILE A 268 -2.50 -77.23 15.28
C ILE A 268 -1.78 -78.19 14.34
N GLY A 269 -2.38 -78.46 13.19
CA GLY A 269 -1.78 -79.32 12.19
C GLY A 269 -2.24 -80.75 12.18
N GLN A 270 -3.26 -81.09 12.94
CA GLN A 270 -3.78 -82.45 12.89
C GLN A 270 -4.57 -82.67 11.60
N PRO A 271 -4.57 -83.88 11.07
CA PRO A 271 -5.30 -84.13 9.83
C PRO A 271 -6.80 -84.21 10.05
N VAL A 272 -7.55 -83.81 9.03
CA VAL A 272 -9.00 -83.86 9.04
C VAL A 272 -9.47 -84.44 7.72
N THR A 273 -10.78 -84.66 7.63
CA THR A 273 -11.41 -85.14 6.41
C THR A 273 -12.82 -84.58 6.37
N ILE A 274 -13.13 -83.82 5.32
CA ILE A 274 -14.34 -83.02 5.24
C ILE A 274 -15.26 -83.63 4.20
N THR A 275 -16.53 -83.81 4.56
CA THR A 275 -17.55 -84.29 3.66
C THR A 275 -18.67 -83.26 3.59
N THR A 276 -19.39 -83.26 2.46
CA THR A 276 -20.38 -82.23 2.18
C THR A 276 -21.67 -82.88 1.72
N ASP A 277 -22.77 -82.12 1.82
CA ASP A 277 -24.08 -82.56 1.37
C ASP A 277 -24.48 -81.90 0.05
N ILE A 278 -23.51 -81.44 -0.73
CA ILE A 278 -23.75 -81.01 -2.10
C ILE A 278 -23.21 -82.03 -3.10
N TYR A 279 -22.07 -82.64 -2.78
CA TYR A 279 -21.47 -83.66 -3.63
C TYR A 279 -21.60 -85.06 -3.05
N GLY A 280 -22.25 -85.22 -1.90
CA GLY A 280 -22.41 -86.52 -1.32
C GLY A 280 -21.11 -87.07 -0.76
N ASP A 281 -21.16 -88.36 -0.44
CA ASP A 281 -20.01 -89.05 0.15
C ASP A 281 -18.98 -89.49 -0.88
N ASP A 282 -19.28 -89.35 -2.17
CA ASP A 282 -18.33 -89.76 -3.21
C ASP A 282 -17.15 -88.82 -3.34
N VAL A 283 -17.19 -87.65 -2.71
CA VAL A 283 -16.12 -86.68 -2.77
C VAL A 283 -15.68 -86.34 -1.36
N LYS A 284 -14.36 -86.28 -1.15
CA LYS A 284 -13.79 -86.02 0.17
C LYS A 284 -12.67 -84.99 0.06
N TYR A 285 -12.60 -84.11 1.05
CA TYR A 285 -11.60 -83.05 1.11
C TYR A 285 -10.70 -83.30 2.32
N THR A 286 -9.40 -83.02 2.15
CA THR A 286 -8.44 -83.38 3.20
C THR A 286 -8.42 -82.36 4.33
N GLY A 287 -7.96 -81.14 4.03
CA GLY A 287 -7.93 -80.09 5.04
C GLY A 287 -7.00 -80.34 6.21
N LYS A 288 -6.88 -79.35 7.11
CA LYS A 288 -5.94 -79.40 8.22
C LYS A 288 -6.26 -78.24 9.17
N VAL A 289 -6.00 -78.46 10.46
CA VAL A 289 -6.35 -77.49 11.49
C VAL A 289 -5.39 -76.32 11.44
N VAL A 290 -5.89 -75.14 11.79
CA VAL A 290 -5.11 -73.90 11.76
C VAL A 290 -5.10 -73.20 13.12
N GLY A 291 -6.26 -73.06 13.76
CA GLY A 291 -6.30 -72.42 15.06
C GLY A 291 -7.66 -72.59 15.71
N LEU A 292 -7.74 -72.15 16.96
CA LEU A 292 -8.98 -72.18 17.72
C LEU A 292 -9.36 -70.76 18.12
N ASP A 293 -10.63 -70.43 17.95
CA ASP A 293 -11.11 -69.10 18.33
C ASP A 293 -10.87 -68.84 19.80
N MET A 294 -10.91 -67.56 20.21
CA MET A 294 -10.68 -67.16 21.62
C MET A 294 -12.02 -66.82 22.29
N GLY A 295 -13.15 -67.29 21.76
CA GLY A 295 -14.43 -67.07 22.41
C GLY A 295 -15.53 -67.94 21.81
N THR A 296 -16.52 -68.27 22.63
CA THR A 296 -17.64 -69.06 22.16
C THR A 296 -18.50 -68.24 21.20
N GLY A 297 -19.55 -68.88 20.70
CA GLY A 297 -20.46 -68.17 19.80
C GLY A 297 -21.25 -67.08 20.51
N SER A 298 -21.65 -67.32 21.76
CA SER A 298 -22.45 -66.33 22.48
C SER A 298 -21.60 -65.15 22.93
N ALA A 299 -20.34 -65.39 23.27
CA ALA A 299 -19.48 -64.31 23.75
C ALA A 299 -19.31 -63.24 22.68
N PHE A 300 -19.11 -63.64 21.42
CA PHE A 300 -18.84 -62.74 20.32
C PHE A 300 -20.05 -62.54 19.42
N SER A 301 -21.23 -62.50 20.02
CA SER A 301 -22.46 -62.33 19.27
C SER A 301 -22.56 -60.92 18.72
N LEU A 302 -23.41 -60.76 17.70
CA LEU A 302 -23.65 -59.44 17.13
C LEU A 302 -24.48 -58.59 18.07
N LEU A 303 -25.69 -59.03 18.37
CA LEU A 303 -26.54 -58.35 19.33
C LEU A 303 -26.66 -59.21 20.59
N PRO A 304 -26.74 -58.61 21.77
CA PRO A 304 -26.81 -59.41 23.00
C PRO A 304 -28.03 -60.31 23.00
N ALA A 305 -27.84 -61.53 23.51
CA ALA A 305 -28.96 -62.43 23.71
C ALA A 305 -29.93 -61.78 24.68
N GLN A 306 -31.13 -61.44 24.20
CA GLN A 306 -31.99 -60.56 24.97
C GLN A 306 -32.45 -61.22 26.26
N ASN A 307 -32.64 -60.39 27.29
CA ASN A 307 -32.82 -60.88 28.64
C ASN A 307 -33.92 -61.92 28.71
N ALA A 308 -33.61 -63.04 29.37
CA ALA A 308 -34.53 -64.15 29.43
C ALA A 308 -35.80 -63.77 30.18
N THR A 309 -36.78 -64.66 30.16
CA THR A 309 -38.06 -64.45 30.79
C THR A 309 -38.07 -64.59 32.30
N GLY A 310 -36.95 -64.95 32.91
CA GLY A 310 -36.86 -65.19 34.34
C GLY A 310 -36.31 -66.54 34.71
N ASN A 311 -36.18 -67.45 33.75
CA ASN A 311 -35.58 -68.75 33.97
C ASN A 311 -34.21 -68.79 33.29
N TRP A 312 -33.33 -69.62 33.83
CA TRP A 312 -32.02 -69.83 33.22
C TRP A 312 -31.65 -71.31 33.35
N ILE A 313 -31.20 -71.91 32.25
CA ILE A 313 -30.85 -73.32 32.22
C ILE A 313 -29.50 -73.46 31.52
N LYS A 314 -28.66 -74.35 32.05
CA LYS A 314 -27.32 -74.54 31.51
C LYS A 314 -27.40 -75.33 30.20
N VAL A 315 -26.71 -74.83 29.18
CA VAL A 315 -26.59 -75.48 27.89
C VAL A 315 -25.13 -75.51 27.50
N VAL A 316 -24.76 -76.50 26.69
CA VAL A 316 -23.37 -76.61 26.25
C VAL A 316 -23.05 -75.46 25.30
N GLN A 317 -21.81 -75.00 25.36
CA GLN A 317 -21.32 -73.96 24.48
C GLN A 317 -20.52 -74.57 23.33
N ARG A 318 -20.37 -73.80 22.26
CA ARG A 318 -19.68 -74.24 21.05
C ARG A 318 -18.64 -73.20 20.67
N LEU A 319 -17.48 -73.68 20.20
CA LEU A 319 -16.33 -72.84 19.91
C LEU A 319 -15.84 -73.11 18.50
N PRO A 320 -15.71 -72.09 17.64
CA PRO A 320 -15.30 -72.35 16.26
C PRO A 320 -13.86 -72.82 16.14
N VAL A 321 -13.61 -73.64 15.12
CA VAL A 321 -12.28 -74.08 14.76
C VAL A 321 -12.09 -73.85 13.27
N ARG A 322 -10.95 -73.26 12.90
CA ARG A 322 -10.67 -72.89 11.52
C ARG A 322 -9.92 -74.03 10.84
N ILE A 323 -10.56 -74.66 9.86
CA ILE A 323 -10.01 -75.81 9.16
C ILE A 323 -9.64 -75.39 7.76
N GLU A 324 -8.40 -75.65 7.36
CA GLU A 324 -7.93 -75.35 6.02
C GLU A 324 -8.41 -76.43 5.05
N LEU A 325 -8.32 -76.12 3.76
CA LEU A 325 -8.70 -77.04 2.70
C LEU A 325 -7.59 -77.09 1.66
N ASP A 326 -7.55 -78.20 0.93
CA ASP A 326 -6.60 -78.36 -0.17
C ASP A 326 -7.14 -77.65 -1.40
N GLN A 327 -6.42 -76.65 -1.89
CA GLN A 327 -6.92 -75.86 -3.00
C GLN A 327 -6.99 -76.66 -4.28
N LYS A 328 -6.05 -77.59 -4.48
CA LYS A 328 -6.02 -78.36 -5.72
C LYS A 328 -7.31 -79.14 -5.94
N GLN A 329 -8.07 -79.42 -4.88
CA GLN A 329 -9.30 -80.17 -5.01
C GLN A 329 -10.54 -79.29 -5.07
N LEU A 330 -10.45 -78.04 -4.60
CA LEU A 330 -11.57 -77.11 -4.76
C LEU A 330 -11.87 -76.85 -6.23
N GLU A 331 -10.81 -76.70 -7.05
CA GLU A 331 -11.02 -76.41 -8.46
C GLU A 331 -11.78 -77.54 -9.16
N GLN A 332 -11.57 -78.78 -8.72
CA GLN A 332 -12.32 -79.90 -9.30
C GLN A 332 -13.76 -79.90 -8.81
N TYR A 333 -13.97 -79.61 -7.53
CA TYR A 333 -15.31 -79.61 -6.93
C TYR A 333 -15.48 -78.32 -6.11
N PRO A 334 -15.94 -77.25 -6.74
CA PRO A 334 -16.04 -75.97 -6.04
C PRO A 334 -17.07 -76.00 -4.91
N LEU A 335 -16.85 -75.16 -3.92
CA LEU A 335 -17.79 -74.92 -2.83
C LEU A 335 -18.34 -73.50 -2.94
N ARG A 336 -19.28 -73.19 -2.05
CA ARG A 336 -19.85 -71.85 -1.96
C ARG A 336 -20.11 -71.54 -0.50
N ILE A 337 -20.18 -70.24 -0.19
CA ILE A 337 -20.31 -69.82 1.19
C ILE A 337 -21.65 -70.27 1.75
N GLY A 338 -21.61 -70.96 2.88
CA GLY A 338 -22.81 -71.36 3.58
C GLY A 338 -23.27 -72.79 3.36
N LEU A 339 -22.49 -73.62 2.70
CA LEU A 339 -22.87 -75.01 2.48
C LEU A 339 -22.52 -75.86 3.70
N SER A 340 -23.48 -76.65 4.17
CA SER A 340 -23.25 -77.51 5.31
C SER A 340 -22.31 -78.66 4.94
N THR A 341 -21.60 -79.16 5.93
CA THR A 341 -20.59 -80.20 5.73
C THR A 341 -20.53 -81.07 6.97
N LEU A 342 -19.49 -81.90 7.06
CA LEU A 342 -19.28 -82.78 8.20
C LEU A 342 -17.80 -83.08 8.30
N VAL A 343 -17.15 -82.57 9.34
CA VAL A 343 -15.71 -82.71 9.54
C VAL A 343 -15.46 -83.76 10.61
N SER A 344 -14.25 -84.33 10.59
CA SER A 344 -13.83 -85.32 11.57
C SER A 344 -12.33 -85.16 11.80
N VAL A 345 -11.96 -84.64 12.97
CA VAL A 345 -10.58 -84.29 13.27
C VAL A 345 -9.91 -85.51 13.90
N ASN A 346 -8.83 -85.98 13.27
CA ASN A 346 -8.05 -87.10 13.81
C ASN A 346 -7.17 -86.59 14.94
N THR A 347 -7.36 -87.16 16.13
CA THR A 347 -6.78 -86.64 17.37
C THR A 347 -6.05 -87.74 18.13
N THR A 348 -5.22 -88.50 17.41
CA THR A 348 -4.41 -89.56 18.00
C THR A 348 -2.95 -89.15 18.11
N ASN A 349 -2.65 -87.86 17.98
CA ASN A 349 -1.25 -87.36 18.04
C ASN A 349 -1.23 -86.13 18.96
N ARG A 350 -1.72 -86.27 20.19
CA ARG A 350 -1.69 -85.17 21.15
C ARG A 350 -0.24 -84.71 21.23
N ASP A 351 0.04 -83.51 20.74
CA ASP A 351 1.41 -83.00 20.61
C ASP A 351 1.31 -81.60 20.02
N GLY A 352 2.43 -80.90 19.94
CA GLY A 352 2.36 -79.51 19.54
C GLY A 352 1.67 -78.69 20.61
N GLN A 353 0.97 -77.65 20.18
CA GLN A 353 0.33 -76.75 21.16
C GLN A 353 -0.72 -75.92 20.45
N VAL A 354 -1.60 -75.30 21.22
CA VAL A 354 -2.56 -74.35 20.66
C VAL A 354 -2.20 -72.98 21.20
N LEU A 355 -1.27 -72.30 20.53
CA LEU A 355 -0.88 -70.95 20.89
C LEU A 355 -0.58 -70.09 19.68
N ALA A 356 -0.63 -70.64 18.47
CA ALA A 356 -0.41 -69.88 17.24
C ALA A 356 0.84 -69.00 17.34
N ASN A 357 1.95 -69.60 17.77
CA ASN A 357 3.23 -68.91 17.69
C ASN A 357 3.50 -68.52 16.24
N LYS A 358 3.89 -67.27 16.03
CA LYS A 358 3.83 -66.65 14.73
C LYS A 358 5.22 -66.33 14.20
N VAL A 359 5.27 -65.93 12.93
CA VAL A 359 6.48 -65.47 12.27
C VAL A 359 6.10 -64.33 11.34
N ARG A 360 7.01 -63.36 11.20
CA ARG A 360 6.76 -62.17 10.40
C ARG A 360 7.23 -62.40 8.96
N SER A 361 6.36 -62.06 8.02
CA SER A 361 6.63 -62.28 6.60
C SER A 361 5.75 -61.32 5.80
N THR A 362 5.64 -61.57 4.50
CA THR A 362 4.79 -60.73 3.67
C THR A 362 3.35 -60.80 4.14
N PRO A 363 2.56 -59.75 3.91
CA PRO A 363 1.18 -59.75 4.42
C PRO A 363 0.32 -60.83 3.79
N VAL A 364 -0.95 -60.88 4.20
CA VAL A 364 -1.87 -61.90 3.70
C VAL A 364 -2.59 -61.43 2.45
N ALA A 365 -3.04 -60.18 2.42
CA ALA A 365 -3.74 -59.61 1.28
C ALA A 365 -3.07 -58.31 0.88
N VAL A 366 -2.64 -58.23 -0.38
CA VAL A 366 -1.78 -57.14 -0.84
C VAL A 366 -2.34 -56.49 -2.11
N SER A 367 -3.67 -56.43 -2.23
CA SER A 367 -4.31 -56.04 -3.48
C SER A 367 -3.62 -54.94 -4.28
N THR A 368 -3.34 -53.80 -3.63
CA THR A 368 -2.56 -52.72 -4.22
C THR A 368 -2.88 -52.49 -5.69
N ALA A 369 -4.13 -52.07 -5.95
CA ALA A 369 -4.58 -51.83 -7.31
C ALA A 369 -5.45 -50.59 -7.44
N ARG A 370 -5.39 -49.67 -6.48
CA ARG A 370 -6.10 -48.40 -6.56
C ARG A 370 -5.16 -47.21 -6.47
N GLU A 371 -3.87 -47.43 -6.19
CA GLU A 371 -2.88 -46.37 -6.21
C GLU A 371 -2.64 -45.90 -7.65
N ILE A 372 -2.44 -44.60 -7.82
CA ILE A 372 -2.40 -43.97 -9.13
C ILE A 372 -1.05 -43.30 -9.33
N SER A 373 -0.41 -43.54 -10.46
CA SER A 373 0.80 -42.84 -10.83
C SER A 373 0.48 -41.39 -11.20
N LEU A 374 1.50 -40.53 -11.10
CA LEU A 374 1.32 -39.10 -11.28
C LEU A 374 2.17 -38.54 -12.41
N ALA A 375 2.58 -39.37 -13.37
CA ALA A 375 3.34 -38.85 -14.50
C ALA A 375 2.52 -37.91 -15.37
N PRO A 376 1.30 -38.25 -15.78
CA PRO A 376 0.55 -37.33 -16.66
C PRO A 376 0.28 -35.98 -16.03
N VAL A 377 -0.05 -35.95 -14.74
CA VAL A 377 -0.34 -34.68 -14.08
C VAL A 377 0.94 -33.85 -13.99
N ASN A 378 2.07 -34.50 -13.73
CA ASN A 378 3.33 -33.76 -13.69
C ASN A 378 3.67 -33.19 -15.05
N LYS A 379 3.40 -33.93 -16.12
CA LYS A 379 3.64 -33.42 -17.46
C LYS A 379 2.74 -32.22 -17.76
N LEU A 380 1.47 -32.29 -17.36
CA LEU A 380 0.57 -31.17 -17.56
C LEU A 380 1.06 -29.95 -16.81
N ILE A 381 1.52 -30.14 -15.56
CA ILE A 381 2.04 -29.02 -14.78
C ILE A 381 3.27 -28.43 -15.45
N ASP A 382 4.14 -29.29 -15.98
CA ASP A 382 5.33 -28.79 -16.67
C ASP A 382 4.94 -27.92 -17.87
N ASP A 383 3.97 -28.38 -18.65
CA ASP A 383 3.51 -27.58 -19.77
C ASP A 383 2.95 -26.25 -19.31
N ILE A 384 2.14 -26.26 -18.25
CA ILE A 384 1.53 -25.04 -17.74
C ILE A 384 2.61 -24.05 -17.32
N VAL A 385 3.59 -24.52 -16.55
CA VAL A 385 4.62 -23.62 -16.06
C VAL A 385 5.46 -23.09 -17.21
N LYS A 386 5.70 -23.93 -18.23
CA LYS A 386 6.45 -23.45 -19.38
C LYS A 386 5.68 -22.40 -20.17
N ALA A 387 4.34 -22.48 -20.18
CA ALA A 387 3.54 -21.62 -21.05
C ALA A 387 3.20 -20.27 -20.43
N ASN A 388 3.50 -20.04 -19.15
CA ASN A 388 3.09 -18.82 -18.47
C ASN A 388 4.27 -17.94 -18.09
N ALA A 389 5.48 -18.25 -18.54
CA ALA A 389 6.65 -17.43 -18.30
C ALA A 389 7.16 -16.86 -19.61
N GLY A 390 7.62 -15.62 -19.56
CA GLY A 390 8.14 -14.95 -20.74
C GLY A 390 9.66 -15.04 -20.85
N PHE B 43 -24.60 -80.94 57.51
CA PHE B 43 -25.18 -79.96 56.57
C PHE B 43 -24.39 -78.65 56.59
N LEU B 44 -24.11 -78.10 57.78
CA LEU B 44 -23.42 -76.79 57.94
C LEU B 44 -22.24 -76.64 56.97
N VAL B 45 -21.45 -77.69 56.75
CA VAL B 45 -20.22 -77.62 55.89
C VAL B 45 -20.59 -77.06 54.51
N LEU B 46 -21.51 -77.69 53.77
CA LEU B 46 -21.91 -77.30 52.39
C LEU B 46 -22.88 -76.11 52.46
N ARG B 47 -23.46 -75.81 53.63
CA ARG B 47 -24.33 -74.65 53.82
C ARG B 47 -23.45 -73.39 53.75
N HIS B 48 -22.16 -73.55 54.08
CA HIS B 48 -21.18 -72.42 54.08
C HIS B 48 -20.40 -72.44 52.77
N PHE B 49 -20.94 -72.95 51.66
CA PHE B 49 -20.32 -72.99 50.33
C PHE B 49 -21.42 -72.69 49.32
N GLU B 50 -21.45 -71.46 48.88
CA GLU B 50 -22.44 -71.04 47.85
C GLU B 50 -21.96 -71.52 46.48
N GLU B 51 -22.68 -72.42 45.82
CA GLU B 51 -22.30 -72.95 44.52
C GLU B 51 -23.17 -72.35 43.42
N THR B 52 -22.60 -72.24 42.23
CA THR B 52 -23.40 -71.86 41.07
C THR B 52 -22.74 -72.36 39.78
N ASP B 53 -23.56 -72.70 38.77
CA ASP B 53 -23.06 -73.20 37.46
C ASP B 53 -23.29 -72.12 36.39
N ASP B 54 -23.66 -70.90 36.80
CA ASP B 54 -23.90 -69.77 35.87
C ASP B 54 -22.57 -69.08 35.56
N ALA B 55 -21.44 -69.61 36.06
CA ALA B 55 -20.13 -69.01 35.88
C ALA B 55 -19.70 -69.10 34.42
N TYR B 56 -19.04 -68.05 33.95
CA TYR B 56 -18.49 -68.01 32.61
C TYR B 56 -17.12 -67.35 32.65
N VAL B 57 -16.19 -67.88 31.86
CA VAL B 57 -14.86 -67.32 31.80
C VAL B 57 -14.90 -66.00 31.04
N ALA B 58 -14.38 -64.95 31.64
CA ALA B 58 -14.44 -63.61 31.08
C ALA B 58 -13.03 -63.05 30.89
N GLY B 59 -12.88 -62.24 29.85
CA GLY B 59 -11.63 -61.55 29.59
C GLY B 59 -11.91 -60.16 29.06
N ASN B 60 -10.87 -59.49 28.55
CA ASN B 60 -11.04 -58.15 27.99
C ASN B 60 -10.29 -58.07 26.68
N GLN B 61 -10.97 -57.62 25.63
CA GLN B 61 -10.39 -57.49 24.29
C GLN B 61 -10.48 -56.04 23.82
N ILE B 62 -9.60 -55.70 22.87
CA ILE B 62 -9.49 -54.30 22.34
C ILE B 62 -9.87 -54.27 20.87
N GLN B 63 -10.91 -53.53 20.50
CA GLN B 63 -11.23 -53.30 19.10
C GLN B 63 -10.21 -52.35 18.52
N ILE B 64 -9.77 -52.64 17.29
CA ILE B 64 -8.70 -51.91 16.64
C ILE B 64 -9.30 -50.94 15.64
N MET B 65 -8.98 -49.66 15.77
CA MET B 65 -9.48 -48.61 14.89
C MET B 65 -8.33 -47.71 14.46
N SER B 66 -8.52 -47.06 13.32
CA SER B 66 -7.50 -46.18 12.76
C SER B 66 -7.65 -44.77 13.31
N GLN B 67 -6.53 -44.04 13.31
CA GLN B 67 -6.53 -42.63 13.71
C GLN B 67 -6.74 -41.68 12.55
N VAL B 68 -6.75 -42.18 11.31
CA VAL B 68 -6.93 -41.36 10.12
C VAL B 68 -7.73 -42.16 9.10
N SER B 69 -8.14 -41.49 8.03
CA SER B 69 -8.92 -42.09 6.96
C SER B 69 -8.02 -42.46 5.80
N GLY B 70 -8.54 -43.34 4.94
CA GLY B 70 -7.80 -43.76 3.77
C GLY B 70 -8.30 -45.10 3.27
N SER B 71 -7.59 -45.61 2.27
CA SER B 71 -7.91 -46.88 1.63
C SER B 71 -6.85 -47.91 1.93
N VAL B 72 -7.28 -49.13 2.25
CA VAL B 72 -6.38 -50.17 2.71
C VAL B 72 -5.59 -50.74 1.54
N THR B 73 -4.33 -51.04 1.78
CA THR B 73 -3.47 -51.65 0.78
C THR B 73 -2.93 -53.00 1.21
N LYS B 74 -2.81 -53.27 2.51
CA LYS B 74 -2.29 -54.54 2.99
C LYS B 74 -2.95 -54.91 4.31
N VAL B 75 -3.16 -56.20 4.51
CA VAL B 75 -3.63 -56.75 5.77
C VAL B 75 -2.63 -57.82 6.21
N TRP B 76 -2.19 -57.76 7.45
CA TRP B 76 -1.07 -58.55 7.93
C TRP B 76 -1.46 -59.67 8.89
N ALA B 77 -2.77 -59.87 9.11
CA ALA B 77 -3.21 -60.85 10.14
C ALA B 77 -4.43 -61.65 9.69
N ASP B 78 -4.42 -62.96 9.94
CA ASP B 78 -5.56 -63.82 9.70
C ASP B 78 -6.50 -63.74 10.90
N ASN B 79 -7.48 -64.64 10.97
CA ASN B 79 -8.48 -64.60 12.03
C ASN B 79 -8.04 -65.28 13.31
N THR B 80 -6.86 -65.92 13.32
CA THR B 80 -6.37 -66.56 14.54
C THR B 80 -4.87 -66.39 14.72
N ASP B 81 -4.25 -65.39 14.10
CA ASP B 81 -2.81 -65.21 14.20
C ASP B 81 -2.43 -64.69 15.58
N PHE B 82 -1.13 -64.56 15.80
CA PHE B 82 -0.57 -64.02 17.04
C PHE B 82 0.30 -62.82 16.70
N VAL B 83 0.03 -61.70 17.37
CA VAL B 83 0.70 -60.43 17.08
C VAL B 83 1.24 -59.84 18.37
N LYS B 84 2.24 -58.98 18.23
CA LYS B 84 2.90 -58.32 19.34
C LYS B 84 2.68 -56.83 19.29
N GLU B 85 2.73 -56.20 20.47
CA GLU B 85 2.59 -54.76 20.56
C GLU B 85 3.65 -54.08 19.71
N GLY B 86 3.21 -53.25 18.77
CA GLY B 86 4.08 -52.58 17.83
C GLY B 86 4.05 -53.13 16.42
N ASP B 87 3.38 -54.26 16.19
CA ASP B 87 3.35 -54.88 14.88
C ASP B 87 2.23 -54.30 14.02
N VAL B 88 2.55 -54.07 12.75
CA VAL B 88 1.59 -53.46 11.84
C VAL B 88 0.49 -54.47 11.50
N LEU B 89 -0.75 -53.98 11.45
CA LEU B 89 -1.89 -54.80 11.09
C LEU B 89 -2.57 -54.35 9.80
N VAL B 90 -2.59 -53.06 9.51
CA VAL B 90 -3.18 -52.53 8.29
C VAL B 90 -2.32 -51.37 7.80
N THR B 91 -2.17 -51.26 6.49
CA THR B 91 -1.50 -50.12 5.86
C THR B 91 -2.44 -49.48 4.86
N LEU B 92 -2.40 -48.16 4.78
CA LEU B 92 -3.23 -47.38 3.88
C LEU B 92 -2.37 -46.77 2.78
N ASP B 93 -3.02 -46.04 1.87
CA ASP B 93 -2.34 -45.48 0.72
C ASP B 93 -1.79 -44.11 1.08
N PRO B 94 -0.46 -43.90 1.06
CA PRO B 94 0.10 -42.59 1.42
C PRO B 94 0.23 -41.65 0.22
N THR B 95 -0.91 -41.14 -0.25
CA THR B 95 -0.92 -40.20 -1.36
C THR B 95 -1.42 -38.82 -0.94
N ASP B 96 -2.57 -38.73 -0.27
CA ASP B 96 -3.02 -37.45 0.25
C ASP B 96 -2.06 -36.92 1.30
N ALA B 97 -1.59 -37.79 2.19
CA ALA B 97 -0.68 -37.36 3.24
C ALA B 97 0.61 -36.83 2.66
N ARG B 98 1.11 -37.46 1.60
CA ARG B 98 2.34 -37.00 0.96
C ARG B 98 2.18 -35.57 0.44
N GLN B 99 1.06 -35.30 -0.22
CA GLN B 99 0.82 -33.97 -0.76
C GLN B 99 0.69 -32.94 0.35
N ALA B 100 -0.01 -33.28 1.43
CA ALA B 100 -0.12 -32.34 2.54
C ALA B 100 1.25 -32.04 3.14
N PHE B 101 2.08 -33.07 3.26
CA PHE B 101 3.44 -32.88 3.78
C PHE B 101 4.24 -31.94 2.89
N GLU B 102 4.16 -32.13 1.58
CA GLU B 102 4.87 -31.23 0.66
C GLU B 102 4.39 -29.79 0.81
N LYS B 103 3.07 -29.61 0.90
CA LYS B 103 2.53 -28.26 1.08
C LYS B 103 3.08 -27.60 2.34
N ALA B 104 3.12 -28.35 3.44
CA ALA B 104 3.63 -27.79 4.68
C ALA B 104 5.10 -27.39 4.55
N LYS B 105 5.90 -28.22 3.89
CA LYS B 105 7.31 -27.89 3.72
C LYS B 105 7.49 -26.62 2.89
N THR B 106 6.69 -26.46 1.83
CA THR B 106 6.77 -25.22 1.05
C THR B 106 6.42 -24.02 1.90
N ALA B 107 5.39 -24.14 2.75
CA ALA B 107 5.04 -23.03 3.63
C ALA B 107 6.21 -22.66 4.54
N LEU B 108 6.89 -23.67 5.08
CA LEU B 108 8.04 -23.38 5.95
C LEU B 108 9.12 -22.63 5.21
N ALA B 109 9.40 -23.05 3.97
CA ALA B 109 10.42 -22.35 3.19
C ALA B 109 10.06 -20.88 3.01
N SER B 110 8.79 -20.62 2.67
CA SER B 110 8.37 -19.23 2.44
C SER B 110 8.55 -18.40 3.71
N SER B 111 8.17 -18.96 4.86
CA SER B 111 8.30 -18.21 6.11
C SER B 111 9.75 -17.87 6.39
N VAL B 112 10.65 -18.84 6.20
CA VAL B 112 12.07 -18.60 6.45
C VAL B 112 12.56 -17.45 5.58
N ARG B 113 12.18 -17.47 4.29
CA ARG B 113 12.66 -16.43 3.39
C ARG B 113 12.17 -15.05 3.81
N GLN B 114 10.89 -14.93 4.17
CA GLN B 114 10.38 -13.62 4.59
C GLN B 114 11.11 -13.09 5.81
N THR B 115 11.37 -13.97 6.79
CA THR B 115 12.07 -13.52 7.98
C THR B 115 13.47 -13.02 7.63
N HIS B 116 14.18 -13.73 6.76
CA HIS B 116 15.49 -13.25 6.31
C HIS B 116 15.37 -11.88 5.67
N GLN B 117 14.29 -11.66 4.92
CA GLN B 117 14.09 -10.36 4.28
C GLN B 117 14.00 -9.24 5.33
N LEU B 118 13.25 -9.48 6.40
CA LEU B 118 13.20 -8.47 7.47
C LEU B 118 14.60 -8.21 8.03
N MET B 119 15.36 -9.28 8.25
CA MET B 119 16.71 -9.10 8.78
C MET B 119 17.53 -8.17 7.89
N ILE B 120 17.41 -8.30 6.57
CA ILE B 120 18.18 -7.43 5.66
C ILE B 120 17.66 -5.99 5.73
N ASN B 121 16.35 -5.82 5.85
CA ASN B 121 15.80 -4.47 6.00
C ASN B 121 16.44 -3.74 7.16
N SER B 122 16.78 -4.48 8.23
CA SER B 122 17.48 -3.85 9.36
C SER B 122 18.75 -3.12 8.90
N LYS B 123 19.63 -3.80 8.16
CA LYS B 123 20.87 -3.18 7.71
C LYS B 123 20.59 -2.00 6.79
N GLN B 124 19.54 -2.10 5.97
CA GLN B 124 19.18 -0.95 5.14
C GLN B 124 18.93 0.29 6.00
N LEU B 125 18.13 0.11 7.06
CA LEU B 125 17.82 1.25 7.92
C LEU B 125 19.10 1.77 8.60
N GLN B 126 20.01 0.87 8.96
CA GLN B 126 21.26 1.32 9.57
C GLN B 126 22.03 2.24 8.61
N ALA B 127 22.09 1.87 7.33
CA ALA B 127 22.77 2.73 6.36
C ALA B 127 22.11 4.10 6.29
N ASN B 128 20.77 4.13 6.31
CA ASN B 128 20.08 5.41 6.32
C ASN B 128 20.50 6.26 7.53
N ILE B 129 20.59 5.62 8.69
CA ILE B 129 21.04 6.34 9.89
C ILE B 129 22.41 6.96 9.65
N GLU B 130 23.31 6.20 9.00
CA GLU B 130 24.64 6.74 8.74
C GLU B 130 24.57 7.99 7.86
N VAL B 131 23.70 7.96 6.85
CA VAL B 131 23.53 9.14 6.00
C VAL B 131 23.16 10.35 6.84
N GLN B 132 22.16 10.19 7.71
CA GLN B 132 21.69 11.32 8.50
C GLN B 132 22.79 11.82 9.45
N LYS B 133 23.58 10.90 9.99
CA LYS B 133 24.67 11.30 10.86
C LYS B 133 25.67 12.16 10.11
N ILE B 134 26.00 11.80 8.88
CA ILE B 134 26.94 12.61 8.10
C ILE B 134 26.37 14.00 7.88
N ALA B 135 25.07 14.09 7.57
CA ALA B 135 24.46 15.41 7.37
C ALA B 135 24.57 16.26 8.64
N LEU B 136 24.30 15.66 9.80
CA LEU B 136 24.41 16.40 11.06
C LEU B 136 25.83 16.86 11.29
N ALA B 137 26.82 16.01 11.00
CA ALA B 137 28.20 16.41 11.20
C ALA B 137 28.57 17.60 10.33
N LYS B 138 28.11 17.61 9.08
CA LYS B 138 28.39 18.75 8.21
C LYS B 138 27.80 20.03 8.78
N ALA B 139 26.53 19.98 9.20
CA ALA B 139 25.90 21.17 9.76
C ALA B 139 26.63 21.65 11.00
N GLN B 140 27.03 20.73 11.87
CA GLN B 140 27.75 21.10 13.09
C GLN B 140 29.07 21.79 12.76
N SER B 141 29.82 21.23 11.80
CA SER B 141 31.08 21.85 11.43
C SER B 141 30.86 23.28 10.91
N ASP B 142 29.83 23.46 10.08
CA ASP B 142 29.55 24.80 9.55
C ASP B 142 29.27 25.77 10.68
N TYR B 143 28.42 25.37 11.63
CA TYR B 143 28.06 26.28 12.72
C TYR B 143 29.27 26.61 13.58
N ASN B 144 29.97 25.56 14.02
CA ASN B 144 31.15 25.71 14.89
C ASN B 144 32.09 26.63 14.15
N ARG B 145 32.10 26.56 12.81
CA ARG B 145 32.93 27.45 11.95
C ARG B 145 32.36 28.88 12.03
N ARG B 146 31.08 29.08 11.72
CA ARG B 146 30.47 30.43 11.77
C ARG B 146 30.47 31.07 13.15
N VAL B 147 30.81 30.38 14.26
CA VAL B 147 30.56 30.98 15.57
C VAL B 147 31.58 32.05 15.93
N PRO B 148 32.90 31.77 15.94
CA PRO B 148 33.84 32.77 16.49
C PRO B 148 33.76 34.13 15.80
N LEU B 149 33.55 34.12 14.48
CA LEU B 149 33.42 35.37 13.68
C LEU B 149 32.35 36.22 14.37
N GLY B 150 31.25 35.60 14.82
CA GLY B 150 30.12 36.30 15.43
C GLY B 150 30.46 37.00 16.73
N ASN B 151 31.42 36.46 17.49
CA ASN B 151 31.79 37.11 18.75
C ASN B 151 32.15 38.57 18.51
N ALA B 152 32.97 38.84 17.50
CA ALA B 152 33.10 40.18 16.94
C ALA B 152 31.97 40.41 15.96
N ASN B 153 31.82 41.64 15.44
CA ASN B 153 30.84 41.91 14.36
C ASN B 153 31.49 41.58 13.01
N LEU B 154 31.71 40.30 12.69
CA LEU B 154 32.30 39.84 11.40
C LEU B 154 31.36 38.81 10.76
N ILE B 155 30.05 38.96 10.91
CA ILE B 155 29.02 38.05 10.32
C ILE B 155 27.64 38.59 10.69
N GLY B 156 26.68 38.55 9.77
CA GLY B 156 25.30 38.99 10.05
C GLY B 156 24.68 38.07 11.08
N ARG B 157 23.92 38.60 12.03
CA ARG B 157 23.33 37.79 13.10
C ARG B 157 22.30 36.80 12.55
N GLU B 158 21.60 37.17 11.49
CA GLU B 158 20.66 36.25 10.87
C GLU B 158 21.37 35.00 10.39
N GLU B 159 22.57 35.14 9.83
CA GLU B 159 23.29 33.99 9.31
C GLU B 159 23.66 33.02 10.44
N LEU B 160 24.12 33.54 11.57
CA LEU B 160 24.45 32.68 12.70
C LEU B 160 23.20 32.00 13.25
N GLN B 161 22.10 32.75 13.35
CA GLN B 161 20.84 32.15 13.76
C GLN B 161 20.46 31.00 12.85
N HIS B 162 20.62 31.19 11.54
CA HIS B 162 20.25 30.14 10.59
C HIS B 162 21.16 28.92 10.73
N ALA B 163 22.45 29.14 11.00
CA ALA B 163 23.34 28.01 11.23
C ALA B 163 22.89 27.19 12.44
N ARG B 164 22.54 27.88 13.52
CA ARG B 164 22.06 27.20 14.71
C ARG B 164 20.80 26.38 14.39
N ASP B 165 19.88 27.00 13.65
CA ASP B 165 18.64 26.31 13.30
C ASP B 165 18.92 25.07 12.46
N ALA B 166 19.87 25.18 11.53
CA ALA B 166 20.22 24.03 10.70
C ALA B 166 20.76 22.90 11.55
N VAL B 167 21.62 23.21 12.51
CA VAL B 167 22.12 22.17 13.41
C VAL B 167 20.97 21.47 14.11
N THR B 168 20.02 22.25 14.65
CA THR B 168 18.92 21.64 15.38
C THR B 168 18.07 20.75 14.48
N SER B 169 17.79 21.21 13.26
CA SER B 169 16.98 20.42 12.34
C SER B 169 17.68 19.11 11.98
N ALA B 170 18.99 19.16 11.76
CA ALA B 170 19.73 17.95 11.44
C ALA B 170 19.65 16.96 12.59
N GLN B 171 19.79 17.45 13.83
CA GLN B 171 19.64 16.56 14.98
C GLN B 171 18.28 15.89 14.99
N ALA B 172 17.22 16.67 14.75
CA ALA B 172 15.87 16.10 14.78
C ALA B 172 15.71 15.02 13.71
N GLN B 173 16.22 15.26 12.50
CA GLN B 173 16.06 14.27 11.44
C GLN B 173 16.84 13.00 11.76
N LEU B 174 18.03 13.14 12.36
CA LEU B 174 18.75 11.95 12.81
C LEU B 174 17.93 11.17 13.82
N ASP B 175 17.24 11.87 14.72
CA ASP B 175 16.37 11.18 15.66
C ASP B 175 15.27 10.41 14.93
N VAL B 176 14.70 11.01 13.89
CA VAL B 176 13.68 10.32 13.10
C VAL B 176 14.23 9.01 12.55
N ALA B 177 15.41 9.06 11.95
CA ALA B 177 16.01 7.85 11.38
C ALA B 177 16.25 6.80 12.45
N ILE B 178 16.76 7.23 13.62
CA ILE B 178 17.01 6.28 14.71
C ILE B 178 15.72 5.59 15.11
N GLN B 179 14.63 6.36 15.22
CA GLN B 179 13.38 5.75 15.65
C GLN B 179 12.84 4.77 14.60
N GLN B 180 13.02 5.09 13.33
CA GLN B 180 12.60 4.14 12.30
C GLN B 180 13.37 2.83 12.43
N TYR B 181 14.68 2.92 12.62
CA TYR B 181 15.49 1.71 12.78
C TYR B 181 15.03 0.91 14.00
N ASN B 182 14.77 1.59 15.11
CA ASN B 182 14.27 0.89 16.29
C ASN B 182 12.95 0.21 16.01
N ALA B 183 12.06 0.88 15.26
CA ALA B 183 10.76 0.30 14.95
C ALA B 183 10.92 -1.01 14.18
N ASN B 184 11.81 -1.05 13.19
CA ASN B 184 12.00 -2.30 12.47
C ASN B 184 12.60 -3.37 13.36
N GLN B 185 13.53 -2.99 14.25
CA GLN B 185 14.24 -3.97 15.06
C GLN B 185 13.35 -4.71 16.03
N ALA B 186 12.18 -4.17 16.38
CA ALA B 186 11.35 -4.77 17.41
C ALA B 186 10.73 -6.09 16.96
N MET B 187 10.77 -6.41 15.67
CA MET B 187 10.19 -7.64 15.16
C MET B 187 11.17 -8.79 15.05
N ILE B 188 12.48 -8.50 15.06
CA ILE B 188 13.50 -9.52 14.84
C ILE B 188 14.52 -9.50 15.97
N LEU B 189 14.07 -9.11 17.16
CA LEU B 189 14.97 -9.01 18.35
C LEU B 189 15.38 -10.40 18.84
N GLY B 190 14.85 -11.49 18.29
CA GLY B 190 15.18 -12.82 18.78
C GLY B 190 16.64 -13.19 18.60
N THR B 191 17.24 -12.75 17.50
CA THR B 191 18.65 -12.97 17.20
C THR B 191 18.95 -14.40 16.77
N LYS B 192 17.94 -15.15 16.32
CA LYS B 192 18.14 -16.48 15.76
C LYS B 192 17.13 -16.70 14.65
N LEU B 193 17.62 -17.10 13.47
CA LEU B 193 16.74 -17.26 12.32
C LEU B 193 15.73 -18.38 12.56
N GLU B 194 16.16 -19.50 13.14
CA GLU B 194 15.31 -20.66 13.32
C GLU B 194 14.56 -20.62 14.64
N ASP B 195 14.35 -19.43 15.21
CA ASP B 195 13.57 -19.28 16.43
C ASP B 195 12.52 -18.18 16.33
N GLN B 196 12.41 -17.51 15.20
CA GLN B 196 11.40 -16.46 15.06
C GLN B 196 10.00 -17.09 14.98
N PRO B 197 8.97 -16.37 15.41
CA PRO B 197 7.64 -17.01 15.52
C PRO B 197 7.12 -17.62 14.24
N ALA B 198 7.30 -16.98 13.08
CA ALA B 198 6.73 -17.52 11.84
C ALA B 198 7.34 -18.87 11.51
N VAL B 199 8.65 -19.01 11.67
CA VAL B 199 9.30 -20.28 11.41
C VAL B 199 8.72 -21.36 12.31
N GLN B 200 8.44 -21.01 13.56
CA GLN B 200 7.89 -21.99 14.50
C GLN B 200 6.46 -22.37 14.13
N GLN B 201 5.66 -21.41 13.66
CA GLN B 201 4.33 -21.74 13.17
C GLN B 201 4.40 -22.76 12.05
N ALA B 202 5.26 -22.49 11.06
CA ALA B 202 5.37 -23.40 9.93
C ALA B 202 5.92 -24.76 10.38
N ALA B 203 6.83 -24.76 11.35
CA ALA B 203 7.35 -26.02 11.86
C ALA B 203 6.26 -26.84 12.53
N THR B 204 5.38 -26.18 13.28
CA THR B 204 4.25 -26.89 13.88
C THR B 204 3.36 -27.49 12.80
N GLU B 205 3.10 -26.73 11.73
CA GLU B 205 2.29 -27.27 10.65
C GLU B 205 2.95 -28.49 10.02
N VAL B 206 4.27 -28.43 9.82
CA VAL B 206 4.98 -29.56 9.23
C VAL B 206 4.95 -30.77 10.15
N ARG B 207 5.06 -30.55 11.46
CA ARG B 207 4.97 -31.67 12.40
C ARG B 207 3.59 -32.32 12.34
N ASN B 208 2.53 -31.51 12.28
CA ASN B 208 1.20 -32.09 12.17
C ASN B 208 1.05 -32.90 10.90
N ALA B 209 1.54 -32.37 9.78
CA ALA B 209 1.46 -33.12 8.52
C ALA B 209 2.24 -34.43 8.61
N TRP B 210 3.44 -34.39 9.17
CA TRP B 210 4.26 -35.59 9.29
C TRP B 210 3.56 -36.64 10.14
N LEU B 211 2.96 -36.21 11.26
CA LEU B 211 2.20 -37.15 12.08
C LEU B 211 1.05 -37.76 11.29
N ALA B 212 0.34 -36.94 10.51
CA ALA B 212 -0.70 -37.49 9.66
C ALA B 212 -0.15 -38.51 8.69
N LEU B 213 1.12 -38.35 8.27
CA LEU B 213 1.71 -39.30 7.33
C LEU B 213 2.06 -40.62 8.02
N GLU B 214 2.62 -40.56 9.23
CA GLU B 214 3.11 -41.77 9.87
C GLU B 214 1.98 -42.65 10.37
N ARG B 215 0.79 -42.09 10.58
CA ARG B 215 -0.32 -42.87 11.12
C ARG B 215 -0.99 -43.73 10.06
N THR B 216 -0.54 -43.67 8.80
CA THR B 216 -1.08 -44.57 7.79
C THR B 216 -0.70 -46.02 8.04
N ARG B 217 0.24 -46.29 8.94
CA ARG B 217 0.52 -47.63 9.41
C ARG B 217 -0.13 -47.82 10.77
N ILE B 218 -1.04 -48.78 10.87
CA ILE B 218 -1.81 -49.00 12.09
C ILE B 218 -1.11 -50.07 12.92
N ILE B 219 -0.94 -49.78 14.20
CA ILE B 219 -0.09 -50.57 15.09
C ILE B 219 -0.93 -51.21 16.17
N SER B 220 -0.64 -52.45 16.49
CA SER B 220 -1.35 -53.14 17.54
C SER B 220 -0.99 -52.54 18.89
N PRO B 221 -1.97 -52.27 19.77
CA PRO B 221 -1.66 -51.71 21.09
C PRO B 221 -1.43 -52.72 22.20
N MET B 222 -1.40 -54.02 21.92
CA MET B 222 -0.99 -55.00 22.92
C MET B 222 -0.95 -56.38 22.28
N THR B 223 -0.41 -57.34 23.03
CA THR B 223 -0.19 -58.69 22.55
C THR B 223 -1.44 -59.54 22.70
N GLY B 224 -1.72 -60.35 21.71
CA GLY B 224 -2.92 -61.16 21.73
C GLY B 224 -3.07 -61.95 20.46
N TYR B 225 -4.30 -62.35 20.17
CA TYR B 225 -4.60 -63.20 19.02
C TYR B 225 -5.75 -62.59 18.24
N VAL B 226 -5.56 -62.44 16.94
CA VAL B 226 -6.53 -61.73 16.12
C VAL B 226 -7.85 -62.50 16.11
N SER B 227 -8.98 -61.81 15.99
CA SER B 227 -10.31 -62.47 15.86
C SER B 227 -11.37 -61.44 15.46
N ARG B 228 -12.32 -61.76 14.57
CA ARG B 228 -13.39 -60.85 14.11
C ARG B 228 -12.76 -59.81 13.17
N ARG B 229 -11.82 -60.14 12.35
CA ARG B 229 -11.33 -59.30 11.22
C ARG B 229 -12.39 -58.96 10.15
N ALA B 230 -12.91 -57.73 10.15
CA ALA B 230 -13.90 -57.24 9.15
C ALA B 230 -13.21 -56.18 8.28
N VAL B 231 -12.07 -56.52 7.68
CA VAL B 231 -11.26 -55.56 6.93
C VAL B 231 -10.57 -56.31 5.79
N GLN B 232 -10.74 -55.80 4.57
CA GLN B 232 -10.18 -56.40 3.37
C GLN B 232 -9.57 -55.31 2.50
N PRO B 233 -8.65 -55.66 1.60
CA PRO B 233 -8.04 -54.65 0.75
C PRO B 233 -9.07 -53.93 -0.10
N GLY B 234 -8.82 -52.64 -0.33
CA GLY B 234 -9.74 -51.80 -1.07
C GLY B 234 -10.85 -51.21 -0.24
N ALA B 235 -10.85 -51.45 1.07
CA ALA B 235 -11.88 -50.91 1.94
C ALA B 235 -11.58 -49.45 2.26
N GLN B 236 -12.63 -48.63 2.24
CA GLN B 236 -12.52 -47.24 2.64
C GLN B 236 -12.81 -47.15 4.13
N ILE B 237 -11.89 -46.55 4.88
CA ILE B 237 -11.87 -46.63 6.33
C ILE B 237 -11.92 -45.22 6.92
N SER B 238 -12.51 -45.13 8.10
CA SER B 238 -12.53 -43.92 8.91
C SER B 238 -12.14 -44.31 10.32
N PRO B 239 -11.94 -43.33 11.21
CA PRO B 239 -11.62 -43.67 12.59
C PRO B 239 -12.66 -44.55 13.28
N THR B 240 -13.94 -44.39 12.94
CA THR B 240 -14.97 -45.11 13.67
C THR B 240 -15.18 -46.54 13.19
N THR B 241 -14.65 -46.90 12.03
CA THR B 241 -14.92 -48.22 11.46
C THR B 241 -14.05 -49.28 12.13
N PRO B 242 -14.64 -50.34 12.70
CA PRO B 242 -13.81 -51.40 13.28
C PRO B 242 -13.08 -52.19 12.21
N LEU B 243 -11.90 -52.68 12.56
CA LEU B 243 -11.08 -53.47 11.66
C LEU B 243 -10.87 -54.89 12.14
N MET B 244 -10.40 -55.08 13.36
CA MET B 244 -10.20 -56.39 13.93
C MET B 244 -10.12 -56.25 15.44
N ALA B 245 -10.27 -57.37 16.13
CA ALA B 245 -10.23 -57.41 17.59
C ALA B 245 -9.07 -58.27 18.04
N VAL B 246 -8.21 -57.72 18.90
CA VAL B 246 -7.12 -58.45 19.52
C VAL B 246 -7.55 -58.87 20.91
N VAL B 247 -7.37 -60.14 21.24
CA VAL B 247 -7.84 -60.70 22.50
C VAL B 247 -6.65 -61.27 23.27
N PRO B 248 -6.21 -60.63 24.35
CA PRO B 248 -5.08 -61.18 25.10
C PRO B 248 -5.45 -62.48 25.80
N ALA B 249 -4.44 -63.32 26.01
CA ALA B 249 -4.62 -64.61 26.65
C ALA B 249 -3.86 -64.73 27.97
N THR B 250 -3.55 -63.60 28.60
CA THR B 250 -2.69 -63.59 29.79
C THR B 250 -3.48 -63.55 31.08
N ASN B 251 -4.36 -62.56 31.24
CA ASN B 251 -5.12 -62.37 32.48
C ASN B 251 -6.60 -62.56 32.20
N MET B 252 -7.25 -63.38 33.01
CA MET B 252 -8.68 -63.66 32.84
C MET B 252 -9.31 -63.86 34.21
N TRP B 253 -10.63 -63.70 34.25
CA TRP B 253 -11.39 -63.83 35.48
C TRP B 253 -12.65 -64.64 35.19
N VAL B 254 -13.56 -64.68 36.15
CA VAL B 254 -14.82 -65.41 36.02
C VAL B 254 -15.94 -64.56 36.60
N ASP B 255 -17.04 -64.46 35.86
CA ASP B 255 -18.27 -63.82 36.34
C ASP B 255 -19.23 -64.89 36.82
N ALA B 256 -19.75 -64.74 38.04
CA ALA B 256 -20.43 -65.83 38.72
C ALA B 256 -21.93 -65.85 38.49
N ASN B 257 -22.59 -64.69 38.53
CA ASN B 257 -24.05 -64.61 38.39
C ASN B 257 -24.75 -65.41 39.49
N PHE B 258 -24.54 -65.00 40.73
CA PHE B 258 -25.21 -65.63 41.85
C PHE B 258 -26.64 -65.11 41.98
N LYS B 259 -27.45 -65.87 42.71
CA LYS B 259 -28.81 -65.45 43.04
C LYS B 259 -28.78 -64.43 44.17
N GLU B 260 -29.67 -63.44 44.09
CA GLU B 260 -29.71 -62.41 45.11
C GLU B 260 -29.98 -63.00 46.49
N THR B 261 -30.59 -64.18 46.57
CA THR B 261 -30.95 -64.79 47.84
C THR B 261 -29.81 -65.59 48.45
N GLN B 262 -28.61 -65.53 47.86
CA GLN B 262 -27.47 -66.26 48.40
C GLN B 262 -26.18 -65.45 48.36
N ILE B 263 -26.26 -64.13 48.50
CA ILE B 263 -25.08 -63.29 48.52
C ILE B 263 -24.96 -62.51 49.82
N ALA B 264 -25.79 -62.81 50.82
CA ALA B 264 -25.75 -62.06 52.06
C ALA B 264 -24.45 -62.24 52.83
N ASN B 265 -23.72 -63.34 52.61
CA ASN B 265 -22.58 -63.69 53.44
C ASN B 265 -21.26 -63.71 52.70
N MET B 266 -21.19 -63.17 51.48
CA MET B 266 -19.94 -63.12 50.75
C MET B 266 -19.15 -61.87 51.13
N ARG B 267 -17.82 -62.01 51.10
CA ARG B 267 -16.92 -60.94 51.47
C ARG B 267 -15.80 -60.87 50.44
N ILE B 268 -14.96 -59.84 50.56
CA ILE B 268 -13.85 -59.68 49.64
C ILE B 268 -12.68 -60.52 50.16
N GLY B 269 -12.24 -61.48 49.36
CA GLY B 269 -11.09 -62.28 49.70
C GLY B 269 -11.38 -63.70 50.12
N GLN B 270 -12.66 -64.09 50.18
CA GLN B 270 -12.98 -65.46 50.55
C GLN B 270 -12.51 -66.41 49.44
N PRO B 271 -12.03 -67.59 49.79
CA PRO B 271 -11.53 -68.52 48.77
C PRO B 271 -12.64 -69.12 47.94
N VAL B 272 -12.26 -69.63 46.76
CA VAL B 272 -13.21 -70.23 45.84
C VAL B 272 -12.46 -71.23 44.98
N THR B 273 -13.16 -72.30 44.57
CA THR B 273 -12.61 -73.31 43.69
C THR B 273 -13.50 -73.43 42.45
N ILE B 274 -12.88 -73.59 41.30
CA ILE B 274 -13.57 -73.61 40.02
C ILE B 274 -13.17 -74.86 39.25
N THR B 275 -14.17 -75.52 38.66
CA THR B 275 -13.96 -76.62 37.73
C THR B 275 -14.68 -76.29 36.43
N THR B 276 -13.98 -76.44 35.31
CA THR B 276 -14.53 -76.09 34.00
C THR B 276 -14.97 -77.34 33.26
N ASP B 277 -15.92 -77.17 32.36
CA ASP B 277 -16.48 -78.29 31.62
C ASP B 277 -15.64 -78.67 30.41
N ILE B 278 -14.54 -77.95 30.15
CA ILE B 278 -13.64 -78.22 29.00
C ILE B 278 -12.52 -79.17 29.45
N TYR B 279 -12.04 -79.06 30.71
CA TYR B 279 -11.00 -79.92 31.26
C TYR B 279 -11.55 -80.95 32.23
N GLY B 280 -12.86 -80.99 32.45
CA GLY B 280 -13.44 -82.03 33.27
C GLY B 280 -13.38 -81.71 34.75
N ASP B 281 -13.25 -82.77 35.55
CA ASP B 281 -13.19 -82.65 37.00
C ASP B 281 -11.80 -82.95 37.55
N ASP B 282 -10.80 -83.09 36.68
CA ASP B 282 -9.45 -83.44 37.10
C ASP B 282 -8.49 -82.26 37.09
N VAL B 283 -8.97 -81.06 36.79
CA VAL B 283 -8.14 -79.85 36.75
C VAL B 283 -8.90 -78.78 37.54
N LYS B 284 -8.60 -78.67 38.83
CA LYS B 284 -9.28 -77.75 39.72
C LYS B 284 -8.48 -76.45 39.80
N TYR B 285 -9.10 -75.35 39.41
CA TYR B 285 -8.51 -74.04 39.62
C TYR B 285 -8.79 -73.56 41.03
N THR B 286 -8.05 -72.56 41.47
CA THR B 286 -8.29 -71.89 42.74
C THR B 286 -8.27 -70.39 42.51
N GLY B 287 -9.19 -69.69 43.17
CA GLY B 287 -9.31 -68.26 42.98
C GLY B 287 -9.69 -67.51 44.23
N LYS B 288 -10.02 -66.23 44.07
CA LYS B 288 -10.40 -65.37 45.19
C LYS B 288 -11.46 -64.39 44.71
N VAL B 289 -12.29 -63.95 45.64
CA VAL B 289 -13.42 -63.07 45.33
C VAL B 289 -12.93 -61.62 45.36
N VAL B 290 -12.79 -61.03 44.18
CA VAL B 290 -12.30 -59.65 44.10
C VAL B 290 -13.33 -58.69 44.67
N GLY B 291 -14.58 -58.80 44.25
CA GLY B 291 -15.60 -57.89 44.72
C GLY B 291 -16.94 -58.25 44.13
N LEU B 292 -17.96 -57.52 44.56
CA LEU B 292 -19.32 -57.70 44.09
C LEU B 292 -19.77 -56.47 43.31
N ASP B 293 -20.58 -56.71 42.30
CA ASP B 293 -21.06 -55.65 41.43
C ASP B 293 -22.32 -55.01 42.02
N MET B 294 -22.66 -53.84 41.48
CA MET B 294 -23.88 -53.13 41.83
C MET B 294 -24.74 -53.03 40.57
N GLY B 295 -25.96 -53.55 40.61
CA GLY B 295 -26.90 -53.43 39.48
C GLY B 295 -27.43 -54.77 38.98
N THR B 296 -27.33 -55.86 39.76
CA THR B 296 -27.90 -57.13 39.35
C THR B 296 -27.63 -57.50 37.90
N GLY B 297 -28.68 -57.85 37.15
CA GLY B 297 -28.53 -58.17 35.75
C GLY B 297 -29.69 -57.54 35.00
N SER B 298 -30.81 -57.34 35.68
CA SER B 298 -31.95 -56.68 35.06
C SER B 298 -31.69 -55.20 34.89
N ALA B 299 -30.96 -54.59 35.83
CA ALA B 299 -30.74 -53.15 35.77
C ALA B 299 -29.93 -52.73 34.56
N PHE B 300 -29.15 -53.64 33.97
CA PHE B 300 -28.33 -53.32 32.81
C PHE B 300 -28.85 -54.04 31.56
N SER B 301 -30.17 -54.11 31.41
CA SER B 301 -30.77 -54.76 30.25
C SER B 301 -31.94 -53.92 29.75
N LEU B 302 -32.23 -54.08 28.46
CA LEU B 302 -33.31 -53.32 27.84
C LEU B 302 -34.68 -53.88 28.19
N LEU B 303 -34.77 -55.17 28.49
CA LEU B 303 -36.04 -55.85 28.75
C LEU B 303 -35.92 -56.56 30.09
N PRO B 304 -36.07 -55.82 31.20
CA PRO B 304 -35.77 -56.40 32.52
C PRO B 304 -36.92 -57.26 33.01
N ALA B 305 -36.65 -58.55 33.23
CA ALA B 305 -37.63 -59.41 33.87
C ALA B 305 -37.96 -58.87 35.25
N GLN B 306 -39.25 -58.71 35.54
CA GLN B 306 -39.67 -58.10 36.79
C GLN B 306 -41.00 -58.69 37.21
N ASN B 307 -41.33 -58.51 38.48
CA ASN B 307 -42.62 -58.97 39.02
C ASN B 307 -43.71 -57.97 38.67
N ALA B 308 -43.91 -57.77 37.37
CA ALA B 308 -44.95 -56.88 36.91
C ALA B 308 -46.30 -57.34 37.41
N THR B 309 -47.14 -56.39 37.81
CA THR B 309 -48.42 -56.74 38.40
C THR B 309 -49.24 -57.55 37.40
N GLY B 310 -49.81 -58.65 37.88
CA GLY B 310 -50.48 -59.62 37.03
C GLY B 310 -49.68 -60.87 36.75
N ASN B 311 -48.40 -60.89 37.11
CA ASN B 311 -47.57 -62.07 36.91
C ASN B 311 -47.92 -63.14 37.93
N TRP B 312 -48.13 -64.37 37.44
CA TRP B 312 -48.48 -65.47 38.33
C TRP B 312 -47.25 -66.16 38.90
N ILE B 313 -46.08 -65.97 38.32
CA ILE B 313 -44.86 -66.63 38.76
C ILE B 313 -43.87 -65.57 39.23
N LYS B 314 -43.41 -65.70 40.47
CA LYS B 314 -42.44 -64.77 41.02
C LYS B 314 -41.05 -65.05 40.45
N VAL B 315 -40.21 -64.02 40.48
CA VAL B 315 -38.86 -64.11 39.92
C VAL B 315 -37.86 -63.64 40.96
N VAL B 316 -36.64 -64.16 40.85
CA VAL B 316 -35.54 -63.80 41.73
C VAL B 316 -34.39 -63.30 40.84
N GLN B 317 -33.82 -62.16 41.22
CA GLN B 317 -32.77 -61.55 40.43
C GLN B 317 -31.42 -62.21 40.73
N ARG B 318 -30.45 -61.92 39.88
CA ARG B 318 -29.10 -62.42 40.01
C ARG B 318 -28.14 -61.24 39.98
N LEU B 319 -27.02 -61.38 40.68
CA LEU B 319 -26.04 -60.30 40.81
C LEU B 319 -24.64 -60.85 40.55
N PRO B 320 -23.98 -60.49 39.45
CA PRO B 320 -22.66 -61.06 39.17
C PRO B 320 -21.62 -60.63 40.20
N VAL B 321 -20.80 -61.59 40.63
CA VAL B 321 -19.64 -61.32 41.47
C VAL B 321 -18.42 -61.81 40.71
N ARG B 322 -17.28 -61.16 40.98
CA ARG B 322 -16.07 -61.31 40.20
C ARG B 322 -15.05 -62.14 40.97
N ILE B 323 -14.42 -63.07 40.27
CA ILE B 323 -13.41 -63.96 40.84
C ILE B 323 -12.09 -63.70 40.13
N GLU B 324 -11.00 -64.13 40.75
CA GLU B 324 -9.67 -63.98 40.18
C GLU B 324 -8.95 -65.32 40.19
N LEU B 325 -8.26 -65.61 39.09
CA LEU B 325 -7.63 -66.91 38.89
C LEU B 325 -6.12 -66.82 39.13
N ASP B 326 -5.57 -67.90 39.67
CA ASP B 326 -4.12 -68.00 39.80
C ASP B 326 -3.51 -68.28 38.44
N GLN B 327 -2.60 -67.40 38.01
CA GLN B 327 -2.12 -67.45 36.64
C GLN B 327 -1.15 -68.60 36.38
N LYS B 328 -0.47 -69.09 37.42
CA LYS B 328 0.43 -70.22 37.21
C LYS B 328 -0.34 -71.44 36.72
N GLN B 329 -1.50 -71.71 37.32
CA GLN B 329 -2.37 -72.75 36.78
C GLN B 329 -2.85 -72.39 35.38
N LEU B 330 -3.23 -71.13 35.16
CA LEU B 330 -3.86 -70.76 33.90
C LEU B 330 -2.93 -70.98 32.72
N GLU B 331 -1.65 -70.62 32.86
CA GLU B 331 -0.72 -70.81 31.76
C GLU B 331 -0.58 -72.28 31.40
N GLN B 332 -0.77 -73.17 32.36
CA GLN B 332 -0.61 -74.59 32.09
C GLN B 332 -1.80 -75.13 31.30
N TYR B 333 -3.00 -74.66 31.60
CA TYR B 333 -4.24 -75.10 30.95
C TYR B 333 -4.99 -73.88 30.46
N PRO B 334 -4.65 -73.37 29.28
CA PRO B 334 -5.27 -72.12 28.82
C PRO B 334 -6.78 -72.24 28.74
N LEU B 335 -7.45 -71.14 29.06
CA LEU B 335 -8.89 -71.02 28.94
C LEU B 335 -9.24 -70.06 27.81
N ARG B 336 -10.54 -69.93 27.54
CA ARG B 336 -11.02 -69.02 26.52
C ARG B 336 -12.29 -68.35 27.00
N ILE B 337 -12.59 -67.20 26.42
CA ILE B 337 -13.73 -66.40 26.87
C ILE B 337 -15.02 -67.15 26.55
N GLY B 338 -15.99 -67.06 27.45
CA GLY B 338 -17.30 -67.63 27.24
C GLY B 338 -17.45 -69.07 27.70
N LEU B 339 -16.38 -69.74 28.07
CA LEU B 339 -16.48 -71.13 28.53
C LEU B 339 -17.17 -71.18 29.88
N SER B 340 -17.91 -72.26 30.11
CA SER B 340 -18.70 -72.43 31.33
C SER B 340 -17.89 -73.16 32.39
N THR B 341 -18.26 -72.94 33.65
CA THR B 341 -17.54 -73.50 34.78
C THR B 341 -18.53 -73.78 35.91
N LEU B 342 -17.99 -74.02 37.11
CA LEU B 342 -18.78 -74.31 38.29
C LEU B 342 -18.00 -73.80 39.50
N VAL B 343 -18.51 -72.76 40.15
CA VAL B 343 -17.79 -72.03 41.18
C VAL B 343 -18.39 -72.33 42.54
N SER B 344 -17.55 -72.56 43.53
CA SER B 344 -17.97 -72.84 44.90
C SER B 344 -17.20 -71.90 45.83
N VAL B 345 -17.91 -70.92 46.40
CA VAL B 345 -17.29 -69.85 47.18
C VAL B 345 -17.49 -70.15 48.66
N ASN B 346 -16.41 -70.10 49.42
CA ASN B 346 -16.47 -70.35 50.85
C ASN B 346 -17.06 -69.15 51.58
N THR B 347 -17.73 -69.42 52.71
CA THR B 347 -18.30 -68.36 53.53
C THR B 347 -18.11 -68.62 55.02
N THR B 348 -17.14 -69.45 55.41
CA THR B 348 -16.95 -69.75 56.82
C THR B 348 -16.51 -68.52 57.59
N ASN B 349 -15.57 -67.74 57.04
CA ASN B 349 -15.08 -66.54 57.67
C ASN B 349 -15.77 -65.34 57.04
N ARG B 350 -16.46 -64.55 57.85
CA ARG B 350 -17.25 -63.42 57.39
C ARG B 350 -16.90 -62.16 58.18
N ASP B 351 -15.61 -61.91 58.35
CA ASP B 351 -15.14 -60.63 58.90
C ASP B 351 -15.41 -59.54 57.86
N GLY B 352 -16.38 -58.67 58.17
CA GLY B 352 -17.00 -57.83 57.17
C GLY B 352 -16.09 -56.92 56.36
N GLN B 353 -16.11 -57.10 55.05
CA GLN B 353 -15.61 -56.10 54.10
C GLN B 353 -16.33 -56.37 52.78
N VAL B 354 -17.36 -55.58 52.49
CA VAL B 354 -18.27 -55.85 51.39
C VAL B 354 -18.02 -54.93 50.21
N LEU B 355 -17.79 -53.64 50.46
CA LEU B 355 -17.53 -52.66 49.42
C LEU B 355 -16.07 -52.24 49.50
N ALA B 356 -15.39 -52.27 48.35
CA ALA B 356 -13.99 -51.89 48.31
C ALA B 356 -13.81 -50.46 48.81
N ASN B 357 -12.77 -50.25 49.62
CA ASN B 357 -12.55 -48.96 50.26
C ASN B 357 -11.09 -48.54 50.21
N LYS B 358 -10.38 -48.93 49.16
CA LYS B 358 -8.96 -48.65 49.03
C LYS B 358 -8.65 -48.05 47.67
N VAL B 359 -7.62 -47.23 47.62
CA VAL B 359 -7.14 -46.62 46.39
C VAL B 359 -5.68 -47.02 46.18
N ARG B 360 -5.24 -46.96 44.94
CA ARG B 360 -3.87 -47.27 44.57
C ARG B 360 -3.36 -46.27 43.55
N SER B 361 -2.12 -45.84 43.72
CA SER B 361 -1.49 -44.88 42.82
C SER B 361 -0.67 -45.58 41.74
N THR B 362 -1.27 -46.56 41.08
CA THR B 362 -0.63 -47.28 40.00
C THR B 362 -1.71 -47.59 38.97
N PRO B 363 -1.50 -47.25 37.70
CA PRO B 363 -2.55 -47.51 36.69
C PRO B 363 -2.65 -48.98 36.35
N VAL B 364 -3.71 -49.30 35.61
CA VAL B 364 -3.92 -50.61 35.04
C VAL B 364 -3.90 -50.48 33.52
N ALA B 365 -3.24 -51.43 32.85
CA ALA B 365 -3.30 -51.53 31.39
C ALA B 365 -2.80 -50.23 30.74
N VAL B 366 -1.52 -49.98 30.91
CA VAL B 366 -0.85 -48.89 30.23
C VAL B 366 -0.40 -49.36 28.87
N SER B 367 -0.65 -48.56 27.84
CA SER B 367 -0.22 -48.86 26.47
C SER B 367 0.51 -47.64 25.92
N THR B 368 1.77 -47.84 25.52
CA THR B 368 2.61 -46.74 25.05
C THR B 368 2.78 -46.72 23.54
N ALA B 369 2.73 -47.87 22.87
CA ALA B 369 2.77 -47.88 21.41
C ALA B 369 1.73 -46.91 20.86
N ARG B 370 2.00 -46.40 19.67
CA ARG B 370 1.27 -45.32 19.01
C ARG B 370 1.67 -43.96 19.54
N GLU B 371 2.70 -43.87 20.38
CA GLU B 371 3.30 -42.60 20.76
C GLU B 371 4.55 -42.40 19.91
N ILE B 372 4.59 -41.32 19.14
CA ILE B 372 5.62 -41.11 18.13
C ILE B 372 6.70 -40.20 18.68
N SER B 373 7.94 -40.46 18.27
CA SER B 373 9.07 -39.59 18.59
C SER B 373 9.32 -38.64 17.42
N LEU B 374 9.52 -37.37 17.73
CA LEU B 374 9.53 -36.31 16.74
C LEU B 374 10.94 -35.93 16.29
N ALA B 375 11.94 -36.75 16.58
CA ALA B 375 13.31 -36.41 16.19
C ALA B 375 13.50 -36.32 14.69
N PRO B 376 13.13 -37.33 13.88
CA PRO B 376 13.38 -37.23 12.44
C PRO B 376 12.73 -36.02 11.78
N VAL B 377 11.51 -35.67 12.18
CA VAL B 377 10.87 -34.50 11.60
C VAL B 377 11.61 -33.24 12.00
N ASN B 378 12.14 -33.19 13.23
CA ASN B 378 12.94 -32.04 13.64
C ASN B 378 14.20 -31.92 12.81
N LYS B 379 14.84 -33.05 12.51
CA LYS B 379 16.02 -33.03 11.63
C LYS B 379 15.64 -32.51 10.25
N LEU B 380 14.51 -32.96 9.71
CA LEU B 380 14.06 -32.45 8.42
C LEU B 380 13.80 -30.95 8.46
N ILE B 381 13.20 -30.48 9.54
CA ILE B 381 12.89 -29.04 9.66
C ILE B 381 14.18 -28.25 9.71
N ASP B 382 15.17 -28.72 10.46
CA ASP B 382 16.46 -28.03 10.50
C ASP B 382 17.09 -28.00 9.12
N ASP B 383 17.03 -29.12 8.40
CA ASP B 383 17.60 -29.17 7.06
C ASP B 383 16.93 -28.16 6.14
N ILE B 384 15.60 -28.08 6.19
CA ILE B 384 14.88 -27.14 5.33
C ILE B 384 15.24 -25.70 5.70
N VAL B 385 15.27 -25.39 6.99
CA VAL B 385 15.54 -24.02 7.42
C VAL B 385 16.95 -23.61 7.03
N LYS B 386 17.90 -24.55 7.07
CA LYS B 386 19.27 -24.22 6.70
C LYS B 386 19.41 -23.97 5.20
N ALA B 387 18.57 -24.61 4.39
CA ALA B 387 18.71 -24.49 2.94
C ALA B 387 18.20 -23.15 2.42
N ASN B 388 17.22 -22.54 3.10
CA ASN B 388 16.60 -21.31 2.63
C ASN B 388 17.22 -20.06 3.24
N ALA B 389 18.22 -20.20 4.11
CA ALA B 389 18.88 -19.05 4.71
C ALA B 389 20.11 -18.60 3.92
N GLY B 390 20.15 -18.89 2.62
CA GLY B 390 21.28 -18.53 1.78
C GLY B 390 21.68 -19.63 0.82
N TRP C 42 -58.42 -56.15 61.77
CA TRP C 42 -58.19 -57.58 61.42
C TRP C 42 -58.15 -57.75 59.90
N PHE C 43 -59.21 -57.31 59.19
CA PHE C 43 -59.31 -57.39 57.72
C PHE C 43 -59.26 -55.96 57.17
N LEU C 44 -60.04 -55.05 57.76
CA LEU C 44 -60.03 -53.62 57.36
C LEU C 44 -58.71 -53.02 57.83
N VAL C 45 -58.04 -53.63 58.81
CA VAL C 45 -56.68 -53.18 59.23
C VAL C 45 -55.77 -53.39 58.04
N LEU C 46 -55.93 -54.51 57.32
CA LEU C 46 -55.11 -54.85 56.13
C LEU C 46 -55.51 -53.88 55.03
N ARG C 47 -56.74 -53.36 55.06
CA ARG C 47 -57.24 -52.37 54.08
C ARG C 47 -56.61 -51.01 54.41
N HIS C 48 -56.30 -50.75 55.69
CA HIS C 48 -55.64 -49.47 56.12
C HIS C 48 -54.20 -49.47 55.62
N PHE C 49 -53.72 -50.54 54.98
CA PHE C 49 -52.37 -50.61 54.36
C PHE C 49 -52.46 -50.99 52.88
N GLU C 50 -51.41 -50.72 52.11
CA GLU C 50 -51.29 -51.05 50.69
C GLU C 50 -49.93 -51.68 50.46
N GLU C 51 -49.90 -52.77 49.71
CA GLU C 51 -48.69 -53.56 49.50
C GLU C 51 -48.44 -53.74 48.01
N THR C 52 -47.19 -54.05 47.68
CA THR C 52 -46.79 -54.29 46.31
C THR C 52 -45.41 -54.94 46.32
N ASP C 53 -45.25 -55.97 45.50
CA ASP C 53 -43.99 -56.68 45.35
C ASP C 53 -43.27 -56.27 44.07
N ASP C 54 -43.74 -55.24 43.38
CA ASP C 54 -43.13 -54.77 42.15
C ASP C 54 -42.11 -53.67 42.40
N ALA C 55 -41.49 -53.64 43.57
CA ALA C 55 -40.53 -52.61 43.92
C ALA C 55 -39.12 -53.04 43.55
N TYR C 56 -38.26 -52.05 43.29
CA TYR C 56 -36.87 -52.31 43.00
C TYR C 56 -36.03 -51.13 43.48
N VAL C 57 -34.90 -51.42 44.11
CA VAL C 57 -34.00 -50.37 44.57
C VAL C 57 -33.50 -49.56 43.38
N ALA C 58 -33.28 -48.26 43.60
CA ALA C 58 -32.88 -47.36 42.55
C ALA C 58 -31.76 -46.45 43.04
N GLY C 59 -30.99 -45.93 42.10
CA GLY C 59 -29.87 -45.09 42.44
C GLY C 59 -29.47 -44.19 41.29
N ASN C 60 -28.32 -43.55 41.45
CA ASN C 60 -27.73 -42.69 40.44
C ASN C 60 -26.60 -43.41 39.71
N GLN C 61 -26.41 -43.04 38.45
CA GLN C 61 -25.34 -43.57 37.63
C GLN C 61 -24.88 -42.50 36.64
N ILE C 62 -23.57 -42.40 36.43
CA ILE C 62 -22.99 -41.42 35.52
C ILE C 62 -22.15 -42.17 34.50
N GLN C 63 -22.36 -41.85 33.22
CA GLN C 63 -21.53 -42.38 32.15
C GLN C 63 -20.38 -41.40 31.92
N ILE C 64 -19.18 -41.77 32.37
CA ILE C 64 -18.02 -40.92 32.19
C ILE C 64 -17.77 -40.74 30.70
N MET C 65 -17.62 -39.47 30.28
CA MET C 65 -17.37 -39.15 28.88
C MET C 65 -16.30 -38.07 28.83
N SER C 66 -15.51 -38.10 27.76
CA SER C 66 -14.44 -37.14 27.59
C SER C 66 -14.95 -35.85 26.98
N GLN C 67 -14.27 -34.75 27.27
CA GLN C 67 -14.58 -33.48 26.64
C GLN C 67 -13.81 -33.28 25.33
N VAL C 68 -12.86 -34.15 25.02
CA VAL C 68 -12.01 -34.01 23.84
C VAL C 68 -11.82 -35.39 23.20
N SER C 69 -11.39 -35.37 21.95
CA SER C 69 -11.07 -36.57 21.21
C SER C 69 -9.58 -36.89 21.34
N GLY C 70 -9.24 -38.14 21.05
CA GLY C 70 -7.85 -38.55 21.07
C GLY C 70 -7.74 -40.06 21.23
N SER C 71 -6.55 -40.48 21.64
CA SER C 71 -6.23 -41.89 21.85
C SER C 71 -5.88 -42.13 23.30
N VAL C 72 -6.12 -43.36 23.77
CA VAL C 72 -5.95 -43.72 25.17
C VAL C 72 -4.57 -44.34 25.37
N THR C 73 -3.93 -43.96 26.48
CA THR C 73 -2.65 -44.55 26.87
C THR C 73 -2.63 -45.09 28.28
N LYS C 74 -3.68 -44.87 29.09
CA LYS C 74 -3.73 -45.39 30.44
C LYS C 74 -5.19 -45.56 30.84
N VAL C 75 -5.44 -46.49 31.76
CA VAL C 75 -6.77 -46.73 32.31
C VAL C 75 -6.59 -47.04 33.79
N TRP C 76 -7.08 -46.14 34.65
CA TRP C 76 -6.70 -46.13 36.06
C TRP C 76 -7.61 -46.96 36.96
N ALA C 77 -8.66 -47.58 36.43
CA ALA C 77 -9.54 -48.35 37.29
C ALA C 77 -10.28 -49.41 36.48
N ASP C 78 -10.70 -50.46 37.16
CA ASP C 78 -11.46 -51.56 36.56
C ASP C 78 -12.70 -51.80 37.41
N ASN C 79 -13.50 -52.78 37.00
CA ASN C 79 -14.78 -53.01 37.65
C ASN C 79 -14.59 -53.28 39.14
N THR C 80 -15.50 -52.75 39.95
CA THR C 80 -15.47 -52.92 41.40
C THR C 80 -14.22 -52.28 41.99
N ASP C 81 -14.07 -50.98 41.72
CA ASP C 81 -12.97 -50.17 42.25
C ASP C 81 -13.55 -48.88 42.80
N PHE C 82 -13.11 -48.52 44.00
CA PHE C 82 -13.59 -47.31 44.66
C PHE C 82 -12.76 -46.12 44.18
N VAL C 83 -13.43 -45.14 43.59
CA VAL C 83 -12.80 -43.94 43.05
C VAL C 83 -13.42 -42.73 43.71
N LYS C 84 -12.58 -41.78 44.13
CA LYS C 84 -13.05 -40.58 44.79
C LYS C 84 -13.17 -39.43 43.79
N GLU C 85 -13.96 -38.44 44.16
CA GLU C 85 -14.16 -37.28 43.29
C GLU C 85 -12.84 -36.55 43.07
N GLY C 86 -12.56 -36.22 41.82
CA GLY C 86 -11.31 -35.58 41.48
C GLY C 86 -10.17 -36.51 41.14
N ASP C 87 -10.45 -37.79 40.93
CA ASP C 87 -9.42 -38.78 40.61
C ASP C 87 -9.36 -38.98 39.10
N VAL C 88 -8.16 -39.25 38.59
CA VAL C 88 -8.00 -39.50 37.16
C VAL C 88 -8.43 -40.93 36.86
N LEU C 89 -9.23 -41.08 35.80
CA LEU C 89 -9.71 -42.39 35.36
C LEU C 89 -9.12 -42.83 34.03
N VAL C 90 -8.82 -41.89 33.13
CA VAL C 90 -8.25 -42.20 31.83
C VAL C 90 -7.26 -41.11 31.45
N THR C 91 -6.34 -41.45 30.56
CA THR C 91 -5.32 -40.51 30.07
C THR C 91 -5.14 -40.70 28.57
N LEU C 92 -4.92 -39.59 27.87
CA LEU C 92 -4.80 -39.60 26.42
C LEU C 92 -3.42 -39.13 25.99
N ASP C 93 -3.08 -39.41 24.74
CA ASP C 93 -1.82 -38.97 24.16
C ASP C 93 -1.85 -37.45 24.00
N PRO C 94 -0.88 -36.71 24.57
CA PRO C 94 -0.93 -35.25 24.45
C PRO C 94 -0.18 -34.72 23.23
N THR C 95 0.12 -35.58 22.25
CA THR C 95 0.92 -35.14 21.11
C THR C 95 0.19 -34.09 20.27
N ASP C 96 -1.11 -34.29 20.03
CA ASP C 96 -1.84 -33.39 19.16
C ASP C 96 -2.18 -32.06 19.82
N ALA C 97 -2.36 -32.04 21.13
CA ALA C 97 -2.73 -30.80 21.81
C ALA C 97 -1.53 -29.87 21.98
N ARG C 98 -0.34 -30.44 22.20
CA ARG C 98 0.83 -29.60 22.40
C ARG C 98 1.14 -28.76 21.17
N GLN C 99 0.89 -29.31 19.98
CA GLN C 99 1.14 -28.54 18.77
C GLN C 99 0.26 -27.30 18.70
N ALA C 100 -1.03 -27.44 19.04
CA ALA C 100 -1.91 -26.30 19.06
C ALA C 100 -1.48 -25.30 20.13
N PHE C 101 -1.04 -25.80 21.28
CA PHE C 101 -0.58 -24.91 22.34
C PHE C 101 0.63 -24.09 21.87
N GLU C 102 1.57 -24.73 21.19
CA GLU C 102 2.74 -24.03 20.68
C GLU C 102 2.35 -23.02 19.61
N LYS C 103 1.41 -23.38 18.73
CA LYS C 103 0.94 -22.44 17.73
C LYS C 103 0.36 -21.19 18.39
N ALA C 104 -0.45 -21.38 19.43
CA ALA C 104 -1.03 -20.24 20.12
C ALA C 104 0.04 -19.38 20.78
N LYS C 105 1.04 -20.01 21.39
CA LYS C 105 2.11 -19.24 22.02
C LYS C 105 2.87 -18.41 21.00
N THR C 106 3.16 -18.99 19.83
CA THR C 106 3.83 -18.23 18.78
C THR C 106 2.97 -17.06 18.31
N ALA C 107 1.66 -17.27 18.17
CA ALA C 107 0.79 -16.18 17.77
C ALA C 107 0.84 -15.04 18.78
N LEU C 108 0.80 -15.38 20.08
CA LEU C 108 0.86 -14.34 21.10
C LEU C 108 2.17 -13.58 21.02
N ALA C 109 3.28 -14.28 20.82
CA ALA C 109 4.56 -13.60 20.68
C ALA C 109 4.54 -12.62 19.52
N SER C 110 3.97 -13.05 18.40
CA SER C 110 3.93 -12.17 17.23
C SER C 110 3.10 -10.92 17.51
N SER C 111 1.95 -11.07 18.14
CA SER C 111 1.10 -9.91 18.40
C SER C 111 1.79 -8.93 19.36
N VAL C 112 2.43 -9.46 20.41
CA VAL C 112 3.13 -8.60 21.35
C VAL C 112 4.25 -7.85 20.65
N ARG C 113 4.97 -8.53 19.75
CA ARG C 113 6.01 -7.82 19.00
C ARG C 113 5.40 -6.72 18.14
N GLN C 114 4.26 -6.98 17.51
CA GLN C 114 3.70 -6.00 16.59
C GLN C 114 3.25 -4.73 17.32
N THR C 115 2.64 -4.88 18.50
CA THR C 115 2.11 -3.73 19.28
C THR C 115 3.27 -2.79 19.59
N HIS C 116 4.48 -3.34 19.70
CA HIS C 116 5.68 -2.51 20.02
C HIS C 116 6.01 -1.61 18.82
N GLN C 117 5.74 -2.07 17.60
CA GLN C 117 6.04 -1.30 16.36
C GLN C 117 5.22 -0.02 16.34
N LEU C 118 4.03 -0.01 16.95
CA LEU C 118 3.12 1.17 16.95
C LEU C 118 3.60 2.12 18.04
N MET C 119 4.02 1.58 19.18
CA MET C 119 4.54 2.34 20.31
C MET C 119 5.83 3.09 19.96
N ILE C 120 6.51 2.70 18.87
CA ILE C 120 7.72 3.40 18.44
C ILE C 120 7.42 4.39 17.31
N ASN C 121 6.45 4.05 16.46
CA ASN C 121 5.99 5.01 15.47
C ASN C 121 5.54 6.30 16.13
N SER C 122 5.01 6.20 17.35
CA SER C 122 4.65 7.41 18.08
C SER C 122 5.86 8.34 18.26
N LYS C 123 7.00 7.77 18.67
CA LYS C 123 8.20 8.59 18.86
C LYS C 123 8.70 9.16 17.53
N GLN C 124 8.60 8.36 16.47
CA GLN C 124 8.98 8.87 15.16
C GLN C 124 8.18 10.12 14.81
N LEU C 125 6.86 10.06 14.98
CA LEU C 125 6.02 11.20 14.64
C LEU C 125 6.29 12.38 15.57
N GLN C 126 6.66 12.12 16.83
CA GLN C 126 7.05 13.22 17.71
C GLN C 126 8.28 13.95 17.17
N ALA C 127 9.27 13.20 16.69
CA ALA C 127 10.44 13.84 16.09
C ALA C 127 10.06 14.69 14.89
N ASN C 128 9.17 14.17 14.04
CA ASN C 128 8.71 14.96 12.89
C ASN C 128 8.07 16.27 13.36
N ILE C 129 7.23 16.20 14.39
CA ILE C 129 6.62 17.41 14.94
C ILE C 129 7.70 18.40 15.37
N GLU C 130 8.78 17.89 15.99
CA GLU C 130 9.85 18.79 16.42
C GLU C 130 10.44 19.52 15.23
N VAL C 131 10.68 18.81 14.13
CA VAL C 131 11.22 19.45 12.93
C VAL C 131 10.31 20.59 12.48
N GLN C 132 9.00 20.31 12.44
CA GLN C 132 8.07 21.32 11.96
C GLN C 132 8.06 22.54 12.89
N LYS C 133 8.14 22.32 14.20
CA LYS C 133 8.22 23.43 15.13
C LYS C 133 9.43 24.30 14.85
N ILE C 134 10.58 23.67 14.57
CA ILE C 134 11.78 24.44 14.29
C ILE C 134 11.59 25.31 13.05
N ALA C 135 11.00 24.73 11.99
CA ALA C 135 10.78 25.52 10.78
C ALA C 135 9.87 26.72 11.04
N LEU C 136 8.79 26.50 11.79
CA LEU C 136 7.89 27.60 12.11
C LEU C 136 8.61 28.69 12.89
N ALA C 137 9.45 28.29 13.85
CA ALA C 137 10.20 29.28 14.62
C ALA C 137 11.10 30.11 13.72
N LYS C 138 11.75 29.45 12.75
CA LYS C 138 12.60 30.20 11.82
C LYS C 138 11.81 31.25 11.07
N ALA C 139 10.66 30.85 10.52
CA ALA C 139 9.85 31.82 9.75
C ALA C 139 9.40 32.97 10.64
N GLN C 140 8.96 32.67 11.86
CA GLN C 140 8.49 33.72 12.76
C GLN C 140 9.60 34.69 13.08
N SER C 141 10.81 34.18 13.36
CA SER C 141 11.93 35.05 13.66
C SER C 141 12.23 35.96 12.48
N ASP C 142 12.25 35.38 11.28
CA ASP C 142 12.53 36.14 10.04
C ASP C 142 11.53 37.28 9.91
N TYR C 143 10.23 37.03 10.09
CA TYR C 143 9.21 38.06 9.92
C TYR C 143 9.34 39.14 10.99
N ASN C 144 9.50 38.74 12.25
CA ASN C 144 9.69 39.72 13.31
C ASN C 144 10.87 40.61 13.00
N ARG C 145 11.93 40.06 12.39
CA ARG C 145 13.11 40.86 11.99
C ARG C 145 12.69 41.86 10.93
N ARG C 146 11.86 41.47 9.96
CA ARG C 146 11.56 42.35 8.83
C ARG C 146 10.51 43.41 9.12
N VAL C 147 9.65 43.22 10.13
CA VAL C 147 8.49 44.10 10.29
C VAL C 147 8.88 45.56 10.48
N PRO C 148 9.80 45.92 11.37
CA PRO C 148 10.07 47.35 11.60
C PRO C 148 10.48 48.11 10.36
N LEU C 149 11.28 47.48 9.50
CA LEU C 149 11.77 48.14 8.26
C LEU C 149 10.55 48.65 7.49
N GLY C 150 9.51 47.83 7.32
CA GLY C 150 8.34 48.21 6.53
C GLY C 150 7.67 49.47 7.05
N ASN C 151 7.58 49.61 8.36
CA ASN C 151 6.91 50.78 8.94
C ASN C 151 7.48 52.07 8.38
N ALA C 152 8.81 52.18 8.32
CA ALA C 152 9.46 53.37 7.81
C ALA C 152 9.59 53.39 6.30
N ASN C 153 9.08 52.36 5.60
CA ASN C 153 9.11 52.30 4.14
C ASN C 153 10.52 52.05 3.63
N LEU C 154 11.27 51.22 4.35
CA LEU C 154 12.63 50.85 3.96
C LEU C 154 12.70 49.43 3.41
N ILE C 155 11.56 48.86 3.01
CA ILE C 155 11.53 47.53 2.41
C ILE C 155 10.32 47.44 1.51
N GLY C 156 10.45 46.73 0.39
CA GLY C 156 9.32 46.54 -0.50
C GLY C 156 8.20 45.79 0.19
N ARG C 157 6.97 46.14 -0.19
CA ARG C 157 5.81 45.53 0.45
C ARG C 157 5.66 44.05 0.08
N GLU C 158 6.00 43.70 -1.16
CA GLU C 158 5.84 42.31 -1.58
C GLU C 158 6.67 41.38 -0.70
N GLU C 159 7.84 41.84 -0.27
CA GLU C 159 8.67 41.03 0.62
C GLU C 159 7.95 40.75 1.94
N LEU C 160 7.31 41.76 2.52
CA LEU C 160 6.59 41.54 3.77
C LEU C 160 5.40 40.61 3.57
N GLN C 161 4.66 40.77 2.47
CA GLN C 161 3.57 39.85 2.21
C GLN C 161 4.09 38.43 2.10
N HIS C 162 5.23 38.23 1.44
CA HIS C 162 5.81 36.91 1.33
C HIS C 162 6.20 36.36 2.69
N ALA C 163 6.75 37.20 3.56
CA ALA C 163 7.15 36.73 4.89
C ALA C 163 5.94 36.26 5.68
N ARG C 164 4.87 37.05 5.68
CA ARG C 164 3.66 36.66 6.41
C ARG C 164 3.07 35.38 5.82
N ASP C 165 3.08 35.26 4.48
CA ASP C 165 2.61 34.03 3.87
C ASP C 165 3.43 32.85 4.31
N ALA C 166 4.75 33.03 4.44
CA ALA C 166 5.62 31.94 4.89
C ALA C 166 5.24 31.51 6.30
N VAL C 167 4.96 32.47 7.18
CA VAL C 167 4.58 32.12 8.54
C VAL C 167 3.29 31.31 8.54
N THR C 168 2.30 31.76 7.75
CA THR C 168 1.03 31.02 7.70
C THR C 168 1.23 29.60 7.19
N SER C 169 2.03 29.45 6.12
CA SER C 169 2.28 28.12 5.58
C SER C 169 2.96 27.22 6.59
N ALA C 170 3.94 27.75 7.33
CA ALA C 170 4.61 26.95 8.34
C ALA C 170 3.64 26.50 9.41
N GLN C 171 2.74 27.38 9.84
CA GLN C 171 1.76 26.99 10.84
C GLN C 171 0.87 25.87 10.33
N ALA C 172 0.43 25.98 9.08
CA ALA C 172 -0.42 24.93 8.52
C ALA C 172 0.29 23.59 8.48
N GLN C 173 1.56 23.58 8.06
CA GLN C 173 2.28 22.32 7.99
C GLN C 173 2.51 21.72 9.37
N LEU C 174 2.77 22.58 10.37
CA LEU C 174 2.88 22.07 11.73
C LEU C 174 1.58 21.43 12.18
N ASP C 175 0.44 22.03 11.82
CA ASP C 175 -0.84 21.40 12.13
C ASP C 175 -0.96 20.04 11.47
N VAL C 176 -0.51 19.92 10.22
CA VAL C 176 -0.53 18.62 9.54
C VAL C 176 0.23 17.58 10.36
N ALA C 177 1.44 17.94 10.78
CA ALA C 177 2.27 16.98 11.53
C ALA C 177 1.60 16.60 12.85
N ILE C 178 1.03 17.58 13.56
CA ILE C 178 0.36 17.30 14.81
C ILE C 178 -0.80 16.33 14.60
N GLN C 179 -1.57 16.54 13.55
CA GLN C 179 -2.69 15.65 13.28
C GLN C 179 -2.21 14.24 12.95
N GLN C 180 -1.11 14.12 12.22
CA GLN C 180 -0.55 12.79 11.97
C GLN C 180 -0.23 12.10 13.30
N TYR C 181 0.46 12.80 14.18
CA TYR C 181 0.79 12.22 15.49
C TYR C 181 -0.48 11.78 16.21
N ASN C 182 -1.49 12.65 16.26
CA ASN C 182 -2.71 12.31 16.97
C ASN C 182 -3.36 11.05 16.37
N ALA C 183 -3.35 10.94 15.04
CA ALA C 183 -3.94 9.78 14.41
C ALA C 183 -3.21 8.50 14.80
N ASN C 184 -1.88 8.55 14.88
CA ASN C 184 -1.15 7.37 15.32
C ASN C 184 -1.44 7.05 16.78
N GLN C 185 -1.55 8.07 17.61
CA GLN C 185 -1.73 7.88 19.05
C GLN C 185 -3.13 7.39 19.40
N ALA C 186 -4.10 7.58 18.51
CA ALA C 186 -5.47 7.20 18.83
C ALA C 186 -5.64 5.70 18.92
N MET C 187 -4.74 4.93 18.33
CA MET C 187 -4.83 3.48 18.34
C MET C 187 -4.11 2.83 19.51
N ILE C 188 -3.44 3.61 20.35
CA ILE C 188 -2.76 3.10 21.52
C ILE C 188 -3.37 3.61 22.82
N LEU C 189 -3.71 4.90 22.87
CA LEU C 189 -4.44 5.53 23.97
C LEU C 189 -3.65 5.55 25.27
N GLY C 190 -2.36 5.26 25.25
CA GLY C 190 -1.57 5.36 26.47
C GLY C 190 -2.00 4.41 27.57
N THR C 191 -2.27 3.16 27.22
CA THR C 191 -2.54 2.12 28.19
C THR C 191 -1.28 1.27 28.37
N LYS C 192 -1.39 0.19 29.12
CA LYS C 192 -0.25 -0.71 29.31
C LYS C 192 -0.15 -1.70 28.16
N LEU C 193 1.07 -2.16 27.89
CA LEU C 193 1.32 -3.02 26.75
C LEU C 193 0.56 -4.34 26.87
N GLU C 194 0.54 -4.92 28.06
CA GLU C 194 -0.12 -6.21 28.25
C GLU C 194 -1.63 -6.12 28.05
N ASP C 195 -2.21 -4.91 28.11
CA ASP C 195 -3.64 -4.73 28.02
C ASP C 195 -4.09 -4.27 26.65
N GLN C 196 -3.20 -4.24 25.67
CA GLN C 196 -3.59 -3.86 24.32
C GLN C 196 -4.58 -4.88 23.77
N PRO C 197 -5.55 -4.44 22.96
CA PRO C 197 -6.56 -5.39 22.46
C PRO C 197 -5.97 -6.59 21.74
N ALA C 198 -4.96 -6.41 20.89
CA ALA C 198 -4.44 -7.54 20.12
C ALA C 198 -3.80 -8.59 21.03
N VAL C 199 -3.07 -8.13 22.06
CA VAL C 199 -2.41 -9.06 22.97
C VAL C 199 -3.46 -9.93 23.67
N GLN C 200 -4.56 -9.33 24.09
CA GLN C 200 -5.63 -10.11 24.72
C GLN C 200 -6.32 -11.02 23.71
N GLN C 201 -6.46 -10.55 22.47
CA GLN C 201 -7.03 -11.40 21.42
C GLN C 201 -6.22 -12.68 21.27
N ALA C 202 -4.90 -12.57 21.36
CA ALA C 202 -4.06 -13.78 21.29
C ALA C 202 -4.11 -14.57 22.61
N ALA C 203 -4.18 -13.87 23.74
CA ALA C 203 -4.20 -14.55 25.03
C ALA C 203 -5.41 -15.46 25.17
N THR C 204 -6.56 -15.03 24.64
CA THR C 204 -7.76 -15.86 24.73
C THR C 204 -7.55 -17.19 24.02
N GLU C 205 -6.98 -17.16 22.81
CA GLU C 205 -6.69 -18.40 22.11
C GLU C 205 -5.68 -19.24 22.86
N VAL C 206 -4.69 -18.59 23.48
CA VAL C 206 -3.72 -19.34 24.28
C VAL C 206 -4.44 -20.10 25.39
N ARG C 207 -5.36 -19.42 26.08
CA ARG C 207 -6.09 -20.07 27.18
C ARG C 207 -6.95 -21.22 26.68
N ASN C 208 -7.61 -21.04 25.53
CA ASN C 208 -8.42 -22.12 24.98
C ASN C 208 -7.55 -23.34 24.65
N ALA C 209 -6.40 -23.12 24.02
CA ALA C 209 -5.51 -24.24 23.72
C ALA C 209 -5.02 -24.92 24.99
N TRP C 210 -4.66 -24.14 26.01
CA TRP C 210 -4.20 -24.73 27.25
C TRP C 210 -5.29 -25.58 27.89
N LEU C 211 -6.53 -25.09 27.89
CA LEU C 211 -7.63 -25.88 28.42
C LEU C 211 -7.79 -27.18 27.64
N ALA C 212 -7.68 -27.10 26.31
CA ALA C 212 -7.76 -28.31 25.51
C ALA C 212 -6.69 -29.32 25.93
N LEU C 213 -5.47 -28.86 26.16
CA LEU C 213 -4.41 -29.78 26.57
C LEU C 213 -4.69 -30.35 27.96
N GLU C 214 -5.12 -29.53 28.90
CA GLU C 214 -5.35 -30.01 30.27
C GLU C 214 -6.40 -31.10 30.31
N ARG C 215 -7.43 -30.99 29.48
CA ARG C 215 -8.50 -31.99 29.42
C ARG C 215 -8.06 -33.29 28.83
N THR C 216 -6.79 -33.47 28.48
CA THR C 216 -6.32 -34.76 28.02
C THR C 216 -6.29 -35.80 29.13
N ARG C 217 -6.60 -35.40 30.37
CA ARG C 217 -6.89 -36.32 31.46
C ARG C 217 -8.38 -36.27 31.76
N ILE C 218 -8.97 -37.44 31.95
CA ILE C 218 -10.39 -37.57 32.28
C ILE C 218 -10.52 -37.79 33.77
N ILE C 219 -11.34 -36.97 34.43
CA ILE C 219 -11.42 -36.93 35.88
C ILE C 219 -12.79 -37.41 36.32
N SER C 220 -12.84 -38.00 37.51
CA SER C 220 -14.08 -38.52 38.06
C SER C 220 -14.89 -37.39 38.69
N PRO C 221 -16.15 -37.18 38.29
CA PRO C 221 -16.96 -36.15 38.93
C PRO C 221 -17.69 -36.60 40.19
N MET C 222 -17.61 -37.87 40.56
CA MET C 222 -18.31 -38.38 41.73
C MET C 222 -17.46 -39.44 42.40
N THR C 223 -17.77 -39.74 43.65
CA THR C 223 -17.07 -40.77 44.42
C THR C 223 -17.99 -41.98 44.54
N GLY C 224 -17.67 -43.03 43.82
CA GLY C 224 -18.44 -44.25 43.87
C GLY C 224 -17.59 -45.43 43.43
N TYR C 225 -18.24 -46.42 42.82
CA TYR C 225 -17.57 -47.61 42.35
C TYR C 225 -17.79 -47.75 40.84
N VAL C 226 -16.88 -48.46 40.20
CA VAL C 226 -16.84 -48.55 38.75
C VAL C 226 -17.61 -49.77 38.28
N SER C 227 -18.33 -49.62 37.18
CA SER C 227 -19.05 -50.72 36.57
C SER C 227 -19.08 -50.51 35.07
N ARG C 228 -19.05 -51.62 34.32
CA ARG C 228 -19.17 -51.62 32.87
C ARG C 228 -18.05 -50.79 32.22
N ARG C 229 -16.83 -51.29 32.40
CA ARG C 229 -15.64 -50.62 31.87
C ARG C 229 -15.45 -51.04 30.41
N ALA C 230 -16.09 -50.30 29.51
CA ALA C 230 -15.95 -50.53 28.07
C ALA C 230 -14.90 -49.62 27.46
N VAL C 231 -13.68 -49.64 28.01
CA VAL C 231 -12.59 -48.81 27.50
C VAL C 231 -11.29 -49.57 27.68
N GLN C 232 -10.52 -49.67 26.61
CA GLN C 232 -9.25 -50.36 26.61
C GLN C 232 -8.18 -49.44 26.05
N PRO C 233 -6.91 -49.66 26.42
CA PRO C 233 -5.84 -48.84 25.85
C PRO C 233 -5.78 -48.96 24.34
N GLY C 234 -5.48 -47.84 23.69
CA GLY C 234 -5.36 -47.80 22.25
C GLY C 234 -6.66 -47.51 21.51
N ALA C 235 -7.76 -47.37 22.22
CA ALA C 235 -9.03 -47.05 21.59
C ALA C 235 -9.04 -45.60 21.11
N GLN C 236 -9.89 -45.34 20.13
CA GLN C 236 -10.11 -44.00 19.59
C GLN C 236 -11.45 -43.52 20.11
N ILE C 237 -11.47 -42.35 20.76
CA ILE C 237 -12.64 -41.90 21.50
C ILE C 237 -13.03 -40.48 21.09
N SER C 238 -14.31 -40.17 21.28
CA SER C 238 -14.87 -38.85 21.10
C SER C 238 -15.78 -38.57 22.30
N PRO C 239 -16.25 -37.34 22.48
CA PRO C 239 -17.05 -37.05 23.68
C PRO C 239 -18.33 -37.85 23.78
N THR C 240 -18.84 -38.40 22.68
CA THR C 240 -20.08 -39.16 22.70
C THR C 240 -19.86 -40.64 22.98
N THR C 241 -18.61 -41.09 23.11
CA THR C 241 -18.32 -42.49 23.33
C THR C 241 -18.28 -42.79 24.81
N PRO C 242 -19.09 -43.72 25.33
CA PRO C 242 -19.07 -43.98 26.77
C PRO C 242 -17.87 -44.80 27.19
N LEU C 243 -17.23 -44.39 28.28
CA LEU C 243 -16.02 -45.03 28.76
C LEU C 243 -16.29 -46.03 29.88
N MET C 244 -17.04 -45.63 30.89
CA MET C 244 -17.37 -46.49 32.02
C MET C 244 -18.50 -45.81 32.80
N ALA C 245 -18.83 -46.36 33.97
CA ALA C 245 -19.85 -45.80 34.83
C ALA C 245 -19.36 -45.82 36.27
N VAL C 246 -19.76 -44.81 37.04
CA VAL C 246 -19.49 -44.73 38.47
C VAL C 246 -20.83 -44.67 39.20
N VAL C 247 -21.03 -45.54 40.18
CA VAL C 247 -22.30 -45.72 40.84
C VAL C 247 -22.14 -45.34 42.31
N PRO C 248 -22.51 -44.12 42.70
CA PRO C 248 -22.43 -43.76 44.12
C PRO C 248 -23.34 -44.65 44.94
N ALA C 249 -22.86 -45.02 46.13
CA ALA C 249 -23.55 -45.96 47.00
C ALA C 249 -24.01 -45.29 48.30
N THR C 250 -24.46 -44.04 48.22
CA THR C 250 -24.89 -43.29 49.39
C THR C 250 -26.38 -43.03 49.41
N ASN C 251 -26.92 -42.39 48.38
CA ASN C 251 -28.32 -41.96 48.35
C ASN C 251 -29.09 -42.85 47.38
N MET C 252 -29.82 -43.81 47.93
CA MET C 252 -30.65 -44.70 47.14
C MET C 252 -32.09 -44.60 47.62
N TRP C 253 -33.01 -44.77 46.68
CA TRP C 253 -34.44 -44.74 46.95
C TRP C 253 -35.05 -46.05 46.44
N VAL C 254 -36.36 -46.17 46.56
CA VAL C 254 -37.11 -47.31 46.07
C VAL C 254 -38.23 -46.81 45.17
N ASP C 255 -38.45 -47.49 44.06
CA ASP C 255 -39.55 -47.21 43.15
C ASP C 255 -40.58 -48.32 43.27
N ALA C 256 -41.70 -48.02 43.94
CA ALA C 256 -42.77 -48.99 44.15
C ALA C 256 -43.85 -48.77 43.11
N ASN C 257 -44.15 -49.80 42.32
CA ASN C 257 -45.16 -49.71 41.29
C ASN C 257 -46.48 -50.23 41.85
N PHE C 258 -47.43 -49.32 42.07
CA PHE C 258 -48.75 -49.66 42.55
C PHE C 258 -49.76 -49.60 41.41
N LYS C 259 -50.81 -50.39 41.52
CA LYS C 259 -51.90 -50.34 40.57
C LYS C 259 -52.69 -49.05 40.72
N GLU C 260 -53.48 -48.72 39.70
CA GLU C 260 -54.35 -47.55 39.80
C GLU C 260 -55.32 -47.69 40.96
N THR C 261 -55.68 -48.93 41.32
CA THR C 261 -56.62 -49.14 42.40
C THR C 261 -56.08 -48.67 43.73
N GLN C 262 -54.76 -48.74 43.92
CA GLN C 262 -54.13 -48.43 45.18
C GLN C 262 -53.60 -47.00 45.26
N ILE C 263 -53.37 -46.35 44.12
CA ILE C 263 -52.73 -45.04 44.14
C ILE C 263 -53.52 -44.06 44.99
N ALA C 264 -54.85 -44.11 44.90
CA ALA C 264 -55.66 -43.27 45.77
C ALA C 264 -55.38 -43.59 47.22
N ASN C 265 -55.60 -42.59 48.08
CA ASN C 265 -55.39 -42.66 49.52
C ASN C 265 -53.91 -42.59 49.92
N MET C 266 -53.01 -42.41 48.96
CA MET C 266 -51.59 -42.24 49.25
C MET C 266 -51.23 -40.78 49.15
N ARG C 267 -50.74 -40.21 50.24
CA ARG C 267 -50.28 -38.83 50.30
C ARG C 267 -48.78 -38.81 50.55
N ILE C 268 -48.23 -37.61 50.57
CA ILE C 268 -46.80 -37.42 50.81
C ILE C 268 -46.54 -37.49 52.31
N GLY C 269 -45.42 -38.12 52.67
CA GLY C 269 -44.99 -38.17 54.04
C GLY C 269 -45.48 -39.35 54.85
N GLN C 270 -46.33 -40.20 54.28
CA GLN C 270 -46.89 -41.31 55.02
C GLN C 270 -45.79 -42.32 55.37
N PRO C 271 -45.89 -42.98 56.52
CA PRO C 271 -44.87 -43.98 56.88
C PRO C 271 -44.88 -45.17 55.94
N VAL C 272 -43.71 -45.78 55.79
CA VAL C 272 -43.53 -46.97 54.96
C VAL C 272 -42.62 -47.95 55.68
N THR C 273 -42.73 -49.22 55.29
CA THR C 273 -41.86 -50.28 55.78
C THR C 273 -41.46 -51.15 54.60
N ILE C 274 -40.15 -51.32 54.41
CA ILE C 274 -39.61 -52.03 53.26
C ILE C 274 -38.74 -53.17 53.76
N THR C 275 -38.96 -54.37 53.22
CA THR C 275 -38.17 -55.56 53.54
C THR C 275 -37.60 -56.13 52.26
N THR C 276 -36.34 -56.53 52.30
CA THR C 276 -35.63 -57.03 51.13
C THR C 276 -35.46 -58.54 51.21
N ASP C 277 -34.86 -59.10 50.16
CA ASP C 277 -34.69 -60.54 50.03
C ASP C 277 -33.29 -61.03 50.35
N ILE C 278 -32.26 -60.25 50.00
CA ILE C 278 -30.84 -60.61 50.29
C ILE C 278 -30.71 -60.76 51.82
N TYR C 279 -31.28 -59.83 52.58
CA TYR C 279 -31.23 -59.82 54.04
C TYR C 279 -32.45 -60.48 54.67
N GLY C 280 -33.42 -60.91 53.87
CA GLY C 280 -34.56 -61.61 54.42
C GLY C 280 -35.37 -60.71 55.35
N ASP C 281 -36.00 -61.35 56.33
CA ASP C 281 -36.84 -60.66 57.30
C ASP C 281 -36.08 -60.24 58.55
N ASP C 282 -34.78 -60.55 58.64
CA ASP C 282 -34.01 -60.19 59.82
C ASP C 282 -33.70 -58.71 59.89
N VAL C 283 -33.97 -57.95 58.83
CA VAL C 283 -33.68 -56.52 58.79
C VAL C 283 -34.85 -55.81 58.14
N LYS C 284 -35.29 -54.71 58.74
CA LYS C 284 -36.37 -53.88 58.24
C LYS C 284 -35.81 -52.53 57.81
N TYR C 285 -36.61 -51.79 57.06
CA TYR C 285 -36.27 -50.44 56.65
C TYR C 285 -37.46 -49.52 56.88
N THR C 286 -37.16 -48.27 57.22
CA THR C 286 -38.17 -47.22 57.37
C THR C 286 -37.98 -46.19 56.27
N GLY C 287 -39.09 -45.61 55.82
CA GLY C 287 -39.02 -44.64 54.75
C GLY C 287 -40.29 -43.81 54.71
N LYS C 288 -40.34 -42.92 53.72
CA LYS C 288 -41.47 -42.02 53.56
C LYS C 288 -41.79 -41.86 52.08
N VAL C 289 -43.05 -41.53 51.80
CA VAL C 289 -43.46 -41.21 50.44
C VAL C 289 -42.89 -39.84 50.08
N VAL C 290 -42.21 -39.78 48.94
CA VAL C 290 -41.72 -38.50 48.42
C VAL C 290 -42.75 -37.87 47.50
N GLY C 291 -43.44 -38.69 46.72
CA GLY C 291 -44.45 -38.21 45.80
C GLY C 291 -44.74 -39.23 44.74
N LEU C 292 -45.84 -39.01 44.03
CA LEU C 292 -46.27 -39.91 42.93
C LEU C 292 -45.95 -39.22 41.61
N ASP C 293 -45.73 -40.00 40.55
CA ASP C 293 -45.34 -39.50 39.24
C ASP C 293 -46.56 -39.15 38.41
N MET C 294 -46.40 -38.12 37.58
CA MET C 294 -47.48 -37.68 36.68
C MET C 294 -47.36 -38.38 35.33
N GLY C 295 -47.27 -39.70 35.37
CA GLY C 295 -47.16 -40.52 34.19
C GLY C 295 -47.11 -41.99 34.57
N THR C 296 -47.49 -42.86 33.64
CA THR C 296 -47.59 -44.28 33.92
C THR C 296 -46.53 -45.11 33.19
N GLY C 297 -45.48 -44.47 32.71
CA GLY C 297 -44.46 -45.18 31.95
C GLY C 297 -44.80 -45.29 30.48
N SER C 298 -46.02 -45.70 30.16
CA SER C 298 -46.47 -45.77 28.78
C SER C 298 -46.59 -44.40 28.14
N ALA C 299 -46.52 -43.33 28.94
CA ALA C 299 -46.65 -41.99 28.38
C ALA C 299 -45.53 -41.70 27.39
N PHE C 300 -44.29 -42.06 27.73
CA PHE C 300 -43.12 -41.70 26.94
C PHE C 300 -42.58 -42.85 26.11
N SER C 301 -43.31 -43.97 26.03
CA SER C 301 -42.81 -45.11 25.29
C SER C 301 -42.68 -44.76 23.80
N LEU C 302 -41.67 -45.34 23.17
CA LEU C 302 -41.37 -45.07 21.76
C LEU C 302 -42.03 -46.04 20.80
N LEU C 303 -42.77 -47.03 21.31
CA LEU C 303 -43.39 -48.06 20.49
C LEU C 303 -44.84 -48.24 20.88
N PRO C 304 -45.67 -48.78 19.99
CA PRO C 304 -47.06 -49.05 20.36
C PRO C 304 -47.14 -50.01 21.54
N ALA C 305 -48.11 -49.75 22.43
CA ALA C 305 -48.29 -50.61 23.60
C ALA C 305 -48.66 -52.03 23.18
N GLN C 306 -49.53 -52.16 22.18
CA GLN C 306 -49.95 -53.44 21.66
C GLN C 306 -49.78 -53.44 20.14
N ASN C 307 -49.81 -54.62 19.56
CA ASN C 307 -49.67 -54.74 18.12
C ASN C 307 -50.90 -54.19 17.40
N ALA C 308 -50.66 -53.60 16.23
CA ALA C 308 -51.78 -53.10 15.43
C ALA C 308 -52.63 -54.26 14.90
N THR C 309 -51.98 -55.36 14.50
CA THR C 309 -52.71 -56.48 13.92
C THR C 309 -53.64 -57.14 14.92
N GLY C 310 -53.22 -57.28 16.16
CA GLY C 310 -54.03 -57.97 17.15
C GLY C 310 -55.15 -57.11 17.68
N ASN C 311 -56.02 -57.74 18.47
CA ASN C 311 -57.12 -57.05 19.10
C ASN C 311 -56.62 -56.25 20.31
N TRP C 312 -57.56 -55.59 20.99
CA TRP C 312 -57.26 -54.79 22.17
C TRP C 312 -57.78 -55.48 23.41
N ILE C 313 -56.93 -55.59 24.42
CA ILE C 313 -57.25 -56.26 25.68
C ILE C 313 -56.96 -55.29 26.81
N LYS C 314 -57.91 -55.16 27.73
CA LYS C 314 -57.73 -54.25 28.86
C LYS C 314 -56.64 -54.75 29.79
N VAL C 315 -55.79 -53.83 30.23
CA VAL C 315 -54.73 -54.13 31.18
C VAL C 315 -54.72 -53.05 32.26
N VAL C 316 -54.76 -53.47 33.52
CA VAL C 316 -54.70 -52.53 34.63
C VAL C 316 -53.32 -51.88 34.67
N GLN C 317 -53.29 -50.56 34.81
CA GLN C 317 -52.05 -49.81 34.74
C GLN C 317 -51.40 -49.70 36.11
N ARG C 318 -50.12 -49.34 36.10
CA ARG C 318 -49.34 -49.15 37.31
C ARG C 318 -48.67 -47.78 37.27
N LEU C 319 -48.51 -47.19 38.46
CA LEU C 319 -48.01 -45.82 38.59
C LEU C 319 -46.91 -45.79 39.64
N PRO C 320 -45.69 -45.39 39.29
CA PRO C 320 -44.58 -45.46 40.25
C PRO C 320 -44.74 -44.47 41.40
N VAL C 321 -44.11 -44.81 42.52
CA VAL C 321 -44.11 -43.99 43.73
C VAL C 321 -42.68 -43.93 44.25
N ARG C 322 -42.23 -42.74 44.60
CA ARG C 322 -40.90 -42.54 45.16
C ARG C 322 -40.94 -42.70 46.67
N ILE C 323 -40.07 -43.55 47.20
CA ILE C 323 -39.94 -43.77 48.63
C ILE C 323 -38.48 -43.58 49.01
N GLU C 324 -38.24 -42.81 50.06
CA GLU C 324 -36.89 -42.45 50.50
C GLU C 324 -36.53 -43.23 51.76
N LEU C 325 -35.36 -43.84 51.76
CA LEU C 325 -34.93 -44.68 52.87
C LEU C 325 -34.14 -43.87 53.90
N ASP C 326 -34.01 -44.43 55.09
CA ASP C 326 -33.19 -43.84 56.13
C ASP C 326 -31.74 -44.23 55.90
N GLN C 327 -30.83 -43.26 56.06
CA GLN C 327 -29.44 -43.46 55.64
C GLN C 327 -28.58 -44.12 56.70
N LYS C 328 -29.05 -44.21 57.94
CA LYS C 328 -28.27 -44.90 58.96
C LYS C 328 -28.36 -46.42 58.85
N GLN C 329 -29.37 -46.93 58.15
CA GLN C 329 -29.47 -48.37 57.96
C GLN C 329 -28.71 -48.84 56.74
N LEU C 330 -28.60 -48.01 55.70
CA LEU C 330 -27.88 -48.41 54.51
C LEU C 330 -26.39 -48.64 54.81
N GLU C 331 -25.78 -47.76 55.60
CA GLU C 331 -24.35 -47.86 55.83
C GLU C 331 -23.97 -49.19 56.46
N GLN C 332 -24.85 -49.79 57.26
CA GLN C 332 -24.55 -51.06 57.89
C GLN C 332 -25.14 -52.25 57.15
N TYR C 333 -26.23 -52.04 56.41
CA TYR C 333 -26.85 -53.09 55.59
C TYR C 333 -27.04 -52.54 54.19
N PRO C 334 -25.96 -52.40 53.43
CA PRO C 334 -26.06 -51.71 52.13
C PRO C 334 -26.86 -52.51 51.11
N LEU C 335 -27.37 -51.78 50.13
CA LEU C 335 -28.19 -52.34 49.06
C LEU C 335 -27.43 -52.26 47.73
N ARG C 336 -28.08 -52.72 46.68
CA ARG C 336 -27.52 -52.69 45.33
C ARG C 336 -28.66 -52.49 44.35
N ILE C 337 -28.33 -51.91 43.19
CA ILE C 337 -29.35 -51.44 42.28
C ILE C 337 -30.07 -52.62 41.65
N GLY C 338 -31.40 -52.60 41.70
CA GLY C 338 -32.22 -53.59 41.05
C GLY C 338 -32.65 -54.76 41.91
N LEU C 339 -32.41 -54.71 43.22
CA LEU C 339 -32.82 -55.80 44.09
C LEU C 339 -34.31 -55.71 44.40
N SER C 340 -34.98 -56.85 44.51
CA SER C 340 -36.45 -56.89 44.75
C SER C 340 -36.73 -56.60 46.22
N THR C 341 -37.92 -56.09 46.55
CA THR C 341 -38.27 -55.69 47.94
C THR C 341 -39.80 -55.66 48.11
N LEU C 342 -40.31 -56.00 49.30
CA LEU C 342 -41.76 -55.94 49.61
C LEU C 342 -42.05 -54.63 50.35
N VAL C 343 -42.94 -53.79 49.81
CA VAL C 343 -43.23 -52.47 50.34
C VAL C 343 -44.63 -52.48 50.95
N SER C 344 -44.81 -51.70 52.02
CA SER C 344 -46.10 -51.56 52.67
C SER C 344 -46.21 -50.15 53.21
N VAL C 345 -47.28 -49.46 52.79
CA VAL C 345 -47.48 -48.04 53.09
C VAL C 345 -48.67 -47.91 54.03
N ASN C 346 -48.48 -47.23 55.16
CA ASN C 346 -49.57 -46.95 56.07
C ASN C 346 -50.37 -45.76 55.55
N THR C 347 -51.65 -45.97 55.29
CA THR C 347 -52.50 -44.93 54.71
C THR C 347 -53.60 -44.49 55.67
N THR C 348 -53.39 -44.64 56.98
CA THR C 348 -54.43 -44.31 57.94
C THR C 348 -54.74 -42.81 57.93
N ASN C 349 -53.72 -41.96 57.88
CA ASN C 349 -53.89 -40.52 58.00
C ASN C 349 -53.85 -39.89 56.61
N ARG C 350 -54.83 -39.03 56.34
CA ARG C 350 -55.02 -38.45 55.00
C ARG C 350 -55.26 -36.95 55.13
N ASP C 351 -54.18 -36.17 55.06
CA ASP C 351 -54.32 -34.73 55.04
C ASP C 351 -54.89 -34.24 53.71
N GLY C 352 -54.44 -34.83 52.61
CA GLY C 352 -54.86 -34.41 51.28
C GLY C 352 -53.77 -33.71 50.50
N GLN C 353 -52.52 -34.16 50.66
CA GLN C 353 -51.37 -33.59 49.98
C GLN C 353 -50.90 -34.58 48.92
N VAL C 354 -51.44 -34.47 47.72
CA VAL C 354 -51.10 -35.38 46.62
C VAL C 354 -49.98 -34.83 45.76
N LEU C 355 -49.95 -33.52 45.53
CA LEU C 355 -48.95 -32.88 44.67
C LEU C 355 -48.13 -31.90 45.49
N ALA C 356 -46.80 -32.00 45.36
CA ALA C 356 -45.91 -31.07 46.03
C ALA C 356 -46.03 -29.69 45.40
N ASN C 357 -45.88 -28.66 46.24
CA ASN C 357 -45.99 -27.29 45.77
C ASN C 357 -44.93 -26.37 46.38
N LYS C 358 -43.82 -26.91 46.86
CA LYS C 358 -42.76 -26.13 47.48
C LYS C 358 -41.51 -26.23 46.62
N VAL C 359 -40.98 -25.08 46.23
CA VAL C 359 -39.74 -25.01 45.47
C VAL C 359 -38.58 -24.79 46.43
N ARG C 360 -37.42 -25.26 46.04
CA ARG C 360 -36.23 -25.24 46.88
C ARG C 360 -35.11 -24.45 46.22
N SER C 361 -34.41 -23.65 47.02
CA SER C 361 -33.33 -22.81 46.52
C SER C 361 -31.98 -23.52 46.51
N THR C 362 -31.89 -24.72 47.07
CA THR C 362 -30.63 -25.45 47.09
C THR C 362 -30.61 -26.50 45.98
N PRO C 363 -29.55 -26.58 45.17
CA PRO C 363 -29.48 -27.65 44.17
C PRO C 363 -29.34 -29.02 44.82
N VAL C 364 -29.81 -30.04 44.10
CA VAL C 364 -29.80 -31.40 44.64
C VAL C 364 -28.42 -32.03 44.50
N ALA C 365 -27.85 -32.00 43.28
CA ALA C 365 -26.58 -32.68 42.95
C ALA C 365 -25.63 -31.67 42.32
N VAL C 366 -24.45 -31.48 42.89
CA VAL C 366 -23.49 -30.49 42.41
C VAL C 366 -22.10 -31.11 42.37
N SER C 367 -21.39 -30.84 41.28
CA SER C 367 -20.03 -31.30 41.12
C SER C 367 -19.21 -30.20 40.48
N THR C 368 -18.02 -29.95 41.03
CA THR C 368 -17.12 -28.94 40.50
C THR C 368 -15.70 -29.47 40.36
N ALA C 369 -15.57 -30.77 40.12
CA ALA C 369 -14.26 -31.39 39.88
C ALA C 369 -13.74 -31.13 38.48
N ARG C 370 -14.58 -30.67 37.56
CA ARG C 370 -14.19 -30.40 36.18
C ARG C 370 -13.92 -28.92 35.93
N GLU C 371 -13.84 -28.12 36.98
CA GLU C 371 -13.50 -26.71 36.86
C GLU C 371 -11.99 -26.53 36.98
N ILE C 372 -11.41 -25.80 36.02
CA ILE C 372 -9.96 -25.63 35.93
C ILE C 372 -9.64 -24.18 36.25
N SER C 373 -8.79 -23.96 37.24
CA SER C 373 -8.33 -22.62 37.59
C SER C 373 -7.24 -22.18 36.63
N LEU C 374 -7.28 -20.90 36.25
CA LEU C 374 -6.44 -20.35 35.20
C LEU C 374 -5.22 -19.59 35.74
N ALA C 375 -4.61 -20.06 36.84
CA ALA C 375 -3.43 -19.37 37.36
C ALA C 375 -2.19 -19.66 36.51
N PRO C 376 -1.78 -20.92 36.32
CA PRO C 376 -0.54 -21.16 35.56
C PRO C 376 -0.60 -20.61 34.14
N VAL C 377 -1.75 -20.64 33.48
CA VAL C 377 -1.84 -20.09 32.13
C VAL C 377 -1.56 -18.60 32.16
N ASN C 378 -2.11 -17.91 33.18
CA ASN C 378 -1.94 -16.44 33.33
C ASN C 378 -0.48 -16.13 33.62
N LYS C 379 0.22 -16.97 34.38
CA LYS C 379 1.64 -16.78 34.65
C LYS C 379 2.47 -17.00 33.39
N LEU C 380 2.15 -18.05 32.62
CA LEU C 380 2.88 -18.31 31.38
C LEU C 380 2.71 -17.15 30.40
N ILE C 381 1.49 -16.62 30.29
CA ILE C 381 1.25 -15.51 29.38
C ILE C 381 2.06 -14.29 29.80
N ASP C 382 2.09 -14.01 31.11
CA ASP C 382 2.87 -12.88 31.60
C ASP C 382 4.35 -13.06 31.27
N ASP C 383 4.87 -14.26 31.48
CA ASP C 383 6.29 -14.52 31.19
C ASP C 383 6.58 -14.33 29.71
N ILE C 384 5.71 -14.84 28.83
CA ILE C 384 5.93 -14.68 27.40
C ILE C 384 5.90 -13.21 27.01
N VAL C 385 4.94 -12.46 27.56
CA VAL C 385 4.87 -11.03 27.25
C VAL C 385 6.15 -10.33 27.65
N LYS C 386 6.66 -10.64 28.86
CA LYS C 386 7.91 -10.03 29.28
C LYS C 386 9.06 -10.44 28.37
N ALA C 387 9.04 -11.68 27.88
CA ALA C 387 10.13 -12.15 27.03
C ALA C 387 10.15 -11.41 25.70
N ASN C 388 9.01 -11.28 25.05
CA ASN C 388 8.94 -10.68 23.73
C ASN C 388 8.85 -9.16 23.75
N ALA C 389 8.87 -8.54 24.93
CA ALA C 389 8.69 -7.09 25.03
C ALA C 389 9.98 -6.31 24.85
N GLY C 390 11.11 -6.99 24.68
CA GLY C 390 12.39 -6.31 24.52
C GLY C 390 13.12 -6.13 25.83
N GLY D 18 -94.70 -87.66 28.04
CA GLY D 18 -95.86 -86.98 27.43
C GLY D 18 -96.23 -85.73 28.20
N LYS D 19 -96.87 -85.86 29.36
CA LYS D 19 -97.20 -84.71 30.23
C LYS D 19 -95.88 -84.10 30.72
N ARG D 20 -94.98 -84.99 31.15
CA ARG D 20 -93.62 -84.57 31.52
C ARG D 20 -93.14 -83.82 30.30
N LYS D 21 -93.36 -84.33 29.09
CA LYS D 21 -92.96 -83.69 27.79
C LYS D 21 -93.66 -82.34 27.63
N ARG D 22 -94.92 -82.19 28.06
CA ARG D 22 -95.68 -80.93 27.94
C ARG D 22 -95.04 -79.88 28.85
N LEU D 23 -94.57 -80.26 30.05
CA LEU D 23 -93.87 -79.37 31.01
C LEU D 23 -92.43 -79.16 30.56
N LEU D 24 -91.87 -80.03 29.71
CA LEU D 24 -90.50 -79.85 29.14
C LEU D 24 -90.53 -78.65 28.21
N LEU D 25 -91.59 -78.49 27.41
CA LEU D 25 -91.78 -77.40 26.43
C LEU D 25 -92.21 -76.16 27.21
N LEU D 26 -92.96 -76.35 28.30
CA LEU D 26 -93.53 -75.24 29.11
C LEU D 26 -92.42 -74.45 29.82
N LEU D 27 -91.52 -75.15 30.52
CA LEU D 27 -90.41 -74.51 31.28
C LEU D 27 -89.49 -73.81 30.29
N THR D 28 -89.21 -74.41 29.14
CA THR D 28 -88.34 -73.83 28.09
C THR D 28 -88.93 -72.50 27.64
N LEU D 29 -90.25 -72.41 27.44
CA LEU D 29 -90.92 -71.19 26.92
C LEU D 29 -90.73 -70.00 27.88
N LEU D 30 -90.80 -70.19 29.19
CA LEU D 30 -90.64 -69.14 30.23
C LEU D 30 -89.26 -68.50 30.07
N PHE D 31 -88.19 -69.31 30.09
CA PHE D 31 -86.80 -68.83 29.90
C PHE D 31 -86.72 -67.99 28.62
N ILE D 32 -87.24 -68.50 27.50
CA ILE D 32 -87.18 -67.79 26.20
C ILE D 32 -87.82 -66.41 26.35
N ILE D 33 -89.03 -66.32 26.91
CA ILE D 33 -89.76 -65.04 27.10
C ILE D 33 -88.92 -64.11 27.96
N ILE D 34 -88.34 -64.62 29.06
CA ILE D 34 -87.49 -63.81 29.98
C ILE D 34 -86.34 -63.21 29.16
N ALA D 35 -85.64 -64.03 28.38
CA ALA D 35 -84.50 -63.58 27.53
C ALA D 35 -84.99 -62.49 26.57
N VAL D 36 -86.13 -62.69 25.91
CA VAL D 36 -86.71 -61.72 24.94
C VAL D 36 -86.95 -60.39 25.66
N ALA D 37 -87.52 -60.41 26.86
CA ALA D 37 -87.82 -59.19 27.66
C ALA D 37 -86.52 -58.49 28.05
N ILE D 38 -85.48 -59.26 28.41
CA ILE D 38 -84.16 -58.67 28.81
C ILE D 38 -83.53 -58.04 27.57
N GLY D 39 -83.80 -58.59 26.39
CA GLY D 39 -83.24 -58.10 25.11
C GLY D 39 -83.64 -56.67 24.80
N ILE D 40 -84.84 -56.23 25.20
CA ILE D 40 -85.34 -54.86 24.93
C ILE D 40 -84.62 -53.89 25.87
N TYR D 41 -84.50 -54.25 27.15
CA TYR D 41 -83.86 -53.36 28.15
C TYR D 41 -82.43 -53.08 27.68
N TRP D 42 -81.66 -54.16 27.46
CA TRP D 42 -80.25 -54.05 27.04
C TRP D 42 -80.17 -53.32 25.71
N PHE D 43 -81.12 -53.51 24.78
CA PHE D 43 -81.20 -52.77 23.49
C PHE D 43 -81.22 -51.28 23.81
N LEU D 44 -82.25 -50.80 24.51
CA LEU D 44 -82.43 -49.37 24.86
C LEU D 44 -81.14 -48.86 25.52
N VAL D 45 -80.60 -49.58 26.51
CA VAL D 45 -79.37 -49.19 27.26
C VAL D 45 -78.24 -48.86 26.27
N LEU D 46 -77.90 -49.79 25.36
CA LEU D 46 -76.75 -49.62 24.43
C LEU D 46 -77.07 -48.59 23.35
N ARG D 47 -78.33 -48.45 22.96
CA ARG D 47 -78.76 -47.53 21.86
C ARG D 47 -78.59 -46.06 22.31
N HIS D 48 -78.82 -45.75 23.58
CA HIS D 48 -78.79 -44.34 24.08
C HIS D 48 -77.38 -43.87 24.49
N PHE D 49 -76.30 -44.64 24.26
CA PHE D 49 -74.93 -44.33 24.77
C PHE D 49 -73.85 -45.11 24.03
N GLU D 50 -72.91 -44.43 23.37
CA GLU D 50 -71.75 -45.06 22.68
C GLU D 50 -70.64 -45.18 23.72
N GLU D 51 -70.35 -46.37 24.24
CA GLU D 51 -69.42 -46.49 25.36
C GLU D 51 -68.18 -47.26 24.95
N THR D 52 -67.05 -46.88 25.55
CA THR D 52 -65.82 -47.63 25.36
C THR D 52 -64.96 -47.56 26.62
N ASP D 53 -64.21 -48.62 26.92
CA ASP D 53 -63.30 -48.67 28.10
C ASP D 53 -61.86 -48.55 27.60
N ASP D 54 -61.66 -48.22 26.33
CA ASP D 54 -60.31 -48.07 25.72
C ASP D 54 -59.93 -46.58 25.70
N ALA D 55 -60.21 -45.83 26.78
CA ALA D 55 -59.93 -44.41 26.83
C ALA D 55 -58.97 -44.12 27.97
N TYR D 56 -57.88 -43.43 27.65
CA TYR D 56 -56.87 -43.03 28.63
C TYR D 56 -56.93 -41.51 28.81
N VAL D 57 -56.06 -41.01 29.68
CA VAL D 57 -56.00 -39.59 29.99
C VAL D 57 -54.73 -39.03 29.35
N ALA D 58 -54.89 -38.00 28.53
CA ALA D 58 -53.80 -37.44 27.75
C ALA D 58 -53.55 -36.00 28.15
N GLY D 59 -52.29 -35.59 28.07
CA GLY D 59 -51.90 -34.24 28.40
C GLY D 59 -50.61 -33.89 27.70
N ASN D 60 -50.09 -32.70 28.03
CA ASN D 60 -48.88 -32.18 27.41
C ASN D 60 -47.68 -32.47 28.30
N GLN D 61 -46.64 -33.05 27.71
CA GLN D 61 -45.37 -33.26 28.37
C GLN D 61 -44.27 -32.66 27.49
N ILE D 62 -43.32 -32.00 28.13
CA ILE D 62 -42.30 -31.23 27.44
C ILE D 62 -40.93 -31.79 27.80
N GLN D 63 -40.12 -32.05 26.78
CA GLN D 63 -38.73 -32.42 26.99
C GLN D 63 -37.86 -31.19 27.08
N ILE D 64 -36.82 -31.26 27.90
CA ILE D 64 -35.94 -30.14 28.18
C ILE D 64 -34.62 -30.39 27.46
N MET D 65 -34.27 -29.51 26.54
CA MET D 65 -33.06 -29.64 25.75
C MET D 65 -32.30 -28.32 25.76
N SER D 66 -30.97 -28.41 25.84
CA SER D 66 -30.14 -27.23 25.86
C SER D 66 -30.05 -26.59 24.47
N GLN D 67 -29.77 -25.30 24.45
CA GLN D 67 -29.47 -24.58 23.22
C GLN D 67 -27.98 -24.48 22.96
N VAL D 68 -27.16 -25.01 23.86
CA VAL D 68 -25.71 -24.96 23.75
C VAL D 68 -25.16 -26.33 24.11
N SER D 69 -23.83 -26.43 24.15
CA SER D 69 -23.14 -27.65 24.54
C SER D 69 -22.17 -27.33 25.67
N GLY D 70 -22.17 -28.16 26.70
CA GLY D 70 -21.32 -27.90 27.83
C GLY D 70 -21.24 -29.11 28.74
N SER D 71 -20.76 -28.88 29.96
CA SER D 71 -20.64 -29.91 30.97
C SER D 71 -21.45 -29.49 32.19
N VAL D 72 -22.25 -30.43 32.71
CA VAL D 72 -23.17 -30.10 33.78
C VAL D 72 -22.40 -29.86 35.07
N THR D 73 -22.86 -28.89 35.86
CA THR D 73 -22.30 -28.61 37.17
C THR D 73 -23.33 -28.58 38.29
N LYS D 74 -24.62 -28.45 37.99
CA LYS D 74 -25.65 -28.44 39.02
C LYS D 74 -26.93 -29.04 38.45
N VAL D 75 -27.78 -29.52 39.35
CA VAL D 75 -29.13 -29.94 39.02
C VAL D 75 -30.06 -29.46 40.12
N TRP D 76 -31.21 -28.92 39.73
CA TRP D 76 -32.09 -28.21 40.65
C TRP D 76 -33.45 -28.87 40.86
N ALA D 77 -33.78 -29.92 40.12
CA ALA D 77 -35.02 -30.67 40.31
C ALA D 77 -34.72 -32.14 40.11
N ASP D 78 -35.16 -32.97 41.05
CA ASP D 78 -34.78 -34.39 41.06
C ASP D 78 -35.84 -35.25 40.36
N ASN D 79 -37.04 -35.26 40.92
CA ASN D 79 -38.15 -36.02 40.32
C ASN D 79 -39.37 -35.69 41.15
N THR D 80 -40.54 -35.67 40.51
CA THR D 80 -41.80 -35.39 41.19
C THR D 80 -41.71 -34.13 42.03
N ASP D 81 -41.04 -33.13 41.47
CA ASP D 81 -40.81 -31.86 42.14
C ASP D 81 -41.49 -30.76 41.35
N PHE D 82 -42.05 -29.79 42.07
CA PHE D 82 -42.75 -28.68 41.42
C PHE D 82 -41.75 -27.70 40.83
N VAL D 83 -42.07 -27.20 39.63
CA VAL D 83 -41.23 -26.28 38.91
C VAL D 83 -42.09 -25.13 38.41
N LYS D 84 -41.61 -23.90 38.60
CA LYS D 84 -42.26 -22.73 38.06
C LYS D 84 -41.62 -22.36 36.73
N GLU D 85 -42.33 -21.55 35.94
CA GLU D 85 -41.82 -21.10 34.66
C GLU D 85 -40.75 -20.04 34.87
N GLY D 86 -39.59 -20.23 34.24
CA GLY D 86 -38.48 -19.32 34.40
C GLY D 86 -37.40 -19.79 35.36
N ASP D 87 -37.60 -20.92 36.04
CA ASP D 87 -36.62 -21.41 36.99
C ASP D 87 -35.55 -22.24 36.30
N VAL D 88 -34.35 -22.22 36.87
CA VAL D 88 -33.23 -22.97 36.33
C VAL D 88 -33.31 -24.42 36.79
N LEU D 89 -33.06 -25.34 35.86
CA LEU D 89 -33.00 -26.76 36.16
C LEU D 89 -31.61 -27.35 36.02
N VAL D 90 -30.73 -26.72 35.24
CA VAL D 90 -29.40 -27.25 34.98
C VAL D 90 -28.48 -26.07 34.68
N THR D 91 -27.23 -26.18 35.11
CA THR D 91 -26.22 -25.18 34.84
C THR D 91 -24.97 -25.84 34.28
N LEU D 92 -24.25 -25.10 33.44
CA LEU D 92 -23.09 -25.60 32.72
C LEU D 92 -21.85 -24.80 33.09
N ASP D 93 -20.70 -25.36 32.79
CA ASP D 93 -19.43 -24.68 33.05
C ASP D 93 -19.28 -23.52 32.08
N PRO D 94 -19.09 -22.29 32.56
CA PRO D 94 -19.08 -21.13 31.65
C PRO D 94 -17.71 -20.71 31.12
N THR D 95 -16.69 -21.55 31.18
CA THR D 95 -15.34 -21.09 30.86
C THR D 95 -15.21 -20.68 29.39
N ASP D 96 -15.59 -21.57 28.48
CA ASP D 96 -15.37 -21.32 27.06
C ASP D 96 -16.22 -20.16 26.56
N ALA D 97 -17.47 -20.10 27.00
CA ALA D 97 -18.34 -19.00 26.59
C ALA D 97 -17.79 -17.67 27.08
N ARG D 98 -17.25 -17.65 28.30
CA ARG D 98 -16.66 -16.42 28.82
C ARG D 98 -15.44 -16.01 27.99
N GLN D 99 -14.62 -16.98 27.59
CA GLN D 99 -13.48 -16.66 26.73
C GLN D 99 -13.94 -16.04 25.42
N ALA D 100 -14.96 -16.63 24.80
CA ALA D 100 -15.46 -16.08 23.54
C ALA D 100 -15.99 -14.66 23.74
N PHE D 101 -16.66 -14.42 24.87
CA PHE D 101 -17.15 -13.08 25.19
C PHE D 101 -16.00 -12.08 25.26
N GLU D 102 -14.91 -12.47 25.93
CA GLU D 102 -13.75 -11.57 26.01
C GLU D 102 -13.19 -11.27 24.63
N LYS D 103 -13.08 -12.28 23.78
CA LYS D 103 -12.57 -12.07 22.43
C LYS D 103 -13.45 -11.07 21.66
N ALA D 104 -14.78 -11.21 21.79
CA ALA D 104 -15.67 -10.29 21.10
C ALA D 104 -15.49 -8.86 21.57
N LYS D 105 -15.35 -8.67 22.89
CA LYS D 105 -15.15 -7.31 23.40
C LYS D 105 -13.85 -6.71 22.86
N THR D 106 -12.80 -7.53 22.77
CA THR D 106 -11.54 -7.05 22.22
C THR D 106 -11.72 -6.57 20.78
N ALA D 107 -12.43 -7.35 19.97
CA ALA D 107 -12.67 -6.94 18.59
C ALA D 107 -13.42 -5.62 18.53
N LEU D 108 -14.42 -5.46 19.40
CA LEU D 108 -15.17 -4.20 19.43
C LEU D 108 -14.25 -3.01 19.71
N ALA D 109 -13.35 -3.16 20.68
CA ALA D 109 -12.45 -2.06 21.00
C ALA D 109 -11.59 -1.70 19.79
N SER D 110 -11.07 -2.72 19.10
CA SER D 110 -10.25 -2.46 17.92
C SER D 110 -11.03 -1.66 16.88
N SER D 111 -12.28 -2.05 16.63
CA SER D 111 -13.06 -1.35 15.62
C SER D 111 -13.25 0.12 15.99
N VAL D 112 -13.56 0.38 17.26
CA VAL D 112 -13.76 1.76 17.69
C VAL D 112 -12.50 2.58 17.44
N ARG D 113 -11.34 2.03 17.80
CA ARG D 113 -10.10 2.78 17.64
C ARG D 113 -9.84 3.10 16.17
N GLN D 114 -10.06 2.14 15.28
CA GLN D 114 -9.84 2.41 13.86
C GLN D 114 -10.75 3.52 13.36
N THR D 115 -12.02 3.51 13.76
CA THR D 115 -12.94 4.54 13.31
C THR D 115 -12.46 5.92 13.78
N HIS D 116 -12.03 6.02 15.04
CA HIS D 116 -11.50 7.29 15.51
C HIS D 116 -10.30 7.74 14.69
N GLN D 117 -9.43 6.80 14.30
CA GLN D 117 -8.29 7.17 13.48
C GLN D 117 -8.74 7.82 12.17
N LEU D 118 -9.76 7.25 11.53
CA LEU D 118 -10.26 7.89 10.31
C LEU D 118 -10.77 9.30 10.60
N MET D 119 -11.49 9.47 11.70
CA MET D 119 -12.02 10.78 12.03
C MET D 119 -10.90 11.81 12.24
N ILE D 120 -9.70 11.37 12.60
CA ILE D 120 -8.56 12.29 12.69
C ILE D 120 -7.92 12.53 11.32
N ASN D 121 -7.87 11.50 10.48
CA ASN D 121 -7.35 11.69 9.12
C ASN D 121 -8.09 12.82 8.42
N SER D 122 -9.38 12.98 8.71
CA SER D 122 -10.13 14.08 8.11
C SER D 122 -9.47 15.43 8.41
N LYS D 123 -9.10 15.65 9.67
CA LYS D 123 -8.47 16.92 10.04
C LYS D 123 -7.12 17.09 9.36
N GLN D 124 -6.37 16.00 9.23
CA GLN D 124 -5.12 16.09 8.46
C GLN D 124 -5.37 16.64 7.06
N LEU D 125 -6.38 16.08 6.38
CA LEU D 125 -6.70 16.56 5.04
C LEU D 125 -7.10 18.02 5.04
N GLN D 126 -7.83 18.45 6.07
CA GLN D 126 -8.22 19.87 6.15
C GLN D 126 -6.99 20.77 6.21
N ALA D 127 -6.00 20.39 7.00
CA ALA D 127 -4.78 21.19 7.07
C ALA D 127 -4.09 21.28 5.70
N ASN D 128 -4.04 20.15 4.99
CA ASN D 128 -3.48 20.20 3.63
C ASN D 128 -4.23 21.21 2.76
N ILE D 129 -5.56 21.21 2.86
CA ILE D 129 -6.36 22.17 2.09
C ILE D 129 -5.94 23.59 2.42
N GLU D 130 -5.73 23.87 3.71
CA GLU D 130 -5.36 25.23 4.12
C GLU D 130 -4.04 25.63 3.47
N VAL D 131 -3.07 24.72 3.45
CA VAL D 131 -1.79 25.04 2.81
C VAL D 131 -2.02 25.44 1.35
N GLN D 132 -2.78 24.62 0.62
CA GLN D 132 -2.98 24.91 -0.80
C GLN D 132 -3.69 26.25 -1.00
N LYS D 133 -4.65 26.57 -0.12
CA LYS D 133 -5.34 27.85 -0.22
C LYS D 133 -4.36 29.00 -0.08
N ILE D 134 -3.44 28.91 0.89
CA ILE D 134 -2.46 29.99 1.05
C ILE D 134 -1.62 30.15 -0.21
N ALA D 135 -1.20 29.02 -0.79
CA ALA D 135 -0.38 29.12 -2.01
C ALA D 135 -1.14 29.85 -3.12
N LEU D 136 -2.41 29.49 -3.31
CA LEU D 136 -3.19 30.14 -4.36
C LEU D 136 -3.33 31.64 -4.09
N ALA D 137 -3.57 32.01 -2.84
CA ALA D 137 -3.71 33.43 -2.52
C ALA D 137 -2.44 34.20 -2.84
N LYS D 138 -1.27 33.62 -2.50
CA LYS D 138 0.00 34.28 -2.79
C LYS D 138 0.15 34.51 -4.30
N ALA D 139 -0.09 33.47 -5.09
CA ALA D 139 0.09 33.63 -6.54
C ALA D 139 -0.87 34.68 -7.10
N GLN D 140 -2.12 34.66 -6.63
CA GLN D 140 -3.10 35.63 -7.13
C GLN D 140 -2.67 37.06 -6.80
N SER D 141 -2.17 37.26 -5.58
CA SER D 141 -1.75 38.61 -5.19
C SER D 141 -0.60 39.10 -6.06
N ASP D 142 0.37 38.22 -6.34
CA ASP D 142 1.48 38.62 -7.20
C ASP D 142 0.98 39.00 -8.60
N TYR D 143 0.10 38.18 -9.17
CA TYR D 143 -0.40 38.48 -10.51
C TYR D 143 -1.14 39.81 -10.53
N ASN D 144 -1.98 40.05 -9.52
CA ASN D 144 -2.69 41.32 -9.46
C ASN D 144 -1.71 42.49 -9.37
N ARG D 145 -0.66 42.34 -8.57
CA ARG D 145 0.38 43.40 -8.42
C ARG D 145 1.02 43.68 -9.78
N ARG D 146 1.27 42.65 -10.59
CA ARG D 146 1.97 42.80 -11.89
C ARG D 146 1.06 43.29 -13.00
N VAL D 147 -0.26 43.08 -12.91
CA VAL D 147 -1.14 43.40 -14.05
C VAL D 147 -1.05 44.85 -14.47
N PRO D 148 -1.17 45.85 -13.59
CA PRO D 148 -1.29 47.24 -14.07
C PRO D 148 -0.12 47.71 -14.92
N LEU D 149 1.07 47.17 -14.66
CA LEU D 149 2.31 47.55 -15.39
C LEU D 149 2.12 47.21 -16.87
N GLY D 150 1.54 46.05 -17.20
CA GLY D 150 1.34 45.65 -18.58
C GLY D 150 0.40 46.57 -19.33
N ASN D 151 -0.65 47.05 -18.65
CA ASN D 151 -1.56 47.99 -19.28
C ASN D 151 -0.83 49.26 -19.72
N ALA D 152 0.27 49.59 -19.04
CA ALA D 152 1.10 50.72 -19.41
C ALA D 152 2.31 50.31 -20.25
N ASN D 153 2.42 49.03 -20.61
CA ASN D 153 3.51 48.56 -21.46
C ASN D 153 4.87 48.82 -20.81
N LEU D 154 5.11 48.18 -19.65
CA LEU D 154 6.36 48.36 -18.86
C LEU D 154 7.13 47.04 -18.78
N ILE D 155 6.47 45.92 -18.45
CA ILE D 155 7.11 44.58 -18.24
C ILE D 155 6.83 43.70 -19.46
N GLY D 156 7.67 42.68 -19.72
CA GLY D 156 7.48 41.78 -20.84
C GLY D 156 6.20 40.98 -20.73
N ARG D 157 5.73 40.52 -21.89
CA ARG D 157 4.49 39.75 -21.93
C ARG D 157 4.68 38.34 -21.38
N GLU D 158 5.88 37.78 -21.43
CA GLU D 158 6.13 36.38 -21.01
C GLU D 158 6.07 36.35 -19.48
N GLU D 159 6.30 37.46 -18.82
CA GLU D 159 6.23 37.56 -17.34
C GLU D 159 4.75 37.49 -16.91
N LEU D 160 3.85 38.20 -17.60
CA LEU D 160 2.43 38.14 -17.31
C LEU D 160 1.85 36.77 -17.65
N GLN D 161 2.30 36.20 -18.77
CA GLN D 161 1.84 34.86 -19.14
C GLN D 161 2.17 33.87 -18.03
N HIS D 162 3.39 33.97 -17.50
CA HIS D 162 3.88 33.05 -16.44
C HIS D 162 3.12 33.30 -15.13
N ALA D 163 2.66 34.53 -14.88
CA ALA D 163 1.84 34.82 -13.69
C ALA D 163 0.46 34.18 -13.81
N ARG D 164 -0.18 34.34 -14.96
CA ARG D 164 -1.50 33.72 -15.15
C ARG D 164 -1.40 32.21 -15.07
N ASP D 165 -0.37 31.63 -15.70
CA ASP D 165 -0.20 30.19 -15.64
C ASP D 165 -0.03 29.72 -14.20
N ALA D 166 0.72 30.47 -13.40
CA ALA D 166 0.92 30.10 -12.00
C ALA D 166 -0.40 30.12 -11.24
N VAL D 167 -1.22 31.15 -11.48
CA VAL D 167 -2.50 31.22 -10.79
C VAL D 167 -3.38 30.02 -11.17
N THR D 168 -3.43 29.69 -12.46
CA THR D 168 -4.25 28.56 -12.89
C THR D 168 -3.75 27.25 -12.27
N SER D 169 -2.43 27.06 -12.24
CA SER D 169 -1.88 25.84 -11.64
C SER D 169 -2.22 25.75 -10.16
N ALA D 170 -2.13 26.88 -9.45
CA ALA D 170 -2.49 26.88 -8.03
C ALA D 170 -3.95 26.52 -7.83
N GLN D 171 -4.83 27.02 -8.69
CA GLN D 171 -6.23 26.66 -8.60
C GLN D 171 -6.41 25.16 -8.80
N ALA D 172 -5.72 24.58 -9.79
CA ALA D 172 -5.83 23.16 -10.01
C ALA D 172 -5.37 22.37 -8.79
N GLN D 173 -4.26 22.79 -8.18
CA GLN D 173 -3.77 22.07 -7.01
C GLN D 173 -4.75 22.15 -5.85
N LEU D 174 -5.36 23.32 -5.65
CA LEU D 174 -6.37 23.43 -4.59
C LEU D 174 -7.55 22.52 -4.87
N ASP D 175 -7.95 22.39 -6.13
CA ASP D 175 -9.01 21.45 -6.48
C ASP D 175 -8.61 20.03 -6.10
N VAL D 176 -7.36 19.66 -6.38
CA VAL D 176 -6.87 18.32 -6.03
C VAL D 176 -6.99 18.11 -4.53
N ALA D 177 -6.58 19.09 -3.75
CA ALA D 177 -6.65 18.95 -2.29
C ALA D 177 -8.08 18.82 -1.81
N ILE D 178 -8.98 19.65 -2.34
CA ILE D 178 -10.38 19.57 -1.93
C ILE D 178 -10.93 18.19 -2.24
N GLN D 179 -10.61 17.65 -3.41
CA GLN D 179 -11.10 16.32 -3.76
C GLN D 179 -10.53 15.26 -2.83
N GLN D 180 -9.22 15.34 -2.51
CA GLN D 180 -8.66 14.41 -1.55
C GLN D 180 -9.42 14.45 -0.24
N TYR D 181 -9.88 15.63 0.16
CA TYR D 181 -10.65 15.74 1.39
C TYR D 181 -12.05 15.13 1.23
N ASN D 182 -12.69 15.38 0.09
CA ASN D 182 -14.05 14.88 -0.10
C ASN D 182 -14.10 13.36 -0.03
N ALA D 183 -13.14 12.69 -0.65
CA ALA D 183 -12.90 11.29 -0.33
C ALA D 183 -12.27 11.21 1.05
N ASN D 184 -12.63 10.16 1.78
CA ASN D 184 -12.34 9.99 3.20
C ASN D 184 -13.34 10.77 4.05
N GLN D 185 -14.18 11.60 3.44
CA GLN D 185 -15.37 12.12 4.10
C GLN D 185 -16.59 11.28 3.80
N ALA D 186 -16.52 10.41 2.79
CA ALA D 186 -17.59 9.46 2.55
C ALA D 186 -17.60 8.35 3.59
N MET D 187 -16.45 8.05 4.19
CA MET D 187 -16.39 7.05 5.24
C MET D 187 -16.94 7.57 6.56
N ILE D 188 -16.84 8.86 6.79
CA ILE D 188 -17.16 9.46 8.08
C ILE D 188 -18.47 10.21 7.98
N LEU D 189 -19.35 9.76 7.07
CA LEU D 189 -20.63 10.42 6.89
C LEU D 189 -21.42 10.45 8.20
N GLY D 190 -21.55 9.31 8.86
CA GLY D 190 -22.29 9.26 10.10
C GLY D 190 -21.70 10.18 11.14
N THR D 191 -22.55 10.98 11.77
CA THR D 191 -22.08 12.01 12.70
C THR D 191 -21.42 11.39 13.92
N LYS D 192 -22.01 10.35 14.49
CA LYS D 192 -21.60 9.82 15.79
C LYS D 192 -20.71 8.59 15.63
N LEU D 193 -19.70 8.50 16.49
CA LEU D 193 -18.76 7.38 16.43
C LEU D 193 -19.46 6.06 16.71
N GLU D 194 -20.44 6.05 17.62
CA GLU D 194 -21.08 4.81 18.01
C GLU D 194 -22.00 4.27 16.91
N ASP D 195 -22.36 5.10 15.94
CA ASP D 195 -23.29 4.71 14.89
C ASP D 195 -22.58 4.28 13.61
N GLN D 196 -21.26 4.25 13.58
CA GLN D 196 -20.55 3.95 12.36
C GLN D 196 -20.69 2.47 11.99
N PRO D 197 -20.72 2.15 10.69
CA PRO D 197 -20.96 0.75 10.28
C PRO D 197 -19.98 -0.24 10.87
N ALA D 198 -18.70 0.14 10.96
CA ALA D 198 -17.69 -0.80 11.44
C ALA D 198 -17.94 -1.18 12.90
N VAL D 199 -18.30 -0.21 13.74
CA VAL D 199 -18.46 -0.47 15.17
C VAL D 199 -19.65 -1.37 15.42
N GLN D 200 -20.74 -1.16 14.66
CA GLN D 200 -21.95 -1.94 14.89
C GLN D 200 -21.73 -3.42 14.56
N GLN D 201 -20.92 -3.71 13.55
CA GLN D 201 -20.62 -5.10 13.22
C GLN D 201 -20.07 -5.84 14.43
N ALA D 202 -19.07 -5.27 15.10
CA ALA D 202 -18.51 -5.89 16.28
C ALA D 202 -19.51 -5.96 17.43
N ALA D 203 -20.40 -4.97 17.54
CA ALA D 203 -21.43 -5.03 18.57
C ALA D 203 -22.34 -6.23 18.37
N THR D 204 -22.66 -6.55 17.12
CA THR D 204 -23.48 -7.73 16.85
C THR D 204 -22.80 -9.00 17.35
N GLU D 205 -21.50 -9.14 17.10
CA GLU D 205 -20.77 -10.32 17.55
C GLU D 205 -20.73 -10.36 19.07
N VAL D 206 -20.54 -9.21 19.72
CA VAL D 206 -20.61 -9.15 21.17
C VAL D 206 -21.95 -9.66 21.66
N ARG D 207 -23.03 -9.25 21.00
CA ARG D 207 -24.36 -9.68 21.40
C ARG D 207 -24.52 -11.19 21.26
N ASN D 208 -24.04 -11.74 20.14
CA ASN D 208 -24.14 -13.19 19.95
C ASN D 208 -23.38 -13.94 21.03
N ALA D 209 -22.16 -13.50 21.34
CA ALA D 209 -21.38 -14.15 22.39
C ALA D 209 -22.08 -14.05 23.73
N TRP D 210 -22.66 -12.88 24.04
CA TRP D 210 -23.34 -12.71 25.32
C TRP D 210 -24.55 -13.63 25.43
N LEU D 211 -25.33 -13.75 24.35
CA LEU D 211 -26.45 -14.70 24.38
C LEU D 211 -25.96 -16.12 24.57
N ALA D 212 -24.81 -16.44 23.96
CA ALA D 212 -24.23 -17.77 24.16
C ALA D 212 -23.89 -18.00 25.63
N LEU D 213 -23.35 -16.98 26.31
CA LEU D 213 -22.96 -17.15 27.70
C LEU D 213 -24.19 -17.20 28.62
N GLU D 214 -25.19 -16.37 28.34
CA GLU D 214 -26.40 -16.36 29.17
C GLU D 214 -27.18 -17.65 29.07
N ARG D 215 -26.95 -18.46 28.04
CA ARG D 215 -27.70 -19.68 27.82
C ARG D 215 -27.03 -20.91 28.45
N THR D 216 -25.96 -20.71 29.22
CA THR D 216 -25.38 -21.81 29.97
C THR D 216 -26.26 -22.21 31.15
N ARG D 217 -27.29 -21.42 31.47
CA ARG D 217 -28.29 -21.77 32.47
C ARG D 217 -29.57 -22.14 31.75
N ILE D 218 -30.03 -23.37 31.97
CA ILE D 218 -31.16 -23.93 31.23
C ILE D 218 -32.43 -23.69 32.03
N ILE D 219 -33.37 -22.97 31.44
CA ILE D 219 -34.57 -22.49 32.12
C ILE D 219 -35.75 -23.35 31.72
N SER D 220 -36.68 -23.55 32.66
CA SER D 220 -37.90 -24.29 32.38
C SER D 220 -38.88 -23.42 31.62
N PRO D 221 -39.43 -23.88 30.50
CA PRO D 221 -40.43 -23.08 29.78
C PRO D 221 -41.87 -23.24 30.26
N MET D 222 -42.15 -24.15 31.19
CA MET D 222 -43.52 -24.44 31.55
C MET D 222 -43.60 -24.83 33.03
N THR D 223 -44.68 -24.40 33.67
CA THR D 223 -44.97 -24.86 35.03
C THR D 223 -45.43 -26.31 34.98
N GLY D 224 -44.91 -27.13 35.89
CA GLY D 224 -45.26 -28.53 35.90
C GLY D 224 -44.43 -29.30 36.90
N TYR D 225 -44.34 -30.61 36.66
CA TYR D 225 -43.71 -31.54 37.58
C TYR D 225 -42.72 -32.41 36.83
N VAL D 226 -41.62 -32.74 37.49
CA VAL D 226 -40.51 -33.47 36.87
C VAL D 226 -40.81 -34.95 36.92
N SER D 227 -40.62 -35.64 35.79
CA SER D 227 -40.99 -37.04 35.65
C SER D 227 -39.79 -37.96 35.47
N ARG D 228 -38.94 -37.71 34.48
CA ARG D 228 -37.75 -38.51 34.23
C ARG D 228 -36.54 -37.61 34.33
N ARG D 229 -35.44 -38.15 34.86
CA ARG D 229 -34.22 -37.37 35.05
C ARG D 229 -33.03 -38.23 34.61
N ALA D 230 -32.53 -37.95 33.41
CA ALA D 230 -31.37 -38.65 32.85
C ALA D 230 -30.17 -37.74 32.73
N VAL D 231 -30.04 -36.77 33.65
CA VAL D 231 -28.94 -35.82 33.65
C VAL D 231 -28.26 -35.91 35.01
N GLN D 232 -26.94 -36.05 34.99
CA GLN D 232 -26.13 -36.15 36.20
C GLN D 232 -25.01 -35.14 36.12
N PRO D 233 -24.48 -34.72 37.26
CA PRO D 233 -23.29 -33.84 37.22
C PRO D 233 -22.17 -34.50 36.45
N GLY D 234 -21.54 -33.71 35.57
CA GLY D 234 -20.43 -34.20 34.77
C GLY D 234 -20.80 -34.74 33.41
N ALA D 235 -22.08 -34.83 33.08
CA ALA D 235 -22.48 -35.33 31.78
C ALA D 235 -22.14 -34.35 30.67
N GLN D 236 -21.83 -34.89 29.50
CA GLN D 236 -21.54 -34.08 28.32
C GLN D 236 -22.82 -33.96 27.49
N ILE D 237 -23.27 -32.73 27.28
CA ILE D 237 -24.60 -32.44 26.75
C ILE D 237 -24.49 -31.68 25.45
N SER D 238 -25.30 -32.09 24.47
CA SER D 238 -25.46 -31.37 23.22
C SER D 238 -26.92 -30.96 23.10
N PRO D 239 -27.29 -30.17 22.09
CA PRO D 239 -28.70 -29.76 21.96
C PRO D 239 -29.62 -30.85 21.44
N THR D 240 -29.14 -32.09 21.38
CA THR D 240 -29.95 -33.22 20.95
C THR D 240 -30.14 -34.27 22.05
N THR D 241 -29.63 -34.04 23.25
CA THR D 241 -29.73 -35.00 24.34
C THR D 241 -30.89 -34.64 25.24
N PRO D 242 -31.89 -35.51 25.41
CA PRO D 242 -32.94 -35.22 26.39
C PRO D 242 -32.40 -35.17 27.81
N LEU D 243 -32.98 -34.30 28.61
CA LEU D 243 -32.54 -34.06 29.98
C LEU D 243 -33.60 -34.40 31.02
N MET D 244 -34.80 -33.87 30.88
CA MET D 244 -35.86 -34.08 31.87
C MET D 244 -37.20 -34.12 31.13
N ALA D 245 -38.28 -34.12 31.90
CA ALA D 245 -39.60 -33.88 31.37
C ALA D 245 -40.39 -33.09 32.41
N VAL D 246 -41.27 -32.22 31.94
CA VAL D 246 -42.15 -31.45 32.81
C VAL D 246 -43.58 -31.68 32.35
N VAL D 247 -44.40 -32.20 33.26
CA VAL D 247 -45.79 -32.55 32.95
C VAL D 247 -46.70 -31.66 33.80
N PRO D 248 -47.28 -30.62 33.21
CA PRO D 248 -48.28 -29.83 33.95
C PRO D 248 -49.49 -30.66 34.30
N ALA D 249 -50.38 -30.12 35.14
CA ALA D 249 -51.61 -30.82 35.56
C ALA D 249 -52.81 -29.88 35.39
N THR D 250 -52.78 -28.99 34.39
CA THR D 250 -53.85 -28.00 34.23
C THR D 250 -54.85 -28.40 33.16
N ASN D 251 -54.39 -28.62 31.93
CA ASN D 251 -55.26 -28.92 30.79
C ASN D 251 -55.05 -30.36 30.39
N MET D 252 -55.98 -31.22 30.80
CA MET D 252 -55.92 -32.64 30.50
C MET D 252 -57.21 -33.07 29.82
N TRP D 253 -57.09 -33.96 28.85
CA TRP D 253 -58.24 -34.45 28.10
C TRP D 253 -58.17 -35.98 28.02
N VAL D 254 -59.20 -36.56 27.42
CA VAL D 254 -59.34 -38.00 27.31
C VAL D 254 -59.28 -38.39 25.83
N ASP D 255 -58.68 -39.53 25.56
CA ASP D 255 -58.51 -40.04 24.20
C ASP D 255 -59.17 -41.42 24.13
N ALA D 256 -60.38 -41.48 23.60
CA ALA D 256 -61.16 -42.71 23.53
C ALA D 256 -61.01 -43.33 22.15
N ASN D 257 -60.78 -44.63 22.11
CA ASN D 257 -60.59 -45.37 20.86
C ASN D 257 -61.85 -46.21 20.61
N PHE D 258 -62.79 -45.64 19.86
CA PHE D 258 -64.03 -46.33 19.53
C PHE D 258 -63.85 -47.15 18.26
N LYS D 259 -64.68 -48.18 18.13
CA LYS D 259 -64.62 -49.02 16.95
C LYS D 259 -65.16 -48.27 15.74
N GLU D 260 -64.89 -48.83 14.56
CA GLU D 260 -65.43 -48.29 13.33
C GLU D 260 -66.96 -48.29 13.34
N THR D 261 -67.57 -49.15 14.15
CA THR D 261 -68.99 -49.40 14.09
C THR D 261 -69.79 -48.59 15.11
N GLN D 262 -69.15 -47.64 15.80
CA GLN D 262 -69.84 -46.77 16.73
C GLN D 262 -69.73 -45.30 16.39
N ILE D 263 -68.83 -44.91 15.48
CA ILE D 263 -68.58 -43.50 15.20
C ILE D 263 -69.47 -43.03 14.06
N ALA D 264 -70.48 -43.83 13.72
CA ALA D 264 -71.40 -43.44 12.65
C ALA D 264 -72.20 -42.20 13.02
N ASN D 265 -72.71 -42.15 14.26
CA ASN D 265 -73.64 -41.10 14.68
C ASN D 265 -73.01 -40.13 15.68
N MET D 266 -71.71 -39.88 15.56
CA MET D 266 -71.01 -39.00 16.49
C MET D 266 -70.89 -37.61 15.87
N ARG D 267 -71.21 -36.59 16.65
CA ARG D 267 -71.12 -35.21 16.22
C ARG D 267 -70.38 -34.40 17.28
N ILE D 268 -69.79 -33.29 16.87
CA ILE D 268 -69.04 -32.44 17.80
C ILE D 268 -70.02 -31.77 18.75
N GLY D 269 -69.63 -31.68 20.02
CA GLY D 269 -70.43 -31.00 21.02
C GLY D 269 -71.39 -31.89 21.78
N GLN D 270 -71.42 -33.18 21.50
CA GLN D 270 -72.35 -34.06 22.19
C GLN D 270 -71.93 -34.23 23.65
N PRO D 271 -72.90 -34.41 24.56
CA PRO D 271 -72.55 -34.64 25.97
C PRO D 271 -71.79 -35.94 26.16
N VAL D 272 -70.94 -35.96 27.18
CA VAL D 272 -70.12 -37.12 27.52
C VAL D 272 -70.02 -37.24 29.03
N THR D 273 -69.84 -38.47 29.50
CA THR D 273 -69.66 -38.75 30.92
C THR D 273 -68.47 -39.71 31.07
N ILE D 274 -67.56 -39.38 31.98
CA ILE D 274 -66.32 -40.12 32.16
C ILE D 274 -66.19 -40.52 33.61
N THR D 275 -65.89 -41.79 33.85
CA THR D 275 -65.65 -42.30 35.20
C THR D 275 -64.30 -43.02 35.21
N THR D 276 -63.35 -42.47 35.95
CA THR D 276 -62.03 -43.08 36.04
C THR D 276 -62.08 -44.32 36.93
N ASP D 277 -60.94 -44.99 37.04
CA ASP D 277 -60.84 -46.19 37.86
C ASP D 277 -60.19 -45.92 39.21
N ILE D 278 -59.31 -44.92 39.28
CA ILE D 278 -58.67 -44.59 40.55
C ILE D 278 -59.72 -44.20 41.58
N TYR D 279 -60.83 -43.62 41.13
CA TYR D 279 -61.87 -43.13 42.03
C TYR D 279 -63.14 -43.98 42.00
N GLY D 280 -63.56 -44.43 40.84
CA GLY D 280 -64.72 -45.30 40.74
C GLY D 280 -66.00 -44.55 40.41
N ASP D 281 -67.12 -45.24 40.67
CA ASP D 281 -68.43 -44.71 40.34
C ASP D 281 -68.89 -43.62 41.29
N ASP D 282 -68.16 -43.37 42.38
CA ASP D 282 -68.52 -42.30 43.30
C ASP D 282 -68.15 -40.93 42.76
N VAL D 283 -67.23 -40.84 41.79
CA VAL D 283 -66.80 -39.59 41.21
C VAL D 283 -67.00 -39.66 39.70
N LYS D 284 -67.68 -38.65 39.14
CA LYS D 284 -68.01 -38.62 37.72
C LYS D 284 -67.53 -37.31 37.11
N TYR D 285 -67.01 -37.40 35.89
CA TYR D 285 -66.52 -36.24 35.16
C TYR D 285 -67.43 -35.98 33.96
N THR D 286 -67.63 -34.70 33.64
CA THR D 286 -68.45 -34.28 32.52
C THR D 286 -67.57 -33.66 31.44
N GLY D 287 -67.94 -33.89 30.18
CA GLY D 287 -67.18 -33.35 29.08
C GLY D 287 -68.01 -33.30 27.82
N LYS D 288 -67.36 -32.90 26.72
CA LYS D 288 -68.00 -32.86 25.42
C LYS D 288 -66.98 -33.20 24.33
N VAL D 289 -67.49 -33.75 23.22
CA VAL D 289 -66.66 -34.15 22.06
C VAL D 289 -65.83 -32.95 21.57
N VAL D 290 -64.60 -33.18 21.12
CA VAL D 290 -63.72 -32.09 20.58
C VAL D 290 -63.65 -32.26 19.06
N GLY D 291 -63.35 -33.46 18.57
CA GLY D 291 -63.28 -33.73 17.12
C GLY D 291 -62.80 -35.14 16.84
N LEU D 292 -63.33 -35.78 15.79
CA LEU D 292 -62.92 -37.15 15.38
C LEU D 292 -61.62 -37.04 14.57
N ASP D 293 -60.62 -37.89 14.87
CA ASP D 293 -59.35 -37.87 14.15
C ASP D 293 -59.54 -38.32 12.71
N MET D 294 -58.58 -37.97 11.84
CA MET D 294 -58.69 -38.27 10.39
C MET D 294 -57.92 -39.54 10.04
N GLY D 295 -57.71 -40.47 10.99
CA GLY D 295 -57.07 -41.72 10.66
C GLY D 295 -57.17 -42.71 11.79
N THR D 296 -57.06 -43.99 11.43
CA THR D 296 -57.11 -45.06 12.41
C THR D 296 -55.76 -45.20 13.12
N GLY D 297 -55.82 -45.73 14.33
CA GLY D 297 -54.60 -45.89 15.11
C GLY D 297 -53.56 -46.73 14.40
N SER D 298 -54.00 -47.82 13.77
CA SER D 298 -53.06 -48.67 13.05
C SER D 298 -52.40 -47.91 11.90
N ALA D 299 -53.18 -47.12 11.16
CA ALA D 299 -52.63 -46.40 10.03
C ALA D 299 -51.61 -45.35 10.47
N PHE D 300 -51.92 -44.60 11.54
CA PHE D 300 -51.06 -43.53 12.01
C PHE D 300 -50.20 -43.95 13.21
N SER D 301 -49.90 -45.23 13.34
CA SER D 301 -49.02 -45.68 14.42
C SER D 301 -47.58 -45.36 14.10
N LEU D 302 -46.75 -45.30 15.15
CA LEU D 302 -45.32 -45.11 14.96
C LEU D 302 -44.70 -46.24 14.16
N LEU D 303 -45.37 -47.39 14.09
CA LEU D 303 -44.95 -48.50 13.25
C LEU D 303 -46.11 -48.91 12.36
N PRO D 304 -45.98 -48.86 11.03
CA PRO D 304 -47.13 -49.15 10.18
C PRO D 304 -47.56 -50.61 10.25
N ALA D 305 -48.83 -50.84 9.93
CA ALA D 305 -49.37 -52.18 9.77
C ALA D 305 -49.37 -52.55 8.29
N GLN D 306 -48.92 -53.76 7.99
CA GLN D 306 -48.70 -54.20 6.61
C GLN D 306 -49.73 -55.26 6.27
N ASN D 307 -50.78 -54.86 5.55
CA ASN D 307 -51.93 -55.71 5.32
C ASN D 307 -51.79 -56.63 4.13
N ALA D 308 -50.82 -56.39 3.24
CA ALA D 308 -50.66 -57.19 2.02
C ALA D 308 -49.55 -58.22 2.26
N THR D 309 -49.88 -59.24 3.05
CA THR D 309 -48.89 -60.25 3.42
C THR D 309 -49.43 -61.68 3.37
N GLY D 310 -50.66 -61.89 2.92
CA GLY D 310 -51.19 -63.25 2.86
C GLY D 310 -51.64 -63.82 4.19
N ASN D 311 -50.81 -63.72 5.21
CA ASN D 311 -51.17 -64.15 6.56
C ASN D 311 -51.92 -63.03 7.29
N TRP D 312 -53.04 -62.64 6.70
CA TRP D 312 -53.82 -61.50 7.16
C TRP D 312 -55.16 -61.97 7.70
N ILE D 313 -55.47 -61.54 8.92
CA ILE D 313 -56.72 -61.87 9.60
C ILE D 313 -57.48 -60.58 9.83
N LYS D 314 -58.76 -60.57 9.46
CA LYS D 314 -59.57 -59.36 9.60
C LYS D 314 -59.73 -58.98 11.06
N VAL D 315 -59.65 -57.68 11.35
CA VAL D 315 -59.82 -57.16 12.69
C VAL D 315 -60.53 -55.83 12.59
N VAL D 316 -61.51 -55.60 13.49
CA VAL D 316 -62.21 -54.34 13.51
C VAL D 316 -61.26 -53.24 13.94
N GLN D 317 -61.31 -52.11 13.23
CA GLN D 317 -60.40 -51.00 13.47
C GLN D 317 -60.98 -50.05 14.51
N ARG D 318 -60.13 -49.14 14.98
CA ARG D 318 -60.50 -48.17 15.99
C ARG D 318 -60.02 -46.79 15.57
N LEU D 319 -60.78 -45.77 15.96
CA LEU D 319 -60.49 -44.39 15.60
C LEU D 319 -60.40 -43.55 16.86
N PRO D 320 -59.30 -42.82 17.09
CA PRO D 320 -59.23 -41.97 18.27
C PRO D 320 -60.26 -40.85 18.23
N VAL D 321 -60.75 -40.47 19.40
CA VAL D 321 -61.69 -39.36 19.55
C VAL D 321 -61.25 -38.56 20.76
N ARG D 322 -61.28 -37.23 20.62
CA ARG D 322 -60.84 -36.33 21.68
C ARG D 322 -62.05 -35.86 22.49
N ILE D 323 -61.91 -35.85 23.82
CA ILE D 323 -62.97 -35.47 24.73
C ILE D 323 -62.44 -34.38 25.66
N GLU D 324 -63.20 -33.29 25.78
CA GLU D 324 -62.79 -32.15 26.59
C GLU D 324 -63.34 -32.31 28.00
N LEU D 325 -62.45 -32.38 28.98
CA LEU D 325 -62.83 -32.45 30.38
C LEU D 325 -63.00 -31.06 30.95
N ASP D 326 -63.81 -30.96 32.01
CA ASP D 326 -63.98 -29.70 32.71
C ASP D 326 -62.87 -29.55 33.75
N GLN D 327 -62.22 -28.38 33.76
CA GLN D 327 -61.05 -28.15 34.64
C GLN D 327 -61.48 -27.86 36.09
N LYS D 328 -62.71 -27.41 36.36
CA LYS D 328 -63.07 -27.02 37.71
C LYS D 328 -63.03 -28.21 38.66
N GLN D 329 -63.49 -29.37 38.21
CA GLN D 329 -63.47 -30.57 39.02
C GLN D 329 -62.13 -31.30 38.99
N LEU D 330 -61.21 -30.89 38.13
CA LEU D 330 -59.88 -31.51 38.12
C LEU D 330 -59.08 -31.10 39.34
N GLU D 331 -59.23 -29.85 39.79
CA GLU D 331 -58.52 -29.43 41.00
C GLU D 331 -58.93 -30.27 42.19
N GLN D 332 -60.23 -30.52 42.35
CA GLN D 332 -60.69 -31.33 43.47
C GLN D 332 -60.17 -32.74 43.37
N TYR D 333 -60.17 -33.32 42.17
CA TYR D 333 -59.78 -34.71 41.95
C TYR D 333 -58.74 -34.76 40.84
N PRO D 334 -57.47 -34.64 41.16
CA PRO D 334 -56.44 -34.64 40.12
C PRO D 334 -56.35 -35.97 39.39
N LEU D 335 -55.91 -35.90 38.13
CA LEU D 335 -55.69 -37.08 37.31
C LEU D 335 -54.28 -37.05 36.75
N ARG D 336 -53.70 -38.24 36.56
CA ARG D 336 -52.34 -38.40 36.00
C ARG D 336 -52.45 -38.87 34.56
N ILE D 337 -51.38 -38.71 33.77
CA ILE D 337 -51.35 -39.13 32.37
C ILE D 337 -51.18 -40.64 32.29
N GLY D 338 -52.05 -41.28 31.53
CA GLY D 338 -52.02 -42.72 31.34
C GLY D 338 -53.07 -43.50 32.08
N LEU D 339 -53.74 -42.89 33.07
CA LEU D 339 -54.80 -43.59 33.77
C LEU D 339 -55.88 -44.02 32.79
N SER D 340 -56.72 -44.95 33.22
CA SER D 340 -57.74 -45.53 32.36
C SER D 340 -59.14 -45.15 32.86
N THR D 341 -60.03 -44.92 31.90
CA THR D 341 -61.40 -44.50 32.23
C THR D 341 -62.38 -45.15 31.27
N LEU D 342 -63.63 -45.22 31.72
CA LEU D 342 -64.74 -45.73 30.92
C LEU D 342 -65.60 -44.56 30.49
N VAL D 343 -65.76 -44.39 29.18
CA VAL D 343 -66.40 -43.21 28.63
C VAL D 343 -67.78 -43.59 28.09
N SER D 344 -68.56 -42.56 27.76
CA SER D 344 -69.93 -42.74 27.32
C SER D 344 -70.40 -41.46 26.62
N VAL D 345 -70.81 -41.59 25.36
CA VAL D 345 -71.23 -40.45 24.56
C VAL D 345 -72.72 -40.55 24.29
N ASN D 346 -73.44 -39.47 24.55
CA ASN D 346 -74.89 -39.40 24.31
C ASN D 346 -75.11 -38.90 22.89
N THR D 347 -75.49 -39.81 22.00
CA THR D 347 -75.68 -39.49 20.59
C THR D 347 -77.14 -39.24 20.23
N THR D 348 -77.97 -38.93 21.23
CA THR D 348 -79.40 -38.77 20.95
C THR D 348 -79.66 -37.63 19.98
N ASN D 349 -78.84 -36.58 20.02
CA ASN D 349 -78.99 -35.43 19.14
C ASN D 349 -77.99 -35.52 18.01
N ARG D 350 -78.48 -35.45 16.77
CA ARG D 350 -77.66 -35.54 15.57
C ARG D 350 -77.90 -34.29 14.75
N ASP D 351 -77.26 -33.19 15.17
CA ASP D 351 -77.34 -31.92 14.45
C ASP D 351 -76.04 -31.18 14.74
N GLY D 352 -75.14 -31.22 13.78
CA GLY D 352 -73.82 -30.65 13.93
C GLY D 352 -72.91 -31.23 12.88
N GLN D 353 -71.71 -30.67 12.81
CA GLN D 353 -70.75 -31.08 11.80
C GLN D 353 -69.82 -32.16 12.36
N VAL D 354 -69.26 -32.95 11.45
CA VAL D 354 -68.27 -33.97 11.81
C VAL D 354 -66.85 -33.51 11.52
N LEU D 355 -66.67 -32.34 10.94
CA LEU D 355 -65.36 -31.77 10.70
C LEU D 355 -65.36 -30.32 11.15
N ALA D 356 -64.20 -29.84 11.60
CA ALA D 356 -64.10 -28.50 12.14
C ALA D 356 -64.21 -27.45 11.02
N ASN D 357 -64.82 -26.33 11.35
CA ASN D 357 -65.00 -25.25 10.38
C ASN D 357 -64.52 -23.90 10.90
N LYS D 358 -64.71 -23.60 12.17
CA LYS D 358 -64.41 -22.28 12.72
C LYS D 358 -62.93 -22.20 13.03
N VAL D 359 -62.17 -21.58 12.12
CA VAL D 359 -60.73 -21.51 12.27
C VAL D 359 -60.37 -20.74 13.54
N ARG D 360 -59.17 -21.02 14.06
CA ARG D 360 -58.68 -20.39 15.27
C ARG D 360 -58.24 -18.96 14.99
N SER D 361 -58.26 -18.14 16.04
CA SER D 361 -57.80 -16.75 15.98
C SER D 361 -56.67 -16.45 16.95
N THR D 362 -56.73 -16.97 18.18
CA THR D 362 -55.69 -16.75 19.16
C THR D 362 -54.84 -18.00 19.33
N PRO D 363 -53.57 -17.85 19.68
CA PRO D 363 -52.68 -19.02 19.80
C PRO D 363 -53.00 -19.85 21.02
N VAL D 364 -52.54 -21.10 20.98
CA VAL D 364 -52.62 -22.01 22.10
C VAL D 364 -51.20 -22.33 22.55
N ALA D 365 -50.98 -22.36 23.86
CA ALA D 365 -49.69 -22.75 24.44
C ALA D 365 -48.57 -21.82 23.97
N VAL D 366 -48.67 -20.57 24.41
CA VAL D 366 -47.54 -19.66 24.33
C VAL D 366 -46.59 -19.96 25.47
N SER D 367 -45.30 -19.72 25.25
CA SER D 367 -44.28 -19.93 26.29
C SER D 367 -43.11 -19.02 25.98
N THR D 368 -43.01 -17.89 26.67
CA THR D 368 -41.93 -16.93 26.50
C THR D 368 -41.13 -16.89 27.79
N ALA D 369 -40.19 -17.81 27.90
CA ALA D 369 -39.26 -17.85 29.02
C ALA D 369 -37.81 -17.96 28.61
N ARG D 370 -37.53 -18.39 27.38
CA ARG D 370 -36.17 -18.49 26.87
C ARG D 370 -35.84 -17.32 25.92
N GLU D 371 -36.54 -16.21 26.06
CA GLU D 371 -36.24 -14.98 25.33
C GLU D 371 -35.57 -14.02 26.30
N ILE D 372 -34.36 -13.59 25.95
CA ILE D 372 -33.54 -12.76 26.82
C ILE D 372 -33.58 -11.32 26.33
N SER D 373 -33.77 -10.38 27.25
CA SER D 373 -33.68 -8.97 26.92
C SER D 373 -32.23 -8.56 26.76
N LEU D 374 -32.01 -7.49 26.01
CA LEU D 374 -30.67 -7.07 25.61
C LEU D 374 -30.23 -5.77 26.27
N ALA D 375 -30.86 -5.38 27.38
CA ALA D 375 -30.44 -4.15 28.05
C ALA D 375 -29.03 -4.23 28.59
N PRO D 376 -28.64 -5.25 29.35
CA PRO D 376 -27.29 -5.24 29.95
C PRO D 376 -26.18 -5.24 28.92
N VAL D 377 -26.33 -6.03 27.85
CA VAL D 377 -25.28 -6.09 26.84
C VAL D 377 -25.16 -4.75 26.13
N ASN D 378 -26.28 -4.08 25.90
CA ASN D 378 -26.23 -2.75 25.30
C ASN D 378 -25.51 -1.76 26.22
N LYS D 379 -25.77 -1.84 27.52
CA LYS D 379 -25.07 -0.97 28.45
C LYS D 379 -23.56 -1.24 28.41
N LEU D 380 -23.17 -2.51 28.37
CA LEU D 380 -21.75 -2.85 28.32
C LEU D 380 -21.12 -2.35 27.01
N ILE D 381 -21.85 -2.48 25.90
CA ILE D 381 -21.34 -1.98 24.63
C ILE D 381 -21.15 -0.48 24.69
N ASP D 382 -22.09 0.24 25.32
CA ASP D 382 -21.93 1.68 25.47
C ASP D 382 -20.70 2.01 26.29
N ASP D 383 -20.47 1.26 27.37
CA ASP D 383 -19.28 1.49 28.18
C ASP D 383 -18.01 1.30 27.35
N ILE D 384 -17.96 0.21 26.58
CA ILE D 384 -16.76 -0.05 25.77
C ILE D 384 -16.57 1.06 24.74
N VAL D 385 -17.66 1.47 24.09
CA VAL D 385 -17.54 2.50 23.06
C VAL D 385 -17.11 3.83 23.67
N LYS D 386 -17.46 4.06 24.93
CA LYS D 386 -16.98 5.27 25.60
C LYS D 386 -15.52 5.16 26.02
N ALA D 387 -15.05 3.94 26.33
CA ALA D 387 -13.68 3.79 26.84
C ALA D 387 -12.65 4.04 25.75
N ASN D 388 -12.83 3.45 24.57
CA ASN D 388 -11.80 3.41 23.54
C ASN D 388 -11.86 4.59 22.58
N ALA D 389 -12.39 5.73 23.01
CA ALA D 389 -12.46 6.93 22.18
C ALA D 389 -11.85 8.12 22.92
N GLY D 390 -10.67 7.90 23.51
CA GLY D 390 -9.98 8.95 24.23
C GLY D 390 -10.63 9.26 25.56
N ARG E 47 -69.24 -65.20 -10.80
CA ARG E 47 -68.08 -65.73 -11.58
C ARG E 47 -67.47 -64.62 -12.44
N HIS E 48 -68.26 -63.59 -12.70
CA HIS E 48 -67.82 -62.44 -13.48
C HIS E 48 -67.25 -61.33 -12.60
N PHE E 49 -67.13 -61.55 -11.30
CA PHE E 49 -66.68 -60.53 -10.37
C PHE E 49 -65.53 -61.07 -9.54
N GLU E 50 -64.72 -60.14 -9.02
CA GLU E 50 -63.65 -60.43 -8.08
C GLU E 50 -63.86 -59.57 -6.84
N GLU E 51 -63.93 -60.22 -5.68
CA GLU E 51 -64.22 -59.57 -4.42
C GLU E 51 -63.08 -59.77 -3.44
N THR E 52 -63.00 -58.88 -2.46
CA THR E 52 -61.94 -58.92 -1.47
C THR E 52 -62.40 -58.14 -0.23
N ASP E 53 -62.05 -58.67 0.94
CA ASP E 53 -62.32 -57.99 2.20
C ASP E 53 -61.10 -57.23 2.73
N ASP E 54 -59.94 -57.40 2.10
CA ASP E 54 -58.71 -56.73 2.54
C ASP E 54 -58.53 -55.44 1.74
N ALA E 55 -59.39 -54.48 2.06
CA ALA E 55 -59.36 -53.16 1.41
C ALA E 55 -59.40 -52.08 2.46
N TYR E 56 -58.60 -51.03 2.27
CA TYR E 56 -58.54 -49.94 3.22
C TYR E 56 -58.46 -48.61 2.46
N VAL E 57 -58.96 -47.56 3.12
CA VAL E 57 -58.95 -46.23 2.53
C VAL E 57 -57.59 -45.59 2.80
N ALA E 58 -57.10 -44.84 1.82
CA ALA E 58 -55.81 -44.16 1.93
C ALA E 58 -55.96 -42.75 1.41
N GLY E 59 -55.05 -41.88 1.87
CA GLY E 59 -55.07 -40.50 1.46
C GLY E 59 -53.70 -39.85 1.51
N ASN E 60 -53.66 -38.52 1.45
CA ASN E 60 -52.42 -37.77 1.48
C ASN E 60 -52.16 -37.20 2.86
N GLN E 61 -50.87 -37.05 3.18
CA GLN E 61 -50.43 -36.51 4.46
C GLN E 61 -49.23 -35.60 4.22
N ILE E 62 -49.01 -34.68 5.14
CA ILE E 62 -47.91 -33.73 5.06
C ILE E 62 -47.17 -33.75 6.38
N GLN E 63 -45.86 -33.95 6.33
CA GLN E 63 -45.01 -33.87 7.52
C GLN E 63 -44.48 -32.45 7.59
N ILE E 64 -45.17 -31.61 8.37
CA ILE E 64 -44.81 -30.20 8.45
C ILE E 64 -43.43 -30.09 9.10
N MET E 65 -42.52 -29.39 8.44
CA MET E 65 -41.17 -29.21 8.94
C MET E 65 -40.76 -27.75 8.75
N SER E 66 -39.75 -27.34 9.51
CA SER E 66 -39.25 -25.97 9.44
C SER E 66 -38.10 -25.89 8.45
N GLN E 67 -37.98 -24.73 7.81
CA GLN E 67 -36.87 -24.44 6.92
C GLN E 67 -35.66 -23.87 7.65
N VAL E 68 -35.75 -23.72 8.97
CA VAL E 68 -34.69 -23.14 9.78
C VAL E 68 -34.60 -23.92 11.08
N SER E 69 -33.71 -23.47 11.97
CA SER E 69 -33.57 -24.03 13.31
C SER E 69 -33.80 -22.94 14.34
N GLY E 70 -34.31 -23.33 15.50
CA GLY E 70 -34.58 -22.36 16.54
C GLY E 70 -35.29 -22.99 17.73
N SER E 71 -35.95 -22.14 18.51
CA SER E 71 -36.72 -22.57 19.68
C SER E 71 -38.14 -22.05 19.55
N VAL E 72 -39.12 -22.93 19.78
CA VAL E 72 -40.51 -22.62 19.58
C VAL E 72 -41.02 -21.75 20.73
N THR E 73 -41.69 -20.66 20.39
CA THR E 73 -42.34 -19.80 21.37
C THR E 73 -43.85 -19.76 21.23
N LYS E 74 -44.42 -20.30 20.15
CA LYS E 74 -45.87 -20.33 20.00
C LYS E 74 -46.27 -21.50 19.11
N VAL E 75 -47.45 -22.05 19.39
CA VAL E 75 -48.08 -23.09 18.58
C VAL E 75 -49.52 -22.68 18.36
N TRP E 76 -49.97 -22.71 17.11
CA TRP E 76 -51.26 -22.14 16.73
C TRP E 76 -52.30 -23.19 16.38
N ALA E 77 -52.05 -24.46 16.65
CA ALA E 77 -53.03 -25.49 16.30
C ALA E 77 -52.76 -26.74 17.12
N ASP E 78 -53.84 -27.42 17.52
CA ASP E 78 -53.79 -28.71 18.17
C ASP E 78 -54.39 -29.75 17.25
N ASN E 79 -54.51 -30.98 17.76
CA ASN E 79 -55.06 -32.07 16.95
C ASN E 79 -56.53 -31.80 16.64
N THR E 80 -57.01 -32.29 15.49
CA THR E 80 -58.42 -32.15 15.03
C THR E 80 -58.78 -30.67 14.84
N ASP E 81 -57.89 -29.85 14.25
CA ASP E 81 -58.18 -28.46 13.96
C ASP E 81 -58.03 -28.21 12.46
N PHE E 82 -58.82 -27.27 11.95
CA PHE E 82 -58.86 -26.97 10.54
C PHE E 82 -57.86 -25.87 10.22
N VAL E 83 -57.07 -26.09 9.17
CA VAL E 83 -55.98 -25.19 8.79
C VAL E 83 -56.10 -24.86 7.32
N LYS E 84 -55.65 -23.66 6.95
CA LYS E 84 -55.63 -23.17 5.58
C LYS E 84 -54.21 -23.13 5.05
N GLU E 85 -54.06 -22.63 3.82
CA GLU E 85 -52.78 -22.69 3.11
C GLU E 85 -51.77 -21.67 3.62
N GLY E 86 -52.22 -20.53 4.14
CA GLY E 86 -51.33 -19.51 4.60
C GLY E 86 -51.19 -19.38 6.10
N ASP E 87 -51.93 -20.18 6.87
CA ASP E 87 -51.99 -19.99 8.31
C ASP E 87 -50.71 -20.49 8.97
N VAL E 88 -50.11 -19.63 9.79
CA VAL E 88 -48.93 -20.03 10.54
C VAL E 88 -49.31 -21.10 11.55
N LEU E 89 -48.43 -22.10 11.71
CA LEU E 89 -48.64 -23.18 12.66
C LEU E 89 -47.72 -23.08 13.86
N VAL E 90 -46.43 -22.83 13.66
CA VAL E 90 -45.46 -22.74 14.74
C VAL E 90 -44.63 -21.48 14.56
N THR E 91 -44.16 -20.93 15.67
CA THR E 91 -43.37 -19.71 15.69
C THR E 91 -42.08 -19.95 16.47
N LEU E 92 -41.01 -19.31 16.04
CA LEU E 92 -39.70 -19.45 16.67
C LEU E 92 -39.24 -18.10 17.21
N ASP E 93 -38.13 -18.14 17.94
CA ASP E 93 -37.55 -16.92 18.52
C ASP E 93 -36.68 -16.23 17.48
N PRO E 94 -36.95 -14.97 17.14
CA PRO E 94 -36.22 -14.33 16.02
C PRO E 94 -34.95 -13.58 16.40
N THR E 95 -34.35 -13.87 17.56
CA THR E 95 -33.22 -13.07 18.02
C THR E 95 -32.00 -13.23 17.10
N ASP E 96 -31.50 -14.47 16.98
CA ASP E 96 -30.25 -14.68 16.23
C ASP E 96 -30.39 -14.25 14.78
N ALA E 97 -31.52 -14.57 14.15
CA ALA E 97 -31.74 -14.15 12.77
C ALA E 97 -31.71 -12.63 12.67
N ARG E 98 -32.25 -11.94 13.67
CA ARG E 98 -32.22 -10.48 13.65
C ARG E 98 -30.79 -9.96 13.73
N GLN E 99 -29.96 -10.60 14.57
CA GLN E 99 -28.56 -10.21 14.63
C GLN E 99 -27.88 -10.36 13.27
N ALA E 100 -28.11 -11.50 12.62
CA ALA E 100 -27.50 -11.72 11.31
C ALA E 100 -27.98 -10.68 10.30
N PHE E 101 -29.27 -10.35 10.35
CA PHE E 101 -29.81 -9.34 9.44
C PHE E 101 -29.11 -8.00 9.62
N GLU E 102 -28.94 -7.58 10.87
CA GLU E 102 -28.27 -6.31 11.13
C GLU E 102 -26.84 -6.33 10.63
N LYS E 103 -26.15 -7.46 10.82
CA LYS E 103 -24.78 -7.58 10.32
C LYS E 103 -24.73 -7.38 8.81
N ALA E 104 -25.66 -8.02 8.09
CA ALA E 104 -25.69 -7.88 6.64
C ALA E 104 -25.94 -6.44 6.23
N LYS E 105 -26.85 -5.76 6.93
CA LYS E 105 -27.14 -4.36 6.59
C LYS E 105 -25.90 -3.47 6.77
N THR E 106 -25.16 -3.69 7.86
CA THR E 106 -23.94 -2.93 8.06
C THR E 106 -22.95 -3.15 6.91
N ALA E 107 -22.83 -4.41 6.47
CA ALA E 107 -21.95 -4.69 5.34
C ALA E 107 -22.37 -3.91 4.10
N LEU E 108 -23.68 -3.87 3.83
CA LEU E 108 -24.15 -3.14 2.66
C LEU E 108 -23.78 -1.66 2.75
N ALA E 109 -23.98 -1.05 3.91
CA ALA E 109 -23.63 0.37 4.05
C ALA E 109 -22.15 0.60 3.77
N SER E 110 -21.29 -0.26 4.31
CA SER E 110 -19.86 -0.08 4.09
C SER E 110 -19.52 -0.17 2.61
N SER E 111 -20.11 -1.13 1.90
CA SER E 111 -19.82 -1.27 0.47
C SER E 111 -20.25 -0.01 -0.29
N VAL E 112 -21.42 0.53 0.03
CA VAL E 112 -21.88 1.74 -0.65
C VAL E 112 -20.87 2.87 -0.45
N ARG E 113 -20.38 3.02 0.78
CA ARG E 113 -19.44 4.12 1.04
C ARG E 113 -18.15 3.95 0.25
N GLN E 114 -17.64 2.72 0.17
CA GLN E 114 -16.39 2.52 -0.58
C GLN E 114 -16.57 2.84 -2.06
N THR E 115 -17.71 2.44 -2.64
CA THR E 115 -17.96 2.78 -4.04
C THR E 115 -17.98 4.29 -4.25
N HIS E 116 -18.65 5.01 -3.34
CA HIS E 116 -18.67 6.47 -3.44
C HIS E 116 -17.25 7.04 -3.40
N GLN E 117 -16.39 6.47 -2.55
CA GLN E 117 -15.01 6.95 -2.47
C GLN E 117 -14.29 6.79 -3.82
N LEU E 118 -14.48 5.65 -4.48
CA LEU E 118 -13.84 5.47 -5.79
C LEU E 118 -14.33 6.53 -6.78
N MET E 119 -15.65 6.78 -6.80
CA MET E 119 -16.18 7.77 -7.71
C MET E 119 -15.54 9.15 -7.47
N ILE E 120 -15.24 9.48 -6.21
CA ILE E 120 -14.59 10.75 -5.93
C ILE E 120 -13.13 10.74 -6.40
N ASN E 121 -12.45 9.62 -6.22
CA ASN E 121 -11.07 9.52 -6.70
C ASN E 121 -10.98 9.85 -8.17
N SER E 122 -12.03 9.49 -8.93
CA SER E 122 -12.05 9.86 -10.35
C SER E 122 -11.88 11.37 -10.52
N LYS E 123 -12.64 12.17 -9.76
CA LYS E 123 -12.54 13.63 -9.87
C LYS E 123 -11.14 14.10 -9.51
N GLN E 124 -10.54 13.51 -8.47
CA GLN E 124 -9.18 13.88 -8.11
C GLN E 124 -8.23 13.71 -9.31
N LEU E 125 -8.33 12.56 -9.99
CA LEU E 125 -7.46 12.33 -11.14
C LEU E 125 -7.74 13.32 -12.25
N GLN E 126 -8.99 13.72 -12.44
CA GLN E 126 -9.30 14.74 -13.43
C GLN E 126 -8.56 16.05 -13.12
N ALA E 127 -8.55 16.45 -11.85
CA ALA E 127 -7.84 17.66 -11.48
C ALA E 127 -6.35 17.54 -11.80
N ASN E 128 -5.78 16.37 -11.53
CA ASN E 128 -4.37 16.18 -11.88
C ASN E 128 -4.14 16.35 -13.38
N ILE E 129 -5.05 15.81 -14.19
CA ILE E 129 -4.95 16.00 -15.63
C ILE E 129 -4.94 17.49 -15.96
N GLU E 130 -5.81 18.26 -15.29
CA GLU E 130 -5.88 19.69 -15.60
C GLU E 130 -4.56 20.40 -15.33
N VAL E 131 -3.94 20.09 -14.18
CA VAL E 131 -2.66 20.75 -13.88
C VAL E 131 -1.60 20.37 -14.91
N GLN E 132 -1.54 19.09 -15.29
CA GLN E 132 -0.55 18.70 -16.29
C GLN E 132 -0.80 19.39 -17.62
N LYS E 133 -2.06 19.56 -17.98
CA LYS E 133 -2.39 20.25 -19.23
C LYS E 133 -1.93 21.70 -19.18
N ILE E 134 -2.10 22.36 -18.04
CA ILE E 134 -1.62 23.74 -17.93
C ILE E 134 -0.11 23.79 -18.13
N ALA E 135 0.62 22.86 -17.51
CA ALA E 135 2.07 22.84 -17.68
C ALA E 135 2.45 22.68 -19.14
N LEU E 136 1.78 21.76 -19.84
CA LEU E 136 2.07 21.57 -21.26
C LEU E 136 1.78 22.83 -22.06
N ALA E 137 0.67 23.49 -21.76
CA ALA E 137 0.32 24.69 -22.51
C ALA E 137 1.39 25.77 -22.35
N LYS E 138 1.88 25.95 -21.12
CA LYS E 138 2.95 26.93 -20.91
C LYS E 138 4.19 26.55 -21.70
N ALA E 139 4.62 25.29 -21.59
CA ALA E 139 5.83 24.87 -22.29
C ALA E 139 5.69 25.03 -23.80
N GLN E 140 4.47 24.89 -24.32
CA GLN E 140 4.24 25.09 -25.75
C GLN E 140 4.29 26.56 -26.11
N SER E 141 3.72 27.42 -25.26
CA SER E 141 3.73 28.86 -25.54
C SER E 141 5.16 29.39 -25.57
N ASP E 142 6.02 28.92 -24.66
CA ASP E 142 7.39 29.42 -24.64
C ASP E 142 8.13 29.10 -25.93
N TYR E 143 7.91 27.91 -26.50
CA TYR E 143 8.67 27.51 -27.68
C TYR E 143 8.32 28.35 -28.90
N ASN E 144 7.03 28.68 -29.08
CA ASN E 144 6.62 29.41 -30.28
C ASN E 144 7.15 30.83 -30.30
N ARG E 145 7.72 31.32 -29.20
CA ARG E 145 8.36 32.66 -29.13
C ARG E 145 9.78 32.55 -29.68
N ARG E 146 10.38 31.35 -29.68
CA ARG E 146 11.77 31.18 -30.04
C ARG E 146 11.98 30.93 -31.52
N VAL E 147 10.96 30.43 -32.23
CA VAL E 147 11.14 30.11 -33.64
C VAL E 147 11.42 31.35 -34.47
N PRO E 148 10.67 32.45 -34.36
CA PRO E 148 10.99 33.64 -35.17
C PRO E 148 12.40 34.14 -34.98
N LEU E 149 12.88 34.07 -33.73
CA LEU E 149 14.26 34.50 -33.38
C LEU E 149 15.21 33.57 -34.14
N GLY E 150 14.95 32.25 -34.09
CA GLY E 150 15.83 31.28 -34.70
C GLY E 150 15.91 31.45 -36.21
N ASN E 151 14.81 31.83 -36.84
CA ASN E 151 14.80 31.97 -38.29
C ASN E 151 15.83 33.00 -38.74
N ALA E 152 15.91 34.13 -38.03
CA ALA E 152 16.87 35.18 -38.35
C ALA E 152 18.24 34.92 -37.76
N ASN E 153 18.44 33.81 -37.07
CA ASN E 153 19.72 33.45 -36.48
C ASN E 153 20.14 34.50 -35.44
N LEU E 154 19.32 34.61 -34.39
CA LEU E 154 19.59 35.51 -33.29
C LEU E 154 19.49 34.83 -31.93
N ILE E 155 19.32 33.51 -31.89
CA ILE E 155 19.30 32.75 -30.65
C ILE E 155 20.13 31.50 -30.86
N GLY E 156 20.60 30.93 -29.76
CA GLY E 156 21.42 29.74 -29.84
C GLY E 156 20.63 28.53 -30.27
N ARG E 157 21.29 27.63 -31.01
CA ARG E 157 20.64 26.40 -31.44
C ARG E 157 20.28 25.52 -30.25
N GLU E 158 21.16 25.43 -29.23
CA GLU E 158 20.92 24.52 -28.08
C GLU E 158 19.73 25.03 -27.25
N GLU E 159 19.40 26.31 -27.29
CA GLU E 159 18.20 26.87 -26.58
C GLU E 159 16.93 26.41 -27.30
N LEU E 160 16.91 26.40 -28.63
CA LEU E 160 15.76 25.95 -29.40
C LEU E 160 15.56 24.44 -29.26
N GLN E 161 16.66 23.68 -29.30
CA GLN E 161 16.55 22.24 -29.10
C GLN E 161 16.01 21.93 -27.72
N HIS E 162 16.46 22.67 -26.70
CA HIS E 162 15.94 22.46 -25.35
C HIS E 162 14.45 22.72 -25.29
N ALA E 163 13.99 23.78 -25.97
CA ALA E 163 12.55 24.07 -25.97
C ALA E 163 11.76 22.93 -26.62
N ARG E 164 12.25 22.42 -27.74
CA ARG E 164 11.58 21.29 -28.39
C ARG E 164 11.48 20.11 -27.44
N ASP E 165 12.60 19.76 -26.79
CA ASP E 165 12.60 18.63 -25.89
C ASP E 165 11.64 18.85 -24.73
N ALA E 166 11.59 20.08 -24.21
CA ALA E 166 10.67 20.37 -23.10
C ALA E 166 9.23 20.18 -23.53
N VAL E 167 8.87 20.62 -24.74
CA VAL E 167 7.50 20.44 -25.21
C VAL E 167 7.17 18.95 -25.29
N THR E 168 8.09 18.16 -25.83
CA THR E 168 7.83 16.72 -25.95
C THR E 168 7.68 16.07 -24.58
N SER E 169 8.54 16.47 -23.62
CA SER E 169 8.44 15.90 -22.27
C SER E 169 7.12 16.24 -21.62
N ALA E 170 6.65 17.48 -21.80
CA ALA E 170 5.34 17.85 -21.26
C ALA E 170 4.24 17.00 -21.88
N GLN E 171 4.32 16.76 -23.19
CA GLN E 171 3.36 15.88 -23.85
C GLN E 171 3.34 14.51 -23.20
N ALA E 172 4.53 13.94 -22.97
CA ALA E 172 4.61 12.61 -22.37
C ALA E 172 4.00 12.59 -20.97
N GLN E 173 4.27 13.62 -20.16
CA GLN E 173 3.71 13.67 -18.81
C GLN E 173 2.18 13.75 -18.86
N LEU E 174 1.64 14.55 -19.78
CA LEU E 174 0.19 14.61 -19.95
C LEU E 174 -0.36 13.23 -20.29
N ASP E 175 0.33 12.50 -21.15
CA ASP E 175 -0.11 11.16 -21.49
C ASP E 175 -0.15 10.26 -20.25
N VAL E 176 0.88 10.36 -19.40
CA VAL E 176 0.90 9.54 -18.18
C VAL E 176 -0.31 9.87 -17.31
N ALA E 177 -0.61 11.15 -17.15
CA ALA E 177 -1.75 11.53 -16.32
C ALA E 177 -3.06 11.00 -16.88
N ILE E 178 -3.24 11.11 -18.19
CA ILE E 178 -4.46 10.60 -18.81
C ILE E 178 -4.57 9.10 -18.59
N GLN E 179 -3.45 8.38 -18.70
CA GLN E 179 -3.50 6.94 -18.51
C GLN E 179 -3.87 6.57 -17.08
N GLN E 180 -3.35 7.30 -16.09
CA GLN E 180 -3.77 7.07 -14.72
C GLN E 180 -5.28 7.25 -14.57
N TYR E 181 -5.79 8.36 -15.11
CA TYR E 181 -7.22 8.62 -15.00
C TYR E 181 -8.03 7.50 -15.64
N ASN E 182 -7.61 7.05 -16.82
CA ASN E 182 -8.30 5.93 -17.46
C ASN E 182 -8.25 4.69 -16.58
N ALA E 183 -7.10 4.42 -15.97
CA ALA E 183 -6.97 3.25 -15.12
C ALA E 183 -8.01 3.26 -14.02
N ASN E 184 -8.16 4.40 -13.34
CA ASN E 184 -9.19 4.46 -12.30
C ASN E 184 -10.58 4.27 -12.87
N GLN E 185 -10.87 4.91 -14.02
CA GLN E 185 -12.21 4.87 -14.56
C GLN E 185 -12.66 3.47 -14.95
N ALA E 186 -11.72 2.53 -15.10
CA ALA E 186 -12.08 1.19 -15.53
C ALA E 186 -12.87 0.42 -14.48
N MET E 187 -12.80 0.83 -13.21
CA MET E 187 -13.49 0.11 -12.15
C MET E 187 -14.94 0.54 -11.97
N ILE E 188 -15.39 1.58 -12.66
CA ILE E 188 -16.75 2.10 -12.46
C ILE E 188 -17.55 2.05 -13.74
N LEU E 189 -16.87 2.18 -14.89
CA LEU E 189 -17.49 2.02 -16.20
C LEU E 189 -18.72 2.92 -16.38
N GLY E 190 -18.81 4.02 -15.64
CA GLY E 190 -19.87 4.99 -15.86
C GLY E 190 -21.27 4.45 -15.68
N THR E 191 -21.51 3.75 -14.58
CA THR E 191 -22.84 3.27 -14.23
C THR E 191 -23.31 3.93 -12.94
N LYS E 192 -24.55 3.65 -12.58
CA LYS E 192 -25.13 4.22 -11.36
C LYS E 192 -24.49 3.60 -10.13
N LEU E 193 -24.65 4.28 -9.00
CA LEU E 193 -24.08 3.80 -7.75
C LEU E 193 -24.68 2.47 -7.33
N GLU E 194 -25.98 2.30 -7.52
CA GLU E 194 -26.66 1.09 -7.06
C GLU E 194 -26.24 -0.15 -7.83
N ASP E 195 -25.78 0.00 -9.07
CA ASP E 195 -25.53 -1.13 -9.94
C ASP E 195 -24.12 -1.68 -9.85
N GLN E 196 -23.24 -1.05 -9.08
CA GLN E 196 -21.87 -1.52 -9.01
C GLN E 196 -21.81 -2.89 -8.33
N PRO E 197 -20.84 -3.74 -8.69
CA PRO E 197 -20.86 -5.12 -8.20
C PRO E 197 -20.88 -5.26 -6.68
N ALA E 198 -20.15 -4.42 -5.96
CA ALA E 198 -20.08 -4.56 -4.51
C ALA E 198 -21.46 -4.39 -3.88
N VAL E 199 -22.21 -3.37 -4.32
CA VAL E 199 -23.56 -3.16 -3.81
C VAL E 199 -24.43 -4.38 -4.11
N GLN E 200 -24.27 -4.96 -5.30
CA GLN E 200 -25.07 -6.14 -5.65
C GLN E 200 -24.76 -7.31 -4.73
N GLN E 201 -23.47 -7.57 -4.46
CA GLN E 201 -23.11 -8.67 -3.58
C GLN E 201 -23.67 -8.46 -2.18
N ALA E 202 -23.53 -7.24 -1.65
CA ALA E 202 -24.07 -6.95 -0.33
C ALA E 202 -25.58 -7.11 -0.31
N ALA E 203 -26.26 -6.69 -1.38
CA ALA E 203 -27.70 -6.86 -1.44
C ALA E 203 -28.09 -8.34 -1.43
N THR E 204 -27.31 -9.17 -2.12
CA THR E 204 -27.58 -10.61 -2.09
C THR E 204 -27.47 -11.14 -0.67
N GLU E 205 -26.43 -10.71 0.05
CA GLU E 205 -26.18 -11.14 1.45
C GLU E 205 -27.34 -10.68 2.34
N VAL E 206 -27.88 -9.47 2.11
CA VAL E 206 -28.97 -8.95 2.91
C VAL E 206 -30.27 -9.70 2.61
N ARG E 207 -30.49 -10.06 1.34
CA ARG E 207 -31.68 -10.82 0.99
C ARG E 207 -31.66 -12.21 1.64
N ASN E 208 -30.49 -12.86 1.64
CA ASN E 208 -30.41 -14.15 2.32
C ASN E 208 -30.74 -14.00 3.80
N ALA E 209 -30.21 -12.96 4.45
CA ALA E 209 -30.51 -12.75 5.86
C ALA E 209 -32.00 -12.51 6.09
N TRP E 210 -32.62 -11.72 5.22
CA TRP E 210 -34.05 -11.43 5.36
C TRP E 210 -34.87 -12.70 5.20
N LEU E 211 -34.53 -13.55 4.23
CA LEU E 211 -35.23 -14.82 4.07
C LEU E 211 -35.09 -15.67 5.31
N ALA E 212 -33.87 -15.80 5.83
CA ALA E 212 -33.67 -16.59 7.03
C ALA E 212 -34.52 -16.06 8.18
N LEU E 213 -34.62 -14.74 8.29
CA LEU E 213 -35.42 -14.17 9.38
C LEU E 213 -36.90 -14.42 9.19
N GLU E 214 -37.39 -14.30 7.94
CA GLU E 214 -38.82 -14.44 7.70
C GLU E 214 -39.27 -15.88 7.81
N ARG E 215 -38.36 -16.83 7.60
CA ARG E 215 -38.73 -18.24 7.73
C ARG E 215 -38.86 -18.68 9.19
N THR E 216 -38.86 -17.76 10.14
CA THR E 216 -39.10 -18.11 11.54
C THR E 216 -40.57 -18.34 11.85
N ARG E 217 -41.45 -18.21 10.86
CA ARG E 217 -42.86 -18.59 10.99
C ARG E 217 -43.12 -19.75 10.04
N ILE E 218 -43.38 -20.93 10.59
CA ILE E 218 -43.67 -22.11 9.79
C ILE E 218 -45.08 -22.00 9.23
N ILE E 219 -45.22 -22.33 7.94
CA ILE E 219 -46.48 -22.18 7.22
C ILE E 219 -46.92 -23.54 6.69
N SER E 220 -48.23 -23.77 6.69
CA SER E 220 -48.80 -25.04 6.26
C SER E 220 -49.12 -24.97 4.78
N PRO E 221 -48.54 -25.82 3.93
CA PRO E 221 -48.86 -25.83 2.49
C PRO E 221 -50.04 -26.72 2.13
N MET E 222 -51.14 -26.59 2.88
CA MET E 222 -52.26 -27.49 2.64
C MET E 222 -53.44 -27.04 3.50
N THR E 223 -54.64 -27.29 2.99
CA THR E 223 -55.88 -27.00 3.69
C THR E 223 -56.44 -28.33 4.22
N GLY E 224 -55.97 -28.73 5.39
CA GLY E 224 -56.31 -30.02 5.95
C GLY E 224 -56.60 -29.93 7.44
N TYR E 225 -56.34 -31.03 8.14
CA TYR E 225 -56.65 -31.19 9.55
C TYR E 225 -55.42 -31.71 10.29
N VAL E 226 -55.23 -31.24 11.52
CA VAL E 226 -54.03 -31.52 12.28
C VAL E 226 -54.20 -32.83 13.04
N SER E 227 -53.26 -33.74 12.88
CA SER E 227 -53.42 -35.11 13.33
C SER E 227 -52.47 -35.51 14.44
N ARG E 228 -51.16 -35.52 14.16
CA ARG E 228 -50.16 -36.07 15.11
C ARG E 228 -49.21 -34.99 15.59
N ARG E 229 -49.72 -34.02 16.36
CA ARG E 229 -48.87 -32.98 16.92
C ARG E 229 -47.81 -33.58 17.84
N ALA E 230 -46.58 -33.08 17.70
CA ALA E 230 -45.49 -33.53 18.55
C ALA E 230 -44.57 -32.39 18.96
N VAL E 231 -44.96 -31.14 18.74
CA VAL E 231 -44.15 -29.98 19.06
C VAL E 231 -44.75 -29.27 20.25
N GLN E 232 -43.92 -28.94 21.24
CA GLN E 232 -44.35 -28.26 22.44
C GLN E 232 -43.54 -26.99 22.63
N PRO E 233 -44.12 -25.94 23.20
CA PRO E 233 -43.36 -24.72 23.43
C PRO E 233 -42.14 -24.98 24.30
N GLY E 234 -41.04 -24.29 23.99
CA GLY E 234 -39.78 -24.55 24.63
C GLY E 234 -38.94 -25.62 23.97
N ALA E 235 -39.45 -26.25 22.92
CA ALA E 235 -38.73 -27.32 22.24
C ALA E 235 -37.63 -26.76 21.33
N GLN E 236 -36.55 -27.51 21.23
CA GLN E 236 -35.44 -27.18 20.33
C GLN E 236 -35.56 -28.04 19.09
N ILE E 237 -35.79 -27.41 17.94
CA ILE E 237 -36.14 -28.12 16.72
C ILE E 237 -35.10 -27.86 15.64
N SER E 238 -35.07 -28.73 14.66
CA SER E 238 -34.12 -28.74 13.56
C SER E 238 -34.88 -28.98 12.27
N PRO E 239 -34.27 -28.67 11.12
CA PRO E 239 -34.99 -28.86 9.85
C PRO E 239 -35.40 -30.29 9.53
N THR E 240 -35.08 -31.25 10.41
CA THR E 240 -35.49 -32.63 10.22
C THR E 240 -36.52 -33.10 11.24
N THR E 241 -36.83 -32.30 12.24
CA THR E 241 -37.72 -32.75 13.30
C THR E 241 -39.17 -32.67 12.84
N PRO E 242 -39.94 -33.75 12.95
CA PRO E 242 -41.38 -33.65 12.64
C PRO E 242 -42.11 -32.84 13.70
N LEU E 243 -42.94 -31.90 13.25
CA LEU E 243 -43.68 -31.03 14.15
C LEU E 243 -45.12 -31.46 14.32
N MET E 244 -45.81 -31.75 13.22
CA MET E 244 -47.19 -32.23 13.25
C MET E 244 -47.50 -32.73 11.84
N ALA E 245 -48.77 -33.01 11.57
CA ALA E 245 -49.21 -33.47 10.28
C ALA E 245 -50.46 -32.72 9.84
N VAL E 246 -50.66 -32.65 8.52
CA VAL E 246 -51.87 -32.12 7.93
C VAL E 246 -52.39 -33.15 6.93
N VAL E 247 -53.65 -33.56 7.10
CA VAL E 247 -54.28 -34.55 6.24
C VAL E 247 -55.49 -33.88 5.58
N PRO E 248 -55.52 -33.77 4.26
CA PRO E 248 -56.70 -33.18 3.62
C PRO E 248 -57.92 -34.07 3.80
N ALA E 249 -59.09 -33.44 3.72
CA ALA E 249 -60.35 -34.15 3.86
C ALA E 249 -60.92 -34.60 2.53
N THR E 250 -60.23 -34.35 1.43
CA THR E 250 -60.68 -34.74 0.10
C THR E 250 -59.59 -35.53 -0.60
N ASN E 251 -59.94 -36.06 -1.78
CA ASN E 251 -59.02 -36.84 -2.60
C ASN E 251 -58.47 -38.03 -1.83
N MET E 252 -59.39 -38.93 -1.48
CA MET E 252 -59.06 -40.21 -0.90
C MET E 252 -59.35 -41.33 -1.88
N TRP E 253 -58.63 -42.43 -1.73
CA TRP E 253 -58.80 -43.60 -2.58
C TRP E 253 -58.74 -44.84 -1.72
N VAL E 254 -58.91 -46.00 -2.34
CA VAL E 254 -58.93 -47.28 -1.65
C VAL E 254 -57.88 -48.18 -2.28
N ASP E 255 -57.05 -48.78 -1.44
CA ASP E 255 -56.11 -49.81 -1.87
C ASP E 255 -56.71 -51.17 -1.55
N ALA E 256 -56.91 -51.98 -2.59
CA ALA E 256 -57.49 -53.31 -2.44
C ALA E 256 -56.37 -54.33 -2.63
N ASN E 257 -56.18 -55.19 -1.63
CA ASN E 257 -55.10 -56.16 -1.63
C ASN E 257 -55.67 -57.52 -2.01
N PHE E 258 -55.76 -57.77 -3.31
CA PHE E 258 -56.21 -59.05 -3.79
C PHE E 258 -55.07 -60.06 -3.74
N LYS E 259 -55.43 -61.34 -3.81
CA LYS E 259 -54.43 -62.38 -3.98
C LYS E 259 -53.98 -62.40 -5.44
N GLU E 260 -52.79 -62.96 -5.65
CA GLU E 260 -52.22 -62.98 -6.99
C GLU E 260 -53.04 -63.80 -7.97
N THR E 261 -53.97 -64.61 -7.48
CA THR E 261 -54.74 -65.51 -8.33
C THR E 261 -56.04 -64.91 -8.82
N GLN E 262 -56.33 -63.64 -8.50
CA GLN E 262 -57.54 -62.99 -8.97
C GLN E 262 -57.28 -61.87 -9.98
N ILE E 263 -56.08 -61.31 -10.00
CA ILE E 263 -55.80 -60.10 -10.78
C ILE E 263 -55.61 -60.36 -12.26
N ALA E 264 -55.78 -61.60 -12.73
CA ALA E 264 -55.49 -61.91 -14.11
C ALA E 264 -56.35 -61.09 -15.07
N ASN E 265 -57.64 -61.01 -14.79
CA ASN E 265 -58.60 -60.40 -15.70
C ASN E 265 -58.83 -58.92 -15.43
N MET E 266 -58.22 -58.35 -14.41
CA MET E 266 -58.42 -56.94 -14.12
C MET E 266 -57.77 -56.07 -15.19
N ARG E 267 -58.42 -54.95 -15.51
CA ARG E 267 -57.91 -53.98 -16.46
C ARG E 267 -58.21 -52.58 -15.92
N ILE E 268 -57.47 -51.61 -16.41
CA ILE E 268 -57.73 -50.21 -16.07
C ILE E 268 -59.06 -49.79 -16.64
N GLY E 269 -59.86 -49.10 -15.83
CA GLY E 269 -61.12 -48.55 -16.27
C GLY E 269 -62.35 -49.35 -15.91
N GLN E 270 -62.18 -50.52 -15.31
CA GLN E 270 -63.34 -51.34 -14.98
C GLN E 270 -64.10 -50.73 -13.81
N PRO E 271 -65.44 -50.84 -13.80
CA PRO E 271 -66.20 -50.31 -12.67
C PRO E 271 -66.04 -51.16 -11.41
N VAL E 272 -66.25 -50.52 -10.26
CA VAL E 272 -66.10 -51.17 -8.96
C VAL E 272 -67.23 -50.70 -8.05
N THR E 273 -67.46 -51.47 -6.99
CA THR E 273 -68.42 -51.11 -5.94
C THR E 273 -67.77 -51.28 -4.58
N ILE E 274 -68.06 -50.36 -3.67
CA ILE E 274 -67.53 -50.43 -2.31
C ILE E 274 -68.70 -50.33 -1.32
N THR E 275 -68.52 -50.94 -0.15
CA THR E 275 -69.53 -50.91 0.91
C THR E 275 -68.80 -50.77 2.25
N THR E 276 -68.69 -49.55 2.73
CA THR E 276 -67.95 -49.28 3.96
C THR E 276 -68.68 -49.89 5.16
N ASP E 277 -67.90 -50.25 6.17
CA ASP E 277 -68.45 -50.85 7.38
C ASP E 277 -68.78 -49.82 8.45
N ILE E 278 -68.27 -48.60 8.33
CA ILE E 278 -68.68 -47.54 9.24
C ILE E 278 -70.14 -47.17 9.00
N TYR E 279 -70.51 -46.99 7.73
CA TYR E 279 -71.88 -46.62 7.37
C TYR E 279 -72.76 -47.83 7.08
N GLY E 280 -72.21 -49.05 7.08
CA GLY E 280 -73.01 -50.23 6.90
C GLY E 280 -73.29 -50.59 5.45
N ASP E 281 -74.47 -51.13 5.18
CA ASP E 281 -74.83 -51.63 3.86
C ASP E 281 -75.77 -50.69 3.10
N ASP E 282 -76.17 -49.58 3.69
CA ASP E 282 -77.08 -48.65 3.04
C ASP E 282 -76.37 -47.58 2.22
N VAL E 283 -75.06 -47.40 2.40
CA VAL E 283 -74.28 -46.41 1.68
C VAL E 283 -73.39 -47.15 0.70
N LYS E 284 -73.53 -46.84 -0.58
CA LYS E 284 -72.83 -47.54 -1.65
C LYS E 284 -72.01 -46.55 -2.46
N TYR E 285 -70.80 -46.96 -2.83
CA TYR E 285 -69.86 -46.11 -3.54
C TYR E 285 -69.57 -46.68 -4.91
N THR E 286 -69.30 -45.79 -5.86
CA THR E 286 -68.98 -46.16 -7.23
C THR E 286 -67.58 -45.68 -7.58
N GLY E 287 -66.76 -46.59 -8.08
CA GLY E 287 -65.39 -46.28 -8.42
C GLY E 287 -64.92 -47.16 -9.55
N LYS E 288 -63.74 -46.83 -10.08
CA LYS E 288 -63.16 -47.58 -11.18
C LYS E 288 -61.68 -47.81 -10.90
N VAL E 289 -61.15 -48.88 -11.50
CA VAL E 289 -59.74 -49.20 -11.30
C VAL E 289 -58.87 -48.12 -11.89
N VAL E 290 -57.84 -47.73 -11.15
CA VAL E 290 -56.89 -46.73 -11.60
C VAL E 290 -55.55 -47.33 -12.00
N GLY E 291 -55.12 -48.43 -11.39
CA GLY E 291 -53.90 -49.09 -11.80
C GLY E 291 -53.42 -50.13 -10.82
N LEU E 292 -52.62 -51.07 -11.30
CA LEU E 292 -52.00 -52.08 -10.47
C LEU E 292 -50.56 -51.71 -10.17
N ASP E 293 -50.04 -52.23 -9.07
CA ASP E 293 -48.69 -51.91 -8.63
C ASP E 293 -47.69 -52.90 -9.17
N MET E 294 -46.40 -52.57 -9.00
CA MET E 294 -45.30 -53.34 -9.56
C MET E 294 -44.62 -54.22 -8.53
N GLY E 295 -45.25 -54.45 -7.38
CA GLY E 295 -44.69 -55.34 -6.39
C GLY E 295 -45.79 -55.96 -5.56
N THR E 296 -45.51 -57.15 -5.02
CA THR E 296 -46.50 -57.94 -4.30
C THR E 296 -46.50 -57.66 -2.80
N GLY E 297 -46.14 -56.45 -2.39
CA GLY E 297 -46.24 -56.11 -0.99
C GLY E 297 -45.13 -56.72 -0.15
N SER E 298 -45.04 -58.05 -0.14
CA SER E 298 -43.94 -58.69 0.58
C SER E 298 -42.59 -58.29 -0.01
N ALA E 299 -42.54 -58.04 -1.31
CA ALA E 299 -41.31 -57.52 -1.90
C ALA E 299 -41.04 -56.10 -1.45
N PHE E 300 -42.07 -55.26 -1.41
CA PHE E 300 -41.95 -53.86 -0.99
C PHE E 300 -42.50 -53.75 0.43
N SER E 301 -41.63 -54.02 1.40
CA SER E 301 -42.05 -54.04 2.81
C SER E 301 -40.97 -53.36 3.64
N LEU E 302 -41.39 -52.93 4.85
CA LEU E 302 -40.46 -52.27 5.76
C LEU E 302 -39.23 -53.13 6.01
N LEU E 303 -39.44 -54.40 6.32
CA LEU E 303 -38.36 -55.34 6.56
C LEU E 303 -38.33 -56.34 5.42
N PRO E 304 -37.25 -56.45 4.66
CA PRO E 304 -37.27 -57.30 3.47
C PRO E 304 -37.57 -58.75 3.82
N ALA E 305 -38.32 -59.41 2.94
CA ALA E 305 -38.68 -60.81 3.16
C ALA E 305 -37.52 -61.71 2.77
N GLN E 306 -37.23 -62.69 3.62
CA GLN E 306 -36.15 -63.65 3.40
C GLN E 306 -36.78 -65.00 3.06
N ASN E 307 -36.56 -65.47 1.84
CA ASN E 307 -37.19 -66.70 1.35
C ASN E 307 -36.20 -67.84 1.14
N ALA E 308 -34.91 -67.58 1.12
CA ALA E 308 -33.89 -68.62 1.00
C ALA E 308 -33.39 -69.06 2.37
N THR E 309 -34.32 -69.47 3.24
CA THR E 309 -34.00 -69.74 4.64
C THR E 309 -33.83 -71.23 4.92
N GLY E 310 -34.85 -72.03 4.65
CA GLY E 310 -34.84 -73.44 5.00
C GLY E 310 -36.11 -73.83 5.72
N ASN E 311 -36.62 -72.94 6.56
CA ASN E 311 -37.94 -73.07 7.15
C ASN E 311 -39.02 -72.40 6.30
N TRP E 312 -38.77 -72.24 5.01
CA TRP E 312 -39.69 -71.56 4.13
C TRP E 312 -40.94 -72.41 3.89
N ILE E 313 -42.09 -71.75 3.87
CA ILE E 313 -43.36 -72.37 3.54
C ILE E 313 -44.06 -71.51 2.51
N LYS E 314 -44.86 -72.13 1.66
CA LYS E 314 -45.55 -71.41 0.60
C LYS E 314 -46.82 -70.78 1.14
N VAL E 315 -46.98 -69.48 0.88
CA VAL E 315 -48.20 -68.75 1.19
C VAL E 315 -48.57 -67.89 0.00
N VAL E 316 -49.87 -67.61 -0.14
CA VAL E 316 -50.35 -66.80 -1.24
C VAL E 316 -49.84 -65.38 -1.09
N GLN E 317 -49.42 -64.78 -2.20
CA GLN E 317 -49.01 -63.39 -2.23
C GLN E 317 -50.22 -62.50 -2.48
N ARG E 318 -50.05 -61.21 -2.17
CA ARG E 318 -51.10 -60.23 -2.36
C ARG E 318 -50.54 -59.02 -3.09
N LEU E 319 -51.38 -58.39 -3.92
CA LEU E 319 -50.97 -57.30 -4.79
C LEU E 319 -51.95 -56.15 -4.65
N PRO E 320 -51.54 -55.00 -4.15
CA PRO E 320 -52.48 -53.87 -4.00
C PRO E 320 -52.94 -53.34 -5.35
N VAL E 321 -54.19 -52.87 -5.36
CA VAL E 321 -54.81 -52.28 -6.54
C VAL E 321 -55.39 -50.94 -6.16
N ARG E 322 -55.30 -49.97 -7.06
CA ARG E 322 -55.74 -48.61 -6.80
C ARG E 322 -57.14 -48.42 -7.35
N ILE E 323 -58.03 -47.88 -6.52
CA ILE E 323 -59.43 -47.67 -6.87
C ILE E 323 -59.76 -46.21 -6.67
N GLU E 324 -60.43 -45.62 -7.65
CA GLU E 324 -60.92 -44.25 -7.55
C GLU E 324 -62.32 -44.24 -6.94
N LEU E 325 -62.76 -43.05 -6.53
CA LEU E 325 -64.09 -42.88 -5.95
C LEU E 325 -64.71 -41.60 -6.50
N ASP E 326 -66.03 -41.55 -6.46
CA ASP E 326 -66.76 -40.36 -6.86
C ASP E 326 -66.76 -39.36 -5.71
N GLN E 327 -66.26 -38.15 -5.97
CA GLN E 327 -66.08 -37.19 -4.88
C GLN E 327 -67.41 -36.65 -4.37
N LYS E 328 -68.41 -36.55 -5.24
CA LYS E 328 -69.71 -36.05 -4.79
C LYS E 328 -70.28 -36.94 -3.69
N GLN E 329 -70.13 -38.26 -3.84
CA GLN E 329 -70.60 -39.16 -2.79
C GLN E 329 -69.85 -38.93 -1.50
N LEU E 330 -68.53 -38.74 -1.58
CA LEU E 330 -67.74 -38.45 -0.38
C LEU E 330 -68.10 -37.10 0.23
N GLU E 331 -68.76 -36.23 -0.53
CA GLU E 331 -69.14 -34.93 0.01
C GLU E 331 -70.07 -35.07 1.21
N GLN E 332 -71.03 -36.01 1.14
CA GLN E 332 -72.05 -36.13 2.17
C GLN E 332 -71.81 -37.27 3.16
N TYR E 333 -70.98 -38.25 2.81
CA TYR E 333 -70.60 -39.34 3.73
C TYR E 333 -69.09 -39.47 3.72
N PRO E 334 -68.39 -38.66 4.51
CA PRO E 334 -66.93 -38.63 4.43
C PRO E 334 -66.29 -39.89 5.00
N LEU E 335 -65.09 -40.18 4.52
CA LEU E 335 -64.29 -41.31 4.98
C LEU E 335 -63.05 -40.81 5.69
N ARG E 336 -62.34 -41.73 6.33
CA ARG E 336 -61.11 -41.44 7.04
C ARG E 336 -60.10 -42.53 6.75
N ILE E 337 -58.82 -42.17 6.82
CA ILE E 337 -57.77 -43.11 6.48
C ILE E 337 -57.85 -44.32 7.41
N GLY E 338 -57.76 -45.51 6.83
CA GLY E 338 -57.71 -46.74 7.58
C GLY E 338 -59.03 -47.48 7.71
N LEU E 339 -60.14 -46.87 7.34
CA LEU E 339 -61.42 -47.55 7.44
C LEU E 339 -61.47 -48.72 6.46
N SER E 340 -61.99 -49.84 6.93
CA SER E 340 -62.05 -51.04 6.10
C SER E 340 -63.26 -50.99 5.17
N THR E 341 -63.22 -51.84 4.15
CA THR E 341 -64.22 -51.82 3.09
C THR E 341 -64.32 -53.19 2.45
N LEU E 342 -65.32 -53.33 1.59
CA LEU E 342 -65.49 -54.50 0.72
C LEU E 342 -65.53 -54.01 -0.73
N VAL E 343 -64.83 -54.71 -1.61
CA VAL E 343 -64.66 -54.28 -3.00
C VAL E 343 -65.17 -55.37 -3.92
N SER E 344 -65.79 -54.97 -5.02
CA SER E 344 -66.32 -55.88 -6.03
C SER E 344 -65.97 -55.34 -7.41
N VAL E 345 -65.18 -56.08 -8.17
CA VAL E 345 -64.69 -55.63 -9.47
C VAL E 345 -65.37 -56.45 -10.55
N ASN E 346 -65.96 -55.77 -11.53
CA ASN E 346 -66.64 -56.42 -12.64
C ASN E 346 -65.63 -56.61 -13.77
N THR E 347 -65.15 -57.84 -13.93
CA THR E 347 -64.12 -58.17 -14.91
C THR E 347 -64.70 -58.72 -16.21
N THR E 348 -65.98 -58.48 -16.48
CA THR E 348 -66.60 -59.04 -17.67
C THR E 348 -66.10 -58.40 -18.96
N ASN E 349 -65.37 -57.28 -18.86
CA ASN E 349 -64.90 -56.53 -20.02
C ASN E 349 -63.38 -56.66 -20.07
N ARG E 350 -62.90 -57.62 -20.87
CA ARG E 350 -61.48 -57.93 -20.95
C ARG E 350 -60.92 -57.29 -22.22
N ASP E 351 -60.59 -56.02 -22.11
CA ASP E 351 -59.93 -55.27 -23.18
C ASP E 351 -59.40 -53.98 -22.59
N GLY E 352 -58.15 -53.68 -22.89
CA GLY E 352 -57.46 -52.55 -22.32
C GLY E 352 -56.01 -52.89 -22.08
N GLN E 353 -55.39 -52.16 -21.16
CA GLN E 353 -53.98 -52.36 -20.83
C GLN E 353 -53.84 -52.57 -19.33
N VAL E 354 -52.98 -53.51 -18.96
CA VAL E 354 -52.66 -53.72 -17.55
C VAL E 354 -51.66 -52.70 -17.05
N LEU E 355 -50.96 -52.00 -17.94
CA LEU E 355 -50.02 -50.95 -17.57
C LEU E 355 -50.42 -49.65 -18.25
N ALA E 356 -50.17 -48.54 -17.57
CA ALA E 356 -50.59 -47.24 -18.06
C ALA E 356 -49.84 -46.88 -19.34
N ASN E 357 -50.57 -46.28 -20.29
CA ASN E 357 -50.01 -45.81 -21.55
C ASN E 357 -50.49 -44.38 -21.75
N LYS E 358 -49.79 -43.42 -21.14
CA LYS E 358 -50.20 -42.03 -21.19
C LYS E 358 -49.13 -41.18 -20.53
N VAL E 359 -49.13 -39.90 -20.86
CA VAL E 359 -48.23 -38.91 -20.28
C VAL E 359 -49.06 -37.76 -19.76
N ARG E 360 -48.75 -37.32 -18.53
CA ARG E 360 -49.46 -36.23 -17.88
C ARG E 360 -48.68 -34.93 -18.01
N SER E 361 -49.38 -33.84 -18.34
CA SER E 361 -48.77 -32.53 -18.50
C SER E 361 -49.03 -31.60 -17.33
N THR E 362 -50.22 -31.65 -16.74
CA THR E 362 -50.53 -30.78 -15.61
C THR E 362 -50.12 -31.48 -14.31
N PRO E 363 -49.23 -30.90 -13.52
CA PRO E 363 -48.76 -31.61 -12.33
C PRO E 363 -49.88 -31.90 -11.35
N VAL E 364 -49.54 -32.66 -10.32
CA VAL E 364 -50.46 -32.99 -9.24
C VAL E 364 -49.85 -32.50 -7.93
N ALA E 365 -50.70 -31.96 -7.06
CA ALA E 365 -50.26 -31.52 -5.73
C ALA E 365 -49.18 -30.45 -5.85
N VAL E 366 -49.60 -29.30 -6.35
CA VAL E 366 -48.75 -28.12 -6.38
C VAL E 366 -49.05 -27.27 -5.16
N SER E 367 -48.01 -26.64 -4.62
CA SER E 367 -48.14 -25.73 -3.49
C SER E 367 -47.18 -24.57 -3.65
N THR E 368 -47.64 -23.37 -3.31
CA THR E 368 -46.84 -22.16 -3.41
C THR E 368 -46.86 -21.35 -2.13
N ALA E 369 -47.13 -21.99 -0.99
CA ALA E 369 -47.23 -21.25 0.27
C ALA E 369 -45.86 -20.81 0.77
N ARG E 370 -44.86 -21.70 0.69
CA ARG E 370 -43.55 -21.39 1.22
C ARG E 370 -42.77 -20.40 0.38
N GLU E 371 -43.25 -20.09 -0.83
CA GLU E 371 -42.58 -19.09 -1.66
C GLU E 371 -42.65 -17.72 -1.01
N ILE E 372 -41.59 -16.95 -1.16
CA ILE E 372 -41.48 -15.63 -0.53
C ILE E 372 -41.09 -14.61 -1.59
N SER E 373 -41.78 -13.47 -1.61
CA SER E 373 -41.48 -12.38 -2.52
C SER E 373 -40.51 -11.40 -1.86
N LEU E 374 -39.75 -10.69 -2.69
CA LEU E 374 -38.63 -9.89 -2.23
C LEU E 374 -38.89 -8.39 -2.26
N ALA E 375 -40.12 -7.96 -2.49
CA ALA E 375 -40.38 -6.52 -2.58
C ALA E 375 -40.01 -5.77 -1.30
N PRO E 376 -40.41 -6.22 -0.11
CA PRO E 376 -40.03 -5.47 1.09
C PRO E 376 -38.54 -5.32 1.28
N VAL E 377 -37.78 -6.40 1.08
CA VAL E 377 -36.33 -6.31 1.27
C VAL E 377 -35.72 -5.41 0.22
N ASN E 378 -36.28 -5.38 -1.00
CA ASN E 378 -35.80 -4.46 -2.01
C ASN E 378 -36.05 -3.01 -1.61
N LYS E 379 -37.22 -2.72 -1.04
CA LYS E 379 -37.48 -1.37 -0.55
C LYS E 379 -36.50 -0.99 0.55
N LEU E 380 -36.24 -1.90 1.48
CA LEU E 380 -35.28 -1.62 2.54
C LEU E 380 -33.89 -1.40 1.97
N ILE E 381 -33.50 -2.19 0.97
CA ILE E 381 -32.18 -2.03 0.36
C ILE E 381 -32.06 -0.67 -0.31
N ASP E 382 -33.11 -0.26 -1.03
CA ASP E 382 -33.08 1.04 -1.68
C ASP E 382 -32.94 2.16 -0.65
N ASP E 383 -33.70 2.08 0.44
CA ASP E 383 -33.59 3.11 1.48
C ASP E 383 -32.18 3.14 2.06
N ILE E 384 -31.62 1.97 2.36
CA ILE E 384 -30.28 1.93 2.94
C ILE E 384 -29.27 2.54 2.00
N VAL E 385 -29.35 2.20 0.71
CA VAL E 385 -28.40 2.73 -0.25
C VAL E 385 -28.52 4.24 -0.35
N LYS E 386 -29.76 4.76 -0.36
CA LYS E 386 -29.94 6.21 -0.39
C LYS E 386 -29.34 6.86 0.85
N ALA E 387 -29.51 6.25 2.02
CA ALA E 387 -29.07 6.88 3.26
C ALA E 387 -27.55 6.99 3.34
N ASN E 388 -26.83 6.13 2.65
CA ASN E 388 -25.37 6.12 2.69
C ASN E 388 -24.72 6.80 1.49
N ALA E 389 -25.51 7.31 0.54
CA ALA E 389 -24.97 7.94 -0.65
C ALA E 389 -24.96 9.46 -0.47
N GLY E 390 -24.07 9.90 0.41
CA GLY E 390 -23.90 11.32 0.66
C GLY E 390 -24.91 11.86 1.64
N ARG F 47 -35.22 -87.16 -11.19
CA ARG F 47 -34.69 -87.94 -12.34
C ARG F 47 -33.73 -87.09 -13.16
N HIS F 48 -34.22 -86.50 -14.25
CA HIS F 48 -33.44 -85.63 -15.10
C HIS F 48 -33.85 -84.17 -14.98
N PHE F 49 -34.72 -83.83 -14.03
CA PHE F 49 -35.22 -82.47 -13.86
C PHE F 49 -35.23 -82.11 -12.39
N GLU F 50 -34.99 -80.84 -12.09
CA GLU F 50 -35.07 -80.31 -10.75
C GLU F 50 -36.20 -79.30 -10.67
N GLU F 51 -37.12 -79.51 -9.72
CA GLU F 51 -38.28 -78.65 -9.55
C GLU F 51 -38.18 -77.91 -8.22
N THR F 52 -38.61 -76.66 -8.22
CA THR F 52 -38.68 -75.87 -6.99
C THR F 52 -39.88 -74.96 -7.07
N ASP F 53 -40.68 -74.94 -6.01
CA ASP F 53 -41.80 -74.02 -5.88
C ASP F 53 -41.40 -72.73 -5.19
N ASP F 54 -40.15 -72.59 -4.77
CA ASP F 54 -39.67 -71.38 -4.12
C ASP F 54 -38.94 -70.51 -5.13
N ALA F 55 -39.72 -70.01 -6.09
CA ALA F 55 -39.21 -69.13 -7.14
C ALA F 55 -40.03 -67.85 -7.15
N TYR F 56 -39.35 -66.72 -7.28
CA TYR F 56 -40.00 -65.42 -7.25
C TYR F 56 -39.43 -64.54 -8.36
N VAL F 57 -40.23 -63.58 -8.80
CA VAL F 57 -39.82 -62.65 -9.84
C VAL F 57 -39.06 -61.51 -9.21
N ALA F 58 -38.20 -60.87 -10.00
CA ALA F 58 -37.37 -59.78 -9.50
C ALA F 58 -37.02 -58.85 -10.64
N GLY F 59 -36.75 -57.59 -10.29
CA GLY F 59 -36.39 -56.58 -11.26
C GLY F 59 -35.42 -55.57 -10.70
N ASN F 60 -35.32 -54.41 -11.35
CA ASN F 60 -34.46 -53.32 -10.91
C ASN F 60 -35.33 -52.20 -10.38
N GLN F 61 -35.15 -51.86 -9.10
CA GLN F 61 -35.85 -50.73 -8.48
C GLN F 61 -34.89 -49.55 -8.44
N ILE F 62 -35.26 -48.46 -9.10
CA ILE F 62 -34.44 -47.26 -9.15
C ILE F 62 -35.02 -46.26 -8.16
N GLN F 63 -34.17 -45.74 -7.28
CA GLN F 63 -34.57 -44.77 -6.27
C GLN F 63 -34.25 -43.36 -6.77
N ILE F 64 -35.21 -42.47 -6.63
CA ILE F 64 -35.06 -41.10 -7.08
C ILE F 64 -34.59 -40.25 -5.90
N MET F 65 -33.44 -39.60 -6.06
CA MET F 65 -32.91 -38.70 -5.06
C MET F 65 -32.45 -37.41 -5.71
N SER F 66 -32.43 -36.34 -4.93
CA SER F 66 -32.00 -35.04 -5.42
C SER F 66 -30.50 -34.89 -5.27
N GLN F 67 -29.92 -34.08 -6.14
CA GLN F 67 -28.52 -33.70 -6.02
C GLN F 67 -28.33 -32.43 -5.21
N VAL F 68 -29.41 -31.81 -4.74
CA VAL F 68 -29.38 -30.58 -4.00
C VAL F 68 -30.37 -30.68 -2.84
N SER F 69 -30.45 -29.61 -2.05
CA SER F 69 -31.37 -29.53 -0.92
C SER F 69 -32.30 -28.34 -1.11
N GLY F 70 -33.55 -28.49 -0.68
CA GLY F 70 -34.53 -27.44 -0.85
C GLY F 70 -35.91 -27.92 -0.46
N SER F 71 -36.89 -27.07 -0.78
CA SER F 71 -38.28 -27.30 -0.42
C SER F 71 -39.10 -27.57 -1.68
N VAL F 72 -40.05 -28.49 -1.56
CA VAL F 72 -40.80 -28.99 -2.71
C VAL F 72 -41.98 -28.06 -3.00
N THR F 73 -42.17 -27.76 -4.28
CA THR F 73 -43.30 -26.96 -4.73
C THR F 73 -44.16 -27.66 -5.77
N LYS F 74 -43.72 -28.79 -6.32
CA LYS F 74 -44.50 -29.52 -7.32
C LYS F 74 -44.16 -30.99 -7.25
N VAL F 75 -45.11 -31.82 -7.66
CA VAL F 75 -44.91 -33.26 -7.81
C VAL F 75 -45.61 -33.68 -9.10
N TRP F 76 -44.82 -34.14 -10.08
CA TRP F 76 -45.33 -34.35 -11.42
C TRP F 76 -45.85 -35.75 -11.69
N ALA F 77 -45.67 -36.70 -10.78
CA ALA F 77 -46.06 -38.07 -11.03
C ALA F 77 -46.79 -38.65 -9.83
N ASP F 78 -47.84 -39.42 -10.09
CA ASP F 78 -48.61 -40.07 -9.04
C ASP F 78 -47.97 -41.42 -8.73
N ASN F 79 -48.67 -42.28 -7.97
CA ASN F 79 -48.07 -43.49 -7.43
C ASN F 79 -48.05 -44.66 -8.39
N THR F 80 -48.80 -44.60 -9.49
CA THR F 80 -48.81 -45.71 -10.45
C THR F 80 -48.68 -45.22 -11.88
N ASP F 81 -48.16 -44.01 -12.09
CA ASP F 81 -48.14 -43.40 -13.40
C ASP F 81 -47.03 -44.01 -14.25
N PHE F 82 -46.80 -43.45 -15.43
CA PHE F 82 -45.77 -43.89 -16.35
C PHE F 82 -44.91 -42.71 -16.73
N VAL F 83 -43.60 -42.84 -16.56
CA VAL F 83 -42.66 -41.77 -16.84
C VAL F 83 -41.57 -42.28 -17.77
N LYS F 84 -40.98 -41.37 -18.54
CA LYS F 84 -39.89 -41.67 -19.44
C LYS F 84 -38.62 -40.98 -18.95
N GLU F 85 -37.49 -41.43 -19.49
CA GLU F 85 -36.21 -40.82 -19.13
C GLU F 85 -36.21 -39.35 -19.53
N GLY F 86 -35.86 -38.49 -18.58
CA GLY F 86 -35.87 -37.06 -18.77
C GLY F 86 -37.11 -36.38 -18.24
N ASP F 87 -38.21 -37.10 -18.06
CA ASP F 87 -39.43 -36.49 -17.57
C ASP F 87 -39.23 -35.97 -16.15
N VAL F 88 -39.66 -34.74 -15.92
CA VAL F 88 -39.49 -34.10 -14.61
C VAL F 88 -40.46 -34.73 -13.63
N LEU F 89 -39.99 -34.93 -12.39
CA LEU F 89 -40.78 -35.57 -11.34
C LEU F 89 -41.06 -34.65 -10.18
N VAL F 90 -40.04 -33.99 -9.65
CA VAL F 90 -40.21 -33.04 -8.54
C VAL F 90 -39.46 -31.77 -8.88
N THR F 91 -39.92 -30.65 -8.32
CA THR F 91 -39.30 -29.35 -8.53
C THR F 91 -39.19 -28.63 -7.19
N LEU F 92 -38.08 -27.93 -6.99
CA LEU F 92 -37.80 -27.21 -5.76
C LEU F 92 -37.90 -25.70 -5.99
N ASP F 93 -37.82 -24.96 -4.88
CA ASP F 93 -37.88 -23.51 -4.92
C ASP F 93 -36.54 -22.94 -5.37
N PRO F 94 -36.50 -22.12 -6.42
CA PRO F 94 -35.21 -21.66 -6.96
C PRO F 94 -34.66 -20.39 -6.33
N THR F 95 -35.18 -19.97 -5.18
CA THR F 95 -34.81 -18.67 -4.63
C THR F 95 -33.34 -18.61 -4.24
N ASP F 96 -32.91 -19.48 -3.32
CA ASP F 96 -31.54 -19.43 -2.83
C ASP F 96 -30.54 -19.71 -3.94
N ALA F 97 -30.85 -20.64 -4.84
CA ALA F 97 -29.97 -20.91 -5.96
C ALA F 97 -29.82 -19.68 -6.83
N ARG F 98 -30.92 -18.96 -7.07
CA ARG F 98 -30.84 -17.76 -7.88
C ARG F 98 -30.00 -16.69 -7.20
N GLN F 99 -30.10 -16.58 -5.87
CA GLN F 99 -29.25 -15.65 -5.15
C GLN F 99 -27.77 -15.98 -5.32
N ALA F 100 -27.43 -17.27 -5.19
CA ALA F 100 -26.04 -17.68 -5.37
C ALA F 100 -25.57 -17.37 -6.79
N PHE F 101 -26.44 -17.59 -7.77
CA PHE F 101 -26.09 -17.30 -9.16
C PHE F 101 -25.79 -15.83 -9.36
N GLU F 102 -26.62 -14.96 -8.77
CA GLU F 102 -26.38 -13.52 -8.84
C GLU F 102 -25.03 -13.17 -8.21
N LYS F 103 -24.71 -13.77 -7.06
CA LYS F 103 -23.42 -13.51 -6.44
C LYS F 103 -22.28 -13.88 -7.37
N ALA F 104 -22.38 -15.05 -8.02
CA ALA F 104 -21.33 -15.48 -8.93
C ALA F 104 -21.17 -14.50 -10.09
N LYS F 105 -22.30 -14.04 -10.65
CA LYS F 105 -22.22 -13.08 -11.75
C LYS F 105 -21.52 -11.80 -11.33
N THR F 106 -21.85 -11.29 -10.15
CA THR F 106 -21.21 -10.07 -9.68
C THR F 106 -19.71 -10.26 -9.50
N ALA F 107 -19.31 -11.40 -8.94
CA ALA F 107 -17.88 -11.67 -8.79
C ALA F 107 -17.19 -11.69 -10.15
N LEU F 108 -17.81 -12.32 -11.15
CA LEU F 108 -17.21 -12.35 -12.47
C LEU F 108 -17.05 -10.95 -13.05
N ALA F 109 -18.08 -10.11 -12.88
CA ALA F 109 -17.99 -8.74 -13.41
C ALA F 109 -16.82 -7.99 -12.77
N SER F 110 -16.69 -8.11 -11.45
CA SER F 110 -15.60 -7.41 -10.77
C SER F 110 -14.25 -7.90 -11.26
N SER F 111 -14.11 -9.22 -11.45
CA SER F 111 -12.82 -9.74 -11.91
C SER F 111 -12.49 -9.23 -13.31
N VAL F 112 -13.47 -9.17 -14.20
CA VAL F 112 -13.21 -8.66 -15.55
C VAL F 112 -12.75 -7.21 -15.47
N ARG F 113 -13.42 -6.39 -14.67
CA ARG F 113 -13.00 -5.01 -14.53
C ARG F 113 -11.58 -4.92 -14.02
N GLN F 114 -11.23 -5.70 -13.00
CA GLN F 114 -9.89 -5.61 -12.43
C GLN F 114 -8.83 -6.02 -13.44
N THR F 115 -9.10 -7.07 -14.21
CA THR F 115 -8.13 -7.49 -15.22
C THR F 115 -7.93 -6.40 -16.27
N HIS F 116 -9.01 -5.75 -16.71
CA HIS F 116 -8.86 -4.66 -17.68
C HIS F 116 -8.05 -3.51 -17.07
N GLN F 117 -8.32 -3.17 -15.82
CA GLN F 117 -7.58 -2.10 -15.16
C GLN F 117 -6.10 -2.43 -15.12
N LEU F 118 -5.76 -3.68 -14.79
CA LEU F 118 -4.36 -4.08 -14.79
C LEU F 118 -3.77 -4.00 -16.19
N MET F 119 -4.54 -4.38 -17.22
CA MET F 119 -4.03 -4.34 -18.58
C MET F 119 -3.61 -2.93 -18.96
N ILE F 120 -4.49 -1.95 -18.67
CA ILE F 120 -4.28 -0.51 -19.03
C ILE F 120 -2.99 0.04 -18.41
N ASN F 121 -2.56 -0.49 -17.26
CA ASN F 121 -1.36 0.03 -16.53
C ASN F 121 -0.14 0.03 -17.47
N SER F 122 -0.14 -0.80 -18.53
CA SER F 122 1.00 -0.94 -19.47
C SER F 122 1.28 0.37 -20.22
N LYS F 123 0.27 1.14 -20.60
CA LYS F 123 0.44 2.37 -21.39
C LYS F 123 1.10 3.47 -20.57
N GLN F 124 0.74 3.57 -19.30
CA GLN F 124 1.34 4.57 -18.42
C GLN F 124 2.85 4.34 -18.30
N LEU F 125 3.25 3.09 -18.07
CA LEU F 125 4.67 2.78 -17.98
C LEU F 125 5.38 3.02 -19.31
N GLN F 126 4.68 2.78 -20.42
CA GLN F 126 5.24 3.09 -21.73
C GLN F 126 5.53 4.58 -21.84
N ALA F 127 4.60 5.43 -21.39
CA ALA F 127 4.81 6.87 -21.44
C ALA F 127 5.99 7.26 -20.55
N ASN F 128 6.13 6.60 -19.40
CA ASN F 128 7.29 6.86 -18.56
C ASN F 128 8.58 6.54 -19.28
N ILE F 129 8.60 5.41 -19.99
CA ILE F 129 9.77 5.06 -20.79
C ILE F 129 10.06 6.15 -21.80
N GLU F 130 9.01 6.70 -22.41
CA GLU F 130 9.19 7.76 -23.40
C GLU F 130 9.84 8.98 -22.77
N VAL F 131 9.40 9.35 -21.57
CA VAL F 131 10.01 10.48 -20.86
C VAL F 131 11.50 10.23 -20.66
N GLN F 132 11.84 9.03 -20.20
CA GLN F 132 13.25 8.72 -19.95
C GLN F 132 14.06 8.75 -21.24
N LYS F 133 13.46 8.29 -22.33
CA LYS F 133 14.15 8.37 -23.62
C LYS F 133 14.44 9.80 -24.00
N ILE F 134 13.46 10.70 -23.78
CA ILE F 134 13.70 12.11 -24.09
C ILE F 134 14.86 12.65 -23.26
N ALA F 135 14.88 12.31 -21.97
CA ALA F 135 15.95 12.80 -21.11
C ALA F 135 17.32 12.35 -21.61
N LEU F 136 17.43 11.06 -21.94
CA LEU F 136 18.70 10.54 -22.41
C LEU F 136 19.10 11.18 -23.73
N ALA F 137 18.12 11.44 -24.62
CA ALA F 137 18.44 12.07 -25.88
C ALA F 137 19.01 13.46 -25.66
N LYS F 138 18.41 14.23 -24.76
CA LYS F 138 18.94 15.55 -24.45
C LYS F 138 20.37 15.47 -23.93
N ALA F 139 20.61 14.56 -22.98
CA ALA F 139 21.95 14.45 -22.40
C ALA F 139 22.98 14.05 -23.45
N GLN F 140 22.63 13.10 -24.30
CA GLN F 140 23.56 12.64 -25.33
C GLN F 140 23.87 13.76 -26.32
N SER F 141 22.84 14.52 -26.72
CA SER F 141 23.09 15.64 -27.62
C SER F 141 24.04 16.65 -27.00
N ASP F 142 23.85 16.94 -25.70
CA ASP F 142 24.74 17.89 -25.03
C ASP F 142 26.18 17.38 -25.04
N TYR F 143 26.37 16.10 -24.72
CA TYR F 143 27.73 15.57 -24.69
C TYR F 143 28.37 15.60 -26.07
N ASN F 144 27.59 15.31 -27.11
CA ASN F 144 28.08 15.41 -28.51
C ASN F 144 28.31 16.90 -28.81
N ARG F 145 27.54 17.79 -28.16
CA ARG F 145 27.66 19.26 -28.34
C ARG F 145 28.91 19.78 -27.63
N ARG F 146 29.51 18.97 -26.74
CA ARG F 146 30.67 19.41 -25.92
C ARG F 146 31.95 18.67 -26.35
N VAL F 147 31.85 17.55 -27.08
CA VAL F 147 33.05 16.79 -27.39
C VAL F 147 34.03 17.57 -28.26
N PRO F 148 33.62 18.16 -29.39
CA PRO F 148 34.62 18.75 -30.31
C PRO F 148 35.45 19.87 -29.68
N LEU F 149 34.90 20.52 -28.65
CA LEU F 149 35.57 21.66 -27.97
C LEU F 149 36.78 21.16 -27.18
N GLY F 150 36.73 19.95 -26.61
CA GLY F 150 37.80 19.41 -25.80
C GLY F 150 39.05 19.05 -26.58
N ASN F 151 38.93 18.86 -27.89
CA ASN F 151 40.09 18.58 -28.72
C ASN F 151 40.96 19.81 -28.93
N ALA F 152 40.48 20.99 -28.56
CA ALA F 152 41.26 22.23 -28.65
C ALA F 152 41.52 22.85 -27.28
N ASN F 153 41.17 22.15 -26.20
CA ASN F 153 41.39 22.64 -24.84
C ASN F 153 40.61 23.92 -24.57
N LEU F 154 39.51 24.13 -25.30
CA LEU F 154 38.68 25.35 -25.15
C LEU F 154 37.52 25.04 -24.19
N ILE F 155 37.69 24.07 -23.27
CA ILE F 155 36.65 23.79 -22.24
C ILE F 155 37.30 22.97 -21.14
N GLY F 156 36.90 23.20 -19.89
CA GLY F 156 37.52 22.51 -18.75
C GLY F 156 37.21 21.03 -18.77
N ARG F 157 38.17 20.20 -18.37
CA ARG F 157 37.99 18.75 -18.40
C ARG F 157 36.89 18.31 -17.45
N GLU F 158 36.68 19.05 -16.36
CA GLU F 158 35.64 18.70 -15.41
C GLU F 158 34.27 18.75 -16.06
N GLU F 159 34.02 19.75 -16.91
CA GLU F 159 32.73 19.84 -17.57
C GLU F 159 32.49 18.64 -18.47
N LEU F 160 33.51 18.22 -19.21
CA LEU F 160 33.35 17.06 -20.09
C LEU F 160 33.09 15.80 -19.29
N GLN F 161 33.82 15.62 -18.18
CA GLN F 161 33.57 14.47 -17.32
C GLN F 161 32.14 14.47 -16.80
N HIS F 162 31.65 15.64 -16.38
CA HIS F 162 30.29 15.74 -15.88
C HIS F 162 29.27 15.40 -16.96
N ALA F 163 29.50 15.87 -18.19
CA ALA F 163 28.59 15.53 -19.27
C ALA F 163 28.55 14.03 -19.51
N ARG F 164 29.72 13.38 -19.51
CA ARG F 164 29.74 11.93 -19.69
C ARG F 164 28.97 11.23 -18.58
N ASP F 165 29.17 11.67 -17.33
CA ASP F 165 28.47 11.06 -16.21
C ASP F 165 26.96 11.24 -16.35
N ALA F 166 26.53 12.41 -16.80
CA ALA F 166 25.10 12.65 -16.98
C ALA F 166 24.52 11.70 -18.03
N VAL F 167 25.23 11.51 -19.14
CA VAL F 167 24.75 10.59 -20.16
C VAL F 167 24.60 9.18 -19.60
N THR F 168 25.62 8.72 -18.87
CA THR F 168 25.56 7.38 -18.30
C THR F 168 24.39 7.24 -17.32
N SER F 169 24.19 8.24 -16.47
CA SER F 169 23.11 8.18 -15.49
C SER F 169 21.75 8.13 -16.19
N ALA F 170 21.59 8.93 -17.25
CA ALA F 170 20.33 8.89 -17.99
C ALA F 170 20.10 7.50 -18.57
N GLN F 171 21.15 6.87 -19.12
CA GLN F 171 21.00 5.51 -19.63
C GLN F 171 20.51 4.58 -18.54
N ALA F 172 21.11 4.66 -17.35
CA ALA F 172 20.73 3.76 -16.27
C ALA F 172 19.27 3.97 -15.85
N GLN F 173 18.84 5.22 -15.77
CA GLN F 173 17.45 5.48 -15.38
C GLN F 173 16.48 4.96 -16.43
N LEU F 174 16.83 5.11 -17.71
CA LEU F 174 16.00 4.52 -18.76
C LEU F 174 15.90 3.01 -18.57
N ASP F 175 17.00 2.37 -18.21
CA ASP F 175 16.96 0.93 -17.97
C ASP F 175 16.02 0.60 -16.83
N VAL F 176 16.04 1.40 -15.76
CA VAL F 176 15.13 1.17 -14.64
C VAL F 176 13.68 1.22 -15.12
N ALA F 177 13.36 2.24 -15.92
CA ALA F 177 11.99 2.36 -16.42
C ALA F 177 11.58 1.17 -17.28
N ILE F 178 12.50 0.73 -18.16
CA ILE F 178 12.21 -0.42 -19.00
C ILE F 178 11.93 -1.65 -18.14
N GLN F 179 12.72 -1.83 -17.09
CA GLN F 179 12.51 -2.98 -16.22
C GLN F 179 11.18 -2.90 -15.48
N GLN F 180 10.75 -1.69 -15.08
CA GLN F 180 9.43 -1.57 -14.50
C GLN F 180 8.34 -2.01 -15.48
N TYR F 181 8.43 -1.50 -16.71
CA TYR F 181 7.45 -1.89 -17.72
C TYR F 181 7.41 -3.40 -17.90
N ASN F 182 8.58 -4.02 -18.04
CA ASN F 182 8.62 -5.46 -18.26
C ASN F 182 8.11 -6.23 -17.05
N ALA F 183 8.36 -5.71 -15.84
CA ALA F 183 7.85 -6.36 -14.65
C ALA F 183 6.33 -6.39 -14.65
N ASN F 184 5.70 -5.28 -15.06
CA ASN F 184 4.24 -5.31 -15.16
C ASN F 184 3.77 -6.29 -16.22
N GLN F 185 4.46 -6.33 -17.36
CA GLN F 185 3.98 -7.14 -18.48
C GLN F 185 3.90 -8.62 -18.14
N ALA F 186 4.71 -9.08 -17.18
CA ALA F 186 4.73 -10.49 -16.81
C ALA F 186 3.44 -10.93 -16.13
N MET F 187 2.47 -10.04 -15.95
CA MET F 187 1.20 -10.39 -15.34
C MET F 187 0.07 -10.54 -16.34
N ILE F 188 0.21 -9.98 -17.55
CA ILE F 188 -0.81 -10.09 -18.58
C ILE F 188 -0.32 -10.77 -19.84
N LEU F 189 0.99 -10.99 -19.99
CA LEU F 189 1.56 -11.67 -21.16
C LEU F 189 0.95 -11.04 -22.42
N GLY F 190 0.46 -11.82 -23.38
CA GLY F 190 -0.14 -11.27 -24.57
C GLY F 190 -1.47 -11.92 -24.91
N THR F 191 -2.07 -12.62 -23.95
CA THR F 191 -3.35 -13.26 -24.17
C THR F 191 -4.47 -12.23 -24.21
N LYS F 192 -5.64 -12.67 -24.69
CA LYS F 192 -6.81 -11.82 -24.72
C LYS F 192 -7.43 -11.72 -23.33
N LEU F 193 -8.30 -10.72 -23.16
CA LEU F 193 -8.90 -10.48 -21.86
C LEU F 193 -9.77 -11.65 -21.41
N GLU F 194 -10.45 -12.29 -22.36
CA GLU F 194 -11.33 -13.40 -22.01
C GLU F 194 -10.57 -14.64 -21.57
N ASP F 195 -9.24 -14.66 -21.71
CA ASP F 195 -8.44 -15.83 -21.39
C ASP F 195 -7.47 -15.58 -20.24
N GLN F 196 -7.63 -14.49 -19.51
CA GLN F 196 -6.75 -14.24 -18.38
C GLN F 196 -7.15 -15.12 -17.20
N PRO F 197 -6.18 -15.56 -16.38
CA PRO F 197 -6.52 -16.48 -15.29
C PRO F 197 -7.60 -15.97 -14.35
N ALA F 198 -7.55 -14.69 -13.99
CA ALA F 198 -8.52 -14.16 -13.04
C ALA F 198 -9.95 -14.31 -13.55
N VAL F 199 -10.15 -14.20 -14.86
CA VAL F 199 -11.49 -14.34 -15.42
C VAL F 199 -11.95 -15.80 -15.34
N GLN F 200 -11.04 -16.74 -15.60
CA GLN F 200 -11.39 -18.15 -15.51
C GLN F 200 -11.77 -18.53 -14.09
N GLN F 201 -11.05 -17.99 -13.09
CA GLN F 201 -11.36 -18.31 -11.71
C GLN F 201 -12.82 -18.01 -11.39
N ALA F 202 -13.34 -16.90 -11.91
CA ALA F 202 -14.73 -16.53 -11.70
C ALA F 202 -15.69 -17.29 -12.61
N ALA F 203 -15.26 -17.60 -13.83
CA ALA F 203 -16.13 -18.34 -14.74
C ALA F 203 -16.46 -19.72 -14.16
N THR F 204 -15.47 -20.36 -13.52
CA THR F 204 -15.73 -21.66 -12.92
C THR F 204 -16.82 -21.56 -11.84
N GLU F 205 -16.74 -20.54 -11.00
CA GLU F 205 -17.74 -20.36 -9.96
C GLU F 205 -19.11 -20.10 -10.57
N VAL F 206 -19.16 -19.29 -11.64
CA VAL F 206 -20.43 -19.04 -12.30
C VAL F 206 -21.03 -20.35 -12.81
N ARG F 207 -20.20 -21.20 -13.42
CA ARG F 207 -20.72 -22.47 -13.95
C ARG F 207 -21.22 -23.36 -12.82
N ASN F 208 -20.49 -23.41 -11.70
CA ASN F 208 -20.94 -24.23 -10.57
C ASN F 208 -22.29 -23.74 -10.05
N ALA F 209 -22.43 -22.43 -9.87
CA ALA F 209 -23.70 -21.90 -9.38
C ALA F 209 -24.84 -22.17 -10.35
N TRP F 210 -24.57 -22.03 -11.64
CA TRP F 210 -25.61 -22.31 -12.64
C TRP F 210 -26.03 -23.77 -12.60
N LEU F 211 -25.06 -24.69 -12.47
CA LEU F 211 -25.42 -26.09 -12.37
C LEU F 211 -26.26 -26.35 -11.13
N ALA F 212 -25.90 -25.72 -10.01
CA ALA F 212 -26.70 -25.90 -8.80
C ALA F 212 -28.13 -25.41 -9.02
N LEU F 213 -28.29 -24.27 -9.69
CA LEU F 213 -29.63 -23.78 -9.99
C LEU F 213 -30.38 -24.74 -10.91
N GLU F 214 -29.71 -25.26 -11.93
CA GLU F 214 -30.38 -26.10 -12.92
C GLU F 214 -30.89 -27.39 -12.31
N ARG F 215 -30.38 -27.80 -11.16
CA ARG F 215 -30.71 -29.07 -10.55
C ARG F 215 -31.86 -28.97 -9.56
N THR F 216 -32.64 -27.89 -9.61
CA THR F 216 -33.88 -27.80 -8.86
C THR F 216 -35.05 -28.40 -9.62
N ARG F 217 -34.77 -29.21 -10.65
CA ARG F 217 -35.77 -29.97 -11.38
C ARG F 217 -35.31 -31.42 -11.37
N ILE F 218 -35.89 -32.24 -10.49
CA ILE F 218 -35.51 -33.64 -10.41
C ILE F 218 -35.99 -34.37 -11.65
N ILE F 219 -35.08 -35.05 -12.33
CA ILE F 219 -35.33 -35.69 -13.61
C ILE F 219 -35.36 -37.20 -13.42
N SER F 220 -36.22 -37.87 -14.16
CA SER F 220 -36.31 -39.33 -14.07
C SER F 220 -35.15 -39.97 -14.81
N PRO F 221 -34.33 -40.80 -14.16
CA PRO F 221 -33.16 -41.37 -14.85
C PRO F 221 -33.45 -42.54 -15.77
N MET F 222 -34.63 -43.16 -15.69
CA MET F 222 -34.96 -44.20 -16.65
C MET F 222 -36.46 -44.44 -16.65
N THR F 223 -36.93 -45.08 -17.72
CA THR F 223 -38.35 -45.33 -17.92
C THR F 223 -38.87 -46.35 -16.91
N GLY F 224 -40.16 -46.26 -16.61
CA GLY F 224 -40.79 -47.21 -15.71
C GLY F 224 -42.12 -46.68 -15.20
N TYR F 225 -42.51 -47.19 -14.04
CA TYR F 225 -43.78 -46.87 -13.42
C TYR F 225 -43.55 -46.56 -11.94
N VAL F 226 -44.09 -45.42 -11.48
CA VAL F 226 -43.85 -44.97 -10.11
C VAL F 226 -44.38 -46.00 -9.12
N SER F 227 -43.68 -46.14 -7.99
CA SER F 227 -43.94 -47.22 -7.05
C SER F 227 -44.44 -46.74 -5.69
N ARG F 228 -43.71 -45.87 -5.00
CA ARG F 228 -43.98 -45.60 -3.59
C ARG F 228 -44.34 -44.16 -3.28
N ARG F 229 -43.57 -43.19 -3.77
CA ARG F 229 -43.95 -41.77 -3.69
C ARG F 229 -44.14 -41.29 -2.25
N ALA F 230 -43.03 -41.26 -1.50
CA ALA F 230 -43.06 -40.65 -0.18
C ALA F 230 -43.16 -39.13 -0.25
N VAL F 231 -42.64 -38.52 -1.31
CA VAL F 231 -42.55 -37.06 -1.37
C VAL F 231 -43.94 -36.45 -1.41
N GLN F 232 -44.07 -35.30 -0.76
CA GLN F 232 -45.29 -34.51 -0.74
C GLN F 232 -44.93 -33.04 -0.81
N PRO F 233 -45.85 -32.19 -1.26
CA PRO F 233 -45.55 -30.75 -1.32
C PRO F 233 -45.18 -30.19 0.03
N GLY F 234 -44.21 -29.28 0.04
CA GLY F 234 -43.78 -28.63 1.25
C GLY F 234 -42.73 -29.37 2.03
N ALA F 235 -42.40 -30.59 1.64
CA ALA F 235 -41.41 -31.37 2.38
C ALA F 235 -40.02 -30.78 2.21
N GLN F 236 -39.22 -30.86 3.27
CA GLN F 236 -37.82 -30.49 3.21
C GLN F 236 -37.01 -31.70 2.79
N ILE F 237 -36.11 -31.50 1.82
CA ILE F 237 -35.47 -32.60 1.11
C ILE F 237 -33.97 -32.37 1.07
N SER F 238 -33.20 -33.42 1.36
CA SER F 238 -31.77 -33.43 1.16
C SER F 238 -31.45 -34.51 0.13
N PRO F 239 -30.21 -34.61 -0.34
CA PRO F 239 -29.90 -35.63 -1.35
C PRO F 239 -30.11 -37.05 -0.86
N THR F 240 -30.39 -37.24 0.42
CA THR F 240 -30.58 -38.57 0.99
C THR F 240 -32.05 -38.96 1.12
N THR F 241 -32.97 -38.01 1.08
CA THR F 241 -34.38 -38.36 1.22
C THR F 241 -34.79 -39.29 0.07
N PRO F 242 -35.59 -40.33 0.32
CA PRO F 242 -35.87 -41.32 -0.73
C PRO F 242 -36.78 -40.86 -1.85
N LEU F 243 -37.75 -39.98 -1.58
CA LEU F 243 -38.76 -39.65 -2.58
C LEU F 243 -39.39 -40.92 -3.15
N MET F 244 -39.60 -40.99 -4.46
CA MET F 244 -40.29 -42.10 -5.09
C MET F 244 -39.29 -43.09 -5.67
N ALA F 245 -39.79 -44.06 -6.46
CA ALA F 245 -38.94 -45.04 -7.13
C ALA F 245 -39.58 -45.42 -8.46
N VAL F 246 -38.73 -45.82 -9.41
CA VAL F 246 -39.19 -46.18 -10.76
C VAL F 246 -38.82 -47.62 -11.06
N VAL F 247 -39.82 -48.45 -11.32
CA VAL F 247 -39.61 -49.88 -11.57
C VAL F 247 -39.97 -50.20 -13.02
N PRO F 248 -38.99 -50.44 -13.89
CA PRO F 248 -39.32 -50.83 -15.26
C PRO F 248 -39.88 -52.25 -15.32
N ALA F 249 -40.53 -52.55 -16.44
CA ALA F 249 -41.19 -53.83 -16.67
C ALA F 249 -40.71 -54.45 -17.97
N THR F 250 -39.40 -54.45 -18.17
CA THR F 250 -38.81 -54.96 -19.41
C THR F 250 -37.76 -56.03 -19.18
N ASN F 251 -36.92 -55.90 -18.17
CA ASN F 251 -35.80 -56.82 -17.93
C ASN F 251 -36.02 -57.47 -16.58
N MET F 252 -36.75 -58.58 -16.56
CA MET F 252 -37.05 -59.30 -15.34
C MET F 252 -36.44 -60.69 -15.40
N TRP F 253 -36.07 -61.20 -14.23
CA TRP F 253 -35.49 -62.52 -14.10
C TRP F 253 -36.10 -63.21 -12.90
N VAL F 254 -36.05 -64.55 -12.89
CA VAL F 254 -36.65 -65.38 -11.81
C VAL F 254 -35.53 -65.92 -10.91
N ASP F 255 -35.53 -65.55 -9.62
CA ASP F 255 -34.58 -66.04 -8.64
C ASP F 255 -35.19 -67.27 -7.98
N ALA F 256 -34.66 -68.44 -8.31
CA ALA F 256 -35.18 -69.70 -7.82
C ALA F 256 -34.32 -70.17 -6.65
N ASN F 257 -34.98 -70.45 -5.52
CA ASN F 257 -34.28 -70.91 -4.33
C ASN F 257 -34.33 -72.44 -4.31
N PHE F 258 -33.22 -73.06 -4.68
CA PHE F 258 -33.10 -74.51 -4.70
C PHE F 258 -32.43 -75.00 -3.43
N LYS F 259 -32.81 -76.20 -3.02
CA LYS F 259 -32.11 -76.85 -1.92
C LYS F 259 -30.68 -77.16 -2.33
N GLU F 260 -29.78 -77.13 -1.35
CA GLU F 260 -28.37 -77.39 -1.64
C GLU F 260 -28.13 -78.81 -2.10
N THR F 261 -29.10 -79.71 -1.94
CA THR F 261 -28.99 -81.08 -2.39
C THR F 261 -29.50 -81.28 -3.82
N GLN F 262 -29.81 -80.20 -4.53
CA GLN F 262 -30.29 -80.29 -5.90
C GLN F 262 -29.45 -79.54 -6.92
N ILE F 263 -28.57 -78.64 -6.48
CA ILE F 263 -27.81 -77.79 -7.39
C ILE F 263 -26.50 -78.46 -7.76
N ALA F 264 -26.33 -79.72 -7.35
CA ALA F 264 -25.04 -80.37 -7.53
C ALA F 264 -24.61 -80.45 -8.98
N ASN F 265 -25.55 -80.47 -9.93
CA ASN F 265 -25.21 -80.67 -11.32
C ASN F 265 -26.02 -79.73 -12.22
N MET F 266 -26.14 -78.46 -11.82
CA MET F 266 -26.74 -77.43 -12.66
C MET F 266 -25.63 -76.59 -13.26
N ARG F 267 -25.54 -76.60 -14.59
CA ARG F 267 -24.55 -75.84 -15.32
C ARG F 267 -25.20 -74.63 -15.96
N ILE F 268 -24.38 -73.72 -16.46
CA ILE F 268 -24.88 -72.53 -17.12
C ILE F 268 -25.24 -72.87 -18.55
N GLY F 269 -26.45 -72.50 -18.96
CA GLY F 269 -26.94 -72.73 -20.31
C GLY F 269 -28.07 -73.73 -20.42
N GLN F 270 -28.37 -74.48 -19.36
CA GLN F 270 -29.37 -75.51 -19.45
C GLN F 270 -30.77 -74.91 -19.53
N PRO F 271 -31.66 -75.48 -20.33
CA PRO F 271 -33.00 -74.88 -20.49
C PRO F 271 -33.85 -75.01 -19.24
N VAL F 272 -34.88 -74.16 -19.18
CA VAL F 272 -35.73 -74.04 -18.00
C VAL F 272 -37.15 -73.76 -18.44
N THR F 273 -38.13 -74.26 -17.67
CA THR F 273 -39.53 -74.00 -17.91
C THR F 273 -40.16 -73.42 -16.65
N ILE F 274 -41.00 -72.41 -16.82
CA ILE F 274 -41.53 -71.63 -15.71
C ILE F 274 -43.05 -71.54 -15.83
N THR F 275 -43.73 -71.74 -14.70
CA THR F 275 -45.18 -71.64 -14.61
C THR F 275 -45.54 -70.67 -13.50
N THR F 276 -46.59 -69.89 -13.71
CA THR F 276 -46.99 -68.83 -12.80
C THR F 276 -48.41 -69.07 -12.32
N ASP F 277 -48.65 -68.78 -11.03
CA ASP F 277 -49.97 -68.96 -10.46
C ASP F 277 -50.95 -67.88 -10.91
N ILE F 278 -50.45 -66.70 -11.29
CA ILE F 278 -51.34 -65.65 -11.78
C ILE F 278 -52.00 -66.08 -13.07
N TYR F 279 -51.30 -66.84 -13.92
CA TYR F 279 -51.82 -67.27 -15.21
C TYR F 279 -52.16 -68.75 -15.28
N GLY F 280 -51.78 -69.55 -14.28
CA GLY F 280 -52.11 -70.96 -14.31
C GLY F 280 -51.19 -71.74 -15.23
N ASP F 281 -51.72 -72.85 -15.74
CA ASP F 281 -50.96 -73.75 -16.60
C ASP F 281 -51.14 -73.48 -18.09
N ASP F 282 -51.91 -72.46 -18.45
CA ASP F 282 -52.14 -72.16 -19.86
C ASP F 282 -51.00 -71.39 -20.50
N VAL F 283 -50.07 -70.86 -19.72
CA VAL F 283 -48.92 -70.12 -20.23
C VAL F 283 -47.65 -70.81 -19.77
N LYS F 284 -46.61 -70.77 -20.60
CA LYS F 284 -45.36 -71.46 -20.31
C LYS F 284 -44.21 -70.58 -20.77
N TYR F 285 -43.60 -69.86 -19.83
CA TYR F 285 -42.40 -69.11 -20.12
C TYR F 285 -41.23 -70.06 -20.33
N THR F 286 -40.19 -69.56 -20.99
CA THR F 286 -38.98 -70.33 -21.24
C THR F 286 -37.78 -69.48 -20.87
N GLY F 287 -36.69 -70.14 -20.53
CA GLY F 287 -35.51 -69.41 -20.10
C GLY F 287 -34.27 -70.27 -20.11
N LYS F 288 -33.20 -69.68 -19.57
CA LYS F 288 -31.92 -70.34 -19.46
C LYS F 288 -31.37 -70.11 -18.05
N VAL F 289 -30.36 -70.87 -17.69
CA VAL F 289 -29.69 -70.68 -16.41
C VAL F 289 -28.51 -69.74 -16.61
N VAL F 290 -28.49 -68.66 -15.86
CA VAL F 290 -27.51 -67.60 -16.03
C VAL F 290 -26.35 -67.74 -15.05
N GLY F 291 -26.65 -68.06 -13.79
CA GLY F 291 -25.60 -68.22 -12.80
C GLY F 291 -26.19 -68.61 -11.46
N LEU F 292 -25.31 -69.13 -10.61
CA LEU F 292 -25.66 -69.53 -9.25
C LEU F 292 -24.96 -68.59 -8.28
N ASP F 293 -25.75 -67.95 -7.41
CA ASP F 293 -25.19 -66.98 -6.48
C ASP F 293 -24.18 -67.65 -5.55
N MET F 294 -23.14 -66.91 -5.20
CA MET F 294 -22.06 -67.44 -4.37
C MET F 294 -22.33 -67.16 -2.90
N GLY F 295 -23.31 -67.87 -2.36
CA GLY F 295 -23.61 -67.75 -0.95
C GLY F 295 -25.05 -68.08 -0.59
N THR F 296 -25.24 -68.82 0.49
CA THR F 296 -26.58 -69.22 0.90
C THR F 296 -27.35 -68.04 1.46
N GLY F 297 -28.67 -68.20 1.52
CA GLY F 297 -29.52 -67.15 2.05
C GLY F 297 -29.32 -66.93 3.54
N SER F 298 -29.07 -68.00 4.29
CA SER F 298 -28.81 -67.85 5.72
C SER F 298 -27.61 -66.95 5.95
N ALA F 299 -26.54 -67.16 5.20
CA ALA F 299 -25.49 -66.17 5.09
C ALA F 299 -25.94 -65.11 4.09
N PHE F 300 -25.08 -64.13 3.84
CA PHE F 300 -25.36 -63.06 2.89
C PHE F 300 -26.63 -62.29 3.23
N SER F 301 -27.15 -62.43 4.44
CA SER F 301 -28.35 -61.74 4.88
C SER F 301 -27.96 -60.50 5.68
N LEU F 302 -28.96 -59.64 5.92
CA LEU F 302 -28.73 -58.46 6.74
C LEU F 302 -28.09 -58.85 8.07
N LEU F 303 -28.66 -59.86 8.72
CA LEU F 303 -28.07 -60.43 9.94
C LEU F 303 -27.65 -61.86 9.62
N PRO F 304 -26.36 -62.14 9.44
CA PRO F 304 -25.95 -63.52 9.16
C PRO F 304 -26.29 -64.43 10.32
N ALA F 305 -27.07 -65.48 10.04
CA ALA F 305 -27.51 -66.39 11.08
C ALA F 305 -26.32 -66.91 11.87
N GLN F 306 -26.42 -66.82 13.19
CA GLN F 306 -25.29 -67.12 14.07
C GLN F 306 -25.40 -68.55 14.56
N ASN F 307 -24.51 -69.41 14.06
CA ASN F 307 -24.39 -70.77 14.58
C ASN F 307 -23.55 -70.72 15.86
N ALA F 308 -23.18 -71.87 16.38
CA ALA F 308 -22.36 -71.95 17.58
C ALA F 308 -23.06 -71.32 18.78
N THR F 309 -24.39 -71.31 18.77
CA THR F 309 -25.16 -70.65 19.82
C THR F 309 -25.58 -71.60 20.93
N GLY F 310 -25.24 -72.88 20.84
CA GLY F 310 -25.63 -73.84 21.85
C GLY F 310 -27.05 -74.35 21.74
N ASN F 311 -27.85 -73.79 20.82
CA ASN F 311 -29.21 -74.25 20.55
C ASN F 311 -29.38 -74.47 19.05
N TRP F 312 -28.40 -75.14 18.44
CA TRP F 312 -28.32 -75.28 17.00
C TRP F 312 -28.97 -76.59 16.55
N ILE F 313 -29.81 -76.51 15.53
CA ILE F 313 -30.43 -77.67 14.91
C ILE F 313 -30.21 -77.60 13.41
N LYS F 314 -29.98 -78.74 12.79
CA LYS F 314 -29.67 -78.78 11.36
C LYS F 314 -30.93 -78.55 10.54
N VAL F 315 -30.83 -77.66 9.56
CA VAL F 315 -31.88 -77.45 8.58
C VAL F 315 -31.22 -77.29 7.22
N VAL F 316 -31.89 -77.76 6.18
CA VAL F 316 -31.36 -77.67 4.82
C VAL F 316 -31.07 -76.21 4.50
N GLN F 317 -30.11 -75.99 3.60
CA GLN F 317 -29.76 -74.65 3.14
C GLN F 317 -30.14 -74.49 1.67
N ARG F 318 -30.57 -73.30 1.30
CA ARG F 318 -31.05 -73.02 -0.05
C ARG F 318 -30.18 -71.94 -0.67
N LEU F 319 -29.75 -72.18 -1.91
CA LEU F 319 -28.85 -71.30 -2.64
C LEU F 319 -29.59 -70.71 -3.84
N PRO F 320 -29.76 -69.39 -3.93
CA PRO F 320 -30.52 -68.84 -5.05
C PRO F 320 -29.84 -69.10 -6.39
N VAL F 321 -30.67 -69.28 -7.42
CA VAL F 321 -30.22 -69.51 -8.79
C VAL F 321 -30.97 -68.56 -9.70
N ARG F 322 -30.26 -67.95 -10.64
CA ARG F 322 -30.81 -66.92 -11.51
C ARG F 322 -31.23 -67.53 -12.84
N ILE F 323 -32.35 -67.07 -13.36
CA ILE F 323 -32.92 -67.57 -14.61
C ILE F 323 -33.34 -66.38 -15.47
N GLU F 324 -32.95 -66.41 -16.74
CA GLU F 324 -33.33 -65.37 -17.68
C GLU F 324 -34.59 -65.79 -18.43
N LEU F 325 -35.57 -64.91 -18.45
CA LEU F 325 -36.86 -65.20 -19.06
C LEU F 325 -36.96 -64.56 -20.44
N ASP F 326 -37.42 -65.34 -21.40
CA ASP F 326 -37.57 -64.87 -22.78
C ASP F 326 -38.29 -63.53 -22.80
N GLN F 327 -37.61 -62.50 -23.31
CA GLN F 327 -38.18 -61.16 -23.30
C GLN F 327 -39.25 -60.96 -24.36
N LYS F 328 -39.29 -61.81 -25.38
CA LYS F 328 -40.32 -61.66 -26.41
C LYS F 328 -41.70 -62.05 -25.91
N GLN F 329 -41.78 -62.75 -24.78
CA GLN F 329 -43.05 -63.22 -24.24
C GLN F 329 -43.50 -62.44 -23.01
N LEU F 330 -42.60 -61.72 -22.35
CA LEU F 330 -43.03 -60.89 -21.22
C LEU F 330 -44.00 -59.80 -21.67
N GLU F 331 -43.76 -59.22 -22.85
CA GLU F 331 -44.62 -58.15 -23.32
C GLU F 331 -46.04 -58.61 -23.52
N GLN F 332 -46.23 -59.87 -23.94
CA GLN F 332 -47.58 -60.40 -24.09
C GLN F 332 -48.21 -60.77 -22.75
N TYR F 333 -47.39 -61.17 -21.77
CA TYR F 333 -47.88 -61.55 -20.44
C TYR F 333 -47.01 -60.87 -19.39
N PRO F 334 -47.32 -59.62 -19.04
CA PRO F 334 -46.48 -58.91 -18.07
C PRO F 334 -46.49 -59.57 -16.71
N LEU F 335 -45.36 -59.45 -16.01
CA LEU F 335 -45.20 -59.98 -14.67
C LEU F 335 -44.88 -58.86 -13.69
N ARG F 336 -44.90 -59.20 -12.41
CA ARG F 336 -44.73 -58.25 -11.32
C ARG F 336 -43.63 -58.75 -10.40
N ILE F 337 -43.06 -57.83 -9.62
CA ILE F 337 -42.03 -58.21 -8.66
C ILE F 337 -42.70 -58.94 -7.50
N GLY F 338 -42.20 -60.12 -7.18
CA GLY F 338 -42.70 -60.87 -6.06
C GLY F 338 -43.80 -61.86 -6.36
N LEU F 339 -44.04 -62.19 -7.63
CA LEU F 339 -45.06 -63.16 -7.99
C LEU F 339 -44.48 -64.56 -7.99
N SER F 340 -45.07 -65.45 -7.19
CA SER F 340 -44.58 -66.81 -7.06
C SER F 340 -44.76 -67.57 -8.37
N THR F 341 -43.91 -68.57 -8.57
CA THR F 341 -43.91 -69.36 -9.79
C THR F 341 -43.44 -70.77 -9.47
N LEU F 342 -43.51 -71.63 -10.48
CA LEU F 342 -42.98 -72.99 -10.39
C LEU F 342 -41.90 -73.14 -11.45
N VAL F 343 -40.70 -73.54 -11.03
CA VAL F 343 -39.53 -73.59 -11.89
C VAL F 343 -39.13 -75.04 -12.12
N SER F 344 -38.84 -75.37 -13.38
CA SER F 344 -38.34 -76.69 -13.76
C SER F 344 -37.06 -76.48 -14.55
N VAL F 345 -35.97 -77.09 -14.11
CA VAL F 345 -34.66 -76.94 -14.73
C VAL F 345 -34.20 -78.30 -15.22
N ASN F 346 -33.85 -78.36 -16.51
CA ASN F 346 -33.39 -79.62 -17.10
C ASN F 346 -31.89 -79.79 -16.91
N THR F 347 -31.46 -81.03 -16.68
CA THR F 347 -30.05 -81.33 -16.30
C THR F 347 -29.44 -82.48 -17.07
N THR F 348 -29.96 -82.88 -18.24
CA THR F 348 -29.40 -84.05 -18.91
C THR F 348 -28.03 -83.75 -19.50
N ASN F 349 -27.81 -82.54 -20.01
CA ASN F 349 -26.56 -82.19 -20.70
C ASN F 349 -25.61 -81.54 -19.71
N ARG F 350 -24.79 -82.37 -19.07
CA ARG F 350 -23.84 -81.91 -18.06
C ARG F 350 -22.44 -81.77 -18.69
N ASP F 351 -22.26 -80.70 -19.45
CA ASP F 351 -20.98 -80.44 -20.09
C ASP F 351 -20.53 -78.99 -20.05
N GLY F 352 -21.32 -78.09 -19.49
CA GLY F 352 -20.94 -76.69 -19.41
C GLY F 352 -20.06 -76.40 -18.22
N GLN F 353 -19.92 -75.11 -17.92
CA GLN F 353 -19.20 -74.64 -16.75
C GLN F 353 -20.20 -74.19 -15.70
N VAL F 354 -19.69 -73.97 -14.49
CA VAL F 354 -20.51 -73.54 -13.36
C VAL F 354 -20.26 -72.06 -13.10
N LEU F 355 -19.02 -71.71 -12.80
CA LEU F 355 -18.63 -70.32 -12.61
C LEU F 355 -18.25 -69.70 -13.95
N ALA F 356 -18.75 -68.49 -14.19
CA ALA F 356 -18.51 -67.83 -15.46
C ALA F 356 -17.05 -67.37 -15.56
N ASN F 357 -16.56 -67.27 -16.78
CA ASN F 357 -15.18 -66.89 -17.04
C ASN F 357 -15.06 -65.68 -17.96
N LYS F 358 -15.94 -65.55 -18.95
CA LYS F 358 -15.88 -64.41 -19.84
C LYS F 358 -16.14 -63.13 -19.08
N VAL F 359 -15.78 -62.01 -19.71
CA VAL F 359 -15.98 -60.68 -19.15
C VAL F 359 -16.61 -59.79 -20.21
N ARG F 360 -17.53 -58.94 -19.79
CA ARG F 360 -18.33 -58.15 -20.72
C ARG F 360 -17.56 -56.92 -21.21
N SER F 361 -17.64 -56.67 -22.51
CA SER F 361 -16.95 -55.55 -23.13
C SER F 361 -17.79 -54.29 -23.22
N THR F 362 -19.07 -54.35 -22.84
CA THR F 362 -19.97 -53.21 -22.88
C THR F 362 -20.73 -53.14 -21.56
N PRO F 363 -21.13 -51.94 -21.13
CA PRO F 363 -21.75 -51.81 -19.80
C PRO F 363 -23.15 -52.39 -19.72
N VAL F 364 -23.73 -52.35 -18.52
CA VAL F 364 -25.09 -52.80 -18.27
C VAL F 364 -25.88 -51.60 -17.79
N ALA F 365 -26.97 -51.28 -18.50
CA ALA F 365 -27.94 -50.30 -18.03
C ALA F 365 -27.29 -48.94 -17.77
N VAL F 366 -26.83 -48.32 -18.84
CA VAL F 366 -26.30 -46.96 -18.77
C VAL F 366 -27.45 -45.97 -18.88
N SER F 367 -27.23 -44.76 -18.35
CA SER F 367 -28.18 -43.67 -18.50
C SER F 367 -27.42 -42.36 -18.63
N THR F 368 -28.05 -41.39 -19.30
CA THR F 368 -27.43 -40.09 -19.50
C THR F 368 -28.43 -38.94 -19.31
N ALA F 369 -29.51 -39.16 -18.57
CA ALA F 369 -30.50 -38.10 -18.38
C ALA F 369 -29.90 -36.92 -17.66
N ARG F 370 -29.05 -37.17 -16.66
CA ARG F 370 -28.47 -36.11 -15.84
C ARG F 370 -27.09 -35.72 -16.37
N GLU F 371 -27.08 -35.18 -17.59
CA GLU F 371 -25.88 -34.65 -18.22
C GLU F 371 -26.24 -33.25 -18.73
N ILE F 372 -25.98 -32.24 -17.91
CA ILE F 372 -26.34 -30.87 -18.24
C ILE F 372 -25.23 -30.25 -19.05
N SER F 373 -25.52 -29.89 -20.30
CA SER F 373 -24.53 -29.27 -21.16
C SER F 373 -24.32 -27.81 -20.77
N LEU F 374 -23.10 -27.32 -21.01
CA LEU F 374 -22.67 -26.02 -20.53
C LEU F 374 -22.57 -24.98 -21.64
N ALA F 375 -23.47 -25.06 -22.62
CA ALA F 375 -23.49 -24.13 -23.77
C ALA F 375 -24.16 -22.80 -23.34
N PRO F 376 -25.35 -22.81 -22.71
CA PRO F 376 -26.01 -21.56 -22.26
C PRO F 376 -25.19 -20.79 -21.25
N VAL F 377 -24.54 -21.47 -20.32
CA VAL F 377 -23.74 -20.78 -19.32
C VAL F 377 -22.54 -20.12 -19.98
N ASN F 378 -21.95 -20.77 -20.98
CA ASN F 378 -20.85 -20.13 -21.71
C ASN F 378 -21.34 -18.88 -22.41
N LYS F 379 -22.54 -18.92 -23.00
CA LYS F 379 -23.06 -17.74 -23.66
C LYS F 379 -23.28 -16.60 -22.68
N LEU F 380 -23.85 -16.92 -21.51
CA LEU F 380 -24.03 -15.89 -20.49
C LEU F 380 -22.70 -15.30 -20.04
N ILE F 381 -21.69 -16.17 -19.87
CA ILE F 381 -20.37 -15.69 -19.46
C ILE F 381 -19.80 -14.75 -20.50
N ASP F 382 -19.91 -15.11 -21.78
CA ASP F 382 -19.40 -14.24 -22.82
C ASP F 382 -20.13 -12.90 -22.83
N ASP F 383 -21.45 -12.92 -22.68
CA ASP F 383 -22.20 -11.68 -22.66
C ASP F 383 -21.77 -10.79 -21.50
N ILE F 384 -21.56 -11.36 -20.32
CA ILE F 384 -21.14 -10.56 -19.18
C ILE F 384 -19.74 -10.02 -19.40
N VAL F 385 -18.85 -10.83 -19.99
CA VAL F 385 -17.48 -10.37 -20.25
C VAL F 385 -17.49 -9.21 -21.22
N LYS F 386 -18.40 -9.22 -22.19
CA LYS F 386 -18.46 -8.13 -23.15
C LYS F 386 -19.09 -6.87 -22.56
N ALA F 387 -19.77 -6.98 -21.43
CA ALA F 387 -20.46 -5.85 -20.83
C ALA F 387 -19.59 -5.08 -19.83
N ASN F 388 -18.33 -5.46 -19.67
CA ASN F 388 -17.44 -4.79 -18.74
C ASN F 388 -16.11 -4.38 -19.36
N ALA F 389 -15.89 -4.65 -20.64
CA ALA F 389 -14.64 -4.26 -21.27
C ALA F 389 -14.57 -2.76 -21.49
N GLY F 390 -15.71 -2.14 -21.80
CA GLY F 390 -15.75 -0.70 -22.03
C GLY F 390 -16.93 -0.29 -22.88
N ALA G 121 -52.67 -117.59 15.52
CA ALA G 121 -53.97 -117.49 16.23
C ALA G 121 -54.83 -116.37 15.63
N GLN G 122 -56.14 -116.52 15.75
CA GLN G 122 -57.05 -115.48 15.26
C GLN G 122 -57.10 -114.28 16.17
N LEU G 123 -56.94 -114.48 17.48
CA LEU G 123 -57.05 -113.37 18.43
C LEU G 123 -56.03 -112.28 18.13
N VAL G 124 -54.78 -112.68 17.88
CA VAL G 124 -53.73 -111.69 17.65
C VAL G 124 -54.00 -110.92 16.37
N ILE G 125 -54.41 -111.62 15.31
CA ILE G 125 -54.68 -110.95 14.03
C ILE G 125 -55.83 -109.97 14.20
N MET G 126 -56.88 -110.38 14.91
CA MET G 126 -58.00 -109.48 15.16
C MET G 126 -57.54 -108.26 15.95
N THR G 127 -56.68 -108.48 16.95
CA THR G 127 -56.16 -107.36 17.73
C THR G 127 -55.42 -106.38 16.84
N ILE G 128 -54.58 -106.89 15.94
CA ILE G 128 -53.85 -106.03 15.03
C ILE G 128 -54.83 -105.24 14.16
N ALA G 129 -55.85 -105.92 13.64
CA ALA G 129 -56.79 -105.27 12.74
C ALA G 129 -57.52 -104.13 13.45
N LEU G 130 -58.01 -104.39 14.66
CA LEU G 130 -58.77 -103.36 15.37
C LEU G 130 -57.86 -102.23 15.83
N SER G 131 -56.62 -102.56 16.20
CA SER G 131 -55.65 -101.51 16.50
C SER G 131 -55.46 -100.59 15.29
N LEU G 132 -55.33 -101.18 14.10
CA LEU G 132 -55.19 -100.36 12.90
C LEU G 132 -56.45 -99.53 12.65
N ALA G 133 -57.62 -100.12 12.89
CA ALA G 133 -58.86 -99.38 12.69
C ALA G 133 -58.92 -98.14 13.58
N THR G 134 -58.53 -98.27 14.84
CA THR G 134 -58.51 -97.12 15.73
C THR G 134 -57.29 -96.24 15.54
N PHE G 135 -56.28 -96.72 14.81
CA PHE G 135 -55.06 -95.96 14.57
C PHE G 135 -55.24 -95.00 13.40
N MET G 136 -55.95 -95.44 12.36
CA MET G 136 -56.08 -94.63 11.16
C MET G 136 -56.80 -93.32 11.46
N GLN G 137 -57.84 -93.36 12.29
CA GLN G 137 -58.58 -92.15 12.59
C GLN G 137 -57.70 -91.13 13.32
N VAL G 138 -56.91 -91.59 14.29
CA VAL G 138 -56.05 -90.67 15.02
C VAL G 138 -54.98 -90.10 14.09
N LEU G 139 -54.42 -90.93 13.21
CA LEU G 139 -53.44 -90.44 12.25
C LEU G 139 -54.03 -89.35 11.38
N ASP G 140 -55.23 -89.60 10.85
CA ASP G 140 -55.89 -88.62 9.99
C ASP G 140 -56.20 -87.34 10.75
N SER G 141 -56.61 -87.47 12.03
CA SER G 141 -56.92 -86.29 12.82
C SER G 141 -55.68 -85.44 13.04
N THR G 142 -54.56 -86.07 13.39
CA THR G 142 -53.37 -85.32 13.77
C THR G 142 -52.64 -84.75 12.55
N ILE G 143 -52.64 -85.47 11.42
CA ILE G 143 -51.78 -85.07 10.30
C ILE G 143 -52.28 -83.79 9.64
N ALA G 144 -53.61 -83.64 9.52
CA ALA G 144 -54.17 -82.53 8.77
C ALA G 144 -53.81 -81.19 9.42
N ASN G 145 -53.92 -81.10 10.74
CA ASN G 145 -53.60 -79.84 11.41
C ASN G 145 -52.16 -79.43 11.16
N VAL G 146 -51.25 -80.39 11.07
CA VAL G 146 -49.86 -80.09 10.75
C VAL G 146 -49.74 -79.65 9.30
N ALA G 147 -50.48 -80.30 8.40
CA ALA G 147 -50.31 -80.04 6.97
C ALA G 147 -51.10 -78.84 6.48
N ILE G 148 -51.90 -78.19 7.33
CA ILE G 148 -52.82 -77.16 6.84
C ILE G 148 -52.10 -76.02 6.12
N PRO G 149 -50.93 -75.55 6.56
CA PRO G 149 -50.34 -74.38 5.87
C PRO G 149 -50.05 -74.63 4.41
N THR G 150 -49.31 -75.70 4.09
CA THR G 150 -48.93 -75.95 2.71
C THR G 150 -50.15 -76.22 1.85
N ILE G 151 -51.12 -76.98 2.37
CA ILE G 151 -52.33 -77.25 1.62
C ILE G 151 -53.07 -75.95 1.32
N ALA G 152 -53.18 -75.07 2.32
CA ALA G 152 -53.85 -73.80 2.10
C ALA G 152 -53.12 -72.99 1.03
N GLY G 153 -51.79 -72.99 1.06
CA GLY G 153 -51.03 -72.23 0.08
C GLY G 153 -51.19 -72.78 -1.33
N ASN G 154 -51.14 -74.11 -1.48
CA ASN G 154 -51.16 -74.71 -2.81
C ASN G 154 -52.50 -74.54 -3.51
N LEU G 155 -53.57 -74.26 -2.78
CA LEU G 155 -54.88 -74.04 -3.37
C LEU G 155 -55.27 -72.56 -3.37
N GLY G 156 -54.30 -71.67 -3.25
CA GLY G 156 -54.56 -70.25 -3.37
C GLY G 156 -55.52 -69.70 -2.34
N SER G 157 -55.30 -70.06 -1.07
CA SER G 157 -56.19 -69.62 0.00
C SER G 157 -55.35 -69.29 1.23
N SER G 158 -55.97 -68.54 2.15
CA SER G 158 -55.29 -68.08 3.35
C SER G 158 -55.48 -69.07 4.50
N LEU G 159 -54.74 -68.84 5.58
CA LEU G 159 -54.79 -69.74 6.72
C LEU G 159 -56.19 -69.78 7.33
N SER G 160 -56.83 -68.62 7.46
CA SER G 160 -58.20 -68.60 7.96
C SER G 160 -59.14 -69.32 7.00
N GLN G 161 -58.98 -69.09 5.70
CA GLN G 161 -59.82 -69.76 4.72
C GLN G 161 -59.58 -71.27 4.73
N GLY G 162 -58.32 -71.69 4.83
CA GLY G 162 -58.02 -73.11 4.81
C GLY G 162 -58.41 -73.83 6.08
N THR G 163 -58.31 -73.16 7.23
CA THR G 163 -58.63 -73.81 8.49
C THR G 163 -60.06 -74.34 8.53
N TRP G 164 -60.90 -73.96 7.57
CA TRP G 164 -62.20 -74.60 7.44
C TRP G 164 -62.07 -76.07 7.11
N VAL G 165 -60.92 -76.50 6.59
CA VAL G 165 -60.72 -77.91 6.28
C VAL G 165 -60.69 -78.75 7.54
N ILE G 166 -60.49 -78.14 8.70
CA ILE G 166 -60.49 -78.85 9.98
C ILE G 166 -61.83 -78.72 10.67
N THR G 167 -62.45 -77.54 10.62
CA THR G 167 -63.72 -77.34 11.30
C THR G 167 -64.81 -78.22 10.72
N SER G 168 -64.80 -78.41 9.39
CA SER G 168 -65.79 -79.26 8.77
C SER G 168 -65.69 -80.69 9.30
N PHE G 169 -64.48 -81.24 9.33
CA PHE G 169 -64.28 -82.57 9.88
C PHE G 169 -64.68 -82.61 11.35
N GLY G 170 -64.37 -81.56 12.09
CA GLY G 170 -64.74 -81.53 13.49
C GLY G 170 -66.24 -81.65 13.69
N VAL G 171 -67.00 -80.86 12.93
CA VAL G 171 -68.46 -80.88 13.06
C VAL G 171 -69.00 -82.25 12.64
N ALA G 172 -68.53 -82.76 11.50
CA ALA G 172 -69.04 -84.04 11.02
C ALA G 172 -68.77 -85.14 12.02
N ASN G 173 -67.52 -85.25 12.50
CA ASN G 173 -67.18 -86.29 13.46
C ASN G 173 -67.96 -86.11 14.76
N ALA G 174 -68.12 -84.87 15.22
CA ALA G 174 -68.87 -84.65 16.44
C ALA G 174 -70.29 -85.16 16.31
N ILE G 175 -70.93 -84.92 15.16
CA ILE G 175 -72.27 -85.44 14.96
C ILE G 175 -72.25 -86.97 14.91
N SER G 176 -71.26 -87.54 14.22
CA SER G 176 -71.29 -88.98 13.96
C SER G 176 -71.06 -89.81 15.22
N ILE G 177 -70.20 -89.35 16.13
CA ILE G 177 -69.79 -90.20 17.26
C ILE G 177 -70.97 -90.57 18.16
N PRO G 178 -71.83 -89.66 18.59
CA PRO G 178 -72.94 -90.05 19.47
C PRO G 178 -73.90 -91.06 18.84
N LEU G 179 -73.94 -91.17 17.51
CA LEU G 179 -74.95 -91.96 16.84
C LEU G 179 -74.53 -93.41 16.60
N THR G 180 -73.38 -93.82 17.13
CA THR G 180 -72.89 -95.17 16.83
C THR G 180 -73.84 -96.24 17.34
N GLY G 181 -74.39 -96.08 18.54
CA GLY G 181 -75.19 -97.13 19.14
C GLY G 181 -76.50 -97.37 18.41
N TRP G 182 -77.13 -96.30 17.93
CA TRP G 182 -78.40 -96.45 17.22
C TRP G 182 -78.23 -97.29 15.97
N LEU G 183 -77.19 -97.01 15.18
CA LEU G 183 -76.90 -97.83 14.01
C LEU G 183 -76.43 -99.22 14.42
N ALA G 184 -75.74 -99.33 15.57
CA ALA G 184 -75.28 -100.64 16.02
C ALA G 184 -76.46 -101.55 16.31
N LYS G 185 -77.52 -101.02 16.88
CA LYS G 185 -78.65 -101.84 17.28
C LYS G 185 -79.46 -102.36 16.09
N ARG G 186 -79.30 -101.76 14.91
CA ARG G 186 -80.09 -102.15 13.74
C ARG G 186 -79.25 -102.75 12.64
N VAL G 187 -78.24 -102.03 12.15
CA VAL G 187 -77.46 -102.51 11.01
C VAL G 187 -76.64 -103.74 11.38
N GLY G 188 -76.13 -103.79 12.60
CA GLY G 188 -75.25 -104.86 13.02
C GLY G 188 -73.84 -104.35 13.15
N GLU G 189 -73.17 -104.72 14.26
CA GLU G 189 -71.87 -104.14 14.57
C GLU G 189 -70.83 -104.49 13.50
N VAL G 190 -70.76 -105.76 13.12
CA VAL G 190 -69.72 -106.18 12.18
C VAL G 190 -69.93 -105.52 10.82
N LYS G 191 -71.18 -105.53 10.33
CA LYS G 191 -71.45 -104.91 9.04
C LYS G 191 -71.15 -103.42 9.08
N LEU G 192 -71.55 -102.75 10.17
CA LEU G 192 -71.25 -101.33 10.29
C LEU G 192 -69.75 -101.08 10.26
N PHE G 193 -68.98 -101.90 10.98
CA PHE G 193 -67.54 -101.74 10.99
C PHE G 193 -66.97 -101.87 9.58
N LEU G 194 -67.31 -102.94 8.89
CA LEU G 194 -66.75 -103.17 7.56
C LEU G 194 -67.13 -102.05 6.59
N TRP G 195 -68.42 -101.70 6.55
CA TRP G 195 -68.87 -100.67 5.64
C TRP G 195 -68.21 -99.33 5.94
N SER G 196 -68.12 -98.97 7.22
CA SER G 196 -67.48 -97.71 7.59
C SER G 196 -66.02 -97.70 7.18
N THR G 197 -65.32 -98.83 7.36
CA THR G 197 -63.91 -98.89 6.98
C THR G 197 -63.75 -98.65 5.47
N ILE G 198 -64.53 -99.37 4.66
CA ILE G 198 -64.38 -99.20 3.22
C ILE G 198 -64.74 -97.77 2.80
N ALA G 199 -65.80 -97.23 3.37
CA ALA G 199 -66.20 -95.87 3.02
C ALA G 199 -65.13 -94.86 3.40
N PHE G 200 -64.51 -95.04 4.58
CA PHE G 200 -63.46 -94.13 4.99
C PHE G 200 -62.27 -94.21 4.05
N ALA G 201 -61.90 -95.42 3.63
CA ALA G 201 -60.81 -95.53 2.65
C ALA G 201 -61.15 -94.77 1.38
N ILE G 202 -62.37 -94.94 0.88
CA ILE G 202 -62.76 -94.26 -0.35
C ILE G 202 -62.73 -92.74 -0.15
N ALA G 203 -63.22 -92.28 0.99
CA ALA G 203 -63.27 -90.83 1.24
C ALA G 203 -61.87 -90.25 1.35
N SER G 204 -60.95 -90.96 2.01
CA SER G 204 -59.57 -90.49 2.08
C SER G 204 -58.95 -90.41 0.70
N TRP G 205 -59.19 -91.43 -0.13
CA TRP G 205 -58.67 -91.36 -1.49
C TRP G 205 -59.22 -90.15 -2.23
N ALA G 206 -60.53 -89.92 -2.13
CA ALA G 206 -61.14 -88.79 -2.82
C ALA G 206 -60.53 -87.47 -2.35
N CYS G 207 -60.35 -87.31 -1.04
CA CYS G 207 -59.73 -86.11 -0.53
C CYS G 207 -58.32 -85.94 -1.09
N GLY G 208 -57.57 -87.03 -1.18
CA GLY G 208 -56.19 -86.94 -1.63
C GLY G 208 -56.05 -86.40 -3.04
N VAL G 209 -57.00 -86.74 -3.92
CA VAL G 209 -56.92 -86.36 -5.33
C VAL G 209 -57.72 -85.10 -5.63
N SER G 210 -58.11 -84.34 -4.61
CA SER G 210 -58.88 -83.13 -4.83
C SER G 210 -58.05 -82.12 -5.61
N SER G 211 -58.74 -81.10 -6.14
CA SER G 211 -58.09 -80.05 -6.91
C SER G 211 -58.59 -78.66 -6.57
N SER G 212 -59.44 -78.52 -5.56
CA SER G 212 -59.94 -77.22 -5.15
C SER G 212 -60.26 -77.26 -3.66
N LEU G 213 -60.28 -76.08 -3.04
CA LEU G 213 -60.54 -76.03 -1.60
C LEU G 213 -61.98 -76.44 -1.29
N ASN G 214 -62.94 -75.99 -2.10
CA ASN G 214 -64.33 -76.33 -1.84
C ASN G 214 -64.57 -77.83 -1.96
N MET G 215 -64.02 -78.45 -3.00
CA MET G 215 -64.16 -79.89 -3.14
C MET G 215 -63.52 -80.62 -1.98
N LEU G 216 -62.38 -80.12 -1.51
CA LEU G 216 -61.73 -80.70 -0.34
C LEU G 216 -62.65 -80.61 0.87
N ILE G 217 -63.31 -79.47 1.06
CA ILE G 217 -64.23 -79.32 2.19
C ILE G 217 -65.36 -80.34 2.09
N PHE G 218 -65.93 -80.48 0.89
CA PHE G 218 -67.02 -81.43 0.69
C PHE G 218 -66.60 -82.85 1.06
N PHE G 219 -65.46 -83.29 0.51
CA PHE G 219 -65.03 -84.66 0.76
C PHE G 219 -64.60 -84.85 2.21
N ARG G 220 -64.07 -83.80 2.86
CA ARG G 220 -63.74 -83.90 4.27
C ARG G 220 -64.99 -84.04 5.11
N VAL G 221 -66.07 -83.33 4.75
CA VAL G 221 -67.33 -83.49 5.46
C VAL G 221 -67.81 -84.93 5.34
N ILE G 222 -67.76 -85.47 4.14
CA ILE G 222 -68.19 -86.87 3.95
C ILE G 222 -67.34 -87.80 4.78
N GLN G 223 -66.03 -87.60 4.76
CA GLN G 223 -65.11 -88.46 5.51
C GLN G 223 -65.40 -88.41 7.00
N GLY G 224 -65.61 -87.21 7.53
CA GLY G 224 -65.91 -87.08 8.95
C GLY G 224 -67.21 -87.75 9.33
N ILE G 225 -68.25 -87.58 8.49
CA ILE G 225 -69.52 -88.24 8.77
C ILE G 225 -69.34 -89.75 8.77
N VAL G 226 -68.49 -90.26 7.88
CA VAL G 226 -68.31 -91.71 7.77
C VAL G 226 -67.53 -92.25 8.97
N ALA G 227 -66.49 -91.54 9.40
CA ALA G 227 -65.49 -92.11 10.31
C ALA G 227 -65.96 -92.19 11.77
N GLY G 228 -67.15 -91.74 12.10
CA GLY G 228 -67.60 -91.69 13.46
C GLY G 228 -67.58 -93.02 14.18
N PRO G 229 -68.10 -94.08 13.55
CA PRO G 229 -68.25 -95.36 14.25
C PRO G 229 -66.97 -96.18 14.35
N LEU G 230 -65.81 -95.59 14.13
CA LEU G 230 -64.58 -96.37 14.13
C LEU G 230 -64.09 -96.68 15.54
N ILE G 231 -63.76 -95.64 16.32
CA ILE G 231 -63.15 -95.88 17.64
C ILE G 231 -64.08 -96.63 18.57
N PRO G 232 -65.31 -96.18 18.82
CA PRO G 232 -66.15 -96.90 19.79
C PRO G 232 -66.54 -98.29 19.33
N LEU G 233 -66.91 -98.45 18.06
CA LEU G 233 -67.29 -99.76 17.56
C LEU G 233 -66.10 -100.72 17.63
N SER G 234 -64.91 -100.23 17.28
CA SER G 234 -63.71 -101.06 17.39
C SER G 234 -63.47 -101.48 18.83
N GLN G 235 -63.60 -100.53 19.77
CA GLN G 235 -63.38 -100.87 21.16
C GLN G 235 -64.39 -101.91 21.63
N SER G 236 -65.66 -101.76 21.25
CA SER G 236 -66.68 -102.71 21.68
C SER G 236 -66.41 -104.09 21.11
N LEU G 237 -66.06 -104.16 19.82
CA LEU G 237 -65.77 -105.45 19.22
C LEU G 237 -64.59 -106.13 19.92
N LEU G 238 -63.52 -105.37 20.17
CA LEU G 238 -62.37 -105.94 20.84
C LEU G 238 -62.74 -106.43 22.23
N LEU G 239 -63.51 -105.64 22.98
CA LEU G 239 -63.86 -106.01 24.34
C LEU G 239 -64.70 -107.28 24.36
N ASN G 240 -65.70 -107.36 23.48
CA ASN G 240 -66.61 -108.50 23.51
C ASN G 240 -65.95 -109.77 22.98
N ASN G 241 -65.24 -109.67 21.85
CA ASN G 241 -64.71 -110.87 21.22
C ASN G 241 -63.69 -111.57 22.10
N TYR G 242 -62.77 -110.82 22.70
CA TYR G 242 -61.78 -111.43 23.56
C TYR G 242 -62.47 -112.14 24.73
N PRO G 243 -62.00 -113.31 25.14
CA PRO G 243 -62.59 -113.94 26.31
C PRO G 243 -62.35 -113.12 27.55
N PRO G 244 -63.23 -113.23 28.55
CA PRO G 244 -63.05 -112.40 29.76
C PRO G 244 -61.74 -112.65 30.47
N ALA G 245 -61.09 -113.80 30.22
CA ALA G 245 -59.82 -114.07 30.86
C ALA G 245 -58.76 -113.05 30.51
N LYS G 246 -58.89 -112.37 29.37
CA LYS G 246 -57.90 -111.40 28.92
C LYS G 246 -58.55 -110.07 28.55
N ARG G 247 -59.62 -109.70 29.26
CA ARG G 247 -60.25 -108.41 29.00
C ARG G 247 -59.29 -107.27 29.34
N SER G 248 -58.61 -107.37 30.48
CA SER G 248 -57.67 -106.32 30.87
C SER G 248 -56.56 -106.17 29.83
N ILE G 249 -56.06 -107.30 29.30
CA ILE G 249 -55.00 -107.23 28.30
C ILE G 249 -55.50 -106.55 27.04
N ALA G 250 -56.72 -106.88 26.60
CA ALA G 250 -57.27 -106.24 25.41
C ALA G 250 -57.40 -104.74 25.62
N LEU G 251 -57.93 -104.33 26.77
CA LEU G 251 -58.08 -102.90 27.03
C LEU G 251 -56.71 -102.23 27.08
N ALA G 252 -55.73 -102.87 27.70
CA ALA G 252 -54.40 -102.30 27.76
C ALA G 252 -53.82 -102.11 26.37
N LEU G 253 -53.98 -103.10 25.50
CA LEU G 253 -53.48 -102.96 24.14
C LEU G 253 -54.19 -101.84 23.41
N TRP G 254 -55.50 -101.70 23.62
CA TRP G 254 -56.23 -100.63 22.94
C TRP G 254 -55.70 -99.26 23.31
N SER G 255 -55.48 -99.03 24.61
CA SER G 255 -55.05 -97.71 25.06
C SER G 255 -53.75 -97.29 24.41
N MET G 256 -52.87 -98.25 24.11
CA MET G 256 -51.62 -97.92 23.45
C MET G 256 -51.86 -97.18 22.15
N THR G 257 -52.73 -97.73 21.30
CA THR G 257 -52.89 -97.17 19.96
C THR G 257 -53.41 -95.74 19.99
N VAL G 258 -54.11 -95.36 21.05
CA VAL G 258 -54.56 -93.98 21.20
C VAL G 258 -53.47 -93.10 21.79
N ILE G 259 -52.41 -93.70 22.34
CA ILE G 259 -51.35 -92.91 22.96
C ILE G 259 -50.14 -92.77 22.05
N VAL G 260 -50.03 -93.58 21.00
CA VAL G 260 -48.85 -93.58 20.16
C VAL G 260 -49.11 -92.90 18.82
N ALA G 261 -50.31 -93.06 18.28
CA ALA G 261 -50.63 -92.45 16.98
C ALA G 261 -50.46 -90.94 16.98
N PRO G 262 -50.87 -90.20 18.02
CA PRO G 262 -50.73 -88.74 17.97
C PRO G 262 -49.30 -88.28 17.78
N ILE G 263 -48.31 -89.05 18.21
CA ILE G 263 -46.91 -88.68 17.98
C ILE G 263 -46.39 -89.31 16.69
N CYS G 264 -46.88 -90.50 16.33
CA CYS G 264 -46.49 -91.11 15.06
C CYS G 264 -46.98 -90.30 13.87
N GLY G 265 -47.98 -89.45 14.05
CA GLY G 265 -48.53 -88.67 12.97
C GLY G 265 -47.68 -87.49 12.53
N PRO G 266 -47.45 -86.54 13.42
CA PRO G 266 -46.85 -85.26 12.99
C PRO G 266 -45.50 -85.41 12.31
N ILE G 267 -44.67 -86.38 12.69
CA ILE G 267 -43.36 -86.53 12.04
C ILE G 267 -43.55 -86.83 10.56
N LEU G 268 -44.35 -87.85 10.26
CA LEU G 268 -44.60 -88.22 8.86
C LEU G 268 -45.33 -87.11 8.13
N GLY G 269 -46.28 -86.46 8.80
CA GLY G 269 -46.98 -85.35 8.18
C GLY G 269 -46.03 -84.25 7.75
N GLY G 270 -45.11 -83.86 8.62
CA GLY G 270 -44.15 -82.83 8.27
C GLY G 270 -43.22 -83.27 7.15
N TYR G 271 -42.75 -84.52 7.21
CA TYR G 271 -41.89 -85.00 6.13
C TYR G 271 -42.61 -84.94 4.80
N ILE G 272 -43.87 -85.35 4.76
CA ILE G 272 -44.61 -85.35 3.50
C ILE G 272 -44.89 -83.92 3.05
N SER G 273 -45.18 -83.02 4.00
CA SER G 273 -45.45 -81.64 3.64
C SER G 273 -44.23 -80.97 3.03
N ASP G 274 -43.04 -81.21 3.59
CA ASP G 274 -41.84 -80.50 3.15
C ASP G 274 -41.09 -81.20 2.03
N ASN G 275 -41.50 -82.40 1.63
CA ASN G 275 -40.76 -83.17 0.63
C ASN G 275 -41.58 -83.45 -0.62
N TYR G 276 -42.77 -84.02 -0.47
CA TYR G 276 -43.60 -84.38 -1.62
C TYR G 276 -44.86 -83.53 -1.64
N HIS G 277 -45.57 -83.58 -2.76
CA HIS G 277 -46.81 -82.86 -2.92
C HIS G 277 -47.87 -83.40 -1.97
N TRP G 278 -48.63 -82.48 -1.38
CA TRP G 278 -49.70 -82.89 -0.48
C TRP G 278 -50.65 -83.82 -1.22
N GLY G 279 -51.45 -84.55 -0.46
CA GLY G 279 -52.32 -85.55 -1.04
C GLY G 279 -51.87 -86.94 -0.64
N TRP G 280 -50.57 -87.09 -0.42
CA TRP G 280 -50.05 -88.32 0.16
C TRP G 280 -50.32 -88.42 1.64
N ILE G 281 -50.79 -87.34 2.26
CA ILE G 281 -51.27 -87.43 3.63
C ILE G 281 -52.54 -88.26 3.68
N PHE G 282 -53.41 -88.12 2.68
CA PHE G 282 -54.68 -88.82 2.63
C PHE G 282 -54.63 -90.08 1.79
N PHE G 283 -53.47 -90.45 1.25
CA PHE G 283 -53.35 -91.69 0.49
C PHE G 283 -52.92 -92.86 1.35
N ILE G 284 -52.14 -92.61 2.40
CA ILE G 284 -51.64 -93.69 3.24
C ILE G 284 -52.79 -94.45 3.90
N ASN G 285 -53.95 -93.82 4.07
CA ASN G 285 -55.07 -94.48 4.72
C ASN G 285 -55.66 -95.58 3.84
N VAL G 286 -55.44 -95.54 2.53
CA VAL G 286 -56.02 -96.52 1.62
C VAL G 286 -55.49 -97.91 1.93
N PRO G 287 -54.18 -98.14 1.93
CA PRO G 287 -53.68 -99.48 2.27
C PRO G 287 -54.05 -99.91 3.67
N ILE G 288 -54.11 -98.98 4.63
CA ILE G 288 -54.50 -99.36 5.99
C ILE G 288 -55.93 -99.88 6.00
N GLY G 289 -56.83 -99.18 5.31
CA GLY G 289 -58.19 -99.67 5.19
C GLY G 289 -58.27 -101.01 4.48
N VAL G 290 -57.45 -101.19 3.45
CA VAL G 290 -57.47 -102.46 2.72
C VAL G 290 -57.07 -103.60 3.63
N ALA G 291 -55.98 -103.43 4.37
CA ALA G 291 -55.54 -104.46 5.30
C ALA G 291 -56.60 -104.71 6.36
N VAL G 292 -57.21 -103.64 6.88
CA VAL G 292 -58.22 -103.81 7.93
C VAL G 292 -59.39 -104.63 7.41
N VAL G 293 -59.89 -104.29 6.22
CA VAL G 293 -61.05 -105.01 5.71
C VAL G 293 -60.71 -106.46 5.42
N LEU G 294 -59.54 -106.70 4.82
CA LEU G 294 -59.15 -108.08 4.53
C LEU G 294 -59.06 -108.90 5.80
N MET G 295 -58.35 -108.40 6.81
CA MET G 295 -58.19 -109.15 8.04
C MET G 295 -59.51 -109.34 8.77
N THR G 296 -60.35 -108.29 8.80
CA THR G 296 -61.62 -108.41 9.50
C THR G 296 -62.50 -109.47 8.85
N LEU G 297 -62.57 -109.46 7.51
CA LEU G 297 -63.34 -110.50 6.83
C LEU G 297 -62.77 -111.88 7.11
N GLN G 298 -61.44 -112.01 7.08
CA GLN G 298 -60.84 -113.33 7.24
C GLN G 298 -60.92 -113.84 8.67
N THR G 299 -61.12 -112.96 9.66
CA THR G 299 -61.04 -113.35 11.06
C THR G 299 -62.37 -113.33 11.80
N LEU G 300 -63.29 -112.45 11.43
CA LEU G 300 -64.53 -112.28 12.19
C LEU G 300 -65.69 -113.08 11.61
N ARG G 301 -65.46 -113.94 10.63
CA ARG G 301 -66.55 -114.71 10.03
C ARG G 301 -67.29 -115.51 11.11
N GLY G 302 -68.61 -115.38 11.12
CA GLY G 302 -69.45 -116.14 12.01
C GLY G 302 -69.73 -115.48 13.35
N ARG G 303 -68.94 -114.48 13.74
CA ARG G 303 -69.14 -113.77 15.00
C ARG G 303 -70.04 -112.56 14.80
N GLU G 304 -71.27 -112.85 14.36
CA GLU G 304 -72.25 -111.81 14.10
C GLU G 304 -72.88 -111.33 15.41
N THR G 305 -73.55 -110.18 15.34
CA THR G 305 -74.21 -109.57 16.47
C THR G 305 -75.71 -109.56 16.24
N ARG G 306 -76.47 -109.86 17.28
CA ARG G 306 -77.93 -109.83 17.18
C ARG G 306 -78.41 -108.41 16.93
N THR G 307 -79.48 -108.30 16.16
CA THR G 307 -80.05 -107.03 15.75
C THR G 307 -81.47 -106.89 16.28
N GLU G 308 -82.06 -105.73 16.04
CA GLU G 308 -83.44 -105.46 16.44
C GLU G 308 -83.91 -104.19 15.76
N ARG G 309 -85.13 -104.23 15.23
CA ARG G 309 -85.74 -103.09 14.56
C ARG G 309 -86.60 -102.31 15.54
N ARG G 310 -86.56 -100.99 15.44
CA ARG G 310 -87.31 -100.12 16.33
C ARG G 310 -87.70 -98.85 15.59
N ARG G 311 -88.65 -98.13 16.16
CA ARG G 311 -89.11 -96.90 15.56
C ARG G 311 -88.04 -95.82 15.65
N ILE G 312 -88.13 -94.84 14.75
CA ILE G 312 -87.16 -93.76 14.66
C ILE G 312 -87.76 -92.51 15.28
N ASP G 313 -86.96 -91.82 16.10
CA ASP G 313 -87.34 -90.54 16.68
C ASP G 313 -86.69 -89.43 15.87
N ALA G 314 -87.50 -88.52 15.36
CA ALA G 314 -87.00 -87.45 14.50
C ALA G 314 -86.53 -86.24 15.28
N VAL G 315 -87.30 -85.82 16.28
CA VAL G 315 -86.94 -84.63 17.04
C VAL G 315 -85.58 -84.82 17.70
N GLY G 316 -85.31 -86.02 18.19
CA GLY G 316 -84.00 -86.28 18.79
C GLY G 316 -82.87 -86.05 17.83
N LEU G 317 -82.99 -86.61 16.62
CA LEU G 317 -81.93 -86.45 15.63
C LEU G 317 -81.75 -84.98 15.25
N ALA G 318 -82.86 -84.28 15.00
CA ALA G 318 -82.76 -82.88 14.60
C ALA G 318 -82.10 -82.05 15.70
N LEU G 319 -82.52 -82.28 16.95
CA LEU G 319 -82.01 -81.53 18.14
C LEU G 319 -80.53 -81.83 18.36
N LEU G 320 -80.09 -83.07 18.15
CA LEU G 320 -78.68 -83.41 18.27
C LEU G 320 -77.86 -82.72 17.19
N VAL G 321 -78.30 -82.85 15.93
CA VAL G 321 -77.59 -82.22 14.83
C VAL G 321 -77.40 -80.74 15.11
N ILE G 322 -78.51 -80.02 15.32
CA ILE G 322 -78.42 -78.56 15.44
C ILE G 322 -77.50 -78.19 16.60
N GLY G 323 -77.73 -78.78 17.78
CA GLY G 323 -76.99 -78.36 18.95
C GLY G 323 -75.51 -78.63 18.84
N ILE G 324 -75.14 -79.86 18.49
CA ILE G 324 -73.73 -80.21 18.47
C ILE G 324 -73.02 -79.48 17.34
N GLY G 325 -73.67 -79.34 16.18
CA GLY G 325 -73.06 -78.57 15.11
C GLY G 325 -72.80 -77.13 15.51
N SER G 326 -73.79 -76.50 16.17
CA SER G 326 -73.60 -75.13 16.61
C SER G 326 -72.46 -75.04 17.62
N LEU G 327 -72.39 -75.98 18.56
CA LEU G 327 -71.30 -75.95 19.54
C LEU G 327 -69.95 -76.06 18.87
N GLN G 328 -69.81 -76.99 17.91
CA GLN G 328 -68.53 -77.17 17.24
C GLN G 328 -68.15 -75.93 16.46
N ILE G 329 -69.10 -75.35 15.73
CA ILE G 329 -68.82 -74.14 14.95
C ILE G 329 -68.37 -73.01 15.88
N MET G 330 -69.09 -72.83 16.98
CA MET G 330 -68.74 -71.78 17.93
C MET G 330 -67.33 -71.98 18.46
N LEU G 331 -67.00 -73.20 18.89
CA LEU G 331 -65.68 -73.45 19.45
C LEU G 331 -64.59 -73.21 18.42
N ASP G 332 -64.79 -73.66 17.19
CA ASP G 332 -63.75 -73.59 16.18
C ASP G 332 -63.59 -72.20 15.57
N ARG G 333 -64.60 -71.34 15.66
CA ARG G 333 -64.52 -70.02 15.05
C ARG G 333 -64.44 -68.88 16.05
N GLY G 334 -64.59 -69.15 17.34
CA GLY G 334 -64.68 -68.06 18.30
C GLY G 334 -63.46 -67.15 18.29
N LYS G 335 -62.27 -67.73 18.14
CA LYS G 335 -61.04 -66.95 18.25
C LYS G 335 -61.04 -65.78 17.27
N GLU G 336 -61.06 -66.08 15.97
CA GLU G 336 -60.90 -65.04 14.96
C GLU G 336 -61.96 -63.95 15.08
N LEU G 337 -63.13 -64.27 15.64
CA LEU G 337 -64.22 -63.31 15.78
C LEU G 337 -64.23 -62.65 17.15
N ASP G 338 -63.17 -62.80 17.94
CA ASP G 338 -63.08 -62.20 19.26
C ASP G 338 -64.26 -62.64 20.13
N TRP G 339 -64.65 -63.90 19.97
CA TRP G 339 -65.70 -64.52 20.78
C TRP G 339 -66.91 -63.59 20.93
N PHE G 340 -67.32 -63.31 22.18
CA PHE G 340 -68.62 -62.72 22.43
C PHE G 340 -68.75 -61.30 21.94
N SER G 341 -67.77 -60.70 21.29
CA SER G 341 -67.94 -59.39 20.67
C SER G 341 -68.49 -59.46 19.25
N SER G 342 -68.81 -60.65 18.75
CA SER G 342 -69.42 -60.82 17.44
C SER G 342 -70.81 -61.41 17.61
N GLN G 343 -71.78 -60.83 16.89
CA GLN G 343 -73.17 -61.29 17.00
C GLN G 343 -73.32 -62.73 16.53
N GLU G 344 -72.51 -63.15 15.55
CA GLU G 344 -72.61 -64.52 15.05
C GLU G 344 -72.32 -65.52 16.16
N ILE G 345 -71.28 -65.28 16.95
CA ILE G 345 -70.96 -66.18 18.05
C ILE G 345 -72.09 -66.18 19.07
N ILE G 346 -72.71 -65.02 19.30
CA ILE G 346 -73.80 -64.94 20.27
C ILE G 346 -74.97 -65.80 19.82
N ILE G 347 -75.36 -65.68 18.56
CA ILE G 347 -76.50 -66.47 18.07
C ILE G 347 -76.14 -67.95 18.08
N LEU G 348 -74.89 -68.29 17.74
CA LEU G 348 -74.48 -69.68 17.76
C LEU G 348 -74.57 -70.27 19.16
N THR G 349 -74.07 -69.53 20.16
CA THR G 349 -74.11 -70.06 21.52
C THR G 349 -75.55 -70.16 22.02
N VAL G 350 -76.40 -69.20 21.66
CA VAL G 350 -77.80 -69.28 22.08
C VAL G 350 -78.46 -70.51 21.51
N VAL G 351 -78.32 -70.73 20.20
CA VAL G 351 -78.96 -71.89 19.59
C VAL G 351 -78.40 -73.17 20.18
N ALA G 352 -77.07 -73.22 20.40
CA ALA G 352 -76.47 -74.42 20.96
C ALA G 352 -77.03 -74.74 22.34
N VAL G 353 -77.05 -73.73 23.22
CA VAL G 353 -77.51 -74.00 24.59
C VAL G 353 -78.97 -74.41 24.58
N VAL G 354 -79.81 -73.72 23.81
CA VAL G 354 -81.23 -74.05 23.80
C VAL G 354 -81.44 -75.47 23.29
N ALA G 355 -80.77 -75.81 22.18
CA ALA G 355 -80.93 -77.14 21.60
C ALA G 355 -80.50 -78.21 22.59
N ILE G 356 -79.35 -78.02 23.24
CA ILE G 356 -78.87 -79.03 24.16
C ILE G 356 -79.82 -79.19 25.34
N CYS G 357 -80.25 -78.07 25.92
CA CYS G 357 -81.18 -78.09 27.08
C CYS G 357 -82.41 -78.91 26.70
N PHE G 358 -83.21 -78.43 25.74
CA PHE G 358 -84.45 -79.12 25.30
C PHE G 358 -84.13 -80.55 24.89
N LEU G 359 -83.07 -80.79 24.10
CA LEU G 359 -82.71 -82.14 23.60
C LEU G 359 -82.50 -83.08 24.79
N ILE G 360 -81.69 -82.67 25.78
CA ILE G 360 -81.40 -83.50 26.98
C ILE G 360 -82.71 -83.76 27.71
N VAL G 361 -83.53 -82.71 27.90
CA VAL G 361 -84.81 -82.84 28.65
C VAL G 361 -85.67 -83.91 27.99
N TRP G 362 -85.69 -83.97 26.64
CA TRP G 362 -86.47 -84.93 25.88
C TRP G 362 -85.97 -86.35 26.07
N GLU G 363 -84.66 -86.56 25.93
CA GLU G 363 -84.13 -87.92 25.86
C GLU G 363 -84.51 -88.73 27.10
N LEU G 364 -84.41 -88.12 28.28
CA LEU G 364 -84.80 -88.84 29.50
C LEU G 364 -86.27 -89.20 29.49
N THR G 365 -87.08 -88.55 28.67
CA THR G 365 -88.52 -88.84 28.59
C THR G 365 -88.89 -89.63 27.34
N ASP G 366 -87.98 -89.75 26.38
CA ASP G 366 -88.24 -90.46 25.11
C ASP G 366 -88.29 -91.97 25.36
N ASP G 367 -89.27 -92.69 24.79
CA ASP G 367 -89.34 -94.14 24.93
C ASP G 367 -88.22 -94.81 24.13
N ASN G 368 -87.96 -94.34 22.91
CA ASN G 368 -86.92 -94.92 22.08
C ASN G 368 -85.62 -94.16 22.28
N PRO G 369 -84.55 -94.81 22.74
CA PRO G 369 -83.34 -94.07 23.12
C PRO G 369 -82.42 -93.73 21.95
N ILE G 370 -82.66 -92.61 21.27
CA ILE G 370 -81.68 -92.14 20.30
C ILE G 370 -80.31 -91.99 20.95
N VAL G 371 -80.28 -91.67 22.24
CA VAL G 371 -79.07 -91.69 23.04
C VAL G 371 -79.39 -92.37 24.36
N ASP G 372 -78.59 -93.37 24.72
CA ASP G 372 -78.87 -94.21 25.89
C ASP G 372 -78.29 -93.54 27.12
N LEU G 373 -79.11 -92.76 27.82
CA LEU G 373 -78.66 -92.02 28.99
C LEU G 373 -78.83 -92.80 30.29
N SER G 374 -79.44 -93.97 30.26
CA SER G 374 -79.57 -94.77 31.47
C SER G 374 -78.21 -95.12 32.06
N LEU G 375 -77.16 -95.11 31.24
CA LEU G 375 -75.84 -95.47 31.74
C LEU G 375 -75.33 -94.47 32.78
N PHE G 376 -75.83 -93.24 32.75
CA PHE G 376 -75.43 -92.25 33.75
C PHE G 376 -75.96 -92.58 35.14
N LYS G 377 -76.90 -93.51 35.26
CA LYS G 377 -77.40 -93.91 36.56
C LYS G 377 -76.36 -94.68 37.37
N SER G 378 -75.25 -95.06 36.76
CA SER G 378 -74.19 -95.78 37.45
C SER G 378 -73.16 -94.79 37.98
N ARG G 379 -72.91 -94.85 39.29
CA ARG G 379 -71.96 -93.92 39.91
C ARG G 379 -70.59 -94.03 39.25
N ASN G 380 -70.13 -95.27 39.03
CA ASN G 380 -68.82 -95.47 38.43
C ASN G 380 -68.74 -94.77 37.08
N PHE G 381 -69.77 -94.91 36.25
CA PHE G 381 -69.72 -94.32 34.92
C PHE G 381 -69.65 -92.81 35.00
N THR G 382 -70.46 -92.20 35.88
CA THR G 382 -70.44 -90.75 36.01
C THR G 382 -69.06 -90.26 36.41
N ILE G 383 -68.50 -90.85 37.47
CA ILE G 383 -67.21 -90.37 37.97
C ILE G 383 -66.12 -90.60 36.91
N GLY G 384 -66.11 -91.78 36.29
CA GLY G 384 -65.07 -92.05 35.31
C GLY G 384 -65.15 -91.13 34.11
N CYS G 385 -66.35 -90.92 33.59
CA CYS G 385 -66.51 -90.01 32.47
C CYS G 385 -66.04 -88.61 32.83
N LEU G 386 -66.46 -88.11 34.00
CA LEU G 386 -66.06 -86.76 34.37
C LEU G 386 -64.55 -86.65 34.50
N CYS G 387 -63.92 -87.62 35.17
CA CYS G 387 -62.48 -87.55 35.37
C CYS G 387 -61.74 -87.59 34.06
N ILE G 388 -62.09 -88.55 33.19
CA ILE G 388 -61.37 -88.67 31.92
C ILE G 388 -61.59 -87.43 31.08
N SER G 389 -62.82 -86.90 31.05
CA SER G 389 -63.11 -85.73 30.23
C SER G 389 -62.30 -84.53 30.69
N LEU G 390 -62.25 -84.29 32.00
CA LEU G 390 -61.53 -83.11 32.50
C LEU G 390 -60.02 -83.27 32.33
N ALA G 391 -59.50 -84.46 32.63
CA ALA G 391 -58.07 -84.68 32.44
C ALA G 391 -57.68 -84.52 30.98
N TYR G 392 -58.53 -85.00 30.07
CA TYR G 392 -58.25 -84.86 28.65
C TYR G 392 -58.33 -83.41 28.21
N MET G 393 -59.28 -82.66 28.77
CA MET G 393 -59.33 -81.23 28.51
C MET G 393 -57.98 -80.59 28.82
N LEU G 394 -57.48 -80.84 30.03
CA LEU G 394 -56.21 -80.24 30.42
C LEU G 394 -55.08 -80.69 29.50
N TYR G 395 -54.93 -82.01 29.32
CA TYR G 395 -53.86 -82.53 28.48
C TYR G 395 -53.86 -81.89 27.11
N PHE G 396 -54.97 -82.05 26.38
CA PHE G 396 -55.01 -81.65 24.98
C PHE G 396 -54.99 -80.14 24.82
N GLY G 397 -55.47 -79.39 25.81
CA GLY G 397 -55.28 -77.96 25.77
C GLY G 397 -53.84 -77.56 25.99
N ALA G 398 -53.08 -78.40 26.69
CA ALA G 398 -51.68 -78.07 26.95
C ALA G 398 -50.80 -78.40 25.75
N ILE G 399 -50.86 -79.65 25.27
CA ILE G 399 -49.91 -80.08 24.26
C ILE G 399 -50.01 -79.26 22.99
N VAL G 400 -51.17 -78.66 22.73
CA VAL G 400 -51.39 -77.97 21.45
C VAL G 400 -50.39 -76.82 21.29
N LEU G 401 -50.08 -76.13 22.40
CA LEU G 401 -49.23 -74.95 22.29
C LEU G 401 -47.81 -75.29 21.85
N LEU G 402 -47.25 -76.37 22.37
CA LEU G 402 -45.82 -76.64 22.18
C LEU G 402 -45.38 -76.58 20.73
N PRO G 403 -46.06 -77.23 19.78
CA PRO G 403 -45.61 -77.12 18.38
C PRO G 403 -45.56 -75.69 17.87
N GLN G 404 -46.61 -74.91 18.11
CA GLN G 404 -46.62 -73.54 17.66
C GLN G 404 -45.51 -72.73 18.33
N LEU G 405 -45.31 -72.95 19.63
CA LEU G 405 -44.26 -72.23 20.35
C LEU G 405 -42.90 -72.52 19.74
N LEU G 406 -42.62 -73.79 19.46
CA LEU G 406 -41.32 -74.14 18.87
C LEU G 406 -41.18 -73.55 17.47
N GLN G 407 -42.23 -73.63 16.65
CA GLN G 407 -42.10 -73.20 15.27
C GLN G 407 -42.00 -71.69 15.14
N GLU G 408 -42.68 -70.93 16.00
CA GLU G 408 -42.74 -69.48 15.87
C GLU G 408 -41.71 -68.76 16.72
N VAL G 409 -41.53 -69.17 17.98
CA VAL G 409 -40.66 -68.43 18.89
C VAL G 409 -39.24 -68.99 18.94
N TYR G 410 -38.98 -70.13 18.30
CA TYR G 410 -37.65 -70.74 18.30
C TYR G 410 -37.12 -71.10 16.94
N GLY G 411 -37.94 -71.05 15.88
CA GLY G 411 -37.45 -71.32 14.55
C GLY G 411 -37.42 -72.78 14.15
N TYR G 412 -37.97 -73.68 14.96
CA TYR G 412 -38.04 -75.07 14.59
C TYR G 412 -38.82 -75.23 13.28
N THR G 413 -38.59 -76.37 12.62
CA THR G 413 -39.41 -76.80 11.50
C THR G 413 -40.47 -77.78 12.00
N ALA G 414 -41.40 -78.13 11.09
CA ALA G 414 -42.46 -79.04 11.46
C ALA G 414 -41.92 -80.40 11.87
N THR G 415 -40.98 -80.93 11.08
CA THR G 415 -40.43 -82.25 11.38
C THR G 415 -39.64 -82.24 12.69
N TRP G 416 -38.79 -81.22 12.89
CA TRP G 416 -38.09 -81.10 14.16
C TRP G 416 -39.05 -80.89 15.31
N ALA G 417 -40.07 -80.06 15.11
CA ALA G 417 -41.03 -79.81 16.18
C ALA G 417 -41.74 -81.08 16.59
N GLY G 418 -42.16 -81.89 15.62
CA GLY G 418 -42.77 -83.16 15.95
C GLY G 418 -41.79 -84.10 16.63
N LEU G 419 -40.51 -84.05 16.24
CA LEU G 419 -39.52 -84.93 16.83
C LEU G 419 -39.32 -84.66 18.32
N ALA G 420 -39.68 -83.47 18.79
CA ALA G 420 -39.48 -83.13 20.19
C ALA G 420 -40.47 -83.83 21.10
N SER G 421 -41.51 -84.44 20.54
CA SER G 421 -42.51 -85.16 21.33
C SER G 421 -42.37 -86.68 21.20
N ALA G 422 -41.33 -87.15 20.53
CA ALA G 422 -41.07 -88.58 20.49
C ALA G 422 -40.89 -89.19 21.87
N PRO G 423 -40.15 -88.59 22.81
CA PRO G 423 -39.84 -89.30 24.07
C PRO G 423 -41.05 -89.60 24.94
N VAL G 424 -42.26 -89.23 24.54
CA VAL G 424 -43.43 -89.59 25.35
C VAL G 424 -43.73 -91.07 25.21
N GLY G 425 -43.59 -91.62 24.01
CA GLY G 425 -43.94 -93.00 23.76
C GLY G 425 -42.92 -94.02 24.20
N ILE G 426 -41.78 -93.58 24.73
CA ILE G 426 -40.74 -94.52 25.15
C ILE G 426 -41.21 -95.34 26.33
N ILE G 427 -41.89 -94.71 27.30
CA ILE G 427 -42.29 -95.40 28.51
C ILE G 427 -43.54 -96.24 28.26
N PRO G 428 -44.63 -95.69 27.72
CA PRO G 428 -45.84 -96.51 27.55
C PRO G 428 -45.63 -97.75 26.72
N VAL G 429 -44.84 -97.65 25.64
CA VAL G 429 -44.63 -98.78 24.75
C VAL G 429 -44.01 -99.96 25.50
N ILE G 430 -43.47 -99.73 26.69
CA ILE G 430 -42.93 -100.79 27.54
C ILE G 430 -43.91 -101.15 28.65
N LEU G 431 -44.35 -100.14 29.43
CA LEU G 431 -45.14 -100.43 30.63
C LEU G 431 -46.54 -100.90 30.32
N SER G 432 -47.06 -100.67 29.11
CA SER G 432 -48.45 -101.01 28.85
C SER G 432 -48.73 -102.49 29.06
N PRO G 433 -47.98 -103.42 28.47
CA PRO G 433 -48.20 -104.84 28.81
C PRO G 433 -48.01 -105.14 30.29
N ILE G 434 -46.93 -104.64 30.89
CA ILE G 434 -46.67 -104.94 32.30
C ILE G 434 -47.86 -104.52 33.16
N ILE G 435 -48.41 -103.34 32.92
CA ILE G 435 -49.61 -102.92 33.64
C ILE G 435 -50.76 -103.86 33.32
N GLY G 436 -50.91 -104.21 32.04
CA GLY G 436 -51.97 -105.15 31.68
C GLY G 436 -51.79 -106.51 32.30
N ARG G 437 -50.56 -107.01 32.31
CA ARG G 437 -50.31 -108.35 32.85
C ARG G 437 -50.67 -108.43 34.33
N PHE G 438 -50.29 -107.42 35.11
CA PHE G 438 -50.40 -107.46 36.55
C PHE G 438 -51.69 -106.83 37.07
N ALA G 439 -52.63 -106.50 36.19
CA ALA G 439 -53.82 -105.78 36.60
C ALA G 439 -54.60 -106.49 37.71
N HIS G 440 -54.34 -107.78 37.94
CA HIS G 440 -55.10 -108.53 38.92
C HIS G 440 -54.84 -108.06 40.34
N LYS G 441 -53.71 -107.40 40.61
CA LYS G 441 -53.30 -107.09 41.96
C LYS G 441 -53.04 -105.59 42.16
N LEU G 442 -53.86 -104.75 41.54
CA LEU G 442 -53.70 -103.30 41.65
C LEU G 442 -55.05 -102.65 41.91
N ASP G 443 -55.08 -101.69 42.83
CA ASP G 443 -56.26 -100.87 43.06
C ASP G 443 -56.15 -99.67 42.13
N MET G 444 -56.76 -99.80 40.95
CA MET G 444 -56.53 -98.88 39.84
C MET G 444 -56.63 -97.41 40.23
N ARG G 445 -57.38 -97.10 41.29
CA ARG G 445 -57.51 -95.70 41.71
C ARG G 445 -56.15 -95.07 41.98
N ARG G 446 -55.26 -95.84 42.63
CA ARG G 446 -53.90 -95.37 42.99
C ARG G 446 -53.08 -95.09 41.73
N LEU G 447 -53.35 -95.76 40.61
CA LEU G 447 -52.69 -95.45 39.34
C LEU G 447 -53.16 -94.10 38.81
N VAL G 448 -54.47 -93.83 38.90
CA VAL G 448 -55.00 -92.55 38.45
C VAL G 448 -54.40 -91.41 39.27
N THR G 449 -54.35 -91.58 40.58
CA THR G 449 -53.78 -90.53 41.43
C THR G 449 -52.32 -90.28 41.07
N PHE G 450 -51.56 -91.35 40.88
CA PHE G 450 -50.15 -91.21 40.51
C PHE G 450 -50.01 -90.49 39.17
N SER G 451 -50.88 -90.81 38.21
CA SER G 451 -50.80 -90.16 36.91
C SER G 451 -51.08 -88.66 37.03
N PHE G 452 -52.06 -88.29 37.84
CA PHE G 452 -52.34 -86.87 38.03
C PHE G 452 -51.15 -86.16 38.66
N ILE G 453 -50.54 -86.77 39.68
CA ILE G 453 -49.38 -86.15 40.30
C ILE G 453 -48.25 -86.02 39.28
N MET G 454 -48.07 -87.04 38.44
CA MET G 454 -46.99 -87.06 37.41
C MET G 454 -47.25 -85.99 36.35
N TYR G 455 -48.52 -85.70 36.03
CA TYR G 455 -48.89 -84.66 35.04
C TYR G 455 -48.62 -83.30 35.65
N ALA G 456 -48.89 -83.10 36.95
CA ALA G 456 -48.56 -81.85 37.63
C ALA G 456 -47.05 -81.65 37.65
N VAL G 457 -46.30 -82.71 37.91
CA VAL G 457 -44.84 -82.61 37.95
C VAL G 457 -44.31 -82.17 36.60
N CYS G 458 -44.79 -82.79 35.52
CA CYS G 458 -44.26 -82.45 34.20
C CYS G 458 -44.56 -81.01 33.83
N PHE G 459 -45.77 -80.54 34.12
CA PHE G 459 -46.12 -79.17 33.75
C PHE G 459 -45.36 -78.15 34.60
N TYR G 460 -45.21 -78.40 35.90
CA TYR G 460 -44.36 -77.52 36.70
C TYR G 460 -42.91 -77.56 36.22
N TRP G 461 -42.46 -78.73 35.75
CA TRP G 461 -41.12 -78.83 35.17
C TRP G 461 -40.98 -77.88 34.01
N ARG G 462 -41.94 -77.90 33.08
CA ARG G 462 -41.89 -76.98 31.95
C ARG G 462 -41.98 -75.53 32.40
N ALA G 463 -42.71 -75.27 33.49
CA ALA G 463 -43.00 -73.90 33.87
C ALA G 463 -41.75 -73.14 34.29
N TYR G 464 -40.86 -73.78 35.05
CA TYR G 464 -39.71 -73.11 35.64
C TYR G 464 -38.42 -73.40 34.88
N THR G 465 -38.50 -73.83 33.63
CA THR G 465 -37.31 -74.18 32.88
C THR G 465 -37.30 -73.71 31.43
N PHE G 466 -38.33 -73.02 30.96
CA PHE G 466 -38.35 -72.55 29.58
C PHE G 466 -37.62 -71.21 29.47
N GLU G 467 -36.72 -71.13 28.51
CA GLU G 467 -35.80 -70.00 28.34
C GLU G 467 -35.66 -69.71 26.86
N PRO G 468 -35.33 -68.47 26.49
CA PRO G 468 -35.17 -68.18 25.06
C PRO G 468 -34.12 -69.02 24.36
N GLY G 469 -33.05 -69.42 25.05
CA GLY G 469 -32.00 -70.18 24.42
C GLY G 469 -31.95 -71.63 24.86
N MET G 470 -33.10 -72.28 24.93
CA MET G 470 -33.17 -73.67 25.38
C MET G 470 -32.95 -74.62 24.21
N ASP G 471 -32.12 -75.65 24.42
CA ASP G 471 -31.79 -76.62 23.35
C ASP G 471 -32.94 -77.62 23.16
N PHE G 472 -32.80 -78.60 22.27
CA PHE G 472 -33.83 -79.63 21.98
C PHE G 472 -34.07 -80.49 23.22
N GLY G 473 -33.03 -80.74 24.02
CA GLY G 473 -33.13 -81.59 25.22
C GLY G 473 -33.97 -80.95 26.32
N ALA G 474 -34.06 -79.62 26.37
CA ALA G 474 -34.80 -78.93 27.42
C ALA G 474 -36.31 -79.17 27.28
N SER G 475 -36.77 -79.51 26.09
CA SER G 475 -38.18 -79.82 25.85
C SER G 475 -38.39 -81.28 25.47
N ALA G 476 -37.46 -82.16 25.85
CA ALA G 476 -37.56 -83.59 25.59
C ALA G 476 -37.58 -84.42 26.85
N TRP G 477 -36.86 -84.01 27.89
CA TRP G 477 -36.98 -84.70 29.18
C TRP G 477 -38.39 -84.59 29.76
N PRO G 478 -39.04 -83.43 29.79
CA PRO G 478 -40.40 -83.39 30.36
C PRO G 478 -41.37 -84.36 29.70
N GLN G 479 -41.25 -84.61 28.40
CA GLN G 479 -42.13 -85.57 27.76
C GLN G 479 -41.76 -86.99 28.13
N PHE G 480 -40.48 -87.27 28.31
CA PHE G 480 -40.07 -88.56 28.85
C PHE G 480 -40.75 -88.83 30.18
N ILE G 481 -40.85 -87.80 31.02
CA ILE G 481 -41.54 -87.93 32.30
C ILE G 481 -43.04 -88.10 32.08
N GLN G 482 -43.62 -87.31 31.17
CA GLN G 482 -45.04 -87.39 30.90
C GLN G 482 -45.43 -88.75 30.34
N GLY G 483 -44.46 -89.52 29.85
CA GLY G 483 -44.78 -90.86 29.40
C GLY G 483 -45.44 -91.70 30.48
N PHE G 484 -44.90 -91.63 31.70
CA PHE G 484 -45.51 -92.37 32.81
C PHE G 484 -46.93 -91.89 33.05
N ALA G 485 -47.13 -90.57 33.05
CA ALA G 485 -48.43 -90.01 33.37
C ALA G 485 -49.48 -90.44 32.36
N VAL G 486 -49.11 -90.45 31.08
CA VAL G 486 -50.06 -90.86 30.05
C VAL G 486 -50.28 -92.37 30.10
N ALA G 487 -49.24 -93.12 30.45
CA ALA G 487 -49.35 -94.58 30.42
C ALA G 487 -50.40 -95.08 31.40
N CYS G 488 -50.45 -94.49 32.59
CA CYS G 488 -51.29 -94.99 33.69
C CYS G 488 -52.55 -94.15 33.87
N PHE G 489 -53.12 -93.64 32.79
CA PHE G 489 -54.32 -92.81 32.85
C PHE G 489 -55.46 -93.33 32.00
N PHE G 490 -55.16 -93.90 30.82
CA PHE G 490 -56.21 -94.36 29.93
C PHE G 490 -56.75 -95.72 30.37
N MET G 491 -55.89 -96.71 30.52
CA MET G 491 -56.37 -98.06 30.82
C MET G 491 -57.13 -98.12 32.14
N PRO G 492 -56.59 -97.63 33.26
CA PRO G 492 -57.34 -97.75 34.52
C PRO G 492 -58.66 -97.00 34.48
N LEU G 493 -58.64 -95.77 33.99
CA LEU G 493 -59.85 -94.96 34.02
C LEU G 493 -60.91 -95.53 33.08
N THR G 494 -60.50 -96.11 31.96
CA THR G 494 -61.46 -96.73 31.06
C THR G 494 -61.98 -98.04 31.64
N THR G 495 -61.15 -98.76 32.39
CA THR G 495 -61.63 -99.95 33.07
C THR G 495 -62.68 -99.59 34.11
N ILE G 496 -62.47 -98.49 34.82
CA ILE G 496 -63.46 -98.03 35.78
C ILE G 496 -64.72 -97.55 35.07
N THR G 497 -64.55 -96.89 33.93
CA THR G 497 -65.70 -96.29 33.24
C THR G 497 -66.69 -97.36 32.80
N LEU G 498 -66.20 -98.49 32.28
CA LEU G 498 -67.04 -99.57 31.78
C LEU G 498 -67.10 -100.74 32.75
N SER G 499 -67.18 -100.47 34.05
CA SER G 499 -67.14 -101.52 35.06
C SER G 499 -68.54 -102.02 35.37
N GLY G 500 -68.75 -103.32 35.23
CA GLY G 500 -69.98 -103.96 35.65
C GLY G 500 -71.12 -103.90 34.66
N LEU G 501 -70.96 -103.19 33.55
CA LEU G 501 -72.04 -103.12 32.57
C LEU G 501 -72.13 -104.43 31.78
N PRO G 502 -73.33 -104.78 31.31
CA PRO G 502 -73.49 -106.05 30.60
C PRO G 502 -72.79 -106.00 29.25
N PRO G 503 -72.43 -107.16 28.69
CA PRO G 503 -71.68 -107.16 27.43
C PRO G 503 -72.40 -106.47 26.27
N GLU G 504 -73.74 -106.46 26.27
CA GLU G 504 -74.45 -105.97 25.10
C GLU G 504 -74.42 -104.45 25.00
N ARG G 505 -74.32 -103.75 26.12
CA ARG G 505 -74.38 -102.30 26.12
C ARG G 505 -73.01 -101.63 25.96
N LEU G 506 -71.94 -102.40 25.80
CA LEU G 506 -70.61 -101.80 25.77
C LEU G 506 -70.48 -100.79 24.63
N ALA G 507 -71.25 -100.99 23.56
CA ALA G 507 -71.17 -100.07 22.42
C ALA G 507 -71.64 -98.67 22.82
N ALA G 508 -72.84 -98.57 23.40
CA ALA G 508 -73.39 -97.26 23.73
C ALA G 508 -72.53 -96.54 24.75
N ALA G 509 -72.05 -97.27 25.77
CA ALA G 509 -71.18 -96.64 26.76
C ALA G 509 -69.92 -96.09 26.12
N SER G 510 -69.32 -96.85 25.20
CA SER G 510 -68.14 -96.38 24.50
C SER G 510 -68.45 -95.13 23.71
N SER G 511 -69.60 -95.11 23.03
CA SER G 511 -69.97 -93.94 22.24
C SER G 511 -70.07 -92.71 23.14
N LEU G 512 -70.74 -92.84 24.28
CA LEU G 512 -70.89 -91.71 25.18
C LEU G 512 -69.53 -91.23 25.68
N SER G 513 -68.67 -92.18 26.07
CA SER G 513 -67.35 -91.80 26.58
C SER G 513 -66.57 -91.02 25.53
N ASN G 514 -66.56 -91.52 24.29
CA ASN G 514 -65.80 -90.85 23.25
C ASN G 514 -66.37 -89.47 22.95
N PHE G 515 -67.70 -89.34 22.93
CA PHE G 515 -68.30 -88.05 22.67
C PHE G 515 -67.87 -87.03 23.71
N THR G 516 -67.97 -87.40 24.99
CA THR G 516 -67.56 -86.49 26.06
C THR G 516 -66.09 -86.12 25.94
N ARG G 517 -65.23 -87.11 25.66
CA ARG G 517 -63.81 -86.85 25.59
C ARG G 517 -63.47 -85.87 24.45
N THR G 518 -64.09 -86.06 23.28
CA THR G 518 -63.84 -85.16 22.17
C THR G 518 -64.32 -83.75 22.49
N LEU G 519 -65.49 -83.63 23.12
CA LEU G 519 -65.97 -82.31 23.53
C LEU G 519 -64.94 -81.64 24.44
N ALA G 520 -64.41 -82.40 25.40
CA ALA G 520 -63.43 -81.83 26.32
C ALA G 520 -62.19 -81.35 25.58
N GLY G 521 -61.71 -82.13 24.62
CA GLY G 521 -60.53 -81.72 23.86
C GLY G 521 -60.77 -80.42 23.13
N SER G 522 -61.91 -80.31 22.44
CA SER G 522 -62.20 -79.08 21.72
C SER G 522 -62.27 -77.88 22.67
N ILE G 523 -62.94 -78.04 23.81
CA ILE G 523 -63.05 -76.94 24.76
C ILE G 523 -61.67 -76.51 25.23
N GLY G 524 -60.82 -77.48 25.56
CA GLY G 524 -59.49 -77.15 26.03
C GLY G 524 -58.70 -76.34 25.02
N THR G 525 -58.72 -76.78 23.76
CA THR G 525 -58.01 -76.03 22.73
C THR G 525 -58.55 -74.60 22.64
N SER G 526 -59.88 -74.46 22.64
CA SER G 526 -60.49 -73.15 22.47
C SER G 526 -60.07 -72.20 23.58
N ILE G 527 -60.07 -72.67 24.83
CA ILE G 527 -59.69 -71.81 25.94
C ILE G 527 -58.22 -71.45 25.88
N THR G 528 -57.37 -72.47 25.66
CA THR G 528 -55.93 -72.26 25.79
C THR G 528 -55.41 -71.28 24.74
N THR G 529 -55.87 -71.39 23.50
CA THR G 529 -55.34 -70.51 22.46
C THR G 529 -55.62 -69.04 22.80
N THR G 530 -56.85 -68.75 23.20
CA THR G 530 -57.23 -67.38 23.54
C THR G 530 -56.42 -66.87 24.72
N MET G 531 -56.25 -67.71 25.76
CA MET G 531 -55.46 -67.26 26.90
C MET G 531 -54.04 -66.95 26.47
N TRP G 532 -53.46 -67.80 25.63
CA TRP G 532 -52.09 -67.57 25.18
C TRP G 532 -51.96 -66.21 24.51
N THR G 533 -52.81 -65.94 23.52
CA THR G 533 -52.68 -64.68 22.80
C THR G 533 -52.93 -63.47 23.71
N ASN G 534 -53.97 -63.54 24.55
CA ASN G 534 -54.31 -62.38 25.38
C ASN G 534 -53.21 -62.08 26.39
N ARG G 535 -52.66 -63.11 27.04
CA ARG G 535 -51.59 -62.85 28.00
C ARG G 535 -50.33 -62.38 27.28
N GLU G 536 -50.11 -62.83 26.04
CA GLU G 536 -49.01 -62.27 25.27
C GLU G 536 -49.20 -60.77 25.06
N SER G 537 -50.43 -60.35 24.75
CA SER G 537 -50.69 -58.93 24.59
C SER G 537 -50.41 -58.17 25.88
N MET G 538 -50.84 -58.72 27.01
CA MET G 538 -50.63 -58.05 28.30
C MET G 538 -49.13 -57.88 28.57
N HIS G 539 -48.36 -58.95 28.37
CA HIS G 539 -46.92 -58.86 28.61
C HIS G 539 -46.25 -57.89 27.63
N HIS G 540 -46.71 -57.86 26.38
CA HIS G 540 -46.20 -56.89 25.43
C HIS G 540 -46.40 -55.47 25.95
N ALA G 541 -47.60 -55.20 26.46
CA ALA G 541 -47.89 -53.88 27.01
C ALA G 541 -46.95 -53.56 28.17
N GLN G 542 -46.77 -54.51 29.08
CA GLN G 542 -45.93 -54.24 30.24
C GLN G 542 -44.44 -54.12 29.88
N LEU G 543 -44.03 -54.69 28.75
CA LEU G 543 -42.62 -54.63 28.35
C LEU G 543 -42.28 -53.36 27.58
N THR G 544 -43.06 -53.05 26.54
CA THR G 544 -42.70 -51.92 25.68
C THR G 544 -42.55 -50.61 26.45
N GLU G 545 -42.99 -50.57 27.71
CA GLU G 545 -42.86 -49.35 28.51
C GLU G 545 -41.41 -48.96 28.71
N SER G 546 -40.54 -49.94 28.97
CA SER G 546 -39.15 -49.63 29.30
C SER G 546 -38.42 -49.00 28.13
N VAL G 547 -38.87 -49.24 26.90
CA VAL G 547 -38.19 -48.73 25.72
C VAL G 547 -38.63 -47.29 25.47
N ASN G 548 -37.90 -46.34 26.02
CA ASN G 548 -38.19 -44.92 25.86
C ASN G 548 -36.89 -44.16 25.91
N PRO G 549 -36.90 -42.88 25.54
CA PRO G 549 -35.73 -42.05 25.81
C PRO G 549 -35.55 -41.91 27.31
N PHE G 550 -34.52 -41.20 27.76
CA PHE G 550 -34.23 -41.09 29.18
C PHE G 550 -33.79 -42.41 29.78
N ASN G 551 -33.22 -43.29 28.96
CA ASN G 551 -32.86 -44.61 29.44
C ASN G 551 -31.56 -45.09 28.78
N PRO G 552 -30.45 -45.11 29.51
CA PRO G 552 -29.28 -45.85 29.00
C PRO G 552 -29.67 -47.28 28.70
N ASN G 553 -28.78 -48.03 28.05
CA ASN G 553 -29.05 -49.40 27.60
C ASN G 553 -30.37 -49.49 26.84
N ALA G 554 -30.82 -48.38 26.29
CA ALA G 554 -31.91 -48.30 25.33
C ALA G 554 -31.52 -47.49 24.11
N GLN G 555 -30.76 -46.41 24.29
CA GLN G 555 -30.12 -45.75 23.16
C GLN G 555 -28.93 -46.54 22.65
N ALA G 556 -28.28 -47.31 23.54
CA ALA G 556 -27.17 -48.15 23.10
C ALA G 556 -27.65 -49.21 22.13
N MET G 557 -28.83 -49.77 22.36
CA MET G 557 -29.38 -50.75 21.43
C MET G 557 -29.61 -50.12 20.07
N TYR G 558 -30.18 -48.91 20.05
CA TYR G 558 -30.38 -48.22 18.78
C TYR G 558 -29.04 -47.95 18.10
N SER G 559 -28.03 -47.58 18.87
CA SER G 559 -26.72 -47.30 18.28
C SER G 559 -26.14 -48.54 17.62
N GLN G 560 -26.18 -49.67 18.33
CA GLN G 560 -25.67 -50.92 17.75
C GLN G 560 -26.47 -51.32 16.53
N LEU G 561 -27.79 -51.14 16.56
CA LEU G 561 -28.61 -51.48 15.41
C LEU G 561 -28.23 -50.62 14.21
N GLU G 562 -28.17 -49.30 14.39
CA GLU G 562 -27.75 -48.42 13.30
C GLU G 562 -26.33 -48.72 12.86
N GLY G 563 -25.53 -49.36 13.70
CA GLY G 563 -24.21 -49.78 13.27
C GLY G 563 -24.29 -50.79 12.13
N LEU G 564 -25.29 -51.66 12.16
CA LEU G 564 -25.45 -52.67 11.12
C LEU G 564 -26.15 -52.16 9.88
N GLY G 565 -26.56 -50.89 9.86
CA GLY G 565 -27.16 -50.30 8.69
C GLY G 565 -28.67 -50.23 8.70
N MET G 566 -29.32 -50.76 9.72
CA MET G 566 -30.76 -50.68 9.80
C MET G 566 -31.21 -49.23 9.96
N THR G 567 -32.38 -48.92 9.40
CA THR G 567 -32.99 -47.62 9.62
C THR G 567 -33.49 -47.53 11.05
N GLN G 568 -34.06 -46.38 11.39
CA GLN G 568 -34.67 -46.23 12.71
C GLN G 568 -35.96 -47.04 12.81
N GLN G 569 -36.79 -46.98 11.77
CA GLN G 569 -38.05 -47.70 11.78
C GLN G 569 -37.82 -49.22 11.82
N GLN G 570 -36.84 -49.70 11.05
CA GLN G 570 -36.54 -51.13 11.06
C GLN G 570 -36.05 -51.58 12.43
N ALA G 571 -35.21 -50.76 13.07
CA ALA G 571 -34.75 -51.09 14.41
C ALA G 571 -35.92 -51.15 15.39
N SER G 572 -36.84 -50.20 15.28
CA SER G 572 -38.03 -50.23 16.14
C SER G 572 -38.82 -51.50 15.93
N GLY G 573 -39.02 -51.89 14.67
CA GLY G 573 -39.72 -53.13 14.40
C GLY G 573 -39.02 -54.34 15.00
N TRP G 574 -37.69 -54.37 14.90
CA TRP G 574 -36.93 -55.49 15.45
C TRP G 574 -37.10 -55.59 16.95
N ILE G 575 -37.03 -54.45 17.64
CA ILE G 575 -37.23 -54.45 19.08
C ILE G 575 -38.63 -54.93 19.43
N ALA G 576 -39.63 -54.48 18.67
CA ALA G 576 -40.99 -54.92 18.92
C ALA G 576 -41.13 -56.43 18.75
N GLN G 577 -40.50 -56.98 17.72
CA GLN G 577 -40.56 -58.42 17.50
C GLN G 577 -39.96 -59.17 18.68
N GLN G 578 -38.82 -58.69 19.18
CA GLN G 578 -38.20 -59.37 20.32
C GLN G 578 -39.12 -59.33 21.53
N ILE G 579 -39.74 -58.17 21.79
CA ILE G 579 -40.67 -58.09 22.90
C ILE G 579 -41.80 -59.08 22.72
N THR G 580 -42.30 -59.21 21.50
CA THR G 580 -43.39 -60.16 21.23
C THR G 580 -42.97 -61.58 21.57
N ASN G 581 -41.77 -61.97 21.15
CA ASN G 581 -41.32 -63.34 21.42
C ASN G 581 -41.22 -63.60 22.92
N GLN G 582 -40.63 -62.65 23.65
CA GLN G 582 -40.51 -62.83 25.09
C GLN G 582 -41.89 -62.96 25.73
N GLY G 583 -42.84 -62.13 25.30
CA GLY G 583 -44.18 -62.21 25.85
C GLY G 583 -44.83 -63.55 25.58
N LEU G 584 -44.64 -64.09 24.38
CA LEU G 584 -45.20 -65.40 24.08
C LEU G 584 -44.63 -66.47 25.01
N ILE G 585 -43.31 -66.45 25.24
CA ILE G 585 -42.73 -67.45 26.13
C ILE G 585 -43.31 -67.32 27.54
N ILE G 586 -43.40 -66.09 28.03
CA ILE G 586 -43.91 -65.82 29.42
C ILE G 586 -45.37 -66.29 29.49
N SER G 587 -46.21 -65.87 28.55
CA SER G 587 -47.65 -66.24 28.51
C SER G 587 -47.80 -67.76 28.40
N ALA G 588 -46.99 -68.41 27.57
CA ALA G 588 -47.03 -69.89 27.37
C ALA G 588 -46.70 -70.59 28.68
N ASN G 589 -45.73 -70.07 29.44
CA ASN G 589 -45.29 -70.67 30.73
C ASN G 589 -46.33 -70.37 31.81
N GLU G 590 -47.10 -69.28 31.68
CA GLU G 590 -48.17 -68.93 32.65
C GLU G 590 -49.32 -69.93 32.49
N ILE G 591 -49.59 -70.41 31.28
CA ILE G 591 -50.62 -71.40 31.01
C ILE G 591 -50.23 -72.76 31.58
N PHE G 592 -48.96 -73.15 31.43
CA PHE G 592 -48.52 -74.43 31.97
C PHE G 592 -48.67 -74.46 33.49
N TRP G 593 -48.29 -73.37 34.15
CA TRP G 593 -48.43 -73.28 35.61
C TRP G 593 -49.89 -73.45 36.01
N MET G 594 -50.78 -72.75 35.31
CA MET G 594 -52.21 -72.85 35.64
C MET G 594 -52.71 -74.27 35.44
N SER G 595 -52.28 -74.93 34.37
CA SER G 595 -52.75 -76.30 34.11
C SER G 595 -52.31 -77.24 35.24
N ALA G 596 -51.05 -77.13 35.67
CA ALA G 596 -50.58 -78.00 36.74
C ALA G 596 -51.34 -77.73 38.03
N GLY G 597 -51.55 -76.46 38.37
CA GLY G 597 -52.33 -76.14 39.55
C GLY G 597 -53.72 -76.75 39.50
N ILE G 598 -54.38 -76.63 38.34
CA ILE G 598 -55.71 -77.20 38.18
C ILE G 598 -55.66 -78.71 38.37
N PHE G 599 -54.61 -79.35 37.87
CA PHE G 599 -54.46 -80.79 38.07
C PHE G 599 -54.45 -81.13 39.55
N LEU G 600 -53.74 -80.34 40.35
CA LEU G 600 -53.59 -80.69 41.76
C LEU G 600 -54.94 -80.86 42.44
N VAL G 601 -55.98 -80.16 41.98
CA VAL G 601 -57.29 -80.24 42.61
C VAL G 601 -58.10 -81.41 42.07
N LEU G 602 -57.96 -81.73 40.78
CA LEU G 602 -58.72 -82.83 40.15
C LEU G 602 -58.27 -84.18 40.72
N LEU G 603 -57.23 -84.22 41.55
CA LEU G 603 -56.67 -85.48 42.04
C LEU G 603 -57.72 -86.36 42.69
N GLY G 604 -58.36 -85.87 43.75
CA GLY G 604 -59.10 -86.74 44.64
C GLY G 604 -60.44 -87.24 44.14
N LEU G 605 -60.92 -86.75 42.99
CA LEU G 605 -62.26 -87.12 42.56
C LEU G 605 -62.37 -88.61 42.26
N VAL G 606 -61.28 -89.25 41.85
CA VAL G 606 -61.34 -90.65 41.42
C VAL G 606 -61.69 -91.60 42.56
N TRP G 607 -61.66 -91.14 43.80
CA TRP G 607 -61.93 -92.01 44.94
C TRP G 607 -63.41 -92.17 45.24
N PHE G 608 -64.28 -91.42 44.57
CA PHE G 608 -65.71 -91.57 44.79
C PHE G 608 -66.30 -92.80 44.12
N ALA G 609 -65.52 -93.51 43.30
CA ALA G 609 -66.02 -94.67 42.57
C ALA G 609 -65.91 -95.91 43.43
N LYS G 610 -67.00 -96.66 43.52
CA LYS G 610 -67.01 -97.88 44.31
C LYS G 610 -66.09 -98.91 43.67
N PRO G 611 -65.67 -99.92 44.42
CA PRO G 611 -64.90 -101.02 43.84
C PRO G 611 -65.76 -102.21 43.45
N PRO G 612 -66.55 -102.14 42.38
CA PRO G 612 -67.05 -103.36 41.75
C PRO G 612 -66.24 -103.82 40.53
N PHE G 613 -65.02 -103.31 40.39
CA PHE G 613 -64.25 -103.49 39.16
C PHE G 613 -64.20 -104.95 38.74
N GLY G 614 -64.55 -105.20 37.49
CA GLY G 614 -64.57 -106.55 36.97
C GLY G 614 -65.49 -106.68 35.77
N GLU H 23 75.01 50.59 -22.68
CA GLU H 23 73.77 51.33 -23.04
C GLU H 23 72.97 51.69 -21.79
N ASN H 24 73.68 51.86 -20.68
CA ASN H 24 73.08 52.33 -19.44
C ASN H 24 72.96 53.86 -19.46
N LEU H 25 72.33 54.40 -18.42
CA LEU H 25 72.09 55.83 -18.37
C LEU H 25 73.37 56.63 -18.48
N MET H 26 74.46 56.18 -17.86
CA MET H 26 75.69 56.96 -17.87
C MET H 26 76.26 57.06 -19.27
N GLN H 27 76.30 55.95 -20.01
CA GLN H 27 76.88 55.96 -21.33
C GLN H 27 76.04 56.80 -22.29
N VAL H 28 74.73 56.82 -22.07
CA VAL H 28 73.78 57.60 -22.91
C VAL H 28 73.92 59.08 -22.57
N TYR H 29 74.12 59.44 -21.29
CA TYR H 29 74.23 60.83 -20.89
C TYR H 29 75.57 61.44 -21.25
N GLN H 30 76.64 60.64 -21.25
CA GLN H 30 77.95 61.17 -21.62
C GLN H 30 77.94 61.69 -23.04
N GLN H 31 77.30 60.95 -23.96
CA GLN H 31 77.19 61.42 -25.33
C GLN H 31 76.18 62.55 -25.45
N ALA H 32 75.10 62.50 -24.67
CA ALA H 32 74.13 63.58 -24.68
C ALA H 32 74.77 64.90 -24.29
N ARG H 33 75.77 64.86 -23.40
CA ARG H 33 76.40 66.09 -22.95
C ARG H 33 77.07 66.81 -24.12
N LEU H 34 77.76 66.06 -24.97
CA LEU H 34 78.51 66.66 -26.08
C LEU H 34 77.77 66.61 -27.40
N SER H 35 76.49 66.21 -27.41
CA SER H 35 75.71 66.24 -28.63
C SER H 35 74.48 67.15 -28.56
N ASN H 36 74.06 67.55 -27.37
CA ASN H 36 72.77 68.25 -27.21
C ASN H 36 72.87 69.69 -27.70
N PRO H 37 72.10 70.10 -28.71
CA PRO H 37 72.16 71.50 -29.14
C PRO H 37 71.51 72.48 -28.19
N GLU H 38 70.63 72.04 -27.30
CA GLU H 38 70.03 72.97 -26.34
C GLU H 38 71.08 73.56 -25.42
N LEU H 39 71.99 72.71 -24.90
CA LEU H 39 73.07 73.23 -24.08
C LEU H 39 74.08 74.01 -24.91
N ARG H 40 74.37 73.56 -26.13
CA ARG H 40 75.34 74.26 -26.95
C ARG H 40 74.93 75.69 -27.21
N LYS H 41 73.63 75.91 -27.46
CA LYS H 41 73.14 77.28 -27.60
C LYS H 41 73.36 78.08 -26.32
N SER H 42 73.14 77.45 -25.17
CA SER H 42 73.37 78.13 -23.91
C SER H 42 74.83 78.49 -23.74
N ALA H 43 75.73 77.57 -24.12
CA ALA H 43 77.15 77.87 -24.05
C ALA H 43 77.52 79.03 -24.96
N ALA H 44 76.97 79.04 -26.18
CA ALA H 44 77.24 80.14 -27.10
C ALA H 44 76.74 81.46 -26.52
N ASP H 45 75.56 81.45 -25.90
CA ASP H 45 75.04 82.67 -25.27
C ASP H 45 75.96 83.15 -24.16
N ARG H 46 76.45 82.23 -23.33
CA ARG H 46 77.35 82.62 -22.26
C ARG H 46 78.65 83.20 -22.83
N ASP H 47 79.18 82.58 -23.87
CA ASP H 47 80.43 83.09 -24.46
C ASP H 47 80.21 84.46 -25.08
N ALA H 48 79.06 84.68 -25.71
CA ALA H 48 78.74 86.01 -26.21
C ALA H 48 78.68 87.02 -25.07
N ALA H 49 78.04 86.65 -23.96
CA ALA H 49 77.93 87.57 -22.85
C ALA H 49 79.29 87.92 -22.28
N PHE H 50 80.16 86.91 -22.12
CA PHE H 50 81.47 87.17 -21.52
C PHE H 50 82.33 88.02 -22.44
N GLU H 51 82.45 87.64 -23.71
CA GLU H 51 83.29 88.38 -24.63
C GLU H 51 82.83 89.81 -24.80
N LYS H 52 81.55 90.10 -24.51
CA LYS H 52 81.03 91.45 -24.71
C LYS H 52 81.69 92.45 -23.76
N ILE H 53 82.20 91.98 -22.63
CA ILE H 53 82.83 92.88 -21.67
C ILE H 53 84.00 93.61 -22.33
N ASN H 54 84.83 92.88 -23.07
CA ASN H 54 85.96 93.52 -23.74
C ASN H 54 85.50 94.66 -24.63
N GLU H 55 84.29 94.56 -25.18
CA GLU H 55 83.75 95.66 -25.98
C GLU H 55 83.53 96.90 -25.13
N ALA H 56 83.02 96.74 -23.90
CA ALA H 56 82.71 97.89 -23.07
C ALA H 56 83.95 98.52 -22.46
N ARG H 57 85.07 97.80 -22.40
CA ARG H 57 86.32 98.38 -21.95
C ARG H 57 87.07 99.09 -23.08
N SER H 58 86.65 98.89 -24.33
CA SER H 58 87.31 99.58 -25.44
C SER H 58 87.18 101.09 -25.37
N PRO H 59 86.02 101.68 -25.10
CA PRO H 59 85.92 103.16 -25.21
C PRO H 59 86.87 103.90 -24.29
N LEU H 60 87.19 103.36 -23.12
CA LEU H 60 88.06 104.08 -22.20
C LEU H 60 89.43 104.33 -22.82
N LEU H 61 89.96 103.35 -23.53
CA LEU H 61 91.28 103.48 -24.10
C LEU H 61 91.30 104.59 -25.15
N PRO H 62 92.51 105.02 -25.59
CA PRO H 62 92.64 106.05 -26.61
C PRO H 62 92.15 105.57 -27.97
N GLN H 63 91.74 106.49 -28.84
CA GLN H 63 91.25 106.19 -30.19
C GLN H 63 91.95 107.09 -31.19
N LEU H 64 92.39 106.50 -32.31
CA LEU H 64 93.10 107.23 -33.36
C LEU H 64 92.33 107.15 -34.67
N GLY H 65 92.52 108.16 -35.51
CA GLY H 65 91.84 108.22 -36.79
C GLY H 65 92.51 109.20 -37.72
N LEU H 66 92.17 109.09 -39.01
CA LEU H 66 92.75 109.91 -40.07
C LEU H 66 91.65 110.76 -40.70
N GLY H 67 92.03 111.95 -41.18
CA GLY H 67 91.04 112.94 -41.59
C GLY H 67 91.30 113.70 -42.88
N ALA H 68 91.92 113.06 -43.88
CA ALA H 68 92.20 113.74 -45.12
C ALA H 68 90.91 114.09 -45.87
N ASP H 69 90.96 115.18 -46.62
CA ASP H 69 89.79 115.68 -47.36
C ASP H 69 90.27 116.74 -48.34
N TYR H 70 89.31 117.33 -49.06
CA TYR H 70 89.58 118.34 -50.07
C TYR H 70 88.39 119.29 -50.16
N THR H 71 88.64 120.50 -50.69
CA THR H 71 87.61 121.51 -50.80
C THR H 71 87.87 122.40 -52.00
N TYR H 72 86.81 123.07 -52.47
CA TYR H 72 86.88 124.05 -53.54
C TYR H 72 85.78 125.08 -53.33
N SER H 73 86.11 126.35 -53.56
CA SER H 73 85.21 127.44 -53.24
C SER H 73 85.21 128.47 -54.36
N ASN H 74 84.13 129.26 -54.42
CA ASN H 74 83.99 130.32 -55.42
C ASN H 74 83.11 131.39 -54.80
N GLY H 75 83.73 132.47 -54.32
CA GLY H 75 82.98 133.54 -53.70
C GLY H 75 82.16 134.31 -54.72
N TYR H 76 81.02 134.83 -54.25
CA TYR H 76 80.15 135.66 -55.08
C TYR H 76 79.61 136.78 -54.21
N ARG H 77 78.59 137.47 -54.69
CA ARG H 77 78.07 138.67 -54.02
C ARG H 77 79.24 139.64 -53.89
N ASP H 78 79.55 140.13 -52.69
CA ASP H 78 80.66 141.06 -52.55
C ASP H 78 81.97 140.42 -52.97
N ALA H 79 82.20 139.16 -52.59
CA ALA H 79 83.47 138.48 -52.83
C ALA H 79 83.47 137.88 -54.24
N ASN H 80 83.32 138.76 -55.22
CA ASN H 80 83.31 138.34 -56.62
C ASN H 80 84.72 138.02 -57.09
N GLY H 81 84.81 137.16 -58.10
CA GLY H 81 86.07 136.88 -58.75
C GLY H 81 87.15 136.32 -57.86
N ILE H 82 86.78 135.71 -56.74
CA ILE H 82 87.76 135.12 -55.82
C ILE H 82 87.69 133.61 -55.96
N ASN H 83 88.82 133.00 -56.32
CA ASN H 83 88.92 131.56 -56.51
C ASN H 83 89.88 130.98 -55.49
N SER H 84 89.58 129.76 -55.04
CA SER H 84 90.41 129.13 -54.03
C SER H 84 90.20 127.62 -54.08
N ASN H 85 91.19 126.90 -53.55
CA ASN H 85 91.12 125.45 -53.42
C ASN H 85 91.99 125.06 -52.23
N ALA H 86 91.55 124.07 -51.47
CA ALA H 86 92.20 123.70 -50.21
C ALA H 86 92.43 122.21 -50.15
N THR H 87 93.39 121.82 -49.31
CA THR H 87 93.73 120.41 -49.10
C THR H 87 94.34 120.27 -47.72
N SER H 88 93.80 119.36 -46.92
CA SER H 88 94.25 119.17 -45.55
C SER H 88 94.15 117.69 -45.17
N ALA H 89 94.90 117.34 -44.12
CA ALA H 89 94.89 115.98 -43.61
C ALA H 89 95.57 115.99 -42.24
N SER H 90 94.95 115.34 -41.26
CA SER H 90 95.45 115.37 -39.89
C SER H 90 94.99 114.12 -39.16
N LEU H 91 95.48 113.96 -37.93
CA LEU H 91 95.14 112.80 -37.08
C LEU H 91 94.53 113.34 -35.78
N GLN H 92 93.76 112.51 -35.08
CA GLN H 92 93.09 112.87 -33.84
C GLN H 92 93.30 111.77 -32.81
N LEU H 93 93.22 112.16 -31.54
CA LEU H 93 93.39 111.22 -30.44
C LEU H 93 92.73 111.80 -29.20
N THR H 94 91.69 111.14 -28.69
CA THR H 94 90.96 111.59 -27.51
C THR H 94 91.03 110.53 -26.42
N GLN H 95 91.40 110.94 -25.22
CA GLN H 95 91.47 110.03 -24.08
C GLN H 95 90.62 110.58 -22.96
N SER H 96 89.63 109.79 -22.53
CA SER H 96 88.72 110.20 -21.47
C SER H 96 89.45 110.11 -20.13
N ILE H 97 89.48 111.23 -19.40
CA ILE H 97 90.21 111.29 -18.15
C ILE H 97 89.34 110.79 -17.00
N PHE H 98 88.20 111.45 -16.77
CA PHE H 98 87.32 111.12 -15.66
C PHE H 98 85.89 111.14 -16.14
N ASP H 99 85.30 109.96 -16.32
CA ASP H 99 83.87 109.83 -16.60
C ASP H 99 83.46 108.43 -16.15
N MET H 100 82.84 108.34 -14.97
CA MET H 100 82.50 107.04 -14.42
C MET H 100 81.37 106.35 -15.18
N SER H 101 80.72 107.05 -16.11
CA SER H 101 79.67 106.42 -16.90
C SER H 101 80.15 105.13 -17.53
N LYS H 102 81.40 105.11 -17.99
CA LYS H 102 81.94 103.93 -18.66
C LYS H 102 82.26 102.81 -17.68
N TRP H 103 82.62 103.14 -16.44
CA TRP H 103 82.90 102.10 -15.45
C TRP H 103 81.62 101.37 -15.04
N ARG H 104 80.54 102.12 -14.84
CA ARG H 104 79.28 101.50 -14.47
C ARG H 104 78.81 100.54 -15.55
N ALA H 105 79.14 100.83 -16.81
CA ALA H 105 78.84 99.88 -17.88
C ALA H 105 79.56 98.57 -17.65
N LEU H 106 80.83 98.63 -17.23
CA LEU H 106 81.58 97.41 -16.97
C LEU H 106 80.95 96.62 -15.82
N THR H 107 80.57 97.31 -14.75
CA THR H 107 79.94 96.60 -13.64
C THR H 107 78.65 95.92 -14.08
N LEU H 108 77.82 96.65 -14.82
CA LEU H 108 76.57 96.08 -15.28
C LEU H 108 76.82 94.87 -16.18
N GLN H 109 77.83 94.96 -17.04
CA GLN H 109 78.08 93.86 -17.96
C GLN H 109 78.61 92.62 -17.23
N GLU H 110 79.45 92.80 -16.21
CA GLU H 110 79.89 91.64 -15.46
C GLU H 110 78.73 90.99 -14.72
N LYS H 111 77.81 91.80 -14.19
CA LYS H 111 76.63 91.21 -13.57
C LYS H 111 75.78 90.45 -14.59
N ALA H 112 75.68 90.97 -15.81
CA ALA H 112 74.99 90.25 -16.87
C ALA H 112 75.65 88.91 -17.15
N ALA H 113 76.98 88.89 -17.16
CA ALA H 113 77.70 87.64 -17.36
C ALA H 113 77.36 86.64 -16.26
N GLY H 114 77.30 87.12 -15.02
CA GLY H 114 76.91 86.24 -13.93
C GLY H 114 75.54 85.62 -14.16
N ILE H 115 74.58 86.46 -14.55
CA ILE H 115 73.23 85.95 -14.81
C ILE H 115 73.27 84.87 -15.89
N GLN H 116 74.03 85.13 -16.95
CA GLN H 116 74.11 84.16 -18.04
C GLN H 116 74.68 82.83 -17.57
N ASP H 117 75.71 82.89 -16.72
CA ASP H 117 76.30 81.65 -16.21
C ASP H 117 75.29 80.87 -15.38
N VAL H 118 74.48 81.57 -14.59
CA VAL H 118 73.45 80.88 -13.82
C VAL H 118 72.47 80.18 -14.75
N THR H 119 72.05 80.86 -15.82
CA THR H 119 71.18 80.21 -16.79
C THR H 119 71.82 78.97 -17.38
N TYR H 120 73.13 79.02 -17.63
CA TYR H 120 73.83 77.87 -18.17
C TYR H 120 73.77 76.68 -17.21
N GLN H 121 73.98 76.93 -15.93
CA GLN H 121 73.87 75.86 -14.94
C GLN H 121 72.48 75.24 -14.96
N THR H 122 71.44 76.10 -15.01
CA THR H 122 70.08 75.58 -15.04
C THR H 122 69.88 74.68 -16.25
N ASP H 123 70.37 75.11 -17.41
CA ASP H 123 70.21 74.30 -18.62
C ASP H 123 70.89 72.96 -18.47
N GLN H 124 72.06 72.93 -17.82
CA GLN H 124 72.76 71.66 -17.65
C GLN H 124 71.93 70.68 -16.82
N GLN H 125 71.39 71.16 -15.69
CA GLN H 125 70.52 70.30 -14.89
C GLN H 125 69.33 69.81 -15.70
N THR H 126 68.74 70.69 -16.50
CA THR H 126 67.60 70.31 -17.32
C THR H 126 67.96 69.18 -18.27
N LEU H 127 69.14 69.30 -18.92
CA LEU H 127 69.60 68.27 -19.87
C LEU H 127 69.62 66.94 -19.11
N ILE H 128 70.27 66.87 -17.94
CA ILE H 128 70.39 65.61 -17.20
C ILE H 128 69.00 65.01 -16.97
N LEU H 129 68.08 65.83 -16.45
CA LEU H 129 66.77 65.31 -16.08
C LEU H 129 66.02 64.79 -17.29
N ASN H 130 66.06 65.52 -18.40
CA ASN H 130 65.34 65.09 -19.59
C ASN H 130 65.88 63.77 -20.11
N THR H 131 67.20 63.61 -20.13
CA THR H 131 67.76 62.35 -20.60
C THR H 131 67.28 61.18 -19.75
N ALA H 132 67.31 61.35 -18.42
CA ALA H 132 66.85 60.27 -17.56
C ALA H 132 65.39 59.94 -17.81
N THR H 133 64.55 60.97 -17.95
CA THR H 133 63.13 60.73 -18.17
C THR H 133 62.89 59.92 -19.44
N ALA H 134 63.58 60.29 -20.54
CA ALA H 134 63.40 59.56 -21.79
C ALA H 134 63.85 58.11 -21.63
N TYR H 135 64.98 57.90 -20.95
CA TYR H 135 65.49 56.55 -20.76
C TYR H 135 64.45 55.67 -20.07
N PHE H 136 63.81 56.19 -19.02
CA PHE H 136 62.80 55.37 -18.34
C PHE H 136 61.53 55.19 -19.19
N ASN H 137 61.17 56.21 -19.97
CA ASN H 137 59.96 56.10 -20.78
C ASN H 137 60.07 54.95 -21.77
N VAL H 138 61.26 54.75 -22.35
CA VAL H 138 61.43 53.65 -23.30
C VAL H 138 61.08 52.32 -22.66
N LEU H 139 61.65 52.05 -21.48
CA LEU H 139 61.43 50.77 -20.81
C LEU H 139 59.96 50.59 -20.41
N ASN H 140 59.34 51.67 -19.94
CA ASN H 140 57.90 51.60 -19.64
C ASN H 140 57.11 51.17 -20.88
N ALA H 141 57.47 51.73 -22.04
CA ALA H 141 56.79 51.35 -23.28
C ALA H 141 56.96 49.86 -23.55
N ILE H 142 58.17 49.34 -23.36
CA ILE H 142 58.41 47.93 -23.63
C ILE H 142 57.52 47.06 -22.74
N ASP H 143 57.44 47.41 -21.45
CA ASP H 143 56.63 46.61 -20.53
C ASP H 143 55.16 46.60 -20.94
N VAL H 144 54.62 47.77 -21.26
CA VAL H 144 53.21 47.80 -21.65
C VAL H 144 52.99 47.01 -22.94
N LEU H 145 53.97 47.02 -23.86
CA LEU H 145 53.83 46.23 -25.07
C LEU H 145 53.72 44.74 -24.74
N SER H 146 54.55 44.25 -23.82
CA SER H 146 54.48 42.85 -23.45
C SER H 146 53.11 42.51 -22.86
N TYR H 147 52.60 43.37 -21.99
CA TYR H 147 51.27 43.14 -21.45
C TYR H 147 50.22 43.05 -22.54
N THR H 148 50.29 43.96 -23.52
CA THR H 148 49.31 43.95 -24.60
C THR H 148 49.37 42.66 -25.40
N GLN H 149 50.58 42.17 -25.66
CA GLN H 149 50.69 40.90 -26.39
C GLN H 149 50.02 39.76 -25.64
N ALA H 150 50.24 39.68 -24.32
CA ALA H 150 49.59 38.64 -23.54
C ALA H 150 48.07 38.77 -23.61
N GLN H 151 47.55 39.99 -23.47
CA GLN H 151 46.11 40.19 -23.53
C GLN H 151 45.55 39.76 -24.88
N LYS H 152 46.27 40.07 -25.96
CA LYS H 152 45.81 39.66 -27.29
C LYS H 152 45.70 38.15 -27.37
N GLU H 153 46.70 37.43 -26.87
CA GLU H 153 46.63 35.97 -26.95
C GLU H 153 45.43 35.43 -26.19
N ALA H 154 45.19 35.96 -24.98
CA ALA H 154 44.05 35.48 -24.21
C ALA H 154 42.73 35.73 -24.94
N ILE H 155 42.59 36.94 -25.49
CA ILE H 155 41.34 37.36 -26.20
C ILE H 155 41.15 36.51 -27.45
N TYR H 156 42.22 36.10 -28.13
CA TYR H 156 42.10 35.24 -29.31
C TYR H 156 41.63 33.84 -28.92
N ARG H 157 42.12 33.33 -27.80
CA ARG H 157 41.75 31.97 -27.32
C ARG H 157 40.28 32.00 -26.88
N GLN H 158 39.78 33.12 -26.37
CA GLN H 158 38.35 33.27 -26.08
C GLN H 158 37.53 33.22 -27.37
N LEU H 159 37.98 33.92 -28.40
CA LEU H 159 37.26 33.93 -29.67
C LEU H 159 37.17 32.53 -30.26
N ASP H 160 38.28 31.79 -30.23
CA ASP H 160 38.27 30.45 -30.79
C ASP H 160 37.27 29.56 -30.05
N GLN H 161 37.29 29.67 -28.71
CA GLN H 161 36.37 28.91 -27.82
C GLN H 161 34.93 29.21 -28.21
N THR H 162 34.56 30.48 -28.37
CA THR H 162 33.18 30.86 -28.65
C THR H 162 32.76 30.41 -30.05
N THR H 163 33.66 30.54 -31.02
CA THR H 163 33.31 30.14 -32.39
C THR H 163 33.07 28.64 -32.46
N GLN H 164 33.93 27.83 -31.84
CA GLN H 164 33.71 26.39 -31.87
C GLN H 164 32.41 26.03 -31.20
N ARG H 165 32.13 26.61 -30.03
CA ARG H 165 30.86 26.35 -29.37
C ARG H 165 29.70 26.68 -30.30
N PHE H 166 29.70 27.88 -30.87
CA PHE H 166 28.59 28.29 -31.73
C PHE H 166 28.38 27.30 -32.86
N ASN H 167 29.45 26.93 -33.57
CA ASN H 167 29.26 26.03 -34.68
C ASN H 167 28.84 24.64 -34.24
N VAL H 168 29.04 24.28 -32.96
CA VAL H 168 28.44 23.06 -32.42
C VAL H 168 27.09 23.32 -31.76
N GLY H 169 26.75 24.57 -31.45
CA GLY H 169 25.53 24.93 -30.78
C GLY H 169 25.85 25.75 -29.55
N LEU H 170 25.00 25.62 -28.52
CA LEU H 170 25.24 26.17 -27.15
C LEU H 170 25.36 27.69 -27.09
N VAL H 171 25.38 28.42 -28.21
CA VAL H 171 25.68 29.85 -28.17
C VAL H 171 25.07 30.51 -29.39
N ALA H 172 24.62 31.75 -29.23
CA ALA H 172 24.06 32.53 -30.30
C ALA H 172 25.16 33.27 -31.06
N ILE H 173 24.78 33.85 -32.20
CA ILE H 173 25.74 34.56 -33.06
C ILE H 173 26.20 35.87 -32.43
N THR H 174 25.31 36.54 -31.68
CA THR H 174 25.68 37.78 -31.03
C THR H 174 26.93 37.60 -30.17
N ASP H 175 27.07 36.45 -29.53
CA ASP H 175 28.27 36.18 -28.75
C ASP H 175 29.51 36.14 -29.64
N VAL H 176 29.38 35.53 -30.82
CA VAL H 176 30.50 35.48 -31.75
C VAL H 176 30.92 36.88 -32.14
N GLN H 177 29.94 37.74 -32.43
CA GLN H 177 30.28 39.09 -32.86
C GLN H 177 30.90 39.90 -31.71
N ASN H 178 30.43 39.69 -30.49
CA ASN H 178 31.04 40.36 -29.34
C ASN H 178 32.50 39.95 -29.17
N ALA H 179 32.78 38.65 -29.31
CA ALA H 179 34.16 38.18 -29.23
C ALA H 179 35.02 38.81 -30.33
N ARG H 180 34.48 38.88 -31.54
CA ARG H 180 35.20 39.51 -32.64
C ARG H 180 35.52 40.97 -32.30
N ALA H 181 34.56 41.68 -31.72
CA ALA H 181 34.78 43.07 -31.37
C ALA H 181 35.92 43.20 -30.36
N GLN H 182 35.92 42.36 -29.33
CA GLN H 182 36.98 42.42 -28.33
C GLN H 182 38.35 42.15 -28.97
N TYR H 183 38.40 41.17 -29.86
CA TYR H 183 39.67 40.87 -30.52
C TYR H 183 40.16 42.04 -31.36
N ASP H 184 39.27 42.69 -32.10
CA ASP H 184 39.68 43.85 -32.89
C ASP H 184 40.20 44.97 -31.99
N THR H 185 39.54 45.17 -30.85
CA THR H 185 40.02 46.20 -29.93
C THR H 185 41.43 45.89 -29.41
N VAL H 186 41.71 44.64 -29.06
CA VAL H 186 43.06 44.35 -28.57
C VAL H 186 44.08 44.50 -29.68
N LEU H 187 43.71 44.19 -30.93
CA LEU H 187 44.64 44.43 -32.03
C LEU H 187 44.95 45.92 -32.18
N ALA H 188 43.93 46.78 -32.06
CA ALA H 188 44.17 48.21 -32.12
C ALA H 188 45.11 48.65 -31.01
N ASN H 189 44.92 48.12 -29.80
CA ASN H 189 45.79 48.47 -28.69
C ASN H 189 47.22 48.04 -28.97
N GLU H 190 47.42 46.86 -29.55
CA GLU H 190 48.76 46.40 -29.87
C GLU H 190 49.42 47.36 -30.85
N LEU H 191 48.70 47.77 -31.89
CA LEU H 191 49.28 48.70 -32.85
C LEU H 191 49.67 50.01 -32.15
N THR H 192 48.80 50.51 -31.27
CA THR H 192 49.12 51.73 -30.55
C THR H 192 50.39 51.57 -29.73
N ALA H 193 50.55 50.42 -29.07
CA ALA H 193 51.72 50.21 -28.23
C ALA H 193 52.99 50.18 -29.07
N ARG H 194 52.96 49.52 -30.23
CA ARG H 194 54.12 49.51 -31.11
C ARG H 194 54.49 50.93 -31.53
N ASN H 195 53.48 51.71 -31.92
CA ASN H 195 53.74 53.10 -32.31
C ASN H 195 54.34 53.90 -31.17
N ASN H 196 53.84 53.69 -29.95
CA ASN H 196 54.36 54.43 -28.79
C ASN H 196 55.81 54.07 -28.51
N LEU H 197 56.14 52.78 -28.68
CA LEU H 197 57.51 52.28 -28.46
C LEU H 197 58.45 52.95 -29.46
N ASP H 198 58.04 53.09 -30.73
CA ASP H 198 58.84 53.78 -31.73
C ASP H 198 58.97 55.26 -31.43
N ASN H 199 57.87 55.89 -31.02
CA ASN H 199 57.91 57.32 -30.71
C ASN H 199 58.85 57.61 -29.55
N ALA H 200 58.83 56.79 -28.51
CA ALA H 200 59.72 57.02 -27.38
C ALA H 200 61.18 56.86 -27.77
N VAL H 201 61.48 55.85 -28.59
CA VAL H 201 62.84 55.72 -29.10
C VAL H 201 63.24 56.96 -29.89
N GLU H 202 62.32 57.42 -30.73
CA GLU H 202 62.54 58.63 -31.56
C GLU H 202 62.76 59.80 -30.59
N GLN H 203 62.06 59.82 -29.45
CA GLN H 203 62.24 60.87 -28.41
C GLN H 203 63.63 60.73 -27.80
N LEU H 204 64.13 59.50 -27.67
CA LEU H 204 65.47 59.21 -27.10
C LEU H 204 66.55 59.62 -28.11
N ARG H 205 66.23 59.61 -29.41
CA ARG H 205 67.18 60.00 -30.48
C ARG H 205 67.18 61.53 -30.60
N GLN H 206 66.08 62.17 -30.23
CA GLN H 206 65.96 63.65 -30.33
C GLN H 206 66.78 64.31 -29.22
N ILE H 207 66.91 63.67 -28.05
CA ILE H 207 67.73 64.23 -26.97
C ILE H 207 69.19 63.91 -27.21
N THR H 208 69.53 62.62 -27.21
CA THR H 208 70.94 62.22 -27.29
C THR H 208 71.51 62.47 -28.68
N GLY H 209 70.81 62.05 -29.72
CA GLY H 209 71.30 62.17 -31.08
C GLY H 209 71.76 60.87 -31.70
N ASN H 210 71.33 59.73 -31.18
CA ASN H 210 71.72 58.44 -31.73
C ASN H 210 70.60 57.44 -31.47
N TYR H 211 70.47 56.48 -32.39
CA TYR H 211 69.47 55.42 -32.25
C TYR H 211 70.03 54.28 -31.40
N TYR H 212 69.32 53.93 -30.34
CA TYR H 212 69.77 52.89 -29.42
C TYR H 212 68.91 51.65 -29.58
N PRO H 213 69.45 50.53 -30.06
CA PRO H 213 68.62 49.33 -30.23
C PRO H 213 68.40 48.57 -28.93
N GLU H 214 69.34 48.66 -28.00
CA GLU H 214 69.30 47.90 -26.76
C GLU H 214 69.59 48.81 -25.58
N LEU H 215 68.80 48.66 -24.51
CA LEU H 215 68.97 49.43 -23.30
C LEU H 215 68.90 48.51 -22.09
N ALA H 216 69.66 48.86 -21.05
CA ALA H 216 69.62 48.11 -19.81
C ALA H 216 68.33 48.43 -19.04
N ALA H 217 67.94 47.50 -18.18
CA ALA H 217 66.70 47.61 -17.42
C ALA H 217 67.01 47.58 -15.92
N LEU H 218 65.95 47.69 -15.12
CA LEU H 218 66.10 47.65 -13.67
C LEU H 218 66.44 46.24 -13.20
N ASN H 219 67.33 46.16 -12.23
CA ASN H 219 67.62 44.92 -11.53
C ASN H 219 66.70 44.86 -10.33
N VAL H 220 65.63 44.08 -10.45
CA VAL H 220 64.55 44.11 -9.45
C VAL H 220 65.07 43.63 -8.10
N GLU H 221 65.94 42.63 -8.09
CA GLU H 221 66.40 41.97 -6.83
C GLU H 221 67.21 42.90 -5.94
N ASN H 222 67.56 44.12 -6.37
CA ASN H 222 68.42 45.02 -5.60
C ASN H 222 67.88 46.43 -5.63
N PHE H 223 66.57 46.58 -5.40
CA PHE H 223 65.93 47.89 -5.40
C PHE H 223 66.02 48.53 -4.02
N LYS H 224 66.11 49.86 -4.00
CA LYS H 224 66.30 50.62 -2.78
C LYS H 224 65.12 51.57 -2.58
N THR H 225 64.35 51.33 -1.53
CA THR H 225 63.32 52.28 -1.11
C THR H 225 63.83 53.09 0.08
N ASP H 226 64.70 54.04 -0.24
CA ASP H 226 65.34 54.85 0.78
C ASP H 226 64.34 55.82 1.41
N LYS H 227 64.79 56.55 2.42
CA LYS H 227 63.99 57.54 3.12
C LYS H 227 64.64 58.92 3.00
N PRO H 228 63.87 59.99 2.80
CA PRO H 228 64.46 61.32 2.63
C PRO H 228 64.72 62.03 3.96
N GLN H 229 65.52 63.09 3.87
CA GLN H 229 65.90 63.88 5.03
C GLN H 229 64.73 64.75 5.47
N PRO H 230 64.80 65.31 6.68
CA PRO H 230 63.73 66.22 7.13
C PRO H 230 63.56 67.38 6.16
N VAL H 231 62.35 67.93 6.14
CA VAL H 231 62.03 68.98 5.18
C VAL H 231 62.79 70.25 5.48
N ASN H 232 63.01 70.57 6.76
CA ASN H 232 63.66 71.83 7.11
C ASN H 232 65.09 71.89 6.59
N ALA H 233 65.82 70.78 6.70
CA ALA H 233 67.19 70.77 6.18
C ALA H 233 67.21 71.01 4.69
N LEU H 234 66.29 70.39 3.96
CA LEU H 234 66.18 70.63 2.53
C LEU H 234 65.86 72.10 2.26
N LEU H 235 64.98 72.70 3.06
CA LEU H 235 64.65 74.10 2.87
C LEU H 235 65.88 74.99 3.04
N LYS H 236 66.68 74.72 4.08
CA LYS H 236 67.87 75.52 4.31
C LYS H 236 68.85 75.37 3.15
N GLU H 237 69.10 74.13 2.73
CA GLU H 237 70.01 73.92 1.61
C GLU H 237 69.50 74.62 0.35
N ALA H 238 68.19 74.59 0.12
CA ALA H 238 67.62 75.23 -1.06
C ALA H 238 67.84 76.73 -1.00
N GLU H 239 67.48 77.35 0.12
CA GLU H 239 67.71 78.79 0.26
C GLU H 239 69.16 79.12 -0.01
N LYS H 240 70.08 78.26 0.42
CA LYS H 240 71.50 78.57 0.26
C LYS H 240 71.95 78.43 -1.19
N ARG H 241 71.53 77.38 -1.88
CA ARG H 241 72.16 76.99 -3.13
C ARG H 241 71.14 76.61 -4.20
N ASN H 242 70.11 77.43 -4.40
CA ASN H 242 69.16 77.23 -5.47
C ASN H 242 69.44 78.21 -6.61
N LEU H 243 69.15 77.77 -7.85
CA LEU H 243 69.58 78.54 -9.01
C LEU H 243 68.64 79.70 -9.30
N SER H 244 67.33 79.46 -9.22
CA SER H 244 66.38 80.52 -9.53
C SER H 244 66.56 81.72 -8.62
N LEU H 245 66.61 81.49 -7.30
CA LEU H 245 66.72 82.61 -6.38
C LEU H 245 68.08 83.27 -6.48
N LEU H 246 69.11 82.51 -6.86
CA LEU H 246 70.41 83.13 -7.08
C LEU H 246 70.38 84.09 -8.25
N GLN H 247 69.74 83.68 -9.36
CA GLN H 247 69.60 84.61 -10.48
C GLN H 247 68.75 85.81 -10.09
N ALA H 248 67.73 85.59 -9.26
CA ALA H 248 66.91 86.71 -8.80
C ALA H 248 67.74 87.70 -7.98
N ARG H 249 68.63 87.19 -7.12
CA ARG H 249 69.50 88.08 -6.36
C ARG H 249 70.44 88.84 -7.28
N LEU H 250 70.97 88.18 -8.30
CA LEU H 250 71.79 88.88 -9.27
C LEU H 250 71.00 90.00 -9.92
N SER H 251 69.73 89.74 -10.25
CA SER H 251 68.90 90.79 -10.85
C SER H 251 68.70 91.96 -9.90
N GLN H 252 68.51 91.68 -8.62
CA GLN H 252 68.35 92.77 -7.66
C GLN H 252 69.60 93.63 -7.59
N ASP H 253 70.77 92.99 -7.54
CA ASP H 253 72.01 93.75 -7.52
C ASP H 253 72.16 94.58 -8.79
N LEU H 254 71.77 94.00 -9.93
CA LEU H 254 71.82 94.75 -11.18
C LEU H 254 70.93 95.98 -11.13
N ALA H 255 69.74 95.85 -10.55
CA ALA H 255 68.85 97.00 -10.44
C ALA H 255 69.48 98.09 -9.59
N ARG H 256 70.10 97.71 -8.47
CA ARG H 256 70.79 98.70 -7.65
C ARG H 256 71.90 99.39 -8.44
N GLU H 257 72.66 98.62 -9.21
CA GLU H 257 73.72 99.22 -10.01
C GLU H 257 73.16 100.19 -11.04
N GLN H 258 72.02 99.84 -11.64
CA GLN H 258 71.38 100.77 -12.58
C GLN H 258 70.97 102.05 -11.89
N ILE H 259 70.44 101.95 -10.68
CA ILE H 259 70.13 103.15 -9.91
C ILE H 259 71.39 104.00 -9.74
N ARG H 260 72.50 103.36 -9.40
CA ARG H 260 73.75 104.10 -9.27
C ARG H 260 74.13 104.75 -10.60
N GLN H 261 73.81 104.10 -11.71
CA GLN H 261 74.14 104.65 -13.02
C GLN H 261 73.30 105.88 -13.33
N ALA H 262 72.06 105.91 -12.82
CA ALA H 262 71.19 107.05 -13.10
C ALA H 262 71.78 108.34 -12.54
N GLN H 263 72.27 108.30 -11.30
CA GLN H 263 72.82 109.49 -10.66
C GLN H 263 74.13 109.93 -11.31
N ASP H 264 74.70 109.12 -12.19
CA ASP H 264 75.93 109.46 -12.88
C ASP H 264 75.77 110.63 -13.83
N GLY H 265 74.53 111.03 -14.14
CA GLY H 265 74.34 112.11 -15.09
C GLY H 265 74.88 113.44 -14.61
N HIS H 266 74.63 113.77 -13.34
CA HIS H 266 75.07 115.05 -12.80
C HIS H 266 76.57 115.19 -12.73
N LEU H 267 77.31 114.10 -12.87
CA LEU H 267 78.76 114.13 -12.73
C LEU H 267 79.39 114.85 -13.93
N PRO H 268 80.29 115.80 -13.72
CA PRO H 268 80.95 116.45 -14.86
C PRO H 268 81.92 115.50 -15.56
N THR H 269 82.26 115.85 -16.80
CA THR H 269 83.17 115.04 -17.61
C THR H 269 84.22 115.95 -18.25
N LEU H 270 85.42 115.39 -18.44
CA LEU H 270 86.50 116.09 -19.11
C LEU H 270 87.25 115.10 -19.98
N ASP H 271 87.83 115.61 -21.07
CA ASP H 271 88.55 114.78 -22.03
C ASP H 271 89.85 115.47 -22.41
N LEU H 272 90.83 114.65 -22.81
CA LEU H 272 92.14 115.14 -23.25
C LEU H 272 92.32 114.74 -24.70
N THR H 273 92.43 115.74 -25.57
CA THR H 273 92.49 115.52 -27.01
C THR H 273 93.74 116.18 -27.57
N ALA H 274 94.41 115.48 -28.48
CA ALA H 274 95.60 115.99 -29.13
C ALA H 274 95.52 115.64 -30.61
N SER H 275 95.91 116.58 -31.46
CA SER H 275 95.84 116.38 -32.91
C SER H 275 97.08 116.98 -33.55
N THR H 276 97.39 116.47 -34.74
CA THR H 276 98.50 116.99 -35.53
C THR H 276 98.19 116.77 -37.00
N GLY H 277 98.82 117.58 -37.84
CA GLY H 277 98.60 117.48 -39.27
C GLY H 277 99.30 118.60 -39.99
N ILE H 278 99.25 118.51 -41.32
CA ILE H 278 99.89 119.48 -42.21
C ILE H 278 98.87 119.98 -43.21
N SER H 279 99.13 121.17 -43.75
CA SER H 279 98.28 121.77 -44.75
C SER H 279 99.07 122.85 -45.47
N ASP H 280 99.32 122.66 -46.75
CA ASP H 280 100.08 123.61 -47.57
C ASP H 280 99.10 124.26 -48.54
N THR H 281 98.76 125.52 -48.28
CA THR H 281 97.80 126.27 -49.08
C THR H 281 98.52 127.40 -49.79
N SER H 282 98.35 127.50 -51.10
CA SER H 282 98.93 128.56 -51.91
C SER H 282 97.83 129.51 -52.38
N TYR H 283 98.23 130.76 -52.61
CA TYR H 283 97.31 131.82 -53.02
C TYR H 283 97.72 132.34 -54.39
N SER H 284 96.71 132.64 -55.20
CA SER H 284 96.93 133.14 -56.55
C SER H 284 95.78 134.08 -56.91
N GLY H 285 95.76 134.55 -58.15
CA GLY H 285 94.72 135.44 -58.61
C GLY H 285 95.26 136.78 -59.10
N SER H 286 94.56 137.41 -60.04
CA SER H 286 95.01 138.69 -60.56
C SER H 286 95.03 139.75 -59.45
N LYS H 287 93.98 139.78 -58.64
CA LYS H 287 93.92 140.75 -57.55
C LYS H 287 95.02 140.50 -56.52
N THR H 288 95.29 139.23 -56.21
CA THR H 288 96.30 138.92 -55.22
C THR H 288 97.68 139.42 -55.64
N ARG H 289 98.04 139.21 -56.90
CA ARG H 289 99.34 139.65 -57.38
C ARG H 289 99.40 141.16 -57.45
N GLY H 290 100.52 141.72 -57.01
CA GLY H 290 100.72 143.15 -57.03
C GLY H 290 100.29 143.83 -55.74
N ALA H 291 101.23 144.51 -55.09
CA ALA H 291 100.95 145.23 -53.85
C ALA H 291 100.32 144.30 -52.81
N ALA H 292 100.87 143.09 -52.71
CA ALA H 292 100.35 142.12 -51.75
C ALA H 292 100.50 142.63 -50.32
N GLY H 293 101.64 143.23 -50.00
CA GLY H 293 101.86 143.74 -48.66
C GLY H 293 102.16 142.68 -47.63
N THR H 294 102.54 141.48 -48.05
CA THR H 294 102.87 140.33 -47.21
C THR H 294 101.62 139.68 -46.61
N GLN H 295 100.44 140.25 -46.80
CA GLN H 295 99.24 139.67 -46.21
C GLN H 295 98.79 138.42 -46.95
N TYR H 296 98.98 138.38 -48.27
CA TYR H 296 98.53 137.28 -49.10
C TYR H 296 99.66 136.32 -49.47
N ASP H 297 100.82 136.44 -48.84
CA ASP H 297 101.93 135.54 -49.13
C ASP H 297 101.64 134.13 -48.64
N ASP H 298 102.17 133.15 -49.35
CA ASP H 298 101.96 131.75 -48.99
C ASP H 298 102.71 131.40 -47.72
N SER H 299 102.19 130.40 -47.00
CA SER H 299 102.80 129.93 -45.77
C SER H 299 102.80 128.41 -45.75
N ASN H 300 103.76 127.83 -45.03
CA ASN H 300 103.92 126.39 -44.92
C ASN H 300 104.11 125.97 -43.47
N MET H 301 103.27 126.52 -42.60
CA MET H 301 103.29 126.15 -41.20
C MET H 301 102.47 124.88 -40.97
N GLY H 302 102.70 124.27 -39.81
CA GLY H 302 101.97 123.08 -39.40
C GLY H 302 101.09 123.34 -38.20
N GLN H 303 100.63 122.25 -37.59
CA GLN H 303 99.75 122.33 -36.43
C GLN H 303 99.96 121.10 -35.56
N ASN H 304 100.13 121.31 -34.27
CA ASN H 304 100.32 120.24 -33.30
C ASN H 304 99.44 120.48 -32.08
N LYS H 305 98.17 120.80 -32.32
CA LYS H 305 97.28 121.22 -31.24
C LYS H 305 97.19 120.13 -30.17
N VAL H 306 97.26 120.56 -28.91
CA VAL H 306 97.02 119.70 -27.76
C VAL H 306 96.21 120.47 -26.75
N GLY H 307 95.20 119.83 -26.16
CA GLY H 307 94.34 120.54 -25.23
C GLY H 307 93.47 119.60 -24.44
N LEU H 308 92.64 120.21 -23.59
CA LEU H 308 91.69 119.50 -22.73
C LEU H 308 90.28 120.00 -23.04
N SER H 309 89.31 119.57 -22.22
CA SER H 309 87.94 120.03 -22.35
C SER H 309 87.16 119.64 -21.12
N PHE H 310 86.30 120.53 -20.66
CA PHE H 310 85.48 120.28 -19.46
C PHE H 310 84.08 120.83 -19.68
N SER H 311 83.09 120.08 -19.22
CA SER H 311 81.69 120.47 -19.38
C SER H 311 80.85 119.83 -18.28
N LEU H 312 79.78 120.52 -17.88
CA LEU H 312 78.91 120.00 -16.83
C LEU H 312 77.51 120.59 -16.99
N PRO H 313 76.46 119.78 -16.89
CA PRO H 313 75.10 120.34 -16.98
C PRO H 313 74.70 121.05 -15.69
N ILE H 314 73.88 122.08 -15.85
CA ILE H 314 73.43 122.92 -14.74
C ILE H 314 71.98 122.62 -14.37
N TYR H 315 71.06 122.74 -15.32
CA TYR H 315 69.64 122.52 -15.06
C TYR H 315 69.10 121.29 -15.79
N GLN H 316 69.20 121.25 -17.11
CA GLN H 316 68.75 120.10 -17.90
C GLN H 316 67.27 119.78 -17.66
N GLY H 317 66.50 120.76 -17.18
CA GLY H 317 65.07 120.61 -17.07
C GLY H 317 64.62 119.44 -16.22
N GLY H 318 65.48 118.98 -15.32
CA GLY H 318 65.12 117.92 -14.40
C GLY H 318 65.00 116.54 -15.01
N MET H 319 65.59 116.31 -16.17
CA MET H 319 65.51 115.00 -16.80
C MET H 319 66.13 113.92 -15.90
N VAL H 320 67.34 114.19 -15.40
CA VAL H 320 68.02 113.21 -14.56
C VAL H 320 67.24 113.00 -13.27
N ASN H 321 66.62 114.06 -12.76
CA ASN H 321 65.82 113.92 -11.55
C ASN H 321 64.61 113.04 -11.79
N SER H 322 64.30 112.75 -13.06
CA SER H 322 63.22 111.82 -13.36
C SER H 322 63.77 110.43 -13.63
N GLN H 323 64.93 110.34 -14.28
CA GLN H 323 65.55 109.04 -14.48
C GLN H 323 65.86 108.36 -13.15
N VAL H 324 66.24 109.16 -12.16
CA VAL H 324 66.58 108.64 -10.81
C VAL H 324 65.34 107.97 -10.22
N LYS H 325 64.15 108.56 -10.35
CA LYS H 325 62.92 108.00 -9.80
C LYS H 325 62.49 106.77 -10.59
N GLN H 326 62.66 106.81 -11.91
CA GLN H 326 62.37 105.61 -12.70
C GLN H 326 63.23 104.43 -12.23
N ALA H 327 64.51 104.68 -11.98
CA ALA H 327 65.38 103.61 -11.50
C ALA H 327 64.93 103.08 -10.15
N GLN H 328 64.52 103.97 -9.24
CA GLN H 328 64.05 103.52 -7.93
C GLN H 328 62.81 102.64 -8.04
N TYR H 329 61.86 103.03 -8.88
CA TYR H 329 60.69 102.19 -9.10
C TYR H 329 61.06 100.83 -9.68
N ASN H 330 62.01 100.81 -10.62
CA ASN H 330 62.45 99.53 -11.17
C ASN H 330 63.05 98.66 -10.07
N PHE H 331 63.82 99.27 -9.17
CA PHE H 331 64.43 98.50 -8.09
C PHE H 331 63.38 97.88 -7.18
N VAL H 332 62.36 98.65 -6.80
CA VAL H 332 61.34 98.08 -5.92
C VAL H 332 60.59 96.96 -6.64
N GLY H 333 60.34 97.11 -7.93
CA GLY H 333 59.72 96.03 -8.68
C GLY H 333 60.57 94.76 -8.66
N ALA H 334 61.88 94.92 -8.85
CA ALA H 334 62.77 93.77 -8.79
C ALA H 334 62.72 93.10 -7.43
N SER H 335 62.67 93.90 -6.36
CA SER H 335 62.60 93.32 -5.02
C SER H 335 61.34 92.49 -4.85
N GLU H 336 60.21 93.00 -5.34
CA GLU H 336 58.98 92.21 -5.27
C GLU H 336 59.12 90.90 -6.04
N GLN H 337 59.76 90.96 -7.21
CA GLN H 337 59.99 89.74 -7.99
C GLN H 337 60.80 88.73 -7.19
N LEU H 338 61.84 89.20 -6.50
CA LEU H 338 62.66 88.29 -5.71
C LEU H 338 61.84 87.63 -4.61
N GLU H 339 60.99 88.40 -3.94
CA GLU H 339 60.15 87.80 -2.89
C GLU H 339 59.25 86.72 -3.46
N SER H 340 58.66 86.99 -4.63
CA SER H 340 57.83 85.97 -5.27
C SER H 340 58.63 84.71 -5.54
N ALA H 341 59.84 84.86 -6.07
CA ALA H 341 60.65 83.68 -6.38
C ALA H 341 60.97 82.88 -5.12
N HIS H 342 61.22 83.59 -4.01
CA HIS H 342 61.49 82.90 -2.76
C HIS H 342 60.30 82.02 -2.34
N ARG H 343 59.11 82.61 -2.33
CA ARG H 343 57.94 81.81 -1.97
C ARG H 343 57.79 80.62 -2.91
N SER H 344 58.07 80.82 -4.20
CA SER H 344 57.93 79.75 -5.18
C SER H 344 58.85 78.59 -4.84
N VAL H 345 60.12 78.88 -4.55
CA VAL H 345 61.06 77.79 -4.26
C VAL H 345 60.63 77.05 -3.00
N VAL H 346 60.14 77.77 -1.99
CA VAL H 346 59.70 77.10 -0.77
C VAL H 346 58.61 76.09 -1.09
N GLN H 347 57.58 76.54 -1.81
CA GLN H 347 56.48 75.62 -2.10
C GLN H 347 56.94 74.45 -2.97
N THR H 348 57.87 74.70 -3.90
CA THR H 348 58.35 73.62 -4.76
C THR H 348 59.07 72.54 -3.96
N VAL H 349 59.93 72.94 -3.02
CA VAL H 349 60.66 71.93 -2.24
C VAL H 349 59.68 71.12 -1.40
N ARG H 350 58.69 71.78 -0.79
CA ARG H 350 57.71 71.03 -0.02
C ARG H 350 56.97 70.01 -0.91
N SER H 351 56.58 70.44 -2.10
CA SER H 351 55.85 69.54 -3.00
C SER H 351 56.70 68.34 -3.36
N SER H 352 57.99 68.56 -3.66
CA SER H 352 58.84 67.44 -4.06
C SER H 352 58.99 66.42 -2.93
N PHE H 353 59.17 66.91 -1.70
CA PHE H 353 59.24 65.99 -0.56
C PHE H 353 57.98 65.13 -0.46
N ASN H 354 56.82 65.78 -0.51
CA ASN H 354 55.58 65.02 -0.42
C ASN H 354 55.47 64.02 -1.57
N ASN H 355 55.94 64.40 -2.75
CA ASN H 355 55.88 63.50 -3.90
C ASN H 355 56.69 62.23 -3.66
N ILE H 356 57.90 62.38 -3.08
CA ILE H 356 58.71 61.21 -2.77
C ILE H 356 57.96 60.28 -1.81
N ASN H 357 57.38 60.85 -0.76
CA ASN H 357 56.66 60.01 0.20
C ASN H 357 55.50 59.27 -0.49
N ALA H 358 54.77 59.97 -1.35
CA ALA H 358 53.66 59.33 -2.07
C ALA H 358 54.16 58.18 -2.92
N SER H 359 55.31 58.36 -3.58
CA SER H 359 55.85 57.29 -4.40
C SER H 359 56.17 56.06 -3.55
N ILE H 360 56.75 56.27 -2.36
CA ILE H 360 57.03 55.14 -1.47
C ILE H 360 55.75 54.38 -1.17
N SER H 361 54.70 55.11 -0.77
CA SER H 361 53.45 54.44 -0.41
C SER H 361 52.88 53.67 -1.60
N SER H 362 52.90 54.28 -2.78
CA SER H 362 52.36 53.61 -3.96
C SER H 362 53.16 52.35 -4.28
N ILE H 363 54.47 52.39 -4.09
CA ILE H 363 55.28 51.20 -4.33
C ILE H 363 54.85 50.07 -3.41
N ASN H 364 54.64 50.37 -2.13
CA ASN H 364 54.16 49.33 -1.22
C ASN H 364 52.83 48.75 -1.71
N ALA H 365 51.90 49.63 -2.09
CA ALA H 365 50.59 49.15 -2.52
C ALA H 365 50.70 48.23 -3.73
N TYR H 366 51.47 48.64 -4.72
CA TYR H 366 51.60 47.83 -5.93
C TYR H 366 52.33 46.52 -5.64
N LYS H 367 53.28 46.53 -4.71
CA LYS H 367 53.95 45.28 -4.33
C LYS H 367 52.94 44.29 -3.77
N GLN H 368 52.10 44.74 -2.85
CA GLN H 368 51.07 43.83 -2.33
C GLN H 368 50.14 43.37 -3.44
N ALA H 369 49.78 44.28 -4.35
CA ALA H 369 48.88 43.92 -5.43
C ALA H 369 49.46 42.80 -6.30
N VAL H 370 50.75 42.88 -6.61
CA VAL H 370 51.36 41.83 -7.41
C VAL H 370 51.48 40.55 -6.60
N VAL H 371 51.70 40.65 -5.29
CA VAL H 371 51.73 39.46 -4.47
C VAL H 371 50.39 38.73 -4.56
N SER H 372 49.29 39.47 -4.58
CA SER H 372 47.98 38.84 -4.62
C SER H 372 47.71 38.18 -5.97
N ALA H 373 47.99 38.88 -7.07
CA ALA H 373 47.67 38.34 -8.39
C ALA H 373 48.43 37.05 -8.67
N GLN H 374 49.62 36.90 -8.10
CA GLN H 374 50.38 35.67 -8.31
C GLN H 374 49.64 34.47 -7.74
N SER H 375 48.94 34.65 -6.63
CA SER H 375 48.23 33.54 -6.02
C SER H 375 47.15 32.99 -6.94
N SER H 376 46.37 33.90 -7.55
CA SER H 376 45.22 33.53 -8.41
C SER H 376 45.72 32.81 -9.68
N LEU H 377 46.76 33.32 -10.33
CA LEU H 377 47.32 32.68 -11.55
C LEU H 377 47.89 31.32 -11.16
N ASP H 378 48.38 31.17 -9.93
CA ASP H 378 48.90 29.87 -9.41
C ASP H 378 47.72 28.92 -9.21
N ALA H 379 46.60 29.40 -8.68
CA ALA H 379 45.42 28.57 -8.36
C ALA H 379 44.71 28.15 -9.65
N MET H 380 44.69 28.99 -10.68
CA MET H 380 44.04 28.69 -11.98
C MET H 380 44.83 27.57 -12.67
N GLU H 381 46.16 27.55 -12.50
CA GLU H 381 47.02 26.57 -13.14
C GLU H 381 46.81 25.18 -12.55
N ALA H 382 46.72 25.11 -11.22
CA ALA H 382 46.52 23.82 -10.56
C ALA H 382 45.18 23.21 -10.96
N GLY H 383 44.14 24.04 -11.05
CA GLY H 383 42.85 23.52 -11.46
C GLY H 383 42.87 22.92 -12.85
N TYR H 384 43.57 23.57 -13.78
CA TYR H 384 43.74 22.99 -15.10
C TYR H 384 44.54 21.70 -15.03
N SER H 385 45.57 21.66 -14.19
CA SER H 385 46.37 20.45 -14.06
C SER H 385 45.51 19.27 -13.61
N VAL H 386 44.61 19.49 -12.65
CA VAL H 386 43.70 18.43 -12.22
C VAL H 386 42.49 18.31 -13.14
N GLY H 387 42.00 19.40 -13.70
CA GLY H 387 40.90 19.38 -14.63
C GLY H 387 39.62 20.02 -14.17
N THR H 388 39.69 21.06 -13.34
CA THR H 388 38.49 21.77 -12.90
C THR H 388 38.24 23.05 -13.69
N ARG H 389 39.26 23.59 -14.35
CA ARG H 389 39.15 24.84 -15.10
C ARG H 389 39.56 24.60 -16.56
N THR H 390 39.59 25.69 -17.33
CA THR H 390 39.90 25.64 -18.77
C THR H 390 41.14 26.50 -19.02
N ILE H 391 41.74 26.42 -20.21
CA ILE H 391 42.92 27.18 -20.58
C ILE H 391 42.64 28.67 -20.62
N VAL H 392 41.38 29.04 -20.89
CA VAL H 392 41.03 30.45 -20.98
C VAL H 392 41.25 31.14 -19.64
N ASP H 393 40.91 30.46 -18.55
CA ASP H 393 41.13 31.03 -17.22
C ASP H 393 42.62 31.26 -16.97
N VAL H 394 43.44 30.29 -17.35
CA VAL H 394 44.89 30.42 -17.15
C VAL H 394 45.41 31.63 -17.92
N LEU H 395 44.99 31.78 -19.18
CA LEU H 395 45.46 32.91 -19.97
C LEU H 395 45.00 34.23 -19.39
N ASP H 396 43.75 34.31 -18.93
CA ASP H 396 43.28 35.55 -18.33
C ASP H 396 44.07 35.90 -17.08
N ALA H 397 44.37 34.89 -16.25
CA ALA H 397 45.17 35.15 -15.06
C ALA H 397 46.57 35.63 -15.44
N THR H 398 47.16 35.03 -16.48
CA THR H 398 48.46 35.49 -16.94
C THR H 398 48.42 36.96 -17.36
N THR H 399 47.37 37.34 -18.08
CA THR H 399 47.25 38.74 -18.50
C THR H 399 47.17 39.65 -17.29
N THR H 400 46.38 39.27 -16.28
CA THR H 400 46.26 40.11 -15.10
C THR H 400 47.61 40.27 -14.39
N LEU H 401 48.35 39.17 -14.27
CA LEU H 401 49.66 39.25 -13.61
C LEU H 401 50.61 40.15 -14.38
N TYR H 402 50.54 40.08 -15.72
CA TYR H 402 51.37 40.95 -16.60
C TYR H 402 50.99 42.38 -16.31
N ASN H 403 49.71 42.64 -16.05
CA ASN H 403 49.22 44.00 -15.69
C ASN H 403 49.88 44.38 -14.36
N ALA H 404 49.84 43.51 -13.36
CA ALA H 404 50.45 43.75 -12.02
C ALA H 404 51.95 44.00 -12.19
N LYS H 405 52.57 43.40 -13.21
CA LYS H 405 54.03 43.54 -13.46
C LYS H 405 54.33 44.88 -14.12
N GLN H 406 53.52 45.32 -15.08
CA GLN H 406 53.77 46.58 -15.83
C GLN H 406 53.53 47.79 -14.92
N GLU H 407 52.56 47.72 -14.00
CA GLU H 407 52.29 48.82 -13.08
C GLU H 407 53.39 48.97 -12.05
N LEU H 408 53.90 47.86 -11.54
CA LEU H 408 54.96 47.93 -10.52
C LEU H 408 56.23 48.55 -11.10
N ALA H 409 56.60 48.15 -12.31
CA ALA H 409 57.77 48.74 -12.94
C ALA H 409 57.60 50.24 -13.14
N ASN H 410 56.40 50.65 -13.56
CA ASN H 410 56.14 52.08 -13.72
C ASN H 410 56.31 52.82 -12.40
N ALA H 411 55.80 52.24 -11.32
CA ALA H 411 55.95 52.87 -10.01
C ALA H 411 57.42 53.04 -9.64
N ARG H 412 58.23 52.01 -9.90
CA ARG H 412 59.65 52.12 -9.56
C ARG H 412 60.32 53.24 -10.35
N TYR H 413 60.06 53.29 -11.66
CA TYR H 413 60.67 54.33 -12.48
C TYR H 413 60.24 55.72 -12.00
N ASN H 414 58.97 55.86 -11.63
CA ASN H 414 58.51 57.15 -11.11
C ASN H 414 59.23 57.51 -9.83
N TYR H 415 59.46 56.53 -8.95
CA TYR H 415 60.21 56.82 -7.73
C TYR H 415 61.59 57.37 -8.05
N LEU H 416 62.29 56.73 -8.99
CA LEU H 416 63.63 57.19 -9.35
C LEU H 416 63.58 58.61 -9.90
N ILE H 417 62.64 58.88 -10.80
CA ILE H 417 62.57 60.22 -11.39
C ILE H 417 62.23 61.25 -10.33
N ASN H 418 61.41 60.88 -9.34
CA ASN H 418 61.07 61.84 -8.30
C ASN H 418 62.26 62.10 -7.38
N GLN H 419 63.10 61.10 -7.15
CA GLN H 419 64.34 61.33 -6.41
C GLN H 419 65.22 62.34 -7.13
N LEU H 420 65.39 62.14 -8.44
CA LEU H 420 66.14 63.11 -9.24
C LEU H 420 65.49 64.48 -9.17
N ASN H 421 64.16 64.54 -9.16
CA ASN H 421 63.47 65.82 -9.14
C ASN H 421 63.71 66.59 -7.84
N ILE H 422 63.62 65.91 -6.70
CA ILE H 422 63.88 66.59 -5.43
C ILE H 422 65.32 67.08 -5.40
N LYS H 423 66.26 66.22 -5.80
CA LYS H 423 67.65 66.66 -5.75
C LYS H 423 67.91 67.82 -6.70
N SER H 424 67.21 67.87 -7.84
CA SER H 424 67.32 69.01 -8.75
C SER H 424 66.74 70.26 -8.14
N ALA H 425 65.65 70.14 -7.38
CA ALA H 425 65.13 71.28 -6.65
C ALA H 425 66.18 71.81 -5.68
N LEU H 426 66.93 70.90 -5.04
CA LEU H 426 68.07 71.34 -4.24
C LEU H 426 69.16 71.99 -5.11
N GLY H 427 69.16 71.73 -6.41
CA GLY H 427 70.15 72.32 -7.29
C GLY H 427 71.52 71.69 -7.23
N THR H 428 71.66 70.56 -6.56
CA THR H 428 72.97 70.00 -6.23
C THR H 428 73.42 68.86 -7.14
N LEU H 429 72.65 68.52 -8.17
CA LEU H 429 72.99 67.38 -9.03
C LEU H 429 73.48 67.85 -10.38
N ASN H 430 74.69 67.41 -10.76
CA ASN H 430 75.11 67.43 -12.15
C ASN H 430 75.40 66.04 -12.66
N GLU H 431 76.27 65.28 -11.99
CA GLU H 431 76.63 63.95 -12.45
C GLU H 431 76.89 62.95 -11.32
N GLN H 432 76.68 63.37 -10.06
CA GLN H 432 76.92 62.51 -8.87
C GLN H 432 75.88 61.39 -8.83
N ASP H 433 74.99 61.26 -9.83
CA ASP H 433 74.09 60.13 -9.95
C ASP H 433 74.79 58.99 -10.69
N LEU H 434 75.98 58.66 -10.20
CA LEU H 434 76.80 57.59 -10.74
C LEU H 434 76.53 56.26 -10.05
N LEU H 435 76.62 56.24 -8.72
CA LEU H 435 76.22 55.07 -7.95
C LEU H 435 74.71 54.97 -7.79
N ALA H 436 73.98 56.06 -8.03
CA ALA H 436 72.53 56.04 -7.87
C ALA H 436 71.89 55.06 -8.85
N LEU H 437 72.32 55.09 -10.11
CA LEU H 437 71.73 54.25 -11.13
C LEU H 437 72.62 53.07 -11.53
N ASN H 438 73.90 53.11 -11.19
CA ASN H 438 74.79 52.00 -11.54
C ASN H 438 74.30 50.70 -10.92
N ASN H 439 73.92 50.74 -9.64
CA ASN H 439 73.40 49.56 -8.97
C ASN H 439 72.00 49.21 -9.46
N ALA H 440 71.35 50.10 -10.19
CA ALA H 440 69.99 49.89 -10.68
C ALA H 440 69.96 49.33 -12.09
N LEU H 441 71.10 49.02 -12.69
CA LEU H 441 71.16 48.50 -14.05
C LEU H 441 71.18 46.97 -14.05
N SER H 442 70.87 46.41 -15.21
CA SER H 442 70.80 44.96 -15.37
C SER H 442 71.19 44.62 -16.80
N LYS H 443 70.83 43.42 -17.24
CA LYS H 443 71.21 42.97 -18.57
C LYS H 443 70.48 43.79 -19.63
N PRO H 444 71.08 43.93 -20.82
CA PRO H 444 70.42 44.70 -21.88
C PRO H 444 69.08 44.11 -22.27
N VAL H 445 68.14 44.99 -22.61
CA VAL H 445 66.83 44.62 -23.12
C VAL H 445 66.61 45.38 -24.43
N SER H 446 66.20 44.67 -25.47
CA SER H 446 66.03 45.28 -26.78
C SER H 446 64.91 46.32 -26.76
N THR H 447 65.04 47.32 -27.63
CA THR H 447 64.08 48.41 -27.70
C THR H 447 63.06 48.22 -28.82
N ASN H 448 63.45 47.59 -29.93
CA ASN H 448 62.58 47.37 -31.07
C ASN H 448 62.75 45.94 -31.57
N PRO H 449 62.21 44.96 -30.85
CA PRO H 449 62.33 43.57 -31.29
C PRO H 449 61.56 43.31 -32.57
N GLU H 450 62.06 42.34 -33.34
CA GLU H 450 61.42 41.95 -34.59
C GLU H 450 61.43 40.43 -34.74
N GLU I 23 27.91 77.04 -46.53
CA GLU I 23 26.98 75.89 -46.34
C GLU I 23 27.76 74.61 -46.01
N ASN I 24 28.90 74.44 -46.67
CA ASN I 24 29.74 73.25 -46.49
C ASN I 24 31.18 73.69 -46.24
N LEU I 25 32.09 72.71 -46.24
CA LEU I 25 33.46 72.97 -45.82
C LEU I 25 34.16 73.94 -46.76
N MET I 26 34.08 73.70 -48.07
CA MET I 26 34.77 74.56 -49.02
C MET I 26 34.27 76.00 -48.91
N GLN I 27 32.96 76.17 -48.79
CA GLN I 27 32.41 77.52 -48.68
C GLN I 27 32.89 78.21 -47.40
N VAL I 28 32.89 77.48 -46.28
CA VAL I 28 33.34 78.07 -45.03
C VAL I 28 34.79 78.52 -45.16
N TYR I 29 35.63 77.67 -45.74
CA TYR I 29 37.03 78.05 -45.93
C TYR I 29 37.15 79.26 -46.84
N GLN I 30 36.36 79.30 -47.91
CA GLN I 30 36.43 80.44 -48.84
C GLN I 30 36.09 81.73 -48.12
N GLN I 31 35.04 81.73 -47.31
CA GLN I 31 34.70 82.94 -46.57
C GLN I 31 35.78 83.31 -45.57
N ALA I 32 36.34 82.31 -44.87
CA ALA I 32 37.36 82.61 -43.86
C ALA I 32 38.65 83.10 -44.50
N ARG I 33 38.93 82.70 -45.74
CA ARG I 33 40.19 83.07 -46.37
C ARG I 33 40.36 84.58 -46.42
N LEU I 34 39.26 85.31 -46.51
CA LEU I 34 39.31 86.76 -46.57
C LEU I 34 38.64 87.44 -45.39
N SER I 35 37.89 86.71 -44.56
CA SER I 35 37.28 87.32 -43.38
C SER I 35 38.09 87.13 -42.11
N ASN I 36 39.09 86.24 -42.12
CA ASN I 36 39.88 85.89 -40.88
C ASN I 36 40.86 87.00 -40.49
N PRO I 37 40.76 87.62 -39.28
CA PRO I 37 41.64 88.73 -38.92
C PRO I 37 43.10 88.33 -38.67
N GLU I 38 43.37 87.13 -38.19
CA GLU I 38 44.76 86.74 -37.93
C GLU I 38 45.58 86.72 -39.20
N LEU I 39 45.05 86.09 -40.25
CA LEU I 39 45.77 86.04 -41.51
C LEU I 39 45.97 87.44 -42.09
N ARG I 40 44.99 88.32 -41.92
CA ARG I 40 45.13 89.68 -42.40
C ARG I 40 46.21 90.44 -41.62
N LYS I 41 46.30 90.18 -40.32
CA LYS I 41 47.40 90.77 -39.55
C LYS I 41 48.75 90.25 -40.06
N SER I 42 48.80 88.97 -40.41
CA SER I 42 50.03 88.44 -40.98
C SER I 42 50.38 89.14 -42.28
N ALA I 43 49.38 89.38 -43.13
CA ALA I 43 49.62 90.10 -44.37
C ALA I 43 50.10 91.52 -44.10
N ALA I 44 49.54 92.16 -43.08
CA ALA I 44 50.00 93.51 -42.73
C ALA I 44 51.45 93.49 -42.29
N ASP I 45 51.85 92.47 -41.53
CA ASP I 45 53.25 92.34 -41.14
C ASP I 45 54.13 92.12 -42.36
N ARG I 46 53.70 91.30 -43.31
CA ARG I 46 54.46 91.12 -44.53
C ARG I 46 54.63 92.45 -45.26
N ASP I 47 53.55 93.22 -45.37
CA ASP I 47 53.64 94.51 -46.03
C ASP I 47 54.60 95.44 -45.32
N ALA I 48 54.57 95.44 -43.99
CA ALA I 48 55.49 96.27 -43.23
C ALA I 48 56.93 95.86 -43.51
N ALA I 49 57.19 94.55 -43.53
CA ALA I 49 58.55 94.09 -43.79
C ALA I 49 59.03 94.51 -45.18
N PHE I 50 58.19 94.31 -46.20
CA PHE I 50 58.60 94.66 -47.55
C PHE I 50 58.80 96.17 -47.69
N GLU I 51 57.91 96.97 -47.13
CA GLU I 51 58.08 98.42 -47.19
C GLU I 51 59.38 98.86 -46.53
N LYS I 52 59.84 98.12 -45.53
CA LYS I 52 61.06 98.49 -44.83
C LYS I 52 62.24 98.58 -45.78
N ILE I 53 62.19 97.87 -46.90
CA ILE I 53 63.30 97.93 -47.86
C ILE I 53 63.52 99.36 -48.34
N ASN I 54 62.46 100.16 -48.36
CA ASN I 54 62.58 101.51 -48.90
C ASN I 54 63.48 102.39 -48.04
N GLU I 55 63.29 102.33 -46.71
CA GLU I 55 64.09 103.17 -45.83
C GLU I 55 65.52 102.69 -45.70
N ALA I 56 65.79 101.44 -46.08
CA ALA I 56 67.17 100.98 -46.15
C ALA I 56 67.86 101.52 -47.40
N ARG I 57 67.11 101.67 -48.49
CA ARG I 57 67.66 102.30 -49.69
C ARG I 57 67.96 103.77 -49.45
N SER I 58 67.10 104.44 -48.70
CA SER I 58 67.11 105.91 -48.67
C SER I 58 68.48 106.50 -48.35
N PRO I 59 69.28 105.97 -47.42
CA PRO I 59 70.56 106.60 -47.10
C PRO I 59 71.59 106.54 -48.21
N LEU I 60 71.23 106.04 -49.40
CA LEU I 60 72.11 106.06 -50.56
C LEU I 60 71.92 107.31 -51.40
N LEU I 61 70.68 107.77 -51.54
CA LEU I 61 70.40 108.92 -52.40
C LEU I 61 70.89 110.22 -51.76
N PRO I 62 71.03 111.28 -52.55
CA PRO I 62 71.45 112.56 -51.99
C PRO I 62 70.48 113.05 -50.92
N GLN I 63 71.01 113.80 -49.95
CA GLN I 63 70.19 114.31 -48.81
C GLN I 63 70.25 115.84 -48.83
N LEU I 64 69.43 116.48 -49.68
CA LEU I 64 69.40 117.95 -49.77
C LEU I 64 68.83 118.52 -48.47
N GLY I 65 69.08 119.80 -48.18
CA GLY I 65 68.60 120.45 -46.94
C GLY I 65 68.57 121.96 -47.04
N LEU I 66 68.03 122.66 -46.04
CA LEU I 66 67.92 124.13 -46.04
C LEU I 66 68.24 124.68 -44.64
N GLY I 67 68.81 125.89 -44.55
CA GLY I 67 69.15 126.52 -43.26
C GLY I 67 68.96 128.02 -43.32
N ALA I 68 68.94 128.70 -42.17
CA ALA I 68 68.78 130.17 -42.08
C ALA I 68 68.77 130.55 -40.60
N ASP I 69 69.63 131.48 -40.17
CA ASP I 69 69.76 131.84 -38.73
C ASP I 69 70.37 133.24 -38.57
N TYR I 70 69.69 134.14 -37.84
CA TYR I 70 70.22 135.48 -37.51
C TYR I 70 70.97 135.35 -36.19
N THR I 71 71.91 136.24 -35.88
CA THR I 71 72.66 136.23 -34.59
C THR I 71 73.10 137.64 -34.18
N TYR I 72 72.66 138.12 -33.03
CA TYR I 72 73.10 139.41 -32.50
C TYR I 72 74.18 139.16 -31.46
N SER I 73 75.18 140.05 -31.43
CA SER I 73 76.34 139.84 -30.57
C SER I 73 76.90 141.19 -30.14
N ASN I 74 77.22 141.32 -28.84
CA ASN I 74 77.81 142.56 -28.28
C ASN I 74 78.97 142.19 -27.36
N GLY I 75 79.53 140.97 -27.46
CA GLY I 75 80.71 140.57 -26.67
C GLY I 75 81.60 141.76 -26.40
N TYR I 76 81.86 142.08 -25.12
CA TYR I 76 82.61 143.32 -24.78
C TYR I 76 83.63 143.09 -23.68
N ARG I 77 84.35 141.97 -23.71
CA ARG I 77 85.47 141.75 -22.75
C ARG I 77 86.45 142.90 -22.92
N ASP I 78 86.60 143.42 -24.15
CA ASP I 78 87.49 144.54 -24.43
C ASP I 78 86.87 145.55 -25.39
N ALA I 79 85.87 145.14 -26.19
CA ALA I 79 85.22 146.03 -27.14
C ALA I 79 83.86 146.46 -26.59
N ASN I 80 83.84 147.63 -25.94
CA ASN I 80 82.60 148.17 -25.34
C ASN I 80 81.96 149.12 -26.35
N GLY I 81 80.64 149.00 -26.57
CA GLY I 81 79.89 149.85 -27.47
C GLY I 81 79.88 149.39 -28.92
N ILE I 82 80.38 148.20 -29.21
CA ILE I 82 80.41 147.67 -30.58
C ILE I 82 79.12 146.89 -30.82
N ASN I 83 78.43 147.22 -31.90
CA ASN I 83 77.22 146.52 -32.31
C ASN I 83 77.52 145.75 -33.60
N SER I 84 77.13 144.48 -33.62
CA SER I 84 77.38 143.64 -34.80
C SER I 84 76.28 142.59 -34.87
N ASN I 85 75.27 142.85 -35.69
CA ASN I 85 74.29 141.84 -36.00
C ASN I 85 74.85 140.88 -37.05
N ALA I 86 74.15 139.78 -37.26
CA ALA I 86 74.57 138.78 -38.23
C ALA I 86 73.34 138.10 -38.81
N THR I 87 73.50 137.60 -40.04
CA THR I 87 72.42 136.89 -40.70
C THR I 87 73.04 135.97 -41.74
N SER I 88 72.36 134.85 -41.99
CA SER I 88 72.83 133.89 -42.97
C SER I 88 71.67 133.01 -43.42
N ALA I 89 71.82 132.45 -44.61
CA ALA I 89 70.84 131.50 -45.15
C ALA I 89 71.49 130.70 -46.27
N SER I 90 71.52 129.37 -46.13
CA SER I 90 72.27 128.54 -47.06
C SER I 90 71.56 127.22 -47.25
N LEU I 91 72.01 126.48 -48.26
CA LEU I 91 71.52 125.15 -48.58
C LEU I 91 72.58 124.13 -48.18
N GLN I 92 72.28 122.86 -48.45
CA GLN I 92 73.21 121.77 -48.14
C GLN I 92 72.90 120.60 -49.06
N LEU I 93 73.93 119.86 -49.45
CA LEU I 93 73.77 118.60 -50.15
C LEU I 93 74.89 117.66 -49.71
N THR I 94 74.53 116.41 -49.45
CA THR I 94 75.50 115.38 -49.11
C THR I 94 75.15 114.10 -49.84
N GLN I 95 76.19 113.39 -50.30
CA GLN I 95 76.01 112.16 -51.06
C GLN I 95 77.18 111.24 -50.76
N SER I 96 76.91 110.11 -50.13
CA SER I 96 77.95 109.16 -49.78
C SER I 96 78.45 108.44 -51.02
N ILE I 97 79.76 108.22 -51.08
CA ILE I 97 80.38 107.60 -52.23
C ILE I 97 80.63 106.12 -51.95
N PHE I 98 81.50 105.84 -50.98
CA PHE I 98 81.90 104.48 -50.67
C PHE I 98 81.65 104.22 -49.19
N ASP I 99 80.74 103.30 -48.91
CA ASP I 99 80.54 102.80 -47.56
C ASP I 99 79.69 101.53 -47.61
N MET I 100 80.19 100.45 -47.04
CA MET I 100 79.46 99.20 -47.00
C MET I 100 78.66 99.03 -45.71
N SER I 101 78.43 100.11 -44.97
CA SER I 101 77.49 100.05 -43.86
C SER I 101 76.05 100.06 -44.36
N LYS I 102 75.83 100.61 -45.56
CA LYS I 102 74.48 100.72 -46.09
C LYS I 102 74.08 99.49 -46.89
N TRP I 103 74.99 98.94 -47.71
CA TRP I 103 74.65 97.77 -48.51
C TRP I 103 74.29 96.59 -47.61
N ARG I 104 75.05 96.39 -46.54
CA ARG I 104 74.74 95.31 -45.60
C ARG I 104 73.34 95.48 -45.03
N ALA I 105 72.96 96.71 -44.71
CA ALA I 105 71.62 96.96 -44.20
C ALA I 105 70.56 96.55 -45.21
N LEU I 106 70.78 96.90 -46.48
CA LEU I 106 69.84 96.50 -47.54
C LEU I 106 69.69 94.99 -47.57
N THR I 107 70.80 94.27 -47.59
CA THR I 107 70.73 92.81 -47.67
C THR I 107 70.01 92.23 -46.46
N LEU I 108 70.32 92.73 -45.26
CA LEU I 108 69.71 92.17 -44.06
C LEU I 108 68.21 92.42 -44.03
N GLN I 109 67.78 93.61 -44.49
CA GLN I 109 66.35 93.88 -44.56
C GLN I 109 65.68 92.94 -45.56
N GLU I 110 66.34 92.63 -46.68
CA GLU I 110 65.78 91.68 -47.62
C GLU I 110 65.58 90.31 -46.97
N LYS I 111 66.58 89.86 -46.21
CA LYS I 111 66.44 88.58 -45.52
C LYS I 111 65.28 88.61 -44.53
N ALA I 112 65.12 89.72 -43.81
CA ALA I 112 64.00 89.85 -42.89
C ALA I 112 62.67 89.74 -43.63
N ALA I 113 62.60 90.33 -44.82
CA ALA I 113 61.38 90.22 -45.62
C ALA I 113 61.08 88.77 -45.97
N GLY I 114 62.11 88.02 -46.35
CA GLY I 114 61.91 86.60 -46.62
C GLY I 114 61.37 85.85 -45.42
N ILE I 115 61.90 86.16 -44.24
CA ILE I 115 61.42 85.52 -43.02
C ILE I 115 59.94 85.82 -42.81
N GLN I 116 59.55 87.09 -43.02
CA GLN I 116 58.15 87.47 -42.86
C GLN I 116 57.27 86.69 -43.83
N ASP I 117 57.72 86.51 -45.07
CA ASP I 117 56.94 85.74 -46.04
C ASP I 117 56.73 84.31 -45.55
N VAL I 118 57.77 83.69 -45.01
CA VAL I 118 57.63 82.31 -44.56
C VAL I 118 56.61 82.22 -43.44
N THR I 119 56.68 83.14 -42.47
CA THR I 119 55.70 83.07 -41.38
C THR I 119 54.29 83.31 -41.89
N TYR I 120 54.14 84.13 -42.94
CA TYR I 120 52.82 84.31 -43.55
C TYR I 120 52.27 83.00 -44.09
N GLN I 121 53.11 82.24 -44.80
CA GLN I 121 52.66 80.95 -45.32
C GLN I 121 52.25 80.02 -44.19
N THR I 122 53.04 80.01 -43.11
CA THR I 122 52.66 79.20 -41.96
C THR I 122 51.29 79.59 -41.43
N ASP I 123 51.01 80.90 -41.38
CA ASP I 123 49.71 81.35 -40.92
C ASP I 123 48.59 80.86 -41.84
N GLN I 124 48.82 80.86 -43.15
CA GLN I 124 47.82 80.30 -44.07
C GLN I 124 47.47 78.87 -43.65
N GLN I 125 48.49 78.04 -43.49
CA GLN I 125 48.22 76.64 -43.19
C GLN I 125 47.51 76.50 -41.84
N THR I 126 47.88 77.32 -40.87
CA THR I 126 47.19 77.29 -39.58
C THR I 126 45.71 77.61 -39.75
N LEU I 127 45.40 78.58 -40.60
CA LEU I 127 44.00 78.95 -40.82
C LEU I 127 43.22 77.76 -41.37
N ILE I 128 43.79 77.07 -42.36
CA ILE I 128 43.08 75.92 -42.93
C ILE I 128 42.82 74.88 -41.85
N LEU I 129 43.84 74.56 -41.05
CA LEU I 129 43.67 73.53 -40.03
C LEU I 129 42.59 73.91 -39.03
N ASN I 130 42.60 75.17 -38.57
CA ASN I 130 41.63 75.60 -37.58
C ASN I 130 40.21 75.52 -38.14
N THR I 131 40.01 75.96 -39.39
CA THR I 131 38.69 75.88 -39.97
C THR I 131 38.20 74.44 -40.03
N ALA I 132 39.06 73.51 -40.46
CA ALA I 132 38.63 72.12 -40.56
C ALA I 132 38.24 71.56 -39.19
N THR I 133 39.06 71.82 -38.17
CA THR I 133 38.76 71.30 -36.84
C THR I 133 37.45 71.85 -36.32
N ALA I 134 37.25 73.17 -36.46
CA ALA I 134 36.02 73.78 -35.98
C ALA I 134 34.82 73.21 -36.72
N TYR I 135 34.97 72.92 -38.01
CA TYR I 135 33.86 72.34 -38.77
C TYR I 135 33.48 70.97 -38.21
N PHE I 136 34.48 70.12 -37.93
CA PHE I 136 34.16 68.76 -37.52
C PHE I 136 33.61 68.71 -36.09
N ASN I 137 34.02 69.64 -35.23
CA ASN I 137 33.53 69.62 -33.87
C ASN I 137 32.00 69.76 -33.81
N VAL I 138 31.41 70.50 -34.73
CA VAL I 138 29.96 70.68 -34.73
C VAL I 138 29.25 69.37 -34.99
N LEU I 139 29.71 68.60 -35.97
CA LEU I 139 29.10 67.30 -36.23
C LEU I 139 29.26 66.37 -35.04
N ASN I 140 30.44 66.41 -34.40
CA ASN I 140 30.60 65.63 -33.17
C ASN I 140 29.54 65.99 -32.15
N ALA I 141 29.32 67.30 -31.96
CA ALA I 141 28.32 67.74 -30.99
C ALA I 141 26.92 67.25 -31.36
N ILE I 142 26.58 67.30 -32.65
CA ILE I 142 25.27 66.83 -33.09
C ILE I 142 25.07 65.37 -32.70
N ASP I 143 26.06 64.53 -33.01
CA ASP I 143 25.95 63.11 -32.69
C ASP I 143 25.76 62.90 -31.20
N VAL I 144 26.60 63.59 -30.40
CA VAL I 144 26.51 63.44 -28.95
C VAL I 144 25.12 63.83 -28.46
N LEU I 145 24.56 64.91 -28.99
CA LEU I 145 23.25 65.37 -28.53
C LEU I 145 22.18 64.34 -28.83
N SER I 146 22.17 63.80 -30.05
CA SER I 146 21.16 62.81 -30.41
C SER I 146 21.22 61.61 -29.48
N TYR I 147 22.43 61.09 -29.25
CA TYR I 147 22.54 59.88 -28.43
C TYR I 147 22.20 60.16 -26.97
N THR I 148 22.52 61.35 -26.47
CA THR I 148 22.13 61.70 -25.11
C THR I 148 20.62 61.77 -24.97
N GLN I 149 19.94 62.31 -25.99
CA GLN I 149 18.47 62.33 -25.93
C GLN I 149 17.91 60.92 -25.89
N ALA I 150 18.48 60.00 -26.68
CA ALA I 150 18.01 58.62 -26.63
C ALA I 150 18.19 58.02 -25.24
N GLN I 151 19.35 58.28 -24.63
CA GLN I 151 19.58 57.79 -23.26
C GLN I 151 18.55 58.36 -22.30
N LYS I 152 18.22 59.64 -22.46
CA LYS I 152 17.23 60.26 -21.58
C LYS I 152 15.89 59.55 -21.70
N GLU I 153 15.46 59.25 -22.93
CA GLU I 153 14.20 58.55 -23.11
C GLU I 153 14.22 57.20 -22.41
N ALA I 154 15.30 56.44 -22.59
CA ALA I 154 15.40 55.12 -22.00
C ALA I 154 15.31 55.20 -20.47
N ILE I 155 16.05 56.13 -19.88
CA ILE I 155 16.08 56.21 -18.42
C ILE I 155 14.74 56.67 -17.88
N TYR I 156 14.04 57.55 -18.61
CA TYR I 156 12.72 57.96 -18.16
C TYR I 156 11.76 56.77 -18.15
N ARG I 157 11.82 55.92 -19.18
CA ARG I 157 10.96 54.75 -19.17
C ARG I 157 11.31 53.83 -18.01
N GLN I 158 12.60 53.70 -17.71
CA GLN I 158 13.00 52.90 -16.55
C GLN I 158 12.39 53.44 -15.26
N LEU I 159 12.46 54.75 -15.07
CA LEU I 159 11.89 55.34 -13.86
C LEU I 159 10.39 55.11 -13.79
N ASP I 160 9.69 55.24 -14.92
CA ASP I 160 8.26 55.00 -14.93
C ASP I 160 7.95 53.58 -14.47
N GLN I 161 8.68 52.61 -15.02
CA GLN I 161 8.45 51.22 -14.63
C GLN I 161 8.70 51.02 -13.15
N THR I 162 9.81 51.55 -12.64
CA THR I 162 10.14 51.33 -11.24
C THR I 162 9.11 51.96 -10.31
N THR I 163 8.66 53.17 -10.62
CA THR I 163 7.67 53.82 -9.77
C THR I 163 6.35 53.07 -9.79
N GLN I 164 5.92 52.63 -10.98
CA GLN I 164 4.70 51.82 -11.02
C GLN I 164 4.85 50.56 -10.18
N ARG I 165 6.00 49.90 -10.28
CA ARG I 165 6.22 48.68 -9.53
C ARG I 165 6.18 48.93 -8.03
N PHE I 166 6.79 50.03 -7.58
CA PHE I 166 6.74 50.35 -6.16
C PHE I 166 5.31 50.61 -5.71
N ASN I 167 4.53 51.34 -6.53
CA ASN I 167 3.15 51.60 -6.16
C ASN I 167 2.37 50.30 -6.02
N VAL I 168 2.61 49.36 -6.95
CA VAL I 168 1.88 48.05 -6.93
C VAL I 168 2.28 47.34 -5.63
N GLY I 169 3.54 47.45 -5.18
CA GLY I 169 3.99 46.74 -4.00
C GLY I 169 4.92 45.58 -4.27
N LEU I 170 5.93 45.80 -5.12
CA LEU I 170 6.93 44.79 -5.41
C LEU I 170 8.37 45.23 -5.13
N VAL I 171 8.61 46.52 -4.95
CA VAL I 171 9.94 47.04 -4.69
C VAL I 171 9.85 48.05 -3.54
N ALA I 172 11.01 48.34 -2.96
CA ALA I 172 11.10 49.26 -1.83
C ALA I 172 11.35 50.69 -2.33
N ILE I 173 11.16 51.65 -1.41
CA ILE I 173 11.36 53.05 -1.76
C ILE I 173 12.80 53.31 -2.18
N THR I 174 13.74 52.51 -1.67
CA THR I 174 15.15 52.75 -1.97
C THR I 174 15.41 52.64 -3.47
N ASP I 175 14.70 51.75 -4.17
CA ASP I 175 14.95 51.58 -5.59
C ASP I 175 14.39 52.73 -6.40
N VAL I 176 13.35 53.40 -5.89
CA VAL I 176 12.82 54.57 -6.59
C VAL I 176 13.84 55.70 -6.59
N GLN I 177 14.53 55.90 -5.47
CA GLN I 177 15.50 56.98 -5.36
C GLN I 177 16.61 56.80 -6.38
N ASN I 178 17.06 55.56 -6.60
CA ASN I 178 18.09 55.31 -7.58
C ASN I 178 17.65 55.74 -8.98
N ALA I 179 16.41 55.39 -9.35
CA ALA I 179 15.91 55.78 -10.66
C ALA I 179 15.81 57.29 -10.79
N ARG I 180 15.33 57.96 -9.74
CA ARG I 180 15.24 59.41 -9.81
C ARG I 180 16.62 60.05 -9.97
N ALA I 181 17.61 59.53 -9.24
CA ALA I 181 18.96 60.05 -9.35
C ALA I 181 19.50 59.87 -10.76
N GLN I 182 19.29 58.68 -11.35
CA GLN I 182 19.77 58.45 -12.70
C GLN I 182 19.10 59.38 -13.70
N TYR I 183 17.80 59.62 -13.51
CA TYR I 183 17.08 60.53 -14.39
C TYR I 183 17.67 61.94 -14.32
N ASP I 184 17.94 62.42 -13.10
CA ASP I 184 18.54 63.75 -12.97
C ASP I 184 19.92 63.79 -13.61
N THR I 185 20.71 62.72 -13.45
CA THR I 185 22.04 62.70 -14.05
C THR I 185 21.96 62.79 -15.57
N VAL I 186 21.05 62.04 -16.18
CA VAL I 186 20.93 62.10 -17.64
C VAL I 186 20.43 63.47 -18.08
N LEU I 187 19.55 64.09 -17.29
CA LEU I 187 19.11 65.43 -17.61
C LEU I 187 20.29 66.40 -17.64
N ALA I 188 21.16 66.32 -16.63
CA ALA I 188 22.34 67.19 -16.60
C ALA I 188 23.25 66.92 -17.79
N ASN I 189 23.45 65.64 -18.13
CA ASN I 189 24.29 65.32 -19.28
C ASN I 189 23.73 65.92 -20.56
N GLU I 190 22.41 65.85 -20.74
CA GLU I 190 21.80 66.42 -21.94
C GLU I 190 21.99 67.93 -21.98
N LEU I 191 21.83 68.60 -20.84
CA LEU I 191 22.04 70.04 -20.81
C LEU I 191 23.49 70.37 -21.19
N THR I 192 24.45 69.61 -20.67
CA THR I 192 25.84 69.84 -21.02
C THR I 192 26.08 69.64 -22.52
N ALA I 193 25.45 68.61 -23.10
CA ALA I 193 25.61 68.38 -24.53
C ALA I 193 25.08 69.57 -25.34
N ARG I 194 23.90 70.08 -24.97
CA ARG I 194 23.36 71.23 -25.69
C ARG I 194 24.29 72.43 -25.57
N ASN I 195 24.81 72.68 -24.37
CA ASN I 195 25.71 73.82 -24.18
C ASN I 195 26.97 73.65 -25.01
N ASN I 196 27.50 72.42 -25.10
CA ASN I 196 28.69 72.19 -25.91
C ASN I 196 28.41 72.44 -27.39
N LEU I 197 27.22 72.04 -27.86
CA LEU I 197 26.88 72.35 -29.24
C LEU I 197 26.84 73.85 -29.47
N ASP I 198 26.24 74.60 -28.54
CA ASP I 198 26.19 76.05 -28.69
C ASP I 198 27.61 76.64 -28.71
N ASN I 199 28.47 76.17 -27.81
CA ASN I 199 29.83 76.72 -27.75
C ASN I 199 30.61 76.38 -29.01
N ALA I 200 30.40 75.18 -29.56
CA ALA I 200 31.07 74.81 -30.80
C ALA I 200 30.58 75.65 -31.97
N VAL I 201 29.29 76.01 -31.97
CA VAL I 201 28.81 76.93 -33.00
C VAL I 201 29.47 78.29 -32.84
N GLU I 202 29.57 78.78 -31.60
CA GLU I 202 30.20 80.09 -31.38
C GLU I 202 31.65 80.10 -31.81
N GLN I 203 32.40 79.05 -31.46
CA GLN I 203 33.82 79.04 -31.76
C GLN I 203 34.09 79.01 -33.26
N LEU I 204 33.16 78.46 -34.05
CA LEU I 204 33.32 78.51 -35.51
C LEU I 204 33.03 79.90 -36.04
N ARG I 205 32.17 80.67 -35.35
CA ARG I 205 31.93 82.04 -35.75
C ARG I 205 33.12 82.93 -35.41
N GLN I 206 33.91 82.55 -34.40
CA GLN I 206 35.11 83.29 -34.04
C GLN I 206 36.18 83.18 -35.11
N ILE I 207 36.04 82.28 -36.07
CA ILE I 207 37.00 82.13 -37.16
C ILE I 207 36.53 82.80 -38.43
N THR I 208 35.22 82.71 -38.73
CA THR I 208 34.64 83.23 -39.99
C THR I 208 33.86 84.53 -39.76
N GLY I 209 33.26 84.72 -38.58
CA GLY I 209 32.43 85.89 -38.33
C GLY I 209 30.99 85.76 -38.74
N ASN I 210 30.49 84.54 -38.93
CA ASN I 210 29.13 84.31 -39.39
C ASN I 210 28.54 83.15 -38.63
N TYR I 211 27.21 83.15 -38.51
CA TYR I 211 26.49 82.04 -37.89
C TYR I 211 25.95 81.11 -38.97
N TYR I 212 26.22 79.81 -38.80
CA TYR I 212 25.80 78.82 -39.79
C TYR I 212 24.63 78.00 -39.25
N PRO I 213 23.41 78.20 -39.75
CA PRO I 213 22.29 77.40 -39.27
C PRO I 213 22.42 75.92 -39.57
N GLU I 214 23.04 75.56 -40.69
CA GLU I 214 23.16 74.16 -41.08
C GLU I 214 24.54 73.94 -41.70
N LEU I 215 24.96 72.67 -41.70
CA LEU I 215 26.24 72.27 -42.25
C LEU I 215 26.08 70.95 -42.98
N ALA I 216 27.07 70.63 -43.80
CA ALA I 216 27.07 69.36 -44.52
C ALA I 216 27.68 68.27 -43.65
N ALA I 217 27.13 67.06 -43.77
CA ALA I 217 27.57 65.91 -42.99
C ALA I 217 28.26 64.90 -43.90
N LEU I 218 28.98 63.98 -43.27
CA LEU I 218 29.72 62.97 -44.02
C LEU I 218 28.78 62.01 -44.71
N ASN I 219 29.20 61.54 -45.88
CA ASN I 219 28.48 60.51 -46.64
C ASN I 219 29.14 59.18 -46.32
N VAL I 220 28.47 58.37 -45.50
CA VAL I 220 29.07 57.13 -45.03
C VAL I 220 29.33 56.17 -46.17
N GLU I 221 28.44 56.15 -47.17
CA GLU I 221 28.58 55.20 -48.28
C GLU I 221 29.56 55.65 -49.35
N ASN I 222 30.26 56.76 -49.14
CA ASN I 222 31.25 57.26 -50.08
C ASN I 222 32.51 57.68 -49.33
N PHE I 223 32.97 56.85 -48.40
CA PHE I 223 34.13 57.13 -47.58
C PHE I 223 35.28 56.20 -47.99
N LYS I 224 36.48 56.78 -48.09
CA LYS I 224 37.66 56.09 -48.61
C LYS I 224 38.63 55.79 -47.48
N THR I 225 39.33 54.67 -47.61
CA THR I 225 40.37 54.25 -46.66
C THR I 225 41.63 53.94 -47.44
N ASP I 226 42.48 54.94 -47.61
CA ASP I 226 43.73 54.79 -48.35
C ASP I 226 44.86 54.36 -47.43
N LYS I 227 46.03 54.14 -48.04
CA LYS I 227 47.22 53.72 -47.33
C LYS I 227 48.31 54.76 -47.50
N PRO I 228 48.98 55.20 -46.42
CA PRO I 228 49.94 56.28 -46.55
C PRO I 228 51.18 55.85 -47.33
N GLN I 229 51.86 56.85 -47.90
CA GLN I 229 53.05 56.60 -48.68
C GLN I 229 54.21 56.16 -47.79
N PRO I 230 55.23 55.52 -48.36
CA PRO I 230 56.39 55.11 -47.55
C PRO I 230 57.01 56.29 -46.84
N VAL I 231 57.51 56.03 -45.63
CA VAL I 231 57.98 57.10 -44.76
C VAL I 231 59.21 57.79 -45.36
N ASN I 232 60.04 57.06 -46.09
CA ASN I 232 61.26 57.67 -46.63
C ASN I 232 60.93 58.80 -47.59
N ALA I 233 59.96 58.59 -48.48
CA ALA I 233 59.57 59.65 -49.41
C ALA I 233 59.01 60.86 -48.67
N LEU I 234 58.23 60.61 -47.61
CA LEU I 234 57.72 61.72 -46.82
C LEU I 234 58.86 62.52 -46.19
N LEU I 235 59.87 61.82 -45.67
CA LEU I 235 61.00 62.53 -45.08
C LEU I 235 61.74 63.34 -46.13
N LYS I 236 61.91 62.79 -47.34
CA LYS I 236 62.58 63.53 -48.39
C LYS I 236 61.81 64.80 -48.75
N GLU I 237 60.50 64.67 -48.93
CA GLU I 237 59.69 65.84 -49.26
C GLU I 237 59.71 66.87 -48.15
N ALA I 238 59.70 66.41 -46.89
CA ALA I 238 59.76 67.34 -45.77
C ALA I 238 61.08 68.09 -45.76
N GLU I 239 62.19 67.37 -45.97
CA GLU I 239 63.49 68.05 -46.07
C GLU I 239 63.46 69.09 -47.17
N LYS I 240 62.78 68.78 -48.28
CA LYS I 240 62.73 69.74 -49.39
C LYS I 240 61.92 70.99 -49.01
N ARG I 241 60.71 70.81 -48.49
CA ARG I 241 59.72 71.88 -48.43
C ARG I 241 59.02 71.96 -47.07
N ASN I 242 59.80 72.04 -45.99
CA ASN I 242 59.23 72.26 -44.66
C ASN I 242 59.48 73.70 -44.25
N LEU I 243 58.41 74.40 -43.89
CA LEU I 243 58.49 75.85 -43.72
C LEU I 243 59.43 76.23 -42.59
N SER I 244 59.39 75.49 -41.47
CA SER I 244 60.24 75.83 -40.34
C SER I 244 61.72 75.70 -40.71
N LEU I 245 62.07 74.67 -41.48
CA LEU I 245 63.45 74.53 -41.92
C LEU I 245 63.85 75.70 -42.84
N LEU I 246 62.93 76.16 -43.68
CA LEU I 246 63.22 77.34 -44.49
C LEU I 246 63.50 78.54 -43.60
N GLN I 247 62.67 78.72 -42.57
CA GLN I 247 62.92 79.81 -41.62
C GLN I 247 64.30 79.68 -41.00
N ALA I 248 64.67 78.47 -40.57
CA ALA I 248 65.96 78.26 -39.91
C ALA I 248 67.11 78.60 -40.85
N ARG I 249 67.06 78.11 -42.08
CA ARG I 249 68.14 78.37 -43.03
C ARG I 249 68.24 79.86 -43.32
N LEU I 250 67.10 80.53 -43.47
CA LEU I 250 67.14 81.98 -43.73
C LEU I 250 67.74 82.72 -42.55
N SER I 251 67.39 82.32 -41.32
CA SER I 251 67.96 82.97 -40.15
C SER I 251 69.47 82.77 -40.09
N GLN I 252 69.95 81.56 -40.41
CA GLN I 252 71.38 81.31 -40.42
C GLN I 252 72.08 82.17 -41.46
N ASP I 253 71.49 82.29 -42.65
CA ASP I 253 72.06 83.16 -43.67
C ASP I 253 72.11 84.60 -43.20
N LEU I 254 71.07 85.03 -42.48
CA LEU I 254 70.99 86.41 -41.93
C LEU I 254 72.10 86.60 -40.89
N ALA I 255 72.46 85.56 -40.13
CA ALA I 255 73.56 85.65 -39.18
C ALA I 255 74.90 85.76 -39.90
N ARG I 256 75.10 84.97 -40.96
CA ARG I 256 76.35 85.06 -41.71
C ARG I 256 76.52 86.45 -42.31
N GLU I 257 75.45 86.99 -42.89
CA GLU I 257 75.55 88.33 -43.48
C GLU I 257 75.83 89.37 -42.42
N GLN I 258 75.29 89.19 -41.22
CA GLN I 258 75.59 90.11 -40.13
C GLN I 258 77.06 90.04 -39.74
N ILE I 259 77.63 88.83 -39.76
CA ILE I 259 79.08 88.65 -39.48
C ILE I 259 79.84 89.47 -40.53
N ARG I 260 79.46 89.37 -41.81
CA ARG I 260 80.10 90.16 -42.84
C ARG I 260 79.95 91.65 -42.55
N GLN I 261 78.78 92.05 -42.04
CA GLN I 261 78.54 93.46 -41.75
C GLN I 261 79.49 93.97 -40.68
N ALA I 262 79.71 93.18 -39.62
CA ALA I 262 80.55 93.65 -38.52
C ALA I 262 81.97 93.91 -39.02
N GLN I 263 82.54 92.98 -39.78
CA GLN I 263 83.89 93.16 -40.29
C GLN I 263 84.02 94.42 -41.13
N ASP I 264 82.93 94.92 -41.70
CA ASP I 264 82.98 96.05 -42.59
C ASP I 264 83.06 97.38 -41.85
N GLY I 265 83.08 97.36 -40.51
CA GLY I 265 83.31 98.56 -39.75
C GLY I 265 84.74 99.05 -39.78
N HIS I 266 85.63 98.30 -40.42
CA HIS I 266 87.03 98.69 -40.59
C HIS I 266 87.24 99.59 -41.80
N LEU I 267 86.64 99.25 -42.94
CA LEU I 267 86.97 99.91 -44.18
C LEU I 267 86.62 101.40 -44.10
N PRO I 268 87.33 102.23 -44.85
CA PRO I 268 87.14 103.69 -44.77
C PRO I 268 85.83 104.11 -45.42
N THR I 269 85.61 105.43 -45.45
CA THR I 269 84.39 106.01 -46.02
C THR I 269 84.74 107.28 -46.78
N LEU I 270 83.93 107.57 -47.79
CA LEU I 270 84.09 108.75 -48.63
C LEU I 270 82.75 109.46 -48.78
N ASP I 271 82.77 110.78 -48.67
CA ASP I 271 81.55 111.58 -48.77
C ASP I 271 81.82 112.81 -49.61
N LEU I 272 80.75 113.36 -50.19
CA LEU I 272 80.80 114.58 -50.98
C LEU I 272 79.74 115.53 -50.47
N THR I 273 80.11 116.80 -50.30
CA THR I 273 79.21 117.82 -49.79
C THR I 273 79.31 119.08 -50.64
N ALA I 274 78.25 119.88 -50.61
CA ALA I 274 78.19 121.15 -51.32
C ALA I 274 77.23 122.06 -50.59
N SER I 275 77.36 123.36 -50.85
CA SER I 275 76.56 124.35 -50.13
C SER I 275 76.55 125.65 -50.93
N THR I 276 75.68 126.56 -50.49
CA THR I 276 75.59 127.91 -51.03
C THR I 276 74.68 128.72 -50.13
N GLY I 277 75.03 129.98 -49.92
CA GLY I 277 74.25 130.81 -49.02
C GLY I 277 74.64 132.27 -49.13
N ILE I 278 74.08 133.06 -48.21
CA ILE I 278 74.30 134.49 -48.15
C ILE I 278 74.56 134.89 -46.71
N SER I 279 74.84 136.18 -46.50
CA SER I 279 75.08 136.72 -45.18
C SER I 279 75.14 138.24 -45.25
N ASP I 280 74.80 138.89 -44.14
CA ASP I 280 74.77 140.34 -44.06
C ASP I 280 75.82 140.88 -43.09
N THR I 281 75.79 140.44 -41.83
CA THR I 281 76.76 140.85 -40.82
C THR I 281 76.96 142.37 -40.84
N SER I 282 75.87 143.09 -40.57
CA SER I 282 75.85 144.53 -40.61
C SER I 282 76.06 145.11 -39.21
N TYR I 283 76.86 146.17 -39.13
CA TYR I 283 77.15 146.83 -37.87
C TYR I 283 76.41 148.17 -37.81
N SER I 284 76.60 148.88 -36.70
CA SER I 284 76.00 150.21 -36.53
C SER I 284 76.78 150.94 -35.44
N GLY I 285 76.58 152.26 -35.39
CA GLY I 285 77.22 153.08 -34.39
C GLY I 285 78.00 154.24 -34.98
N SER I 286 77.82 155.43 -34.40
CA SER I 286 78.55 156.61 -34.88
C SER I 286 80.06 156.46 -34.66
N LYS I 287 80.45 155.88 -33.52
CA LYS I 287 81.87 155.77 -33.20
C LYS I 287 82.59 154.91 -34.23
N THR I 288 81.96 153.81 -34.66
CA THR I 288 82.60 152.93 -35.64
C THR I 288 82.87 153.67 -36.94
N ARG I 289 81.92 154.46 -37.42
CA ARG I 289 82.11 155.22 -38.64
C ARG I 289 83.15 156.32 -38.44
N GLY I 290 83.96 156.57 -39.47
CA GLY I 290 84.97 157.60 -39.42
C GLY I 290 86.36 157.07 -39.17
N ALA I 291 87.21 157.10 -40.20
CA ALA I 291 88.59 156.65 -40.09
C ALA I 291 88.65 155.20 -39.59
N ALA I 292 87.71 154.38 -40.08
CA ALA I 292 87.66 152.98 -39.68
C ALA I 292 88.64 152.11 -40.47
N GLY I 293 89.24 152.63 -41.53
CA GLY I 293 90.18 151.86 -42.32
C GLY I 293 89.55 150.85 -43.26
N THR I 294 88.23 150.89 -43.43
CA THR I 294 87.47 149.99 -44.30
C THR I 294 87.32 148.59 -43.69
N GLN I 295 87.93 148.31 -42.55
CA GLN I 295 87.86 146.98 -41.97
C GLN I 295 86.51 146.74 -41.29
N TYR I 296 85.94 147.77 -40.68
CA TYR I 296 84.70 147.64 -39.92
C TYR I 296 83.45 147.93 -40.75
N ASP I 297 83.59 148.18 -42.05
CA ASP I 297 82.43 148.47 -42.88
C ASP I 297 81.57 147.23 -43.05
N ASP I 298 80.28 147.46 -43.30
CA ASP I 298 79.35 146.36 -43.52
C ASP I 298 79.69 145.61 -44.80
N SER I 299 79.29 144.35 -44.86
CA SER I 299 79.61 143.47 -45.98
C SER I 299 78.37 142.72 -46.42
N ASN I 300 78.39 142.26 -47.66
CA ASN I 300 77.32 141.45 -48.24
C ASN I 300 77.92 140.29 -49.00
N MET I 301 78.87 139.58 -48.37
CA MET I 301 79.63 138.55 -49.05
C MET I 301 78.75 137.33 -49.32
N GLY I 302 79.24 136.49 -50.23
CA GLY I 302 78.59 135.21 -50.53
C GLY I 302 79.63 134.21 -50.99
N GLN I 303 79.36 132.93 -50.70
CA GLN I 303 80.29 131.86 -51.01
C GLN I 303 79.52 130.62 -51.41
N ASN I 304 80.17 129.76 -52.19
CA ASN I 304 79.56 128.54 -52.74
C ASN I 304 80.50 127.36 -52.55
N LYS I 305 81.02 127.20 -51.34
CA LYS I 305 82.03 126.18 -51.09
C LYS I 305 81.48 124.78 -51.34
N VAL I 306 82.33 123.91 -51.89
CA VAL I 306 82.02 122.50 -52.08
C VAL I 306 83.30 121.70 -51.90
N GLY I 307 83.15 120.48 -51.40
CA GLY I 307 84.32 119.65 -51.14
C GLY I 307 83.93 118.27 -50.69
N LEU I 308 84.95 117.44 -50.49
CA LEU I 308 84.80 116.04 -50.09
C LEU I 308 85.19 115.89 -48.62
N SER I 309 85.16 114.65 -48.15
CA SER I 309 85.52 114.34 -46.77
C SER I 309 85.83 112.85 -46.67
N PHE I 310 87.04 112.53 -46.20
CA PHE I 310 87.50 111.16 -46.14
C PHE I 310 88.06 110.87 -44.75
N SER I 311 87.96 109.62 -44.33
CA SER I 311 88.52 109.17 -43.06
C SER I 311 88.65 107.67 -43.07
N LEU I 312 89.65 107.17 -42.33
CA LEU I 312 89.87 105.74 -42.16
C LEU I 312 90.28 105.47 -40.72
N PRO I 313 89.54 104.66 -39.98
CA PRO I 313 89.91 104.38 -38.59
C PRO I 313 91.23 103.61 -38.51
N ILE I 314 91.95 103.84 -37.41
CA ILE I 314 93.23 103.20 -37.17
C ILE I 314 93.12 102.31 -35.93
N TYR I 315 92.83 102.92 -34.79
CA TYR I 315 92.74 102.21 -33.51
C TYR I 315 91.47 102.62 -32.79
N GLN I 316 90.59 101.65 -32.53
CA GLN I 316 89.35 101.89 -31.82
C GLN I 316 89.22 101.08 -30.54
N GLY I 317 90.22 100.27 -30.19
CA GLY I 317 90.11 99.43 -29.02
C GLY I 317 89.48 98.10 -29.39
N GLY I 318 88.82 97.47 -28.42
CA GLY I 318 88.16 96.21 -28.66
C GLY I 318 86.86 96.32 -29.42
N MET I 319 86.39 97.54 -29.71
CA MET I 319 85.15 97.71 -30.45
C MET I 319 85.21 96.97 -31.78
N VAL I 320 86.26 97.20 -32.57
CA VAL I 320 86.41 96.47 -33.81
C VAL I 320 86.56 94.98 -33.55
N ASN I 321 87.39 94.59 -32.58
CA ASN I 321 87.68 93.19 -32.35
C ASN I 321 86.52 92.41 -31.76
N SER I 322 85.81 92.95 -30.78
CA SER I 322 84.77 92.22 -30.07
C SER I 322 83.55 91.91 -30.94
N GLN I 323 83.20 92.81 -31.85
CA GLN I 323 82.01 92.61 -32.67
C GLN I 323 82.12 91.34 -33.49
N VAL I 324 83.30 91.05 -34.03
CA VAL I 324 83.45 89.88 -34.88
C VAL I 324 83.28 88.60 -34.08
N LYS I 325 83.89 88.53 -32.91
CA LYS I 325 83.73 87.34 -32.07
C LYS I 325 82.27 87.16 -31.66
N GLN I 326 81.61 88.26 -31.30
CA GLN I 326 80.19 88.15 -30.94
C GLN I 326 79.36 87.67 -32.11
N ALA I 327 79.67 88.16 -33.32
CA ALA I 327 78.94 87.72 -34.49
C ALA I 327 79.14 86.23 -34.75
N GLN I 328 80.37 85.76 -34.58
CA GLN I 328 80.63 84.33 -34.77
C GLN I 328 79.88 83.49 -33.74
N TYR I 329 79.83 83.96 -32.50
CA TYR I 329 79.05 83.25 -31.48
C TYR I 329 77.58 83.19 -31.88
N ASN I 330 77.04 84.30 -32.39
CA ASN I 330 75.65 84.29 -32.84
C ASN I 330 75.46 83.31 -33.99
N PHE I 331 76.46 83.22 -34.88
CA PHE I 331 76.36 82.29 -36.00
C PHE I 331 76.30 80.85 -35.51
N VAL I 332 77.15 80.48 -34.55
CA VAL I 332 77.09 79.12 -34.05
C VAL I 332 75.77 78.88 -33.32
N GLY I 333 75.25 79.88 -32.63
CA GLY I 333 73.92 79.74 -32.05
C GLY I 333 72.86 79.45 -33.09
N ALA I 334 72.91 80.17 -34.21
CA ALA I 334 71.96 79.92 -35.30
C ALA I 334 72.12 78.50 -35.84
N SER I 335 73.36 78.02 -35.95
CA SER I 335 73.59 76.66 -36.41
C SER I 335 72.95 75.65 -35.46
N GLU I 336 73.10 75.87 -34.16
CA GLU I 336 72.46 74.98 -33.19
C GLU I 336 70.94 74.99 -33.34
N GLN I 337 70.37 76.19 -33.53
CA GLN I 337 68.93 76.29 -33.72
C GLN I 337 68.48 75.53 -34.96
N LEU I 338 69.27 75.61 -36.04
CA LEU I 338 68.93 74.87 -37.25
C LEU I 338 68.97 73.36 -37.00
N GLU I 339 69.95 72.90 -36.24
CA GLU I 339 70.00 71.47 -35.92
C GLU I 339 68.78 71.04 -35.15
N SER I 340 68.36 71.86 -34.18
CA SER I 340 67.13 71.57 -33.45
C SER I 340 65.94 71.49 -34.40
N ALA I 341 65.87 72.40 -35.36
CA ALA I 341 64.76 72.38 -36.32
C ALA I 341 64.75 71.08 -37.11
N HIS I 342 65.91 70.63 -37.58
CA HIS I 342 65.99 69.39 -38.34
C HIS I 342 65.45 68.21 -37.51
N ARG I 343 65.96 68.08 -36.29
CA ARG I 343 65.53 66.97 -35.45
C ARG I 343 64.02 67.01 -35.20
N SER I 344 63.49 68.20 -34.89
CA SER I 344 62.06 68.33 -34.62
C SER I 344 61.23 67.94 -35.83
N VAL I 345 61.66 68.38 -37.03
CA VAL I 345 60.92 68.05 -38.23
C VAL I 345 60.84 66.54 -38.41
N VAL I 346 61.97 65.86 -38.28
CA VAL I 346 61.96 64.41 -38.46
C VAL I 346 60.99 63.76 -37.48
N GLN I 347 61.08 64.17 -36.21
CA GLN I 347 60.22 63.56 -35.19
C GLN I 347 58.75 63.77 -35.52
N THR I 348 58.37 64.99 -35.89
CA THR I 348 56.96 65.26 -36.17
C THR I 348 56.47 64.46 -37.36
N VAL I 349 57.30 64.35 -38.41
CA VAL I 349 56.87 63.57 -39.57
C VAL I 349 56.56 62.14 -39.15
N ARG I 350 57.46 61.52 -38.39
CA ARG I 350 57.20 60.13 -38.03
C ARG I 350 55.96 59.99 -37.15
N SER I 351 55.78 60.93 -36.20
CA SER I 351 54.64 60.81 -35.29
C SER I 351 53.32 60.89 -36.06
N SER I 352 53.21 61.82 -37.01
CA SER I 352 51.99 61.93 -37.79
C SER I 352 51.78 60.67 -38.64
N PHE I 353 52.85 60.19 -39.28
CA PHE I 353 52.72 59.00 -40.09
C PHE I 353 52.19 57.83 -39.29
N ASN I 354 52.52 57.76 -37.99
CA ASN I 354 52.02 56.66 -37.18
C ASN I 354 50.59 56.90 -36.68
N ASN I 355 50.26 58.17 -36.39
CA ASN I 355 48.89 58.47 -36.01
C ASN I 355 47.90 58.04 -37.09
N ILE I 356 48.30 58.16 -38.36
CA ILE I 356 47.40 57.75 -39.44
C ILE I 356 46.99 56.28 -39.29
N ASN I 357 47.98 55.40 -39.12
CA ASN I 357 47.68 53.98 -39.02
C ASN I 357 46.88 53.69 -37.75
N ALA I 358 47.20 54.37 -36.66
CA ALA I 358 46.39 54.20 -35.45
C ALA I 358 44.92 54.48 -35.74
N SER I 359 44.65 55.55 -36.50
CA SER I 359 43.27 55.89 -36.83
C SER I 359 42.63 54.80 -37.66
N ILE I 360 43.36 54.25 -38.63
CA ILE I 360 42.81 53.16 -39.44
C ILE I 360 42.35 52.01 -38.54
N SER I 361 43.22 51.60 -37.62
CA SER I 361 42.88 50.48 -36.75
C SER I 361 41.67 50.78 -35.89
N SER I 362 41.59 51.99 -35.34
CA SER I 362 40.45 52.35 -34.51
C SER I 362 39.16 52.31 -35.33
N ILE I 363 39.22 52.74 -36.59
CA ILE I 363 38.04 52.68 -37.45
C ILE I 363 37.56 51.25 -37.59
N ASN I 364 38.49 50.32 -37.83
CA ASN I 364 38.11 48.91 -37.94
C ASN I 364 37.41 48.44 -36.67
N ALA I 365 38.00 48.74 -35.52
CA ALA I 365 37.45 48.27 -34.25
C ALA I 365 36.04 48.80 -34.04
N TYR I 366 35.82 50.10 -34.29
CA TYR I 366 34.51 50.67 -34.04
C TYR I 366 33.48 50.17 -35.04
N LYS I 367 33.88 49.88 -36.28
CA LYS I 367 32.96 49.24 -37.20
C LYS I 367 32.46 47.91 -36.63
N GLN I 368 33.38 47.10 -36.12
CA GLN I 368 32.97 45.82 -35.54
C GLN I 368 32.03 46.04 -34.36
N ALA I 369 32.32 47.03 -33.52
CA ALA I 369 31.44 47.32 -32.39
C ALA I 369 30.04 47.68 -32.86
N VAL I 370 29.94 48.45 -33.94
CA VAL I 370 28.63 48.84 -34.46
C VAL I 370 27.86 47.61 -34.94
N VAL I 371 28.53 46.70 -35.64
CA VAL I 371 27.86 45.49 -36.08
C VAL I 371 27.34 44.69 -34.89
N SER I 372 28.16 44.56 -33.84
CA SER I 372 27.72 43.81 -32.67
C SER I 372 26.50 44.45 -32.02
N ALA I 373 26.50 45.77 -31.88
CA ALA I 373 25.36 46.45 -31.28
C ALA I 373 24.10 46.27 -32.12
N GLN I 374 24.25 46.32 -33.45
CA GLN I 374 23.11 46.06 -34.33
C GLN I 374 22.51 44.70 -34.06
N SER I 375 23.37 43.67 -33.96
CA SER I 375 22.86 42.32 -33.72
C SER I 375 22.13 42.25 -32.39
N SER I 376 22.70 42.84 -31.34
CA SER I 376 22.05 42.80 -30.03
C SER I 376 20.68 43.47 -30.08
N LEU I 377 20.59 44.62 -30.76
CA LEU I 377 19.32 45.32 -30.87
C LEU I 377 18.28 44.47 -31.59
N ASP I 378 18.69 43.82 -32.69
CA ASP I 378 17.73 43.00 -33.43
C ASP I 378 17.22 41.86 -32.57
N ALA I 379 18.12 41.21 -31.82
CA ALA I 379 17.70 40.13 -30.95
C ALA I 379 16.69 40.63 -29.91
N MET I 380 16.99 41.77 -29.29
CA MET I 380 16.07 42.32 -28.30
C MET I 380 14.72 42.63 -28.92
N GLU I 381 14.71 43.21 -30.12
CA GLU I 381 13.46 43.58 -30.75
C GLU I 381 12.60 42.35 -31.07
N ALA I 382 13.22 41.30 -31.61
CA ALA I 382 12.45 40.09 -31.90
C ALA I 382 11.92 39.47 -30.61
N GLY I 383 12.74 39.42 -29.57
CA GLY I 383 12.28 38.88 -28.30
C GLY I 383 11.10 39.64 -27.74
N TYR I 384 11.12 40.96 -27.85
CA TYR I 384 9.99 41.75 -27.39
C TYR I 384 8.78 41.57 -28.29
N SER I 385 9.00 41.33 -29.58
CA SER I 385 7.89 41.07 -30.48
C SER I 385 7.15 39.80 -30.09
N VAL I 386 7.90 38.76 -29.69
CA VAL I 386 7.26 37.52 -29.26
C VAL I 386 6.87 37.51 -27.80
N GLY I 387 7.22 38.53 -27.03
CA GLY I 387 6.75 38.68 -25.67
C GLY I 387 7.71 38.27 -24.57
N THR I 388 8.96 37.96 -24.91
CA THR I 388 9.91 37.51 -23.88
C THR I 388 10.64 38.65 -23.20
N ARG I 389 10.49 39.90 -23.66
CA ARG I 389 11.18 41.04 -23.10
C ARG I 389 10.21 42.20 -22.92
N THR I 390 10.62 43.11 -22.02
CA THR I 390 9.82 44.30 -21.68
C THR I 390 10.24 45.40 -22.65
N ILE I 391 9.47 46.48 -22.76
CA ILE I 391 9.84 47.60 -23.62
C ILE I 391 11.11 48.28 -23.10
N VAL I 392 11.34 48.23 -21.78
CA VAL I 392 12.53 48.87 -21.22
C VAL I 392 13.79 48.25 -21.81
N ASP I 393 13.79 46.94 -22.00
CA ASP I 393 14.98 46.28 -22.55
C ASP I 393 15.28 46.79 -23.96
N VAL I 394 14.24 47.00 -24.76
CA VAL I 394 14.45 47.47 -26.13
C VAL I 394 15.07 48.86 -26.13
N LEU I 395 14.62 49.73 -25.23
CA LEU I 395 15.14 51.10 -25.21
C LEU I 395 16.64 51.12 -24.95
N ASP I 396 17.12 50.23 -24.08
CA ASP I 396 18.55 50.23 -23.75
C ASP I 396 19.39 49.81 -24.95
N ALA I 397 18.93 48.80 -25.70
CA ALA I 397 19.69 48.37 -26.87
C ALA I 397 19.77 49.47 -27.92
N THR I 398 18.68 50.21 -28.11
CA THR I 398 18.71 51.34 -29.02
C THR I 398 19.73 52.38 -28.57
N THR I 399 19.79 52.65 -27.26
CA THR I 399 20.78 53.58 -26.75
C THR I 399 22.19 53.09 -27.01
N THR I 400 22.44 51.80 -26.76
CA THR I 400 23.77 51.25 -26.98
C THR I 400 24.19 51.36 -28.43
N LEU I 401 23.27 51.05 -29.36
CA LEU I 401 23.58 51.22 -30.78
C LEU I 401 23.84 52.68 -31.10
N TYR I 402 23.04 53.58 -30.54
CA TYR I 402 23.18 55.00 -30.86
C TYR I 402 24.53 55.53 -30.42
N ASN I 403 25.00 55.11 -29.25
CA ASN I 403 26.33 55.51 -28.79
C ASN I 403 27.40 54.95 -29.71
N ALA I 404 27.21 53.72 -30.21
CA ALA I 404 28.22 53.11 -31.05
C ALA I 404 28.45 53.92 -32.32
N LYS I 405 27.48 54.77 -32.70
CA LYS I 405 27.66 55.64 -33.84
C LYS I 405 28.32 56.96 -33.45
N GLN I 406 28.28 57.31 -32.16
CA GLN I 406 29.12 58.40 -31.66
C GLN I 406 30.58 58.05 -31.85
N GLU I 407 30.96 56.81 -31.52
CA GLU I 407 32.36 56.41 -31.61
C GLU I 407 32.82 56.35 -33.06
N LEU I 408 32.05 55.71 -33.93
CA LEU I 408 32.50 55.54 -35.31
C LEU I 408 32.56 56.87 -36.04
N ALA I 409 31.62 57.77 -35.75
CA ALA I 409 31.66 59.09 -36.38
C ALA I 409 32.91 59.85 -35.96
N ASN I 410 33.18 59.89 -34.65
CA ASN I 410 34.34 60.63 -34.16
C ASN I 410 35.66 60.02 -34.61
N ALA I 411 35.63 58.80 -35.14
CA ALA I 411 36.87 58.18 -35.60
C ALA I 411 37.21 58.64 -37.01
N ARG I 412 36.22 58.67 -37.90
CA ARG I 412 36.48 59.08 -39.28
C ARG I 412 36.95 60.53 -39.34
N TYR I 413 36.31 61.40 -38.54
CA TYR I 413 36.75 62.79 -38.49
C TYR I 413 38.20 62.88 -38.03
N ASN I 414 38.58 62.04 -37.08
CA ASN I 414 39.98 62.01 -36.65
C ASN I 414 40.90 61.59 -37.80
N TYR I 415 40.46 60.63 -38.61
CA TYR I 415 41.28 60.22 -39.74
C TYR I 415 41.49 61.35 -40.72
N LEU I 416 40.42 62.09 -41.01
CA LEU I 416 40.54 63.22 -41.93
C LEU I 416 41.44 64.32 -41.36
N ILE I 417 41.24 64.64 -40.08
CA ILE I 417 42.08 65.65 -39.44
C ILE I 417 43.55 65.22 -39.46
N ASN I 418 43.80 63.93 -39.25
CA ASN I 418 45.17 63.45 -39.21
C ASN I 418 45.80 63.50 -40.59
N GLN I 419 45.03 63.19 -41.63
CA GLN I 419 45.55 63.34 -42.99
C GLN I 419 45.90 64.80 -43.27
N LEU I 420 45.04 65.72 -42.83
CA LEU I 420 45.34 67.14 -43.01
C LEU I 420 46.61 67.52 -42.28
N ASN I 421 46.79 67.04 -41.05
CA ASN I 421 48.00 67.35 -40.30
C ASN I 421 49.24 66.81 -40.99
N ILE I 422 49.21 65.57 -41.47
CA ILE I 422 50.40 65.00 -42.09
C ILE I 422 50.74 65.76 -43.36
N LYS I 423 49.73 66.19 -44.11
CA LYS I 423 50.01 67.01 -45.28
C LYS I 423 50.63 68.34 -44.86
N SER I 424 50.16 68.91 -43.74
CA SER I 424 50.74 70.15 -43.24
C SER I 424 52.21 69.97 -42.92
N ALA I 425 52.56 68.90 -42.21
CA ALA I 425 53.96 68.66 -41.86
C ALA I 425 54.81 68.50 -43.11
N LEU I 426 54.30 67.79 -44.12
CA LEU I 426 55.02 67.66 -45.37
C LEU I 426 55.28 69.00 -46.03
N GLY I 427 54.51 70.03 -45.67
CA GLY I 427 54.69 71.34 -46.25
C GLY I 427 54.02 71.54 -47.59
N THR I 428 52.93 70.83 -47.85
CA THR I 428 52.23 70.93 -49.12
C THR I 428 50.72 70.95 -48.90
N LEU I 429 50.27 71.74 -47.93
CA LEU I 429 48.86 71.85 -47.59
C LEU I 429 48.30 73.11 -48.25
N ASN I 430 47.40 72.92 -49.22
CA ASN I 430 46.80 74.03 -49.95
C ASN I 430 45.32 73.74 -50.13
N GLU I 431 44.60 74.73 -50.66
CA GLU I 431 43.16 74.56 -50.89
C GLU I 431 42.89 73.34 -51.76
N GLN I 432 43.82 72.97 -52.64
CA GLN I 432 43.63 71.78 -53.45
C GLN I 432 43.50 70.54 -52.57
N ASP I 433 44.34 70.42 -51.55
CA ASP I 433 44.24 69.28 -50.64
C ASP I 433 42.93 69.31 -49.86
N LEU I 434 42.55 70.49 -49.34
CA LEU I 434 41.31 70.60 -48.57
C LEU I 434 40.08 70.30 -49.43
N LEU I 435 40.19 70.49 -50.74
CA LEU I 435 39.05 70.22 -51.62
C LEU I 435 38.69 68.74 -51.60
N ALA I 436 39.69 67.86 -51.58
CA ALA I 436 39.43 66.43 -51.67
C ALA I 436 38.54 65.93 -50.54
N LEU I 437 38.55 66.60 -49.38
CA LEU I 437 37.71 66.16 -48.27
C LEU I 437 36.24 66.44 -48.55
N ASN I 438 35.94 67.60 -49.12
CA ASN I 438 34.55 68.04 -49.24
C ASN I 438 33.72 67.09 -50.10
N ASN I 439 34.35 66.26 -50.94
CA ASN I 439 33.59 65.34 -51.77
C ASN I 439 32.78 64.37 -50.91
N ALA I 440 33.25 64.07 -49.70
CA ALA I 440 32.59 63.14 -48.81
C ALA I 440 31.49 63.80 -47.98
N LEU I 441 31.32 65.12 -48.08
CA LEU I 441 30.34 65.87 -47.30
C LEU I 441 29.25 66.33 -48.27
N SER I 442 28.17 65.55 -48.35
CA SER I 442 27.09 65.82 -49.28
C SER I 442 25.74 65.58 -48.65
N LYS I 443 25.55 66.05 -47.41
CA LYS I 443 24.29 65.86 -46.69
C LYS I 443 24.11 67.01 -45.70
N PRO I 444 23.27 67.99 -46.01
CA PRO I 444 23.02 69.07 -45.05
C PRO I 444 22.38 68.55 -43.77
N VAL I 445 22.66 69.24 -42.67
CA VAL I 445 22.06 68.92 -41.38
C VAL I 445 22.01 70.19 -40.54
N SER I 446 20.94 70.33 -39.76
CA SER I 446 20.77 71.50 -38.93
C SER I 446 21.76 71.51 -37.78
N THR I 447 22.15 72.71 -37.36
CA THR I 447 23.00 72.90 -36.20
C THR I 447 22.22 73.20 -34.93
N ASN I 448 20.89 73.13 -34.98
CA ASN I 448 20.06 73.41 -33.81
C ASN I 448 18.74 72.66 -33.96
N PRO I 449 18.69 71.39 -33.56
CA PRO I 449 17.43 70.65 -33.62
C PRO I 449 16.35 71.33 -32.79
N GLU I 450 15.13 71.31 -33.31
CA GLU I 450 13.95 71.88 -32.66
C GLU I 450 14.27 73.07 -31.74
N GLU J 23 41.04 83.77 8.81
CA GLU J 23 39.86 83.18 9.50
C GLU J 23 38.65 83.13 8.56
N ASN J 24 38.25 84.29 8.03
CA ASN J 24 37.12 84.39 7.08
C ASN J 24 37.68 84.75 5.70
N LEU J 25 36.85 84.74 4.67
CA LEU J 25 37.24 85.10 3.31
C LEU J 25 37.57 86.59 3.21
N MET J 26 36.76 87.43 3.85
CA MET J 26 37.02 88.87 3.80
C MET J 26 38.35 89.22 4.41
N GLN J 27 38.66 88.65 5.58
CA GLN J 27 39.93 88.94 6.23
C GLN J 27 41.09 88.45 5.40
N VAL J 28 40.95 87.26 4.81
CA VAL J 28 42.02 86.71 3.97
C VAL J 28 42.29 87.63 2.80
N TYR J 29 41.24 88.10 2.14
CA TYR J 29 41.45 89.00 1.01
C TYR J 29 42.04 90.33 1.45
N GLN J 30 41.58 90.86 2.59
CA GLN J 30 42.14 92.12 3.08
C GLN J 30 43.65 91.98 3.27
N GLN J 31 44.09 90.88 3.87
CA GLN J 31 45.52 90.70 4.08
C GLN J 31 46.26 90.52 2.75
N ALA J 32 45.71 89.68 1.87
CA ALA J 32 46.37 89.42 0.59
C ALA J 32 46.50 90.68 -0.25
N ARG J 33 45.54 91.60 -0.13
CA ARG J 33 45.59 92.83 -0.92
C ARG J 33 46.85 93.62 -0.61
N LEU J 34 47.16 93.79 0.67
CA LEU J 34 48.30 94.58 1.08
C LEU J 34 49.58 93.78 1.22
N SER J 35 49.53 92.45 1.03
CA SER J 35 50.74 91.64 1.14
C SER J 35 51.23 91.11 -0.21
N ASN J 36 50.35 90.88 -1.17
CA ASN J 36 50.73 90.14 -2.36
C ASN J 36 51.82 90.89 -3.14
N PRO J 37 52.87 90.22 -3.62
CA PRO J 37 53.93 90.93 -4.33
C PRO J 37 53.63 91.23 -5.80
N GLU J 38 52.84 90.38 -6.46
CA GLU J 38 52.56 90.60 -7.88
C GLU J 38 51.77 91.89 -8.09
N LEU J 39 50.74 92.11 -7.29
CA LEU J 39 49.96 93.33 -7.42
C LEU J 39 50.79 94.56 -7.06
N ARG J 40 51.70 94.42 -6.09
CA ARG J 40 52.58 95.54 -5.76
C ARG J 40 53.55 95.82 -6.88
N LYS J 41 54.00 94.79 -7.60
CA LYS J 41 54.81 95.01 -8.79
C LYS J 41 54.01 95.75 -9.85
N SER J 42 52.74 95.39 -10.01
CA SER J 42 51.88 96.10 -10.95
C SER J 42 51.76 97.58 -10.56
N ALA J 43 51.58 97.86 -9.27
CA ALA J 43 51.49 99.25 -8.81
C ALA J 43 52.80 99.99 -9.07
N ALA J 44 53.93 99.34 -8.78
CA ALA J 44 55.21 99.98 -9.03
C ALA J 44 55.39 100.29 -10.51
N ASP J 45 54.98 99.36 -11.37
CA ASP J 45 55.09 99.61 -12.81
C ASP J 45 54.18 100.75 -13.25
N ARG J 46 52.98 100.84 -12.67
CA ARG J 46 52.09 101.95 -13.00
C ARG J 46 52.74 103.28 -12.61
N ASP J 47 53.31 103.34 -11.40
CA ASP J 47 53.94 104.57 -10.86
C ASP J 47 55.11 104.98 -11.75
N ALA J 48 56.00 104.05 -12.10
CA ALA J 48 57.19 104.33 -12.94
C ALA J 48 56.74 104.81 -14.32
N ALA J 49 55.59 104.34 -14.82
CA ALA J 49 55.05 104.72 -16.14
C ALA J 49 54.48 106.13 -16.08
N PHE J 50 53.74 106.48 -15.02
CA PHE J 50 53.28 107.85 -14.83
C PHE J 50 54.44 108.82 -14.68
N GLU J 51 55.61 108.33 -14.24
CA GLU J 51 56.76 109.20 -14.09
C GLU J 51 57.41 109.53 -15.43
N LYS J 52 57.21 108.70 -16.44
CA LYS J 52 57.78 108.96 -17.75
C LYS J 52 57.18 110.20 -18.40
N ILE J 53 56.01 110.65 -17.93
CA ILE J 53 55.45 111.91 -18.44
C ILE J 53 56.42 113.04 -18.20
N ASN J 54 56.99 113.11 -17.00
CA ASN J 54 57.95 114.17 -16.70
C ASN J 54 59.13 114.14 -17.67
N GLU J 55 59.67 112.95 -17.92
CA GLU J 55 60.77 112.84 -18.86
C GLU J 55 60.36 113.29 -20.25
N ALA J 56 59.08 113.10 -20.59
CA ALA J 56 58.62 113.52 -21.91
C ALA J 56 58.64 115.03 -22.06
N ARG J 57 58.21 115.75 -21.02
CA ARG J 57 58.14 117.20 -21.09
C ARG J 57 59.52 117.85 -20.98
N SER J 58 60.45 117.20 -20.28
CA SER J 58 61.72 117.85 -19.94
C SER J 58 62.41 118.49 -21.13
N PRO J 59 62.54 117.85 -22.30
CA PRO J 59 63.25 118.51 -23.41
C PRO J 59 62.63 119.84 -23.82
N LEU J 60 61.34 120.04 -23.60
CA LEU J 60 60.73 121.32 -23.96
C LEU J 60 61.30 122.47 -23.15
N LEU J 61 61.60 122.22 -21.88
CA LEU J 61 62.08 123.26 -20.99
C LEU J 61 63.51 123.65 -21.36
N PRO J 62 63.99 124.79 -20.84
CA PRO J 62 65.32 125.28 -21.22
C PRO J 62 66.43 124.30 -20.86
N GLN J 63 67.64 124.62 -21.32
CA GLN J 63 68.84 123.79 -21.04
C GLN J 63 69.98 124.76 -20.69
N LEU J 64 71.00 124.30 -19.97
CA LEU J 64 72.12 125.11 -19.52
C LEU J 64 73.35 124.22 -19.34
N GLY J 65 74.52 124.72 -19.75
CA GLY J 65 75.75 123.96 -19.69
C GLY J 65 76.97 124.85 -19.63
N LEU J 66 78.14 124.21 -19.65
CA LEU J 66 79.42 124.90 -19.53
C LEU J 66 80.46 124.18 -20.37
N GLY J 67 81.45 124.93 -20.85
CA GLY J 67 82.43 124.37 -21.78
C GLY J 67 83.86 124.84 -21.60
N ALA J 68 84.27 125.14 -20.36
CA ALA J 68 85.61 125.66 -20.13
C ALA J 68 86.66 124.65 -20.56
N ASP J 69 87.77 125.14 -21.10
CA ASP J 69 88.80 124.27 -21.65
C ASP J 69 90.09 125.07 -21.83
N TYR J 70 91.10 124.43 -22.41
CA TYR J 70 92.42 125.03 -22.60
C TYR J 70 93.08 124.34 -23.80
N THR J 71 94.03 125.05 -24.42
CA THR J 71 94.72 124.51 -25.58
C THR J 71 96.12 125.11 -25.67
N TYR J 72 96.98 124.43 -26.41
CA TYR J 72 98.35 124.85 -26.64
C TYR J 72 98.80 124.41 -28.03
N SER J 73 99.06 125.36 -28.90
CA SER J 73 99.45 125.10 -30.27
C SER J 73 100.97 125.19 -30.42
N ASN J 74 101.44 124.91 -31.62
CA ASN J 74 102.86 125.00 -31.93
C ASN J 74 103.05 124.92 -33.43
N GLY J 75 103.88 125.81 -33.97
CA GLY J 75 104.22 125.81 -35.37
C GLY J 75 105.55 125.12 -35.59
N TYR J 76 105.66 124.41 -36.71
CA TYR J 76 106.87 123.66 -37.04
C TYR J 76 107.03 123.64 -38.56
N ARG J 77 108.11 123.01 -39.01
CA ARG J 77 108.42 122.92 -40.44
C ARG J 77 108.59 124.31 -41.04
N ASP J 78 109.59 125.02 -40.53
CA ASP J 78 109.95 126.40 -40.88
C ASP J 78 109.02 127.41 -40.22
N ALA J 79 108.02 126.96 -39.45
CA ALA J 79 107.09 127.84 -38.77
C ALA J 79 107.26 127.83 -37.26
N ASN J 80 108.47 127.56 -36.77
CA ASN J 80 108.73 127.61 -35.34
C ASN J 80 108.76 129.06 -34.87
N GLY J 81 108.87 129.23 -33.55
CA GLY J 81 108.92 130.54 -32.95
C GLY J 81 107.58 131.22 -32.77
N ILE J 82 106.49 130.57 -33.16
CA ILE J 82 105.15 131.13 -33.03
C ILE J 82 104.36 130.22 -32.08
N ASN J 83 103.78 130.82 -31.05
CA ASN J 83 103.12 130.08 -29.99
C ASN J 83 101.83 130.79 -29.59
N SER J 84 100.95 130.04 -28.93
CA SER J 84 99.66 130.56 -28.50
C SER J 84 99.21 129.81 -27.26
N ASN J 85 98.23 130.39 -26.57
CA ASN J 85 97.69 129.82 -25.35
C ASN J 85 96.19 130.13 -25.29
N ALA J 86 95.37 129.10 -25.28
CA ALA J 86 93.93 129.27 -25.23
C ALA J 86 93.39 128.91 -23.85
N THR J 87 92.49 129.76 -23.35
CA THR J 87 91.83 129.51 -22.08
C THR J 87 90.41 130.06 -22.19
N SER J 88 89.44 129.18 -22.36
CA SER J 88 88.06 129.57 -22.63
C SER J 88 87.15 129.12 -21.51
N ALA J 89 86.03 129.84 -21.36
CA ALA J 89 85.00 129.51 -20.40
C ALA J 89 83.70 130.22 -20.77
N SER J 90 82.62 129.48 -20.97
CA SER J 90 81.37 130.09 -21.44
C SER J 90 80.19 129.20 -21.08
N LEU J 91 79.06 129.83 -20.79
CA LEU J 91 77.81 129.13 -20.56
C LEU J 91 76.96 129.16 -21.83
N GLN J 92 75.95 128.31 -21.86
CA GLN J 92 75.09 128.17 -23.03
C GLN J 92 73.66 127.89 -22.60
N LEU J 93 72.71 128.59 -23.22
CA LEU J 93 71.29 128.35 -23.03
C LEU J 93 70.66 128.02 -24.36
N THR J 94 69.94 126.90 -24.42
CA THR J 94 69.22 126.48 -25.61
C THR J 94 67.76 126.26 -25.26
N GLN J 95 66.87 126.73 -26.13
CA GLN J 95 65.43 126.63 -25.89
C GLN J 95 64.72 126.53 -27.22
N SER J 96 63.93 125.49 -27.42
CA SER J 96 63.20 125.28 -28.65
C SER J 96 61.87 126.02 -28.60
N ILE J 97 61.50 126.64 -29.72
CA ILE J 97 60.31 127.46 -29.78
C ILE J 97 59.20 126.85 -30.63
N PHE J 98 59.52 125.94 -31.55
CA PHE J 98 58.49 125.30 -32.35
C PHE J 98 59.00 123.95 -32.83
N ASP J 99 58.45 122.87 -32.29
CA ASP J 99 58.75 121.53 -32.77
C ASP J 99 57.60 120.62 -32.38
N MET J 100 56.84 120.16 -33.37
CA MET J 100 55.67 119.33 -33.10
C MET J 100 56.03 117.90 -32.71
N SER J 101 57.26 117.47 -33.00
CA SER J 101 57.64 116.11 -32.66
C SER J 101 57.60 115.88 -31.15
N LYS J 102 58.01 116.88 -30.37
CA LYS J 102 58.04 116.71 -28.93
C LYS J 102 56.63 116.49 -28.35
N TRP J 103 55.63 117.19 -28.87
CA TRP J 103 54.28 117.05 -28.34
C TRP J 103 53.71 115.66 -28.61
N ARG J 104 54.05 115.08 -29.77
CA ARG J 104 53.70 113.69 -30.03
C ARG J 104 54.18 112.78 -28.91
N ALA J 105 55.39 113.03 -28.40
CA ALA J 105 55.92 112.19 -27.33
C ALA J 105 55.06 112.29 -26.08
N LEU J 106 54.60 113.51 -25.74
CA LEU J 106 53.75 113.66 -24.56
C LEU J 106 52.44 112.93 -24.73
N THR J 107 51.83 113.04 -25.92
CA THR J 107 50.59 112.31 -26.15
C THR J 107 50.81 110.81 -26.01
N LEU J 108 51.89 110.29 -26.60
CA LEU J 108 52.18 108.87 -26.51
C LEU J 108 52.38 108.44 -25.06
N GLN J 109 53.06 109.26 -24.27
CA GLN J 109 53.28 108.92 -22.87
C GLN J 109 51.96 108.88 -22.09
N GLU J 110 51.06 109.81 -22.36
CA GLU J 110 49.75 109.77 -21.73
C GLU J 110 49.01 108.48 -22.08
N LYS J 111 49.08 108.07 -23.34
CA LYS J 111 48.47 106.80 -23.73
C LYS J 111 49.08 105.64 -22.96
N ALA J 112 50.40 105.64 -22.81
CA ALA J 112 51.06 104.57 -22.06
C ALA J 112 50.57 104.53 -20.61
N ALA J 113 50.38 105.70 -20.01
CA ALA J 113 49.85 105.75 -18.65
C ALA J 113 48.47 105.11 -18.58
N GLY J 114 47.61 105.42 -19.55
CA GLY J 114 46.30 104.78 -19.57
C GLY J 114 46.40 103.26 -19.65
N ILE J 115 47.30 102.77 -20.50
CA ILE J 115 47.49 101.33 -20.64
C ILE J 115 47.89 100.72 -19.30
N GLN J 116 48.81 101.38 -18.60
CA GLN J 116 49.27 100.85 -17.32
C GLN J 116 48.14 100.79 -16.31
N ASP J 117 47.28 101.82 -16.28
CA ASP J 117 46.12 101.77 -15.38
C ASP J 117 45.23 100.58 -15.70
N VAL J 118 44.98 100.33 -16.99
CA VAL J 118 44.11 99.22 -17.36
C VAL J 118 44.68 97.90 -16.87
N THR J 119 45.98 97.68 -17.10
CA THR J 119 46.57 96.41 -16.67
C THR J 119 46.56 96.28 -15.15
N TYR J 120 46.71 97.38 -14.42
CA TYR J 120 46.60 97.32 -12.98
C TYR J 120 45.22 96.82 -12.55
N GLN J 121 44.18 97.32 -13.19
CA GLN J 121 42.83 96.85 -12.87
C GLN J 121 42.69 95.35 -13.13
N THR J 122 43.19 94.89 -14.27
CA THR J 122 43.13 93.46 -14.56
C THR J 122 43.83 92.65 -13.47
N ASP J 123 44.98 93.13 -13.01
CA ASP J 123 45.72 92.41 -11.97
C ASP J 123 44.90 92.31 -10.69
N GLN J 124 44.24 93.39 -10.30
CA GLN J 124 43.42 93.33 -9.08
C GLN J 124 42.34 92.26 -9.21
N GLN J 125 41.66 92.23 -10.37
CA GLN J 125 40.60 91.24 -10.53
C GLN J 125 41.15 89.82 -10.46
N THR J 126 42.30 89.58 -11.09
CA THR J 126 42.91 88.26 -11.03
C THR J 126 43.21 87.87 -9.59
N LEU J 127 43.69 88.82 -8.78
CA LEU J 127 43.98 88.51 -7.39
C LEU J 127 42.73 88.05 -6.65
N ILE J 128 41.62 88.76 -6.85
CA ILE J 128 40.37 88.37 -6.19
C ILE J 128 40.02 86.93 -6.55
N LEU J 129 40.07 86.61 -7.84
CA LEU J 129 39.73 85.26 -8.28
C LEU J 129 40.61 84.22 -7.61
N ASN J 130 41.92 84.48 -7.57
CA ASN J 130 42.84 83.49 -7.03
C ASN J 130 42.60 83.26 -5.55
N THR J 131 42.33 84.31 -4.78
CA THR J 131 42.06 84.12 -3.37
C THR J 131 40.85 83.23 -3.16
N ALA J 132 39.76 83.50 -3.89
CA ALA J 132 38.57 82.67 -3.72
C ALA J 132 38.88 81.21 -4.07
N THR J 133 39.60 81.00 -5.17
CA THR J 133 39.91 79.63 -5.60
C THR J 133 40.71 78.89 -4.54
N ALA J 134 41.72 79.53 -3.96
CA ALA J 134 42.53 78.86 -2.94
C ALA J 134 41.69 78.48 -1.73
N TYR J 135 40.84 79.40 -1.27
CA TYR J 135 39.97 79.10 -0.14
C TYR J 135 39.16 77.83 -0.39
N PHE J 136 38.48 77.79 -1.55
CA PHE J 136 37.61 76.66 -1.80
C PHE J 136 38.39 75.37 -2.03
N ASN J 137 39.60 75.47 -2.58
CA ASN J 137 40.43 74.28 -2.72
C ASN J 137 40.75 73.68 -1.35
N VAL J 138 41.09 74.52 -0.39
CA VAL J 138 41.39 74.01 0.95
C VAL J 138 40.17 73.29 1.53
N LEU J 139 39.00 73.90 1.39
CA LEU J 139 37.80 73.27 1.93
C LEU J 139 37.55 71.90 1.27
N ASN J 140 37.70 71.83 -0.05
CA ASN J 140 37.49 70.56 -0.74
C ASN J 140 38.47 69.51 -0.25
N ALA J 141 39.72 69.90 -0.01
CA ALA J 141 40.71 68.94 0.50
C ALA J 141 40.28 68.38 1.85
N ILE J 142 39.77 69.24 2.74
CA ILE J 142 39.30 68.76 4.02
C ILE J 142 38.22 67.69 3.83
N ASP J 143 37.24 67.98 2.98
CA ASP J 143 36.15 67.03 2.79
C ASP J 143 36.67 65.69 2.25
N VAL J 144 37.56 65.74 1.27
CA VAL J 144 38.07 64.50 0.67
C VAL J 144 38.83 63.69 1.71
N LEU J 145 39.58 64.36 2.57
CA LEU J 145 40.30 63.65 3.62
C LEU J 145 39.33 62.89 4.52
N SER J 146 38.24 63.55 4.92
CA SER J 146 37.26 62.86 5.77
C SER J 146 36.71 61.63 5.07
N TYR J 147 36.36 61.77 3.79
CA TYR J 147 35.79 60.63 3.06
C TYR J 147 36.77 59.47 3.00
N THR J 148 38.03 59.75 2.70
CA THR J 148 39.01 58.66 2.61
C THR J 148 39.23 57.99 3.96
N GLN J 149 39.16 58.75 5.05
CA GLN J 149 39.27 58.13 6.37
C GLN J 149 38.14 57.13 6.60
N ALA J 150 36.91 57.51 6.25
CA ALA J 150 35.80 56.58 6.39
C ALA J 150 36.03 55.32 5.54
N GLN J 151 36.48 55.52 4.30
CA GLN J 151 36.76 54.38 3.43
C GLN J 151 37.77 53.44 4.08
N LYS J 152 38.83 54.00 4.67
CA LYS J 152 39.85 53.15 5.27
C LYS J 152 39.27 52.32 6.41
N GLU J 153 38.43 52.94 7.24
CA GLU J 153 37.81 52.17 8.32
C GLU J 153 37.03 50.99 7.76
N ALA J 154 36.22 51.25 6.73
CA ALA J 154 35.40 50.18 6.17
C ALA J 154 36.26 49.03 5.63
N ILE J 155 37.31 49.38 4.88
CA ILE J 155 38.15 48.35 4.28
C ILE J 155 38.87 47.54 5.36
N TYR J 156 39.30 48.21 6.43
CA TYR J 156 39.97 47.48 7.51
C TYR J 156 39.03 46.45 8.14
N ARG J 157 37.78 46.88 8.38
CA ARG J 157 36.72 46.01 8.96
C ARG J 157 36.52 44.80 8.05
N GLN J 158 36.49 45.00 6.73
CA GLN J 158 36.30 43.91 5.77
C GLN J 158 37.49 42.94 5.80
N LEU J 159 38.70 43.48 5.88
CA LEU J 159 39.87 42.61 5.96
C LEU J 159 39.83 41.76 7.22
N ASP J 160 39.42 42.35 8.34
CA ASP J 160 39.33 41.57 9.58
C ASP J 160 38.35 40.42 9.41
N GLN J 161 37.19 40.69 8.82
CA GLN J 161 36.20 39.63 8.61
C GLN J 161 36.77 38.52 7.75
N THR J 162 37.43 38.88 6.64
CA THR J 162 37.93 37.85 5.74
C THR J 162 39.01 37.00 6.41
N THR J 163 39.90 37.64 7.17
CA THR J 163 40.95 36.88 7.84
C THR J 163 40.36 35.94 8.87
N GLN J 164 39.34 36.43 9.61
CA GLN J 164 38.65 35.63 10.65
C GLN J 164 37.98 34.43 10.01
N ARG J 165 37.36 34.59 8.83
CA ARG J 165 36.70 33.50 8.12
C ARG J 165 37.72 32.48 7.62
N PHE J 166 38.82 32.95 7.06
CA PHE J 166 39.85 32.01 6.59
C PHE J 166 40.37 31.17 7.74
N ASN J 167 40.65 31.81 8.88
CA ASN J 167 41.13 31.05 10.03
C ASN J 167 40.13 29.99 10.44
N VAL J 168 38.85 30.40 10.42
CA VAL J 168 37.70 29.51 10.75
C VAL J 168 37.72 28.37 9.74
N GLY J 169 38.09 28.64 8.48
CA GLY J 169 38.10 27.63 7.43
C GLY J 169 36.92 27.67 6.47
N LEU J 170 36.66 28.83 5.87
CA LEU J 170 35.53 29.01 4.92
C LEU J 170 36.04 29.53 3.57
N VAL J 171 37.27 30.04 3.47
CA VAL J 171 37.79 30.64 2.25
C VAL J 171 39.23 30.20 2.06
N ALA J 172 39.83 30.64 0.95
CA ALA J 172 41.19 30.28 0.59
C ALA J 172 42.13 31.47 0.84
N ILE J 173 43.42 31.21 0.64
CA ILE J 173 44.47 32.25 0.84
C ILE J 173 44.24 33.38 -0.15
N THR J 174 43.75 33.12 -1.38
CA THR J 174 43.62 34.15 -2.39
C THR J 174 42.69 35.27 -1.94
N ASP J 175 41.64 34.92 -1.18
CA ASP J 175 40.74 35.95 -0.68
C ASP J 175 41.45 36.87 0.30
N VAL J 176 42.29 36.30 1.18
CA VAL J 176 43.04 37.13 2.11
C VAL J 176 44.03 38.02 1.37
N GLN J 177 44.67 37.48 0.33
CA GLN J 177 45.58 38.30 -0.45
C GLN J 177 44.87 39.47 -1.11
N ASN J 178 43.68 39.22 -1.67
CA ASN J 178 42.91 40.30 -2.29
C ASN J 178 42.50 41.33 -1.24
N ALA J 179 42.07 40.88 -0.07
CA ALA J 179 41.68 41.81 0.98
C ALA J 179 42.86 42.67 1.40
N ARG J 180 44.04 42.07 1.53
CA ARG J 180 45.23 42.83 1.90
C ARG J 180 45.59 43.85 0.82
N ALA J 181 45.47 43.46 -0.45
CA ALA J 181 45.74 44.42 -1.53
C ALA J 181 44.78 45.60 -1.46
N GLN J 182 43.49 45.33 -1.25
CA GLN J 182 42.51 46.40 -1.17
C GLN J 182 42.78 47.31 0.03
N TYR J 183 43.19 46.72 1.15
CA TYR J 183 43.51 47.54 2.32
C TYR J 183 44.77 48.36 2.09
N ASP J 184 45.75 47.81 1.37
CA ASP J 184 46.97 48.55 1.09
C ASP J 184 46.70 49.73 0.16
N THR J 185 45.81 49.56 -0.81
CA THR J 185 45.53 50.65 -1.73
C THR J 185 44.97 51.87 -0.98
N VAL J 186 44.03 51.65 -0.06
CA VAL J 186 43.43 52.78 0.64
C VAL J 186 44.47 53.51 1.48
N LEU J 187 45.51 52.80 1.92
CA LEU J 187 46.55 53.46 2.68
C LEU J 187 47.31 54.47 1.83
N ALA J 188 47.57 54.12 0.56
CA ALA J 188 48.20 55.08 -0.34
C ALA J 188 47.28 56.28 -0.59
N ASN J 189 45.99 56.02 -0.79
CA ASN J 189 45.06 57.12 -1.06
C ASN J 189 44.97 58.06 0.13
N GLU J 190 44.95 57.52 1.35
CA GLU J 190 44.89 58.36 2.52
C GLU J 190 46.13 59.24 2.62
N LEU J 191 47.31 58.69 2.34
CA LEU J 191 48.53 59.48 2.37
C LEU J 191 48.49 60.59 1.32
N THR J 192 48.01 60.27 0.12
CA THR J 192 47.95 61.28 -0.94
C THR J 192 47.03 62.43 -0.55
N ALA J 193 45.94 62.13 0.14
CA ALA J 193 45.01 63.19 0.53
C ALA J 193 45.67 64.19 1.46
N ARG J 194 46.45 63.72 2.43
CA ARG J 194 47.15 64.62 3.34
C ARG J 194 48.19 65.45 2.58
N ASN J 195 48.89 64.84 1.63
CA ASN J 195 49.84 65.60 0.83
C ASN J 195 49.14 66.70 0.05
N ASN J 196 47.99 66.39 -0.54
CA ASN J 196 47.23 67.41 -1.26
C ASN J 196 46.79 68.52 -0.32
N LEU J 197 46.36 68.17 0.89
CA LEU J 197 45.93 69.19 1.84
C LEU J 197 47.08 70.12 2.22
N ASP J 198 48.25 69.55 2.50
CA ASP J 198 49.41 70.38 2.84
C ASP J 198 49.81 71.26 1.66
N ASN J 199 49.80 70.70 0.46
CA ASN J 199 50.12 71.49 -0.73
C ASN J 199 49.14 72.63 -0.90
N ALA J 200 47.86 72.38 -0.66
CA ALA J 200 46.86 73.44 -0.76
C ALA J 200 47.10 74.53 0.27
N VAL J 201 47.44 74.14 1.50
CA VAL J 201 47.70 75.14 2.54
C VAL J 201 48.90 76.01 2.15
N GLU J 202 49.96 75.38 1.65
CA GLU J 202 51.14 76.14 1.23
C GLU J 202 50.81 77.04 0.05
N GLN J 203 49.99 76.56 -0.88
CA GLN J 203 49.67 77.34 -2.07
C GLN J 203 48.76 78.51 -1.71
N LEU J 204 47.98 78.37 -0.64
CA LEU J 204 47.23 79.53 -0.13
C LEU J 204 48.16 80.52 0.54
N ARG J 205 49.14 80.02 1.30
CA ARG J 205 50.12 80.91 1.90
C ARG J 205 50.89 81.68 0.84
N GLN J 206 51.15 81.07 -0.31
CA GLN J 206 51.88 81.76 -1.37
C GLN J 206 51.15 83.03 -1.79
N ILE J 207 49.82 83.00 -1.81
CA ILE J 207 49.05 84.20 -2.14
C ILE J 207 48.96 85.11 -0.93
N THR J 208 48.35 84.63 0.15
CA THR J 208 48.13 85.47 1.33
C THR J 208 49.45 85.80 2.03
N GLY J 209 50.30 84.80 2.22
CA GLY J 209 51.53 84.98 2.95
C GLY J 209 51.47 84.56 4.41
N ASN J 210 50.48 83.77 4.82
CA ASN J 210 50.33 83.39 6.20
C ASN J 210 49.78 81.97 6.29
N TYR J 211 50.00 81.34 7.44
CA TYR J 211 49.45 80.03 7.76
C TYR J 211 48.09 80.20 8.42
N TYR J 212 47.10 79.47 7.94
CA TYR J 212 45.74 79.56 8.46
C TYR J 212 45.28 78.23 9.00
N PRO J 213 45.30 78.01 10.32
CA PRO J 213 44.87 76.70 10.84
C PRO J 213 43.42 76.38 10.52
N GLU J 214 42.54 77.38 10.51
CA GLU J 214 41.12 77.16 10.31
C GLU J 214 40.56 78.09 9.24
N LEU J 215 39.52 77.63 8.56
CA LEU J 215 38.81 78.42 7.59
C LEU J 215 37.31 78.27 7.81
N ALA J 216 36.57 79.34 7.58
CA ALA J 216 35.11 79.29 7.73
C ALA J 216 34.51 78.34 6.71
N ALA J 217 33.49 77.60 7.14
CA ALA J 217 32.86 76.58 6.31
C ALA J 217 31.52 77.08 5.80
N LEU J 218 31.08 76.45 4.70
CA LEU J 218 29.82 76.83 4.08
C LEU J 218 28.63 76.39 4.93
N ASN J 219 27.69 77.30 5.13
CA ASN J 219 26.43 77.00 5.80
C ASN J 219 25.37 76.73 4.75
N VAL J 220 24.75 75.55 4.82
CA VAL J 220 23.77 75.16 3.81
C VAL J 220 22.41 75.78 4.03
N GLU J 221 22.16 76.37 5.21
CA GLU J 221 20.84 76.91 5.49
C GLU J 221 20.47 78.09 4.59
N ASN J 222 21.46 78.82 4.08
CA ASN J 222 21.22 80.05 3.34
C ASN J 222 22.06 80.07 2.06
N PHE J 223 22.04 78.99 1.31
CA PHE J 223 22.75 78.92 0.04
C PHE J 223 21.87 79.44 -1.09
N LYS J 224 22.46 80.26 -1.95
CA LYS J 224 21.75 80.97 -3.01
C LYS J 224 21.94 80.25 -4.35
N THR J 225 20.86 80.17 -5.12
CA THR J 225 20.88 79.59 -6.46
C THR J 225 20.09 80.47 -7.42
N ASP J 226 20.35 81.78 -7.37
CA ASP J 226 19.60 82.74 -8.17
C ASP J 226 19.82 82.50 -9.66
N LYS J 227 18.77 82.77 -10.45
CA LYS J 227 18.87 82.68 -11.89
C LYS J 227 19.65 83.87 -12.44
N PRO J 228 20.45 83.69 -13.50
CA PRO J 228 21.19 84.82 -14.06
C PRO J 228 20.38 85.59 -15.10
N GLN J 229 20.92 86.74 -15.47
CA GLN J 229 20.25 87.65 -16.40
C GLN J 229 20.35 87.13 -17.84
N PRO J 230 19.52 87.65 -18.74
CA PRO J 230 19.61 87.25 -20.14
C PRO J 230 21.02 87.44 -20.70
N VAL J 231 21.24 86.84 -21.86
CA VAL J 231 22.59 86.82 -22.45
C VAL J 231 22.90 88.16 -23.11
N ASN J 232 21.95 88.69 -23.89
CA ASN J 232 22.22 89.90 -24.66
C ASN J 232 22.50 91.09 -23.74
N ALA J 233 21.76 91.20 -22.64
CA ALA J 233 22.03 92.27 -21.69
C ALA J 233 23.44 92.18 -21.13
N LEU J 234 23.86 90.96 -20.77
CA LEU J 234 25.21 90.78 -20.24
C LEU J 234 26.26 91.15 -21.27
N LEU J 235 26.05 90.74 -22.53
CA LEU J 235 27.02 91.08 -23.57
C LEU J 235 27.10 92.58 -23.77
N LYS J 236 25.95 93.26 -23.80
CA LYS J 236 25.95 94.70 -24.00
C LYS J 236 26.65 95.41 -22.86
N GLU J 237 26.39 94.98 -21.62
CA GLU J 237 27.06 95.61 -20.48
C GLU J 237 28.55 95.33 -20.50
N ALA J 238 28.95 94.12 -20.89
CA ALA J 238 30.37 93.79 -20.93
C ALA J 238 31.10 94.62 -21.97
N GLU J 239 30.47 94.86 -23.12
CA GLU J 239 31.12 95.65 -24.16
C GLU J 239 31.37 97.09 -23.75
N LYS J 240 30.94 97.50 -22.56
CA LYS J 240 31.09 98.88 -22.11
C LYS J 240 32.24 99.05 -21.12
N ARG J 241 32.35 98.17 -20.14
CA ARG J 241 33.31 98.30 -19.04
C ARG J 241 34.09 97.02 -18.85
N ASN J 242 34.55 96.42 -19.95
CA ASN J 242 35.50 95.33 -19.92
C ASN J 242 36.91 95.88 -20.07
N LEU J 243 37.90 95.08 -19.66
CA LEU J 243 39.27 95.55 -19.56
C LEU J 243 40.10 95.25 -20.81
N SER J 244 40.00 94.04 -21.34
CA SER J 244 40.80 93.67 -22.49
C SER J 244 40.48 94.55 -23.70
N LEU J 245 39.19 94.74 -24.00
CA LEU J 245 38.82 95.56 -25.15
C LEU J 245 39.14 97.03 -24.89
N LEU J 246 39.12 97.46 -23.62
CA LEU J 246 39.52 98.82 -23.31
C LEU J 246 41.01 99.03 -23.63
N GLN J 247 41.84 98.05 -23.26
CA GLN J 247 43.26 98.13 -23.60
C GLN J 247 43.45 98.10 -25.12
N ALA J 248 42.64 97.30 -25.82
CA ALA J 248 42.73 97.27 -27.28
C ALA J 248 42.41 98.64 -27.89
N ARG J 249 41.36 99.29 -27.38
CA ARG J 249 41.01 100.61 -27.90
C ARG J 249 42.14 101.60 -27.66
N LEU J 250 42.71 101.58 -26.46
CA LEU J 250 43.83 102.49 -26.18
C LEU J 250 45.03 102.18 -27.07
N SER J 251 45.25 100.90 -27.37
CA SER J 251 46.35 100.52 -28.26
C SER J 251 46.14 101.09 -29.65
N GLN J 252 44.92 101.00 -30.17
CA GLN J 252 44.65 101.56 -31.49
C GLN J 252 44.84 103.08 -31.47
N ASP J 253 44.40 103.73 -30.40
CA ASP J 253 44.58 105.18 -30.32
C ASP J 253 46.06 105.56 -30.33
N LEU J 254 46.89 104.82 -29.60
CA LEU J 254 48.31 105.15 -29.63
C LEU J 254 48.95 104.81 -30.96
N ALA J 255 48.43 103.82 -31.69
CA ALA J 255 48.89 103.60 -33.06
C ALA J 255 48.59 104.81 -33.94
N ARG J 256 47.39 105.37 -33.81
CA ARG J 256 47.07 106.58 -34.56
C ARG J 256 48.00 107.73 -34.18
N GLU J 257 48.26 107.86 -32.87
CA GLU J 257 49.17 108.91 -32.33
C GLU J 257 50.59 108.64 -32.86
N GLN J 258 50.91 107.38 -33.16
CA GLN J 258 52.22 106.99 -33.72
C GLN J 258 52.24 107.39 -35.20
N ILE J 259 51.09 107.33 -35.89
CA ILE J 259 50.98 107.77 -37.31
C ILE J 259 51.23 109.28 -37.34
N ARG J 260 50.60 110.04 -36.43
CA ARG J 260 50.80 111.48 -36.37
C ARG J 260 52.27 111.81 -36.15
N GLN J 261 52.92 111.07 -35.25
CA GLN J 261 54.33 111.34 -34.96
C GLN J 261 55.19 111.20 -36.21
N ALA J 262 54.94 110.18 -37.01
CA ALA J 262 55.75 109.97 -38.20
C ALA J 262 55.65 111.14 -39.16
N GLN J 263 54.44 111.67 -39.36
CA GLN J 263 54.25 112.71 -40.37
C GLN J 263 55.03 113.98 -40.02
N ASP J 264 55.15 114.29 -38.74
CA ASP J 264 55.79 115.54 -38.34
C ASP J 264 57.30 115.53 -38.52
N GLY J 265 57.86 114.49 -39.16
CA GLY J 265 59.29 114.48 -39.40
C GLY J 265 59.70 115.37 -40.56
N HIS J 266 58.76 115.71 -41.44
CA HIS J 266 59.03 116.57 -42.58
C HIS J 266 58.51 117.98 -42.40
N LEU J 267 58.44 118.48 -41.16
CA LEU J 267 57.93 119.82 -40.89
C LEU J 267 59.06 120.69 -40.29
N PRO J 268 59.14 121.96 -40.65
CA PRO J 268 60.24 122.79 -40.15
C PRO J 268 60.10 123.13 -38.68
N THR J 269 61.21 123.59 -38.10
CA THR J 269 61.26 123.91 -36.68
C THR J 269 62.29 125.01 -36.44
N LEU J 270 62.16 125.67 -35.28
CA LEU J 270 63.06 126.78 -34.92
C LEU J 270 63.54 126.57 -33.49
N ASP J 271 64.68 127.14 -33.13
CA ASP J 271 65.20 127.10 -31.77
C ASP J 271 66.09 128.32 -31.53
N LEU J 272 66.27 128.65 -30.24
CA LEU J 272 66.99 129.83 -29.81
C LEU J 272 68.28 129.42 -29.11
N THR J 273 69.34 130.20 -29.31
CA THR J 273 70.64 129.92 -28.70
C THR J 273 71.20 131.19 -28.07
N ALA J 274 71.82 131.01 -26.91
CA ALA J 274 72.42 132.13 -26.18
C ALA J 274 73.66 131.64 -25.45
N SER J 275 74.54 132.58 -25.12
CA SER J 275 75.80 132.22 -24.45
C SER J 275 76.58 133.47 -24.05
N THR J 276 77.73 133.26 -23.42
CA THR J 276 78.63 134.33 -23.02
C THR J 276 79.90 133.70 -22.48
N GLY J 277 81.03 134.36 -22.71
CA GLY J 277 82.30 133.84 -22.25
C GLY J 277 83.40 134.87 -22.39
N ILE J 278 84.46 134.65 -21.62
CA ILE J 278 85.66 135.49 -21.64
C ILE J 278 86.87 134.58 -21.80
N SER J 279 88.01 135.20 -22.10
CA SER J 279 89.25 134.45 -22.26
C SER J 279 90.41 135.43 -22.19
N ASP J 280 91.61 134.87 -21.95
CA ASP J 280 92.86 135.61 -21.99
C ASP J 280 93.78 134.94 -23.01
N THR J 281 94.44 135.76 -23.81
CA THR J 281 95.20 135.27 -24.96
C THR J 281 96.55 135.97 -25.06
N SER J 282 97.24 136.10 -23.94
CA SER J 282 98.58 136.65 -23.94
C SER J 282 99.56 135.64 -24.53
N TYR J 283 100.69 136.14 -25.03
CA TYR J 283 101.69 135.31 -25.69
C TYR J 283 103.07 135.58 -25.08
N SER J 284 104.01 134.71 -25.45
CA SER J 284 105.39 134.84 -24.99
C SER J 284 106.28 134.09 -25.98
N GLY J 285 107.57 134.41 -25.94
CA GLY J 285 108.55 133.79 -26.80
C GLY J 285 109.55 134.80 -27.32
N SER J 286 110.76 134.32 -27.64
CA SER J 286 111.81 135.17 -28.15
C SER J 286 111.78 135.30 -29.67
N LYS J 287 111.63 134.17 -30.37
CA LYS J 287 111.61 134.20 -31.83
C LYS J 287 110.40 134.94 -32.38
N THR J 288 109.31 135.04 -31.61
CA THR J 288 108.13 135.76 -32.09
C THR J 288 108.44 137.24 -32.30
N ARG J 289 109.29 137.81 -31.45
CA ARG J 289 109.64 139.22 -31.57
C ARG J 289 110.31 139.49 -32.91
N GLY J 290 110.02 140.66 -33.48
CA GLY J 290 110.62 141.06 -34.74
C GLY J 290 109.62 141.12 -35.87
N ALA J 291 109.39 142.32 -36.40
CA ALA J 291 108.47 142.51 -37.52
C ALA J 291 107.08 141.97 -37.18
N ALA J 292 106.66 142.20 -35.94
CA ALA J 292 105.34 141.71 -35.51
C ALA J 292 104.23 142.38 -36.31
N GLY J 293 104.34 143.69 -36.55
CA GLY J 293 103.33 144.40 -37.30
C GLY J 293 101.98 144.44 -36.61
N THR J 294 101.96 144.48 -35.28
CA THR J 294 100.76 144.56 -34.45
C THR J 294 99.94 143.28 -34.46
N GLN J 295 100.35 142.26 -35.23
CA GLN J 295 99.58 141.02 -35.32
C GLN J 295 99.90 140.05 -34.19
N TYR J 296 101.01 140.24 -33.48
CA TYR J 296 101.44 139.34 -32.42
C TYR J 296 101.29 139.99 -31.04
N ASP J 297 100.24 140.77 -30.87
CA ASP J 297 99.99 141.48 -29.63
C ASP J 297 99.00 140.72 -28.76
N ASP J 298 99.22 140.78 -27.45
CA ASP J 298 98.33 140.14 -26.50
C ASP J 298 96.97 140.82 -26.50
N SER J 299 95.91 140.02 -26.36
CA SER J 299 94.56 140.54 -26.42
C SER J 299 93.64 139.70 -25.54
N ASN J 300 92.60 140.35 -25.00
CA ASN J 300 91.53 139.70 -24.28
C ASN J 300 90.22 140.07 -24.94
N MET J 301 89.31 139.09 -25.06
CA MET J 301 88.09 139.31 -25.82
C MET J 301 86.99 138.44 -25.27
N GLY J 302 85.74 138.83 -25.57
CA GLY J 302 84.58 138.06 -25.20
C GLY J 302 83.54 138.12 -26.30
N GLN J 303 82.58 137.19 -26.22
CA GLN J 303 81.55 137.07 -27.24
C GLN J 303 80.23 136.74 -26.56
N ASN J 304 79.16 137.38 -27.03
CA ASN J 304 77.82 137.25 -26.45
C ASN J 304 76.78 137.02 -27.54
N LYS J 305 77.08 136.11 -28.47
CA LYS J 305 76.17 135.85 -29.57
C LYS J 305 74.84 135.30 -29.07
N VAL J 306 73.76 135.78 -29.66
CA VAL J 306 72.41 135.27 -29.40
C VAL J 306 71.62 135.34 -30.70
N GLY J 307 70.88 134.29 -31.00
CA GLY J 307 70.14 134.27 -32.26
C GLY J 307 69.26 133.04 -32.36
N LEU J 308 68.37 133.10 -33.35
CA LEU J 308 67.45 132.01 -33.65
C LEU J 308 68.01 131.16 -34.78
N SER J 309 67.27 130.12 -35.17
CA SER J 309 67.68 129.22 -36.23
C SER J 309 66.45 128.59 -36.86
N PHE J 310 66.67 127.96 -38.01
CA PHE J 310 65.58 127.36 -38.77
C PHE J 310 66.13 126.20 -39.60
N SER J 311 65.25 125.25 -39.91
CA SER J 311 65.63 124.10 -40.72
C SER J 311 64.43 123.64 -41.53
N LEU J 312 64.68 123.01 -42.67
CA LEU J 312 63.56 122.42 -43.43
C LEU J 312 64.16 121.44 -44.43
N PRO J 313 63.77 120.15 -44.43
CA PRO J 313 64.41 119.12 -45.28
C PRO J 313 63.79 118.97 -46.67
N ILE J 314 64.57 118.46 -47.64
CA ILE J 314 64.09 118.27 -49.05
C ILE J 314 64.91 117.19 -49.75
N TYR J 315 64.29 116.41 -50.62
CA TYR J 315 64.97 115.32 -51.39
C TYR J 315 65.81 114.50 -50.41
N GLN J 316 65.16 113.85 -49.44
CA GLN J 316 65.83 113.01 -48.40
C GLN J 316 65.82 111.55 -48.84
N GLY J 317 65.53 111.25 -50.11
CA GLY J 317 65.40 109.86 -50.60
C GLY J 317 64.18 109.20 -49.96
N GLY J 318 63.16 109.99 -49.61
CA GLY J 318 61.95 109.47 -48.96
C GLY J 318 62.30 108.75 -47.66
N MET J 319 63.18 109.33 -46.84
CA MET J 319 63.53 108.75 -45.55
C MET J 319 62.33 108.69 -44.64
N VAL J 320 61.71 109.85 -44.37
CA VAL J 320 60.51 109.89 -43.56
C VAL J 320 59.26 109.63 -44.37
N ASN J 321 59.31 109.79 -45.69
CA ASN J 321 58.15 109.49 -46.52
C ASN J 321 57.76 108.03 -46.39
N SER J 322 58.74 107.13 -46.49
CA SER J 322 58.50 105.71 -46.32
C SER J 322 58.32 105.33 -44.87
N GLN J 323 58.71 106.19 -43.93
CA GLN J 323 58.42 105.93 -42.53
C GLN J 323 56.94 106.08 -42.24
N VAL J 324 56.23 106.88 -43.04
CA VAL J 324 54.80 107.06 -42.83
C VAL J 324 54.04 105.79 -43.22
N LYS J 325 54.43 105.15 -44.32
CA LYS J 325 53.74 103.93 -44.73
C LYS J 325 53.85 102.84 -43.67
N GLN J 326 54.95 102.82 -42.93
CA GLN J 326 55.10 101.82 -41.87
C GLN J 326 54.11 102.08 -40.74
N ALA J 327 53.83 103.35 -40.45
CA ALA J 327 52.88 103.67 -39.39
C ALA J 327 51.47 103.21 -39.75
N GLN J 328 51.07 103.39 -41.00
CA GLN J 328 49.71 103.05 -41.40
C GLN J 328 49.48 101.55 -41.37
N TYR J 329 50.45 100.76 -41.83
CA TYR J 329 50.32 99.31 -41.75
C TYR J 329 50.22 98.86 -40.30
N ASN J 330 51.02 99.47 -39.42
CA ASN J 330 50.93 99.15 -38.01
C ASN J 330 49.55 99.48 -37.47
N PHE J 331 48.97 100.60 -37.90
CA PHE J 331 47.65 100.98 -37.41
C PHE J 331 46.59 99.99 -37.86
N VAL J 332 46.67 99.53 -39.12
CA VAL J 332 45.67 98.56 -39.57
C VAL J 332 45.84 97.25 -38.81
N GLY J 333 47.08 96.87 -38.50
CA GLY J 333 47.30 95.70 -37.68
C GLY J 333 46.66 95.85 -36.30
N ALA J 334 46.81 97.03 -35.70
CA ALA J 334 46.19 97.27 -34.39
C ALA J 334 44.68 97.17 -34.46
N SER J 335 44.10 97.70 -35.55
CA SER J 335 42.63 97.67 -35.78
C SER J 335 42.19 96.21 -35.88
N GLU J 336 42.97 95.36 -36.55
CA GLU J 336 42.65 93.94 -36.67
C GLU J 336 42.72 93.25 -35.32
N GLN J 337 43.75 93.56 -34.53
CA GLN J 337 43.84 93.01 -33.18
C GLN J 337 42.64 93.42 -32.34
N LEU J 338 42.16 94.64 -32.51
CA LEU J 338 40.97 95.07 -31.76
C LEU J 338 39.75 94.25 -32.14
N GLU J 339 39.58 93.98 -33.44
CA GLU J 339 38.45 93.15 -33.85
C GLU J 339 38.56 91.75 -33.24
N SER J 340 39.76 91.19 -33.25
CA SER J 340 39.97 89.90 -32.61
C SER J 340 39.57 89.94 -31.14
N ALA J 341 39.97 90.99 -30.44
CA ALA J 341 39.62 91.11 -29.04
C ALA J 341 38.10 91.16 -28.84
N HIS J 342 37.41 91.89 -29.71
CA HIS J 342 35.96 91.98 -29.61
C HIS J 342 35.33 90.60 -29.71
N ARG J 343 35.68 89.84 -30.73
CA ARG J 343 35.06 88.53 -30.90
C ARG J 343 35.44 87.59 -29.76
N SER J 344 36.66 87.72 -29.23
CA SER J 344 37.06 86.90 -28.10
C SER J 344 36.21 87.19 -26.88
N VAL J 345 35.91 88.46 -26.63
CA VAL J 345 35.05 88.80 -25.51
C VAL J 345 33.67 88.18 -25.70
N VAL J 346 33.14 88.25 -26.91
CA VAL J 346 31.85 87.62 -27.20
C VAL J 346 31.86 86.16 -26.76
N GLN J 347 32.79 85.38 -27.30
CA GLN J 347 32.79 83.95 -27.01
C GLN J 347 32.99 83.68 -25.52
N THR J 348 33.87 84.44 -24.86
CA THR J 348 34.13 84.20 -23.46
C THR J 348 32.87 84.40 -22.62
N VAL J 349 32.14 85.50 -22.83
CA VAL J 349 30.97 85.74 -22.00
C VAL J 349 29.91 84.67 -22.23
N ARG J 350 29.70 84.29 -23.49
CA ARG J 350 28.72 83.23 -23.74
C ARG J 350 29.09 81.95 -23.02
N SER J 351 30.37 81.56 -23.09
CA SER J 351 30.79 80.32 -22.44
C SER J 351 30.58 80.39 -20.94
N SER J 352 30.89 81.52 -20.32
CA SER J 352 30.69 81.64 -18.88
C SER J 352 29.22 81.45 -18.51
N PHE J 353 28.31 82.05 -19.29
CA PHE J 353 26.89 81.90 -19.00
C PHE J 353 26.48 80.42 -19.02
N ASN J 354 26.87 79.72 -20.09
CA ASN J 354 26.51 78.31 -20.17
C ASN J 354 27.08 77.53 -19.00
N ASN J 355 28.28 77.89 -18.54
CA ASN J 355 28.88 77.21 -17.41
C ASN J 355 28.04 77.38 -16.15
N ILE J 356 27.52 78.60 -15.92
CA ILE J 356 26.68 78.80 -14.74
C ILE J 356 25.49 77.86 -14.78
N ASN J 357 24.84 77.77 -15.96
CA ASN J 357 23.65 76.92 -16.05
C ASN J 357 24.01 75.45 -15.76
N ALA J 358 25.12 74.98 -16.33
CA ALA J 358 25.54 73.61 -16.08
C ALA J 358 25.77 73.35 -14.60
N SER J 359 26.36 74.33 -13.91
CA SER J 359 26.59 74.17 -12.48
C SER J 359 25.28 73.99 -11.73
N ILE J 360 24.27 74.78 -12.07
CA ILE J 360 22.97 74.62 -11.40
C ILE J 360 22.45 73.19 -11.57
N SER J 361 22.47 72.70 -12.81
CA SER J 361 21.94 71.35 -13.05
C SER J 361 22.73 70.30 -12.25
N SER J 362 24.05 70.42 -12.23
CA SER J 362 24.86 69.45 -11.50
C SER J 362 24.52 69.47 -10.01
N ILE J 363 24.29 70.66 -9.44
CA ILE J 363 23.95 70.74 -8.03
C ILE J 363 22.66 69.96 -7.75
N ASN J 364 21.66 70.13 -8.61
CA ASN J 364 20.41 69.39 -8.40
C ASN J 364 20.67 67.88 -8.42
N ALA J 365 21.43 67.42 -9.41
CA ALA J 365 21.72 65.99 -9.50
C ALA J 365 22.36 65.48 -8.22
N TYR J 366 23.36 66.22 -7.70
CA TYR J 366 24.09 65.74 -6.54
C TYR J 366 23.21 65.72 -5.30
N LYS J 367 22.30 66.68 -5.15
CA LYS J 367 21.37 66.62 -4.03
C LYS J 367 20.53 65.35 -4.09
N GLN J 368 20.01 65.02 -5.28
CA GLN J 368 19.23 63.80 -5.39
C GLN J 368 20.05 62.57 -5.01
N ALA J 369 21.31 62.52 -5.47
CA ALA J 369 22.16 61.39 -5.12
C ALA J 369 22.34 61.29 -3.61
N VAL J 370 22.53 62.42 -2.94
CA VAL J 370 22.71 62.39 -1.49
C VAL J 370 21.48 61.80 -0.81
N VAL J 371 20.30 62.22 -1.25
CA VAL J 371 19.08 61.69 -0.62
C VAL J 371 18.99 60.18 -0.82
N SER J 372 19.30 59.70 -2.03
CA SER J 372 19.23 58.26 -2.27
C SER J 372 20.19 57.52 -1.35
N ALA J 373 21.42 58.02 -1.22
CA ALA J 373 22.39 57.35 -0.36
C ALA J 373 21.92 57.33 1.09
N GLN J 374 21.32 58.42 1.55
CA GLN J 374 20.81 58.44 2.91
C GLN J 374 19.75 57.38 3.12
N SER J 375 18.83 57.23 2.16
CA SER J 375 17.81 56.20 2.29
C SER J 375 18.44 54.81 2.37
N SER J 376 19.43 54.55 1.52
CA SER J 376 20.07 53.24 1.55
C SER J 376 20.75 52.98 2.90
N LEU J 377 21.43 53.99 3.44
CA LEU J 377 22.08 53.82 4.74
C LEU J 377 21.06 53.53 5.83
N ASP J 378 19.93 54.24 5.82
CA ASP J 378 18.91 53.99 6.82
C ASP J 378 18.40 52.56 6.73
N ALA J 379 18.16 52.08 5.52
CA ALA J 379 17.70 50.70 5.34
C ALA J 379 18.71 49.71 5.93
N MET J 380 19.98 49.90 5.56
CA MET J 380 21.09 49.00 6.00
C MET J 380 21.20 49.02 7.52
N GLU J 381 21.07 50.19 8.15
CA GLU J 381 21.17 50.31 9.60
C GLU J 381 20.01 49.62 10.29
N ALA J 382 18.79 49.79 9.76
CA ALA J 382 17.64 49.11 10.36
C ALA J 382 17.78 47.60 10.25
N GLY J 383 18.22 47.12 9.10
CA GLY J 383 18.45 45.69 8.96
C GLY J 383 19.44 45.17 9.99
N TYR J 384 20.53 45.90 10.21
CA TYR J 384 21.50 45.48 11.22
C TYR J 384 20.89 45.51 12.61
N SER J 385 20.08 46.52 12.92
CA SER J 385 19.45 46.60 14.23
C SER J 385 18.57 45.39 14.48
N VAL J 386 17.80 44.97 13.48
CA VAL J 386 16.97 43.77 13.64
C VAL J 386 17.74 42.48 13.48
N GLY J 387 18.98 42.54 13.01
CA GLY J 387 19.84 41.38 12.96
C GLY J 387 19.89 40.63 11.66
N THR J 388 19.53 41.28 10.54
CA THR J 388 19.53 40.65 9.19
C THR J 388 20.78 41.02 8.40
N ARG J 389 21.67 41.89 8.93
CA ARG J 389 22.83 42.36 8.19
C ARG J 389 24.00 42.50 9.13
N THR J 390 25.21 42.46 8.53
CA THR J 390 26.49 42.55 9.26
C THR J 390 26.77 44.03 9.55
N ILE J 391 27.97 44.36 10.00
CA ILE J 391 28.39 45.77 10.24
C ILE J 391 29.24 46.24 9.06
N VAL J 392 29.80 45.36 8.21
CA VAL J 392 30.50 45.78 7.00
C VAL J 392 29.55 46.55 6.09
N ASP J 393 28.31 46.10 5.99
CA ASP J 393 27.33 46.80 5.17
C ASP J 393 27.08 48.20 5.69
N VAL J 394 26.98 48.35 7.01
CA VAL J 394 26.78 49.67 7.60
C VAL J 394 27.94 50.59 7.24
N LEU J 395 29.17 50.08 7.37
CA LEU J 395 30.33 50.92 7.07
C LEU J 395 30.38 51.30 5.59
N ASP J 396 30.05 50.36 4.71
CA ASP J 396 30.03 50.65 3.27
C ASP J 396 29.01 51.73 2.95
N ALA J 397 27.81 51.62 3.54
CA ALA J 397 26.80 52.65 3.33
C ALA J 397 27.28 54.00 3.81
N THR J 398 27.94 54.04 4.97
CA THR J 398 28.47 55.29 5.47
C THR J 398 29.48 55.89 4.49
N THR J 399 30.36 55.04 3.94
CA THR J 399 31.33 55.52 2.98
C THR J 399 30.66 56.14 1.76
N THR J 400 29.63 55.47 1.24
CA THR J 400 28.93 56.00 0.07
C THR J 400 28.28 57.35 0.39
N LEU J 401 27.69 57.47 1.58
CA LEU J 401 27.07 58.74 1.95
C LEU J 401 28.11 59.86 2.03
N TYR J 402 29.29 59.58 2.60
CA TYR J 402 30.31 60.60 2.67
C TYR J 402 30.80 60.99 1.28
N ASN J 403 30.91 60.02 0.36
CA ASN J 403 31.27 60.35 -1.01
C ASN J 403 30.27 61.31 -1.63
N ALA J 404 28.97 61.03 -1.45
CA ALA J 404 27.95 61.91 -1.99
C ALA J 404 28.06 63.31 -1.40
N LYS J 405 28.29 63.41 -0.09
CA LYS J 405 28.42 64.72 0.55
C LYS J 405 29.59 65.49 -0.04
N GLN J 406 30.73 64.82 -0.23
CA GLN J 406 31.88 65.48 -0.83
C GLN J 406 31.54 66.02 -2.22
N GLU J 407 30.87 65.20 -3.04
CA GLU J 407 30.53 65.66 -4.39
C GLU J 407 29.63 66.89 -4.34
N LEU J 408 28.63 66.88 -3.46
CA LEU J 408 27.74 68.03 -3.37
C LEU J 408 28.48 69.29 -2.95
N ALA J 409 29.37 69.17 -1.96
CA ALA J 409 30.14 70.33 -1.52
C ALA J 409 30.99 70.89 -2.65
N ASN J 410 31.65 70.00 -3.41
CA ASN J 410 32.45 70.45 -4.53
C ASN J 410 31.59 71.21 -5.54
N ALA J 411 30.38 70.70 -5.82
CA ALA J 411 29.52 71.39 -6.77
C ALA J 411 29.13 72.77 -6.28
N ARG J 412 28.83 72.91 -4.99
CA ARG J 412 28.47 74.23 -4.47
C ARG J 412 29.63 75.21 -4.61
N TYR J 413 30.84 74.76 -4.26
CA TYR J 413 32.00 75.62 -4.38
C TYR J 413 32.23 76.04 -5.83
N ASN J 414 32.08 75.10 -6.76
CA ASN J 414 32.24 75.42 -8.17
C ASN J 414 31.22 76.44 -8.63
N TYR J 415 29.98 76.33 -8.14
CA TYR J 415 28.96 77.31 -8.50
C TYR J 415 29.36 78.71 -8.05
N LEU J 416 29.82 78.83 -6.80
CA LEU J 416 30.26 80.14 -6.32
C LEU J 416 31.41 80.69 -7.16
N ILE J 417 32.39 79.84 -7.46
CA ILE J 417 33.52 80.27 -8.27
C ILE J 417 33.04 80.74 -9.64
N ASN J 418 32.05 80.04 -10.20
CA ASN J 418 31.58 80.40 -11.55
C ASN J 418 30.83 81.73 -11.54
N GLN J 419 30.05 81.98 -10.49
CA GLN J 419 29.41 83.30 -10.39
C GLN J 419 30.46 84.40 -10.31
N LEU J 420 31.51 84.19 -9.51
CA LEU J 420 32.59 85.18 -9.45
C LEU J 420 33.26 85.33 -10.82
N ASN J 421 33.44 84.22 -11.54
CA ASN J 421 34.09 84.27 -12.84
C ASN J 421 33.29 85.07 -13.85
N ILE J 422 31.96 84.90 -13.85
CA ILE J 422 31.15 85.67 -14.78
C ILE J 422 31.17 87.15 -14.38
N LYS J 423 31.16 87.43 -13.08
CA LYS J 423 31.31 88.81 -12.65
C LYS J 423 32.61 89.41 -13.19
N SER J 424 33.68 88.62 -13.20
CA SER J 424 34.97 89.10 -13.72
C SER J 424 34.89 89.33 -15.23
N ALA J 425 34.33 88.37 -15.96
CA ALA J 425 34.21 88.52 -17.41
C ALA J 425 33.41 89.76 -17.76
N LEU J 426 32.39 90.09 -16.96
CA LEU J 426 31.62 91.30 -17.21
C LEU J 426 32.44 92.56 -17.01
N GLY J 427 33.54 92.49 -16.26
CA GLY J 427 34.36 93.65 -16.00
C GLY J 427 33.96 94.47 -14.80
N THR J 428 33.17 93.90 -13.88
CA THR J 428 32.65 94.61 -12.73
C THR J 428 32.89 93.85 -11.44
N LEU J 429 34.12 93.38 -11.24
CA LEU J 429 34.48 92.62 -10.04
C LEU J 429 35.25 93.51 -9.08
N ASN J 430 34.82 93.53 -7.82
CA ASN J 430 35.42 94.36 -6.80
C ASN J 430 35.45 93.56 -5.50
N GLU J 431 35.65 94.27 -4.38
CA GLU J 431 35.69 93.64 -3.03
C GLU J 431 34.29 93.65 -2.43
N GLN J 432 33.45 94.66 -2.72
CA GLN J 432 32.09 94.67 -2.22
C GLN J 432 31.28 93.53 -2.81
N ASP J 433 31.58 93.12 -4.05
CA ASP J 433 30.92 91.96 -4.63
C ASP J 433 31.23 90.71 -3.82
N LEU J 434 32.48 90.56 -3.40
CA LEU J 434 32.87 89.40 -2.60
C LEU J 434 32.34 89.50 -1.18
N LEU J 435 31.96 90.69 -0.72
CA LEU J 435 31.42 90.83 0.63
C LEU J 435 30.19 89.98 0.82
N ALA J 436 29.31 89.90 -0.20
CA ALA J 436 28.09 89.12 -0.06
C ALA J 436 28.40 87.64 0.15
N LEU J 437 29.40 87.11 -0.55
CA LEU J 437 29.73 85.70 -0.42
C LEU J 437 30.17 85.36 1.00
N ASN J 438 30.75 86.33 1.72
CA ASN J 438 31.16 86.07 3.08
C ASN J 438 29.99 85.66 3.97
N ASN J 439 28.77 86.08 3.62
CA ASN J 439 27.60 85.74 4.42
C ASN J 439 27.19 84.28 4.28
N ALA J 440 27.79 83.55 3.35
CA ALA J 440 27.53 82.12 3.19
C ALA J 440 28.51 81.25 3.95
N LEU J 441 29.48 81.85 4.65
CA LEU J 441 30.52 81.11 5.35
C LEU J 441 30.40 81.41 6.84
N SER J 442 29.98 80.41 7.61
CA SER J 442 29.71 80.61 9.03
C SER J 442 30.61 79.80 9.94
N LYS J 443 30.69 78.48 9.75
CA LYS J 443 31.24 77.60 10.78
C LYS J 443 32.74 77.40 10.57
N PRO J 444 33.58 77.73 11.54
CA PRO J 444 35.01 77.44 11.41
C PRO J 444 35.28 75.95 11.36
N VAL J 445 36.31 75.58 10.60
CA VAL J 445 36.75 74.19 10.49
C VAL J 445 38.27 74.16 10.50
N SER J 446 38.84 73.21 11.24
CA SER J 446 40.28 73.11 11.35
C SER J 446 40.89 72.51 10.08
N THR J 447 42.03 73.05 9.66
CA THR J 447 42.71 72.54 8.49
C THR J 447 43.44 71.22 8.79
N ASN J 448 44.03 71.11 9.97
CA ASN J 448 44.75 69.90 10.39
C ASN J 448 44.28 69.54 11.80
N PRO J 449 43.07 69.00 11.93
CA PRO J 449 42.55 68.70 13.27
C PRO J 449 43.39 67.64 13.98
N GLU J 450 43.44 67.74 15.30
CA GLU J 450 44.18 66.79 16.12
C GLU J 450 43.38 65.51 16.32
#